data_1WLM
#
_entry.id   1WLM
#
_entity_poly.entity_id   1
_entity_poly.type   'polypeptide(L)'
_entity_poly.pdbx_seq_one_letter_code
;GSSGSSGMAASTDIAGLEESFRKFAIHGDPKASGQEMNGKNWAKLCKDCKVADGKAVTGTDVDIVFSKVKAKSARVINYE
EFKKALEELATKRFKGKSKEEAFDAICQLIAGKEPANIGVTKAKTGGAVDRLTDTSKYTGSHKERSGPSSG
;
_entity_poly.pdbx_strand_id   A
#
# COMPACT_ATOMS: atom_id res chain seq x y z
N GLY A 1 -6.01 -11.59 45.63
CA GLY A 1 -6.04 -10.41 44.78
C GLY A 1 -4.87 -10.42 43.79
N SER A 2 -5.22 -10.51 42.52
CA SER A 2 -4.22 -10.52 41.46
C SER A 2 -3.95 -9.10 40.97
N SER A 3 -5.02 -8.46 40.51
CA SER A 3 -4.91 -7.10 40.00
C SER A 3 -3.98 -7.06 38.80
N GLY A 4 -4.38 -6.29 37.80
CA GLY A 4 -3.59 -6.16 36.59
C GLY A 4 -2.09 -6.02 36.92
N SER A 5 -1.27 -6.55 36.04
CA SER A 5 0.17 -6.50 36.23
C SER A 5 0.82 -5.76 35.06
N SER A 6 1.16 -4.50 35.30
CA SER A 6 1.79 -3.69 34.29
C SER A 6 0.85 -3.52 33.09
N GLY A 7 0.92 -2.34 32.48
CA GLY A 7 0.08 -2.05 31.33
C GLY A 7 0.14 -0.56 30.98
N MET A 8 0.91 -0.26 29.94
CA MET A 8 1.06 1.11 29.50
C MET A 8 1.99 1.20 28.28
N ALA A 9 1.76 2.22 27.47
CA ALA A 9 2.57 2.43 26.28
C ALA A 9 1.95 3.54 25.44
N ALA A 10 2.78 4.11 24.57
CA ALA A 10 2.33 5.19 23.71
C ALA A 10 2.71 4.87 22.26
N SER A 11 2.03 5.54 21.33
CA SER A 11 2.28 5.33 19.92
C SER A 11 1.72 6.51 19.12
N THR A 12 2.63 7.25 18.52
CA THR A 12 2.25 8.41 17.71
C THR A 12 2.52 8.14 16.22
N ASP A 13 3.67 7.51 15.98
CA ASP A 13 4.05 7.19 14.62
C ASP A 13 3.44 5.83 14.21
N ILE A 14 3.31 5.65 12.91
CA ILE A 14 2.76 4.42 12.38
C ILE A 14 3.55 3.23 12.93
N ALA A 15 4.80 3.16 12.52
CA ALA A 15 5.67 2.08 12.95
C ALA A 15 5.12 0.75 12.45
N GLY A 16 5.23 0.55 11.14
CA GLY A 16 4.76 -0.67 10.52
C GLY A 16 4.60 -0.50 9.01
N LEU A 17 4.37 0.75 8.60
CA LEU A 17 4.20 1.05 7.20
C LEU A 17 5.43 0.58 6.42
N GLU A 18 6.52 1.31 6.61
CA GLU A 18 7.76 0.97 5.93
C GLU A 18 8.07 -0.52 6.10
N GLU A 19 7.58 -1.07 7.20
CA GLU A 19 7.79 -2.49 7.49
C GLU A 19 7.03 -3.35 6.48
N SER A 20 5.81 -2.91 6.18
CA SER A 20 4.97 -3.63 5.24
C SER A 20 5.46 -3.40 3.81
N PHE A 21 5.75 -2.14 3.51
CA PHE A 21 6.23 -1.77 2.19
C PHE A 21 7.39 -2.68 1.75
N ARG A 22 8.39 -2.75 2.61
CA ARG A 22 9.56 -3.57 2.32
C ARG A 22 9.13 -4.98 1.91
N LYS A 23 8.20 -5.53 2.68
CA LYS A 23 7.70 -6.86 2.41
C LYS A 23 7.22 -6.93 0.96
N PHE A 24 6.30 -6.04 0.63
CA PHE A 24 5.74 -6.00 -0.71
C PHE A 24 6.82 -5.59 -1.72
N ALA A 25 7.75 -4.77 -1.27
CA ALA A 25 8.83 -4.32 -2.13
C ALA A 25 9.71 -5.51 -2.52
N ILE A 26 10.06 -6.30 -1.51
CA ILE A 26 10.89 -7.47 -1.74
C ILE A 26 10.00 -8.69 -1.98
N HIS A 27 8.73 -8.40 -2.22
CA HIS A 27 7.76 -9.46 -2.47
C HIS A 27 8.39 -10.54 -3.36
N GLY A 28 8.58 -11.72 -2.76
CA GLY A 28 9.17 -12.83 -3.48
C GLY A 28 10.66 -12.58 -3.76
N ASP A 29 10.92 -11.52 -4.51
CA ASP A 29 12.29 -11.17 -4.84
C ASP A 29 13.17 -11.30 -3.60
N PRO A 30 14.00 -12.39 -3.60
CA PRO A 30 14.88 -12.65 -2.48
C PRO A 30 16.09 -11.70 -2.50
N LYS A 31 16.38 -11.19 -3.69
CA LYS A 31 17.49 -10.27 -3.87
C LYS A 31 17.10 -8.91 -3.33
N ALA A 32 15.86 -8.52 -3.61
CA ALA A 32 15.35 -7.24 -3.16
C ALA A 32 15.71 -7.03 -1.69
N SER A 33 16.23 -5.84 -1.41
CA SER A 33 16.63 -5.51 -0.05
C SER A 33 15.49 -4.76 0.65
N GLY A 34 14.58 -4.24 -0.15
CA GLY A 34 13.45 -3.49 0.37
C GLY A 34 13.70 -1.99 0.28
N GLN A 35 14.46 -1.61 -0.74
CA GLN A 35 14.77 -0.21 -0.96
C GLN A 35 13.97 0.34 -2.13
N GLU A 36 13.61 -0.56 -3.04
CA GLU A 36 12.84 -0.18 -4.20
C GLU A 36 11.57 -1.02 -4.30
N MET A 37 10.59 -0.49 -5.02
CA MET A 37 9.33 -1.18 -5.21
C MET A 37 8.83 -1.05 -6.64
N ASN A 38 8.64 -2.19 -7.28
CA ASN A 38 8.16 -2.22 -8.65
C ASN A 38 6.68 -1.83 -8.68
N GLY A 39 6.31 -1.10 -9.72
CA GLY A 39 4.93 -0.67 -9.88
C GLY A 39 3.97 -1.85 -9.85
N LYS A 40 4.49 -3.00 -10.25
CA LYS A 40 3.69 -4.22 -10.27
C LYS A 40 3.38 -4.64 -8.83
N ASN A 41 4.37 -4.45 -7.97
CA ASN A 41 4.22 -4.81 -6.57
C ASN A 41 3.50 -3.67 -5.83
N TRP A 42 3.87 -2.45 -6.20
CA TRP A 42 3.28 -1.27 -5.58
C TRP A 42 1.76 -1.38 -5.71
N ALA A 43 1.31 -1.48 -6.96
CA ALA A 43 -0.12 -1.58 -7.24
C ALA A 43 -0.69 -2.74 -6.42
N LYS A 44 -0.03 -3.87 -6.49
CA LYS A 44 -0.47 -5.05 -5.76
C LYS A 44 -0.60 -4.71 -4.28
N LEU A 45 0.43 -4.07 -3.76
CA LEU A 45 0.44 -3.68 -2.36
C LEU A 45 -0.78 -2.80 -2.07
N CYS A 46 -1.22 -2.09 -3.10
CA CYS A 46 -2.37 -1.21 -2.97
C CYS A 46 -3.63 -2.03 -3.25
N LYS A 47 -3.44 -3.34 -3.34
CA LYS A 47 -4.55 -4.24 -3.61
C LYS A 47 -4.77 -5.15 -2.38
N ASP A 48 -3.70 -5.83 -2.01
CA ASP A 48 -3.76 -6.73 -0.87
C ASP A 48 -4.11 -5.93 0.39
N CYS A 49 -3.60 -4.71 0.44
CA CYS A 49 -3.86 -3.84 1.58
C CYS A 49 -5.21 -3.16 1.37
N LYS A 50 -5.88 -3.56 0.30
CA LYS A 50 -7.18 -3.00 -0.02
C LYS A 50 -7.09 -1.48 -0.04
N VAL A 51 -6.08 -0.99 -0.75
CA VAL A 51 -5.85 0.44 -0.85
C VAL A 51 -6.55 0.96 -2.11
N ALA A 52 -6.56 0.12 -3.13
CA ALA A 52 -7.18 0.47 -4.40
C ALA A 52 -8.55 -0.20 -4.50
N ASP A 53 -9.53 0.40 -3.84
CA ASP A 53 -10.87 -0.13 -3.84
C ASP A 53 -11.32 -0.36 -5.29
N GLY A 54 -10.91 0.56 -6.15
CA GLY A 54 -11.26 0.47 -7.55
C GLY A 54 -12.20 1.60 -7.96
N LYS A 55 -13.00 2.04 -7.00
CA LYS A 55 -13.95 3.11 -7.24
C LYS A 55 -13.20 4.45 -7.29
N ALA A 56 -12.87 4.94 -6.11
CA ALA A 56 -12.14 6.20 -6.00
C ALA A 56 -10.73 6.03 -6.55
N VAL A 57 -10.15 4.88 -6.24
CA VAL A 57 -8.80 4.59 -6.71
C VAL A 57 -8.86 3.41 -7.69
N THR A 58 -8.37 3.66 -8.89
CA THR A 58 -8.36 2.63 -9.92
C THR A 58 -6.92 2.23 -10.25
N GLY A 59 -6.74 0.94 -10.48
CA GLY A 59 -5.42 0.41 -10.80
C GLY A 59 -4.71 1.30 -11.81
N THR A 60 -5.50 2.03 -12.58
CA THR A 60 -4.95 2.93 -13.58
C THR A 60 -4.41 4.20 -12.92
N ASP A 61 -5.14 4.67 -11.93
CA ASP A 61 -4.75 5.87 -11.22
C ASP A 61 -3.44 5.62 -10.48
N VAL A 62 -3.39 4.48 -9.79
CA VAL A 62 -2.20 4.10 -9.05
C VAL A 62 -1.03 3.92 -10.02
N ASP A 63 -1.35 3.38 -11.18
CA ASP A 63 -0.33 3.15 -12.20
C ASP A 63 0.27 4.50 -12.63
N ILE A 64 -0.60 5.49 -12.74
CA ILE A 64 -0.17 6.82 -13.14
C ILE A 64 0.64 7.45 -12.00
N VAL A 65 0.05 7.42 -10.82
CA VAL A 65 0.71 7.98 -9.65
C VAL A 65 2.11 7.38 -9.51
N PHE A 66 2.17 6.06 -9.69
CA PHE A 66 3.43 5.35 -9.60
C PHE A 66 4.44 5.89 -10.61
N SER A 67 3.92 6.27 -11.77
CA SER A 67 4.76 6.80 -12.84
C SER A 67 4.88 8.31 -12.70
N LYS A 68 4.18 8.85 -11.70
CA LYS A 68 4.20 10.28 -11.46
C LYS A 68 5.20 10.60 -10.35
N VAL A 69 5.47 9.58 -9.54
CA VAL A 69 6.41 9.74 -8.44
C VAL A 69 7.83 9.41 -8.93
N LYS A 70 7.92 8.32 -9.68
CA LYS A 70 9.20 7.88 -10.21
C LYS A 70 9.58 8.77 -11.39
N ALA A 71 10.55 8.30 -12.17
CA ALA A 71 11.02 9.05 -13.32
C ALA A 71 10.88 8.17 -14.57
N LYS A 72 10.73 8.84 -15.71
CA LYS A 72 10.59 8.13 -16.97
C LYS A 72 11.75 7.15 -17.14
N SER A 73 12.81 7.42 -16.41
CA SER A 73 14.00 6.57 -16.46
C SER A 73 13.84 5.40 -15.49
N ALA A 74 13.82 5.72 -14.21
CA ALA A 74 13.68 4.70 -13.18
C ALA A 74 12.48 3.81 -13.51
N ARG A 75 12.56 2.57 -13.05
CA ARG A 75 11.49 1.62 -13.29
C ARG A 75 10.81 1.25 -11.97
N VAL A 76 11.50 1.55 -10.88
CA VAL A 76 10.98 1.25 -9.55
C VAL A 76 10.77 2.57 -8.79
N ILE A 77 10.20 2.43 -7.60
CA ILE A 77 9.95 3.58 -6.76
C ILE A 77 10.57 3.36 -5.38
N ASN A 78 10.83 4.46 -4.70
CA ASN A 78 11.43 4.40 -3.37
C ASN A 78 10.39 4.81 -2.33
N TYR A 79 10.63 4.40 -1.10
CA TYR A 79 9.72 4.72 -0.01
C TYR A 79 9.24 6.17 -0.11
N GLU A 80 10.19 7.07 -0.30
CA GLU A 80 9.87 8.48 -0.41
C GLU A 80 8.77 8.70 -1.45
N GLU A 81 8.96 8.07 -2.61
CA GLU A 81 7.99 8.18 -3.69
C GLU A 81 6.73 7.38 -3.35
N PHE A 82 6.95 6.19 -2.81
CA PHE A 82 5.85 5.33 -2.44
C PHE A 82 4.83 6.07 -1.56
N LYS A 83 5.34 6.71 -0.52
CA LYS A 83 4.49 7.46 0.39
C LYS A 83 3.80 8.59 -0.38
N LYS A 84 4.48 9.05 -1.42
CA LYS A 84 3.95 10.13 -2.24
C LYS A 84 2.67 9.65 -2.94
N ALA A 85 2.75 8.45 -3.48
CA ALA A 85 1.61 7.87 -4.18
C ALA A 85 0.47 7.66 -3.20
N LEU A 86 0.82 7.16 -2.02
CA LEU A 86 -0.17 6.92 -0.98
C LEU A 86 -0.91 8.22 -0.68
N GLU A 87 -0.16 9.31 -0.68
CA GLU A 87 -0.74 10.62 -0.40
C GLU A 87 -1.75 10.99 -1.49
N GLU A 88 -1.41 10.63 -2.72
CA GLU A 88 -2.27 10.92 -3.84
C GLU A 88 -3.49 9.99 -3.83
N LEU A 89 -3.28 8.79 -3.29
CA LEU A 89 -4.34 7.80 -3.21
C LEU A 89 -4.97 7.85 -1.82
N ALA A 90 -4.47 8.78 -1.01
CA ALA A 90 -4.98 8.94 0.34
C ALA A 90 -6.30 9.72 0.30
N THR A 91 -6.24 10.90 -0.31
CA THR A 91 -7.41 11.74 -0.42
C THR A 91 -8.34 11.23 -1.52
N LYS A 92 -7.76 10.44 -2.43
CA LYS A 92 -8.51 9.88 -3.53
C LYS A 92 -9.22 8.61 -3.06
N ARG A 93 -8.60 7.94 -2.10
CA ARG A 93 -9.16 6.72 -1.56
C ARG A 93 -10.26 7.05 -0.53
N PHE A 94 -9.82 7.67 0.57
CA PHE A 94 -10.74 8.03 1.63
C PHE A 94 -11.60 9.22 1.21
N LYS A 95 -12.57 9.54 2.07
CA LYS A 95 -13.47 10.65 1.81
C LYS A 95 -12.66 11.94 1.71
N GLY A 96 -13.19 12.97 2.36
CA GLY A 96 -12.53 14.27 2.36
C GLY A 96 -11.74 14.48 3.65
N LYS A 97 -10.99 13.45 4.02
CA LYS A 97 -10.20 13.51 5.24
C LYS A 97 -9.04 14.50 5.03
N SER A 98 -8.24 14.64 6.08
CA SER A 98 -7.10 15.55 6.01
C SER A 98 -5.92 14.86 5.31
N LYS A 99 -5.03 15.69 4.80
CA LYS A 99 -3.86 15.18 4.09
C LYS A 99 -3.13 14.18 4.99
N GLU A 100 -3.03 14.53 6.25
CA GLU A 100 -2.37 13.66 7.22
C GLU A 100 -3.28 12.50 7.61
N GLU A 101 -4.50 12.85 7.99
CA GLU A 101 -5.47 11.84 8.39
C GLU A 101 -5.66 10.81 7.27
N ALA A 102 -5.94 11.31 6.09
CA ALA A 102 -6.15 10.45 4.94
C ALA A 102 -4.90 9.58 4.74
N PHE A 103 -3.76 10.24 4.75
CA PHE A 103 -2.49 9.54 4.57
C PHE A 103 -2.28 8.50 5.66
N ASP A 104 -2.63 8.89 6.89
CA ASP A 104 -2.48 8.00 8.03
C ASP A 104 -3.54 6.90 7.95
N ALA A 105 -4.65 7.23 7.29
CA ALA A 105 -5.74 6.28 7.14
C ALA A 105 -5.33 5.19 6.15
N ILE A 106 -4.69 5.63 5.07
CA ILE A 106 -4.24 4.71 4.04
C ILE A 106 -3.07 3.88 4.57
N CYS A 107 -2.34 4.48 5.51
CA CYS A 107 -1.19 3.82 6.10
C CYS A 107 -1.71 2.72 7.03
N GLN A 108 -2.85 2.99 7.65
CA GLN A 108 -3.47 2.04 8.56
C GLN A 108 -3.91 0.79 7.80
N LEU A 109 -3.91 0.90 6.48
CA LEU A 109 -4.32 -0.21 5.64
C LEU A 109 -3.10 -1.08 5.34
N ILE A 110 -1.95 -0.43 5.22
CA ILE A 110 -0.71 -1.13 4.94
C ILE A 110 -0.02 -1.49 6.26
N ALA A 111 0.40 -0.44 6.97
CA ALA A 111 1.08 -0.62 8.24
C ALA A 111 0.39 -1.75 9.02
N GLY A 112 1.11 -2.86 9.16
CA GLY A 112 0.59 -4.00 9.88
C GLY A 112 0.26 -5.15 8.91
N LYS A 113 -0.35 -4.77 7.79
CA LYS A 113 -0.73 -5.75 6.79
C LYS A 113 0.53 -6.27 6.10
N GLU A 114 0.45 -7.53 5.66
CA GLU A 114 1.58 -8.15 4.99
C GLU A 114 1.15 -8.61 3.59
N PRO A 115 2.18 -8.79 2.72
CA PRO A 115 1.93 -9.23 1.36
C PRO A 115 1.60 -10.72 1.31
N ALA A 116 1.58 -11.32 2.49
CA ALA A 116 1.27 -12.75 2.59
C ALA A 116 0.08 -13.08 1.69
N ASN A 117 -0.06 -14.36 1.40
CA ASN A 117 -1.14 -14.82 0.54
C ASN A 117 -2.47 -14.38 1.13
N ILE A 118 -2.69 -14.76 2.39
CA ILE A 118 -3.93 -14.40 3.07
C ILE A 118 -5.12 -15.01 2.32
N GLY A 119 -5.83 -15.88 3.02
CA GLY A 119 -6.99 -16.53 2.43
C GLY A 119 -8.07 -15.51 2.06
N VAL A 120 -7.88 -14.91 0.89
CA VAL A 120 -8.82 -13.92 0.40
C VAL A 120 -8.86 -13.98 -1.13
N THR A 121 -10.07 -13.91 -1.65
CA THR A 121 -10.26 -13.95 -3.10
C THR A 121 -10.52 -12.54 -3.64
N LYS A 122 -9.72 -12.16 -4.64
CA LYS A 122 -9.86 -10.85 -5.25
C LYS A 122 -8.90 -10.75 -6.44
N ALA A 123 -9.48 -10.45 -7.59
CA ALA A 123 -8.69 -10.32 -8.81
C ALA A 123 -9.62 -10.05 -9.99
N LYS A 124 -9.02 -9.92 -11.17
CA LYS A 124 -9.79 -9.66 -12.37
C LYS A 124 -8.88 -9.85 -13.59
N THR A 125 -9.21 -10.86 -14.37
CA THR A 125 -8.44 -11.17 -15.57
C THR A 125 -8.34 -9.93 -16.47
N GLY A 126 -7.15 -9.75 -17.02
CA GLY A 126 -6.90 -8.62 -17.90
C GLY A 126 -5.74 -8.89 -18.85
N GLY A 127 -5.88 -8.41 -20.07
CA GLY A 127 -4.85 -8.60 -21.07
C GLY A 127 -4.49 -7.27 -21.76
N ALA A 128 -3.91 -7.39 -22.94
CA ALA A 128 -3.52 -6.22 -23.70
C ALA A 128 -3.66 -6.51 -25.20
N VAL A 129 -3.71 -5.44 -25.98
CA VAL A 129 -3.84 -5.57 -27.42
C VAL A 129 -2.53 -5.15 -28.09
N ASP A 130 -2.05 -5.99 -28.99
CA ASP A 130 -0.82 -5.72 -29.71
C ASP A 130 -1.14 -5.39 -31.16
N ARG A 131 -0.18 -4.77 -31.82
CA ARG A 131 -0.34 -4.40 -33.21
C ARG A 131 0.82 -3.51 -33.67
N LEU A 132 0.79 -3.16 -34.95
CA LEU A 132 1.83 -2.31 -35.52
C LEU A 132 1.62 -2.21 -37.04
N THR A 133 1.20 -1.04 -37.46
CA THR A 133 0.96 -0.80 -38.87
C THR A 133 2.22 -1.12 -39.69
N ASP A 134 2.02 -1.91 -40.73
CA ASP A 134 3.12 -2.30 -41.60
C ASP A 134 2.87 -1.78 -43.00
N THR A 135 3.49 -0.64 -43.31
CA THR A 135 3.33 -0.02 -44.60
C THR A 135 3.69 -1.03 -45.72
N SER A 136 4.83 -1.68 -45.53
CA SER A 136 5.29 -2.66 -46.50
C SER A 136 5.31 -2.05 -47.90
N LYS A 137 6.51 -1.66 -48.32
CA LYS A 137 6.68 -1.05 -49.62
C LYS A 137 7.18 -2.12 -50.61
N TYR A 138 6.61 -2.08 -51.81
CA TYR A 138 7.00 -3.03 -52.84
C TYR A 138 7.19 -2.33 -54.19
N THR A 139 8.30 -2.65 -54.83
CA THR A 139 8.61 -2.07 -56.12
C THR A 139 8.82 -3.16 -57.17
N GLY A 140 8.84 -2.73 -58.43
CA GLY A 140 9.02 -3.66 -59.53
C GLY A 140 10.10 -3.16 -60.49
N SER A 141 9.76 -2.11 -61.22
CA SER A 141 10.69 -1.53 -62.18
C SER A 141 11.35 -0.29 -61.59
N HIS A 142 12.64 -0.41 -61.29
CA HIS A 142 13.38 0.70 -60.72
C HIS A 142 14.88 0.37 -60.76
N LYS A 143 15.67 1.40 -60.45
CA LYS A 143 17.12 1.24 -60.46
C LYS A 143 17.57 0.65 -61.80
N GLU A 144 17.43 1.47 -62.83
CA GLU A 144 17.82 1.06 -64.16
C GLU A 144 19.28 1.42 -64.43
N ARG A 145 19.57 2.71 -64.33
CA ARG A 145 20.92 3.19 -64.56
C ARG A 145 21.87 2.61 -63.52
N SER A 146 23.12 2.46 -63.93
CA SER A 146 24.14 1.92 -63.05
C SER A 146 25.29 2.92 -62.88
N GLY A 147 25.97 2.81 -61.76
CA GLY A 147 27.09 3.69 -61.48
C GLY A 147 27.83 3.25 -60.21
N PRO A 148 29.13 3.65 -60.13
CA PRO A 148 29.96 3.31 -58.99
C PRO A 148 29.59 4.17 -57.77
N SER A 149 29.62 5.47 -57.97
CA SER A 149 29.29 6.40 -56.90
C SER A 149 29.22 7.83 -57.45
N SER A 150 30.31 8.24 -58.07
CA SER A 150 30.38 9.58 -58.65
C SER A 150 29.27 9.76 -59.68
N GLY A 151 28.43 10.76 -59.44
CA GLY A 151 27.33 11.05 -60.33
C GLY A 151 26.68 12.39 -59.99
N GLY A 1 -11.70 -14.83 25.58
CA GLY A 1 -10.60 -14.86 26.54
C GLY A 1 -10.60 -13.60 27.41
N SER A 2 -9.47 -13.37 28.05
CA SER A 2 -9.33 -12.21 28.92
C SER A 2 -9.12 -10.95 28.08
N SER A 3 -10.22 -10.37 27.64
CA SER A 3 -10.16 -9.17 26.82
C SER A 3 -11.58 -8.66 26.55
N GLY A 4 -11.89 -7.53 27.17
CA GLY A 4 -13.20 -6.92 27.01
C GLY A 4 -13.23 -5.99 25.79
N SER A 5 -13.59 -4.75 26.05
CA SER A 5 -13.67 -3.75 25.00
C SER A 5 -12.27 -3.19 24.72
N SER A 6 -11.79 -3.46 23.51
CA SER A 6 -10.47 -3.00 23.10
C SER A 6 -10.31 -1.52 23.45
N GLY A 7 -9.06 -1.08 23.42
CA GLY A 7 -8.76 0.31 23.74
C GLY A 7 -7.30 0.64 23.43
N MET A 8 -7.12 1.62 22.56
CA MET A 8 -5.78 2.04 22.17
C MET A 8 -5.75 3.53 21.81
N ALA A 9 -4.55 4.04 21.64
CA ALA A 9 -4.37 5.44 21.29
C ALA A 9 -3.76 5.54 19.89
N ALA A 10 -3.92 6.71 19.29
CA ALA A 10 -3.41 6.95 17.96
C ALA A 10 -2.07 7.68 18.06
N SER A 11 -1.47 7.93 16.91
CA SER A 11 -0.19 8.61 16.85
C SER A 11 0.01 9.25 15.47
N THR A 12 0.48 10.48 15.49
CA THR A 12 0.72 11.21 14.25
C THR A 12 1.44 10.32 13.24
N ASP A 13 2.43 9.58 13.74
CA ASP A 13 3.20 8.69 12.89
C ASP A 13 2.64 7.27 13.01
N ILE A 14 3.21 6.37 12.21
CA ILE A 14 2.77 4.99 12.22
C ILE A 14 3.80 4.14 12.97
N ALA A 15 3.88 2.87 12.58
CA ALA A 15 4.81 1.95 13.21
C ALA A 15 4.60 0.55 12.62
N GLY A 16 5.05 0.39 11.39
CA GLY A 16 4.92 -0.89 10.71
C GLY A 16 4.77 -0.69 9.20
N LEU A 17 4.40 0.52 8.83
CA LEU A 17 4.21 0.85 7.43
C LEU A 17 5.46 0.45 6.64
N GLU A 18 6.52 1.23 6.84
CA GLU A 18 7.79 0.97 6.17
C GLU A 18 8.15 -0.51 6.29
N GLU A 19 7.63 -1.13 7.32
CA GLU A 19 7.90 -2.54 7.57
C GLU A 19 7.05 -3.42 6.63
N SER A 20 5.84 -2.93 6.38
CA SER A 20 4.92 -3.66 5.51
C SER A 20 5.28 -3.42 4.05
N PHE A 21 5.61 -2.17 3.75
CA PHE A 21 5.98 -1.79 2.40
C PHE A 21 7.17 -2.62 1.91
N ARG A 22 8.21 -2.66 2.72
CA ARG A 22 9.41 -3.40 2.38
C ARG A 22 9.04 -4.82 1.94
N LYS A 23 8.14 -5.43 2.71
CA LYS A 23 7.70 -6.78 2.40
C LYS A 23 7.30 -6.86 0.93
N PHE A 24 6.37 -6.00 0.56
CA PHE A 24 5.90 -5.96 -0.82
C PHE A 24 7.01 -5.52 -1.78
N ALA A 25 7.88 -4.67 -1.27
CA ALA A 25 8.99 -4.17 -2.06
C ALA A 25 9.89 -5.34 -2.46
N ILE A 26 10.21 -6.16 -1.47
CA ILE A 26 11.06 -7.31 -1.70
C ILE A 26 10.19 -8.52 -2.05
N HIS A 27 8.93 -8.25 -2.33
CA HIS A 27 7.98 -9.29 -2.67
C HIS A 27 8.67 -10.34 -3.55
N GLY A 28 8.72 -11.56 -3.03
CA GLY A 28 9.34 -12.65 -3.76
C GLY A 28 10.63 -12.19 -4.44
N ASP A 29 11.59 -11.82 -3.62
CA ASP A 29 12.87 -11.35 -4.13
C ASP A 29 13.88 -11.28 -2.98
N PRO A 30 14.82 -12.27 -2.96
CA PRO A 30 15.84 -12.33 -1.93
C PRO A 30 16.91 -11.26 -2.16
N LYS A 31 17.01 -10.83 -3.41
CA LYS A 31 17.99 -9.82 -3.78
C LYS A 31 17.51 -8.45 -3.31
N ALA A 32 16.25 -8.15 -3.63
CA ALA A 32 15.67 -6.88 -3.24
C ALA A 32 16.12 -6.52 -1.83
N SER A 33 16.65 -5.31 -1.71
CA SER A 33 17.12 -4.84 -0.42
C SER A 33 15.94 -4.35 0.43
N GLY A 34 14.91 -3.88 -0.27
CA GLY A 34 13.73 -3.39 0.41
C GLY A 34 13.70 -1.87 0.44
N GLN A 35 14.37 -1.28 -0.55
CA GLN A 35 14.44 0.17 -0.64
C GLN A 35 13.71 0.65 -1.91
N GLU A 36 13.43 -0.30 -2.79
CA GLU A 36 12.75 0.00 -4.03
C GLU A 36 11.54 -0.92 -4.21
N MET A 37 10.56 -0.42 -4.96
CA MET A 37 9.36 -1.19 -5.21
C MET A 37 8.91 -1.05 -6.67
N ASN A 38 8.57 -2.18 -7.27
CA ASN A 38 8.13 -2.19 -8.65
C ASN A 38 6.65 -1.86 -8.72
N GLY A 39 6.28 -1.12 -9.76
CA GLY A 39 4.90 -0.73 -9.95
C GLY A 39 3.96 -1.93 -9.82
N LYS A 40 4.53 -3.10 -10.02
CA LYS A 40 3.76 -4.34 -9.93
C LYS A 40 3.51 -4.67 -8.46
N ASN A 41 4.54 -4.47 -7.66
CA ASN A 41 4.45 -4.74 -6.24
C ASN A 41 3.76 -3.58 -5.54
N TRP A 42 3.78 -2.43 -6.20
CA TRP A 42 3.16 -1.24 -5.66
C TRP A 42 1.65 -1.37 -5.82
N ALA A 43 1.23 -1.59 -7.06
CA ALA A 43 -0.18 -1.74 -7.37
C ALA A 43 -0.75 -2.88 -6.53
N LYS A 44 -0.05 -4.01 -6.56
CA LYS A 44 -0.48 -5.18 -5.81
C LYS A 44 -0.61 -4.81 -4.33
N LEU A 45 0.42 -4.15 -3.83
CA LEU A 45 0.44 -3.73 -2.43
C LEU A 45 -0.80 -2.87 -2.15
N CYS A 46 -1.23 -2.16 -3.18
CA CYS A 46 -2.39 -1.29 -3.05
C CYS A 46 -3.65 -2.14 -3.27
N LYS A 47 -3.43 -3.44 -3.41
CA LYS A 47 -4.54 -4.36 -3.63
C LYS A 47 -4.67 -5.28 -2.40
N ASP A 48 -3.54 -5.82 -1.97
CA ASP A 48 -3.52 -6.70 -0.83
C ASP A 48 -3.88 -5.92 0.43
N CYS A 49 -3.45 -4.66 0.46
CA CYS A 49 -3.71 -3.80 1.59
C CYS A 49 -5.06 -3.12 1.35
N LYS A 50 -5.75 -3.58 0.31
CA LYS A 50 -7.05 -3.02 -0.03
C LYS A 50 -6.96 -1.49 -0.05
N VAL A 51 -5.98 -1.00 -0.78
CA VAL A 51 -5.76 0.44 -0.89
C VAL A 51 -6.46 0.95 -2.15
N ALA A 52 -6.51 0.09 -3.15
CA ALA A 52 -7.14 0.44 -4.42
C ALA A 52 -8.48 -0.29 -4.53
N ASP A 53 -9.45 0.22 -3.79
CA ASP A 53 -10.78 -0.36 -3.79
C ASP A 53 -11.24 -0.56 -5.23
N GLY A 54 -10.85 0.38 -6.08
CA GLY A 54 -11.21 0.32 -7.48
C GLY A 54 -12.19 1.44 -7.85
N LYS A 55 -13.01 1.81 -6.87
CA LYS A 55 -13.99 2.86 -7.07
C LYS A 55 -13.29 4.22 -7.01
N ALA A 56 -12.98 4.63 -5.79
CA ALA A 56 -12.32 5.90 -5.57
C ALA A 56 -10.91 5.84 -6.18
N VAL A 57 -10.25 4.71 -5.95
CA VAL A 57 -8.90 4.53 -6.47
C VAL A 57 -8.93 3.43 -7.54
N THR A 58 -8.50 3.81 -8.74
CA THR A 58 -8.46 2.88 -9.85
C THR A 58 -7.02 2.58 -10.24
N GLY A 59 -6.77 1.31 -10.58
CA GLY A 59 -5.45 0.89 -10.98
C GLY A 59 -4.81 1.89 -11.95
N THR A 60 -5.68 2.63 -12.63
CA THR A 60 -5.22 3.62 -13.59
C THR A 60 -4.57 4.80 -12.87
N ASP A 61 -5.12 5.11 -11.70
CA ASP A 61 -4.60 6.21 -10.90
C ASP A 61 -3.29 5.78 -10.23
N VAL A 62 -3.37 4.65 -9.55
CA VAL A 62 -2.21 4.12 -8.85
C VAL A 62 -1.08 3.89 -9.86
N ASP A 63 -1.48 3.47 -11.06
CA ASP A 63 -0.51 3.21 -12.11
C ASP A 63 0.13 4.53 -12.56
N ILE A 64 -0.73 5.51 -12.80
CA ILE A 64 -0.27 6.81 -13.23
C ILE A 64 0.55 7.45 -12.11
N VAL A 65 -0.02 7.42 -10.91
CA VAL A 65 0.64 8.00 -9.76
C VAL A 65 2.05 7.42 -9.64
N PHE A 66 2.13 6.09 -9.76
CA PHE A 66 3.41 5.41 -9.68
C PHE A 66 4.39 5.94 -10.72
N SER A 67 3.83 6.35 -11.85
CA SER A 67 4.64 6.89 -12.93
C SER A 67 4.83 8.40 -12.75
N LYS A 68 4.11 8.94 -11.79
CA LYS A 68 4.20 10.36 -11.51
C LYS A 68 5.16 10.59 -10.34
N VAL A 69 5.56 9.49 -9.72
CA VAL A 69 6.48 9.56 -8.59
C VAL A 69 7.85 9.07 -9.05
N LYS A 70 7.85 8.25 -10.08
CA LYS A 70 9.09 7.70 -10.62
C LYS A 70 9.47 8.48 -11.88
N ALA A 71 10.45 7.93 -12.59
CA ALA A 71 10.92 8.56 -13.82
C ALA A 71 10.92 7.54 -14.95
N LYS A 72 10.77 8.05 -16.17
CA LYS A 72 10.75 7.20 -17.34
C LYS A 72 12.00 6.30 -17.34
N SER A 73 13.00 6.75 -16.60
CA SER A 73 14.25 6.01 -16.50
C SER A 73 14.13 4.93 -15.43
N ALA A 74 13.79 5.37 -14.23
CA ALA A 74 13.65 4.46 -13.10
C ALA A 74 12.52 3.46 -13.40
N ARG A 75 12.61 2.31 -12.74
CA ARG A 75 11.61 1.27 -12.92
C ARG A 75 11.05 0.82 -11.58
N VAL A 76 11.50 1.50 -10.53
CA VAL A 76 11.06 1.19 -9.18
C VAL A 76 10.92 2.47 -8.38
N ILE A 77 10.16 2.38 -7.30
CA ILE A 77 9.94 3.54 -6.44
C ILE A 77 10.49 3.23 -5.04
N ASN A 78 10.88 4.29 -4.35
CA ASN A 78 11.42 4.15 -3.01
C ASN A 78 10.36 4.57 -1.99
N TYR A 79 10.54 4.10 -0.77
CA TYR A 79 9.60 4.42 0.30
C TYR A 79 9.18 5.89 0.25
N GLU A 80 10.06 6.70 -0.29
CA GLU A 80 9.79 8.13 -0.41
C GLU A 80 8.81 8.38 -1.54
N GLU A 81 9.10 7.79 -2.69
CA GLU A 81 8.25 7.95 -3.86
C GLU A 81 7.00 7.07 -3.73
N PHE A 82 7.07 6.15 -2.78
CA PHE A 82 5.95 5.25 -2.55
C PHE A 82 4.89 5.91 -1.65
N LYS A 83 5.38 6.69 -0.71
CA LYS A 83 4.49 7.38 0.21
C LYS A 83 3.80 8.54 -0.52
N LYS A 84 4.47 9.04 -1.54
CA LYS A 84 3.94 10.13 -2.34
C LYS A 84 2.64 9.67 -3.02
N ALA A 85 2.72 8.49 -3.62
CA ALA A 85 1.58 7.93 -4.31
C ALA A 85 0.43 7.72 -3.31
N LEU A 86 0.79 7.18 -2.16
CA LEU A 86 -0.20 6.93 -1.11
C LEU A 86 -0.95 8.22 -0.81
N GLU A 87 -0.20 9.31 -0.75
CA GLU A 87 -0.79 10.61 -0.47
C GLU A 87 -1.82 10.98 -1.55
N GLU A 88 -1.43 10.71 -2.80
CA GLU A 88 -2.31 11.01 -3.93
C GLU A 88 -3.52 10.07 -3.91
N LEU A 89 -3.30 8.90 -3.33
CA LEU A 89 -4.37 7.91 -3.25
C LEU A 89 -5.01 7.96 -1.86
N ALA A 90 -4.52 8.90 -1.06
CA ALA A 90 -5.05 9.07 0.29
C ALA A 90 -6.41 9.76 0.22
N THR A 91 -6.41 10.91 -0.43
CA THR A 91 -7.63 11.68 -0.57
C THR A 91 -8.54 11.06 -1.64
N LYS A 92 -7.91 10.28 -2.51
CA LYS A 92 -8.65 9.62 -3.59
C LYS A 92 -9.26 8.32 -3.05
N ARG A 93 -8.60 7.76 -2.06
CA ARG A 93 -9.07 6.52 -1.45
C ARG A 93 -10.15 6.81 -0.42
N PHE A 94 -9.75 7.51 0.63
CA PHE A 94 -10.68 7.86 1.69
C PHE A 94 -11.54 9.06 1.29
N LYS A 95 -12.48 9.40 2.18
CA LYS A 95 -13.37 10.51 1.94
C LYS A 95 -12.55 11.79 1.78
N GLY A 96 -13.16 12.90 2.19
CA GLY A 96 -12.50 14.19 2.10
C GLY A 96 -11.63 14.45 3.34
N LYS A 97 -11.21 13.36 3.96
CA LYS A 97 -10.38 13.45 5.16
C LYS A 97 -9.22 14.41 4.89
N SER A 98 -8.41 14.61 5.92
CA SER A 98 -7.28 15.50 5.81
C SER A 98 -6.11 14.77 5.15
N LYS A 99 -5.24 15.56 4.52
CA LYS A 99 -4.08 15.00 3.85
C LYS A 99 -3.36 14.04 4.80
N GLU A 100 -3.16 14.49 6.02
CA GLU A 100 -2.49 13.68 7.02
C GLU A 100 -3.39 12.52 7.45
N GLU A 101 -4.62 12.86 7.79
CA GLU A 101 -5.58 11.86 8.22
C GLU A 101 -5.72 10.77 7.15
N ALA A 102 -5.96 11.20 5.92
CA ALA A 102 -6.12 10.28 4.82
C ALA A 102 -4.85 9.41 4.70
N PHE A 103 -3.71 10.07 4.89
CA PHE A 103 -2.43 9.38 4.80
C PHE A 103 -2.28 8.37 5.95
N ASP A 104 -2.72 8.79 7.13
CA ASP A 104 -2.64 7.94 8.30
C ASP A 104 -3.68 6.83 8.20
N ALA A 105 -4.70 7.09 7.39
CA ALA A 105 -5.76 6.11 7.19
C ALA A 105 -5.30 5.06 6.18
N ILE A 106 -4.65 5.54 5.13
CA ILE A 106 -4.16 4.66 4.08
C ILE A 106 -2.91 3.94 4.59
N CYS A 107 -2.15 4.63 5.41
CA CYS A 107 -0.94 4.07 5.97
C CYS A 107 -1.32 2.94 6.93
N GLN A 108 -2.48 3.10 7.55
CA GLN A 108 -2.98 2.11 8.49
C GLN A 108 -3.49 0.88 7.74
N LEU A 109 -3.67 1.05 6.44
CA LEU A 109 -4.16 -0.03 5.60
C LEU A 109 -3.01 -0.98 5.30
N ILE A 110 -1.80 -0.44 5.33
CA ILE A 110 -0.60 -1.21 5.06
C ILE A 110 0.04 -1.64 6.38
N ALA A 111 0.46 -0.65 7.14
CA ALA A 111 1.09 -0.90 8.43
C ALA A 111 0.36 -2.04 9.12
N GLY A 112 1.09 -3.14 9.32
CA GLY A 112 0.52 -4.31 9.98
C GLY A 112 0.24 -5.42 8.97
N LYS A 113 -0.29 -5.02 7.82
CA LYS A 113 -0.61 -5.97 6.76
C LYS A 113 0.68 -6.45 6.11
N GLU A 114 0.56 -7.52 5.34
CA GLU A 114 1.71 -8.09 4.65
C GLU A 114 1.25 -8.79 3.38
N PRO A 115 2.23 -8.92 2.42
CA PRO A 115 1.94 -9.58 1.15
C PRO A 115 1.86 -11.11 1.33
N ALA A 116 2.05 -11.80 0.22
CA ALA A 116 2.00 -13.26 0.24
C ALA A 116 0.56 -13.71 0.39
N ASN A 117 0.39 -15.02 0.49
CA ASN A 117 -0.94 -15.60 0.64
C ASN A 117 -1.07 -16.21 2.04
N ILE A 118 -1.32 -15.33 3.01
CA ILE A 118 -1.47 -15.77 4.39
C ILE A 118 -0.18 -16.44 4.86
N GLY A 119 0.43 -15.83 5.86
CA GLY A 119 1.67 -16.35 6.41
C GLY A 119 1.63 -16.36 7.93
N VAL A 120 2.50 -15.54 8.51
CA VAL A 120 2.57 -15.43 9.97
C VAL A 120 1.98 -14.09 10.41
N THR A 121 0.72 -14.13 10.79
CA THR A 121 0.03 -12.94 11.24
C THR A 121 -0.18 -12.98 12.74
N LYS A 122 -0.16 -11.80 13.35
CA LYS A 122 -0.34 -11.68 14.79
C LYS A 122 -0.37 -10.20 15.18
N ALA A 123 -1.00 -9.94 16.31
CA ALA A 123 -1.11 -8.57 16.81
C ALA A 123 -1.41 -8.60 18.31
N LYS A 124 -1.13 -7.48 18.95
CA LYS A 124 -1.37 -7.36 20.38
C LYS A 124 -2.35 -6.22 20.65
N THR A 125 -3.03 -6.32 21.78
CA THR A 125 -3.99 -5.30 22.16
C THR A 125 -3.49 -4.50 23.36
N GLY A 126 -4.02 -3.30 23.50
CA GLY A 126 -3.63 -2.43 24.60
C GLY A 126 -4.45 -2.74 25.86
N GLY A 127 -4.43 -1.79 26.78
CA GLY A 127 -5.17 -1.95 28.02
C GLY A 127 -6.63 -1.53 27.86
N ALA A 128 -7.21 -1.09 28.96
CA ALA A 128 -8.60 -0.66 28.96
C ALA A 128 -8.82 0.37 30.07
N VAL A 129 -10.01 0.96 30.06
CA VAL A 129 -10.35 1.95 31.06
C VAL A 129 -11.62 1.51 31.80
N ASP A 130 -11.62 1.75 33.11
CA ASP A 130 -12.75 1.39 33.94
C ASP A 130 -13.45 2.66 34.42
N ARG A 131 -14.75 2.53 34.66
CA ARG A 131 -15.54 3.65 35.12
C ARG A 131 -16.89 3.16 35.65
N LEU A 132 -17.53 4.04 36.42
CA LEU A 132 -18.83 3.71 37.00
C LEU A 132 -19.34 4.91 37.79
N THR A 133 -20.67 5.01 37.85
CA THR A 133 -21.30 6.11 38.57
C THR A 133 -22.64 5.65 39.15
N ASP A 134 -22.94 6.17 40.34
CA ASP A 134 -24.18 5.83 41.01
C ASP A 134 -24.65 7.03 41.84
N THR A 135 -25.96 7.23 41.84
CA THR A 135 -26.55 8.33 42.59
C THR A 135 -27.99 8.00 42.96
N SER A 136 -28.16 7.49 44.17
CA SER A 136 -29.48 7.14 44.67
C SER A 136 -29.70 7.74 46.06
N LYS A 137 -30.90 8.29 46.25
CA LYS A 137 -31.24 8.89 47.53
C LYS A 137 -32.69 8.54 47.87
N TYR A 138 -33.03 8.75 49.14
CA TYR A 138 -34.37 8.46 49.61
C TYR A 138 -34.92 9.61 50.46
N THR A 139 -36.22 9.55 50.71
CA THR A 139 -36.86 10.58 51.51
C THR A 139 -37.60 9.96 52.69
N GLY A 140 -37.93 10.80 53.66
CA GLY A 140 -38.63 10.34 54.85
C GLY A 140 -40.15 10.48 54.67
N SER A 141 -40.84 10.56 55.79
CA SER A 141 -42.29 10.68 55.78
C SER A 141 -42.72 11.80 56.74
N HIS A 142 -44.00 12.16 56.64
CA HIS A 142 -44.54 13.20 57.48
C HIS A 142 -45.97 12.83 57.89
N LYS A 143 -46.55 13.65 58.75
CA LYS A 143 -47.91 13.43 59.22
C LYS A 143 -47.94 12.17 60.08
N GLU A 144 -48.92 12.13 60.98
CA GLU A 144 -49.07 10.99 61.86
C GLU A 144 -50.23 11.22 62.83
N ARG A 145 -50.12 12.32 63.57
CA ARG A 145 -51.15 12.67 64.54
C ARG A 145 -52.53 12.36 63.97
N SER A 146 -53.33 11.67 64.78
CA SER A 146 -54.67 11.30 64.37
C SER A 146 -55.41 10.62 65.54
N GLY A 147 -56.41 11.32 66.06
CA GLY A 147 -57.19 10.80 67.16
C GLY A 147 -58.44 11.65 67.40
N PRO A 148 -59.59 11.13 66.92
CA PRO A 148 -60.85 11.83 67.07
C PRO A 148 -61.37 11.72 68.51
N SER A 149 -62.53 12.33 68.74
CA SER A 149 -63.14 12.30 70.06
C SER A 149 -64.22 11.22 70.12
N SER A 150 -64.50 10.79 71.34
CA SER A 150 -65.50 9.76 71.54
C SER A 150 -66.66 10.31 72.38
N GLY A 151 -67.82 9.71 72.20
CA GLY A 151 -69.01 10.13 72.94
C GLY A 151 -69.26 9.23 74.15
N GLY A 1 22.37 0.51 31.38
CA GLY A 1 21.36 -0.07 30.50
C GLY A 1 21.48 -1.59 30.44
N SER A 2 20.41 -2.26 30.84
CA SER A 2 20.39 -3.71 30.85
C SER A 2 19.14 -4.21 30.12
N SER A 3 17.99 -3.78 30.62
CA SER A 3 16.73 -4.19 30.04
C SER A 3 16.33 -3.21 28.93
N GLY A 4 16.76 -3.53 27.71
CA GLY A 4 16.45 -2.68 26.57
C GLY A 4 15.15 -3.11 25.91
N SER A 5 15.29 -3.79 24.78
CA SER A 5 14.12 -4.26 24.04
C SER A 5 13.48 -5.43 24.77
N SER A 6 12.69 -5.11 25.77
CA SER A 6 12.01 -6.13 26.56
C SER A 6 10.57 -5.69 26.85
N GLY A 7 9.71 -5.93 25.87
CA GLY A 7 8.30 -5.57 26.00
C GLY A 7 8.03 -4.21 25.36
N MET A 8 8.26 -3.16 26.13
CA MET A 8 8.03 -1.81 25.65
C MET A 8 6.64 -1.67 25.04
N ALA A 9 5.74 -1.11 25.83
CA ALA A 9 4.37 -0.92 25.38
C ALA A 9 4.13 0.57 25.11
N ALA A 10 4.44 0.97 23.88
CA ALA A 10 4.27 2.35 23.48
C ALA A 10 3.71 2.40 22.05
N SER A 11 3.25 3.59 21.68
CA SER A 11 2.69 3.78 20.35
C SER A 11 2.57 5.27 20.04
N THR A 12 3.40 5.73 19.12
CA THR A 12 3.40 7.13 18.72
C THR A 12 3.30 7.25 17.20
N ASP A 13 4.14 6.50 16.52
CA ASP A 13 4.15 6.52 15.06
C ASP A 13 3.50 5.25 14.53
N ILE A 14 3.27 5.24 13.23
CA ILE A 14 2.66 4.08 12.59
C ILE A 14 3.33 2.80 13.10
N ALA A 15 4.56 2.60 12.65
CA ALA A 15 5.32 1.43 13.05
C ALA A 15 4.71 0.19 12.40
N GLY A 16 4.90 0.09 11.09
CA GLY A 16 4.37 -1.03 10.34
C GLY A 16 4.32 -0.72 8.83
N LEU A 17 4.20 0.57 8.54
CA LEU A 17 4.14 1.01 7.16
C LEU A 17 5.39 0.54 6.42
N GLU A 18 6.46 1.30 6.59
CA GLU A 18 7.72 0.97 5.94
C GLU A 18 8.05 -0.50 6.13
N GLU A 19 7.50 -1.06 7.20
CA GLU A 19 7.73 -2.46 7.51
C GLU A 19 6.93 -3.35 6.57
N SER A 20 5.72 -2.91 6.26
CA SER A 20 4.85 -3.66 5.36
C SER A 20 5.27 -3.43 3.92
N PHE A 21 5.53 -2.17 3.61
CA PHE A 21 5.93 -1.79 2.26
C PHE A 21 7.10 -2.67 1.79
N ARG A 22 8.13 -2.72 2.61
CA ARG A 22 9.30 -3.52 2.28
C ARG A 22 8.89 -4.93 1.86
N LYS A 23 8.03 -5.52 2.68
CA LYS A 23 7.55 -6.87 2.41
C LYS A 23 7.09 -6.96 0.95
N PHE A 24 6.24 -6.01 0.58
CA PHE A 24 5.73 -5.96 -0.78
C PHE A 24 6.82 -5.59 -1.78
N ALA A 25 7.76 -4.78 -1.31
CA ALA A 25 8.86 -4.34 -2.14
C ALA A 25 9.74 -5.54 -2.49
N ILE A 26 10.07 -6.31 -1.46
CA ILE A 26 10.91 -7.48 -1.63
C ILE A 26 10.02 -8.70 -1.87
N HIS A 27 8.75 -8.43 -2.14
CA HIS A 27 7.79 -9.49 -2.39
C HIS A 27 8.45 -10.60 -3.21
N GLY A 28 8.79 -11.68 -2.52
CA GLY A 28 9.43 -12.82 -3.18
C GLY A 28 10.88 -12.50 -3.53
N ASP A 29 11.05 -11.43 -4.31
CA ASP A 29 12.38 -11.02 -4.73
C ASP A 29 13.33 -11.13 -3.54
N PRO A 30 14.20 -12.18 -3.60
CA PRO A 30 15.17 -12.41 -2.55
C PRO A 30 16.33 -11.40 -2.63
N LYS A 31 16.58 -10.95 -3.84
CA LYS A 31 17.65 -9.98 -4.07
C LYS A 31 17.20 -8.61 -3.55
N ALA A 32 15.90 -8.39 -3.58
CA ALA A 32 15.34 -7.13 -3.12
C ALA A 32 15.81 -6.86 -1.68
N SER A 33 16.40 -5.70 -1.49
CA SER A 33 16.89 -5.31 -0.19
C SER A 33 15.81 -4.55 0.58
N GLY A 34 14.76 -4.20 -0.14
CA GLY A 34 13.65 -3.47 0.46
C GLY A 34 13.90 -1.97 0.40
N GLN A 35 14.53 -1.53 -0.68
CA GLN A 35 14.83 -0.13 -0.86
C GLN A 35 14.06 0.43 -2.06
N GLU A 36 13.54 -0.49 -2.87
CA GLU A 36 12.79 -0.10 -4.05
C GLU A 36 11.53 -0.96 -4.18
N MET A 37 10.56 -0.44 -4.91
CA MET A 37 9.31 -1.14 -5.12
C MET A 37 8.84 -1.02 -6.57
N ASN A 38 8.69 -2.17 -7.22
CA ASN A 38 8.26 -2.20 -8.59
C ASN A 38 6.75 -1.93 -8.66
N GLY A 39 6.35 -1.21 -9.70
CA GLY A 39 4.95 -0.89 -9.88
C GLY A 39 4.07 -2.12 -9.69
N LYS A 40 4.64 -3.27 -10.01
CA LYS A 40 3.93 -4.53 -9.88
C LYS A 40 3.71 -4.84 -8.39
N ASN A 41 4.72 -4.53 -7.60
CA ASN A 41 4.66 -4.77 -6.16
C ASN A 41 3.89 -3.62 -5.50
N TRP A 42 3.99 -2.45 -6.12
CA TRP A 42 3.31 -1.28 -5.59
C TRP A 42 1.80 -1.47 -5.80
N ALA A 43 1.41 -1.48 -7.06
CA ALA A 43 0.00 -1.65 -7.40
C ALA A 43 -0.59 -2.78 -6.54
N LYS A 44 0.14 -3.88 -6.50
CA LYS A 44 -0.31 -5.04 -5.73
C LYS A 44 -0.48 -4.62 -4.27
N LEU A 45 0.53 -3.96 -3.74
CA LEU A 45 0.51 -3.51 -2.36
C LEU A 45 -0.69 -2.58 -2.17
N CYS A 46 -1.08 -1.93 -3.24
CA CYS A 46 -2.20 -1.00 -3.20
C CYS A 46 -3.47 -1.79 -3.58
N LYS A 47 -3.41 -3.09 -3.37
CA LYS A 47 -4.53 -3.95 -3.69
C LYS A 47 -4.75 -4.93 -2.53
N ASP A 48 -3.68 -5.65 -2.20
CA ASP A 48 -3.75 -6.63 -1.13
C ASP A 48 -4.08 -5.92 0.18
N CYS A 49 -3.49 -4.74 0.34
CA CYS A 49 -3.73 -3.94 1.54
C CYS A 49 -5.11 -3.30 1.44
N LYS A 50 -5.75 -3.54 0.31
CA LYS A 50 -7.08 -2.99 0.07
C LYS A 50 -6.99 -1.47 -0.04
N VAL A 51 -5.93 -1.02 -0.70
CA VAL A 51 -5.72 0.41 -0.88
C VAL A 51 -6.46 0.88 -2.13
N ALA A 52 -6.45 0.02 -3.14
CA ALA A 52 -7.11 0.33 -4.40
C ALA A 52 -8.45 -0.39 -4.46
N ASP A 53 -9.45 0.23 -3.86
CA ASP A 53 -10.78 -0.34 -3.84
C ASP A 53 -11.27 -0.54 -5.28
N GLY A 54 -10.87 0.38 -6.14
CA GLY A 54 -11.26 0.31 -7.54
C GLY A 54 -12.22 1.44 -7.90
N LYS A 55 -12.98 1.88 -6.90
CA LYS A 55 -13.93 2.95 -7.10
C LYS A 55 -13.20 4.30 -7.04
N ALA A 56 -12.86 4.70 -5.82
CA ALA A 56 -12.16 5.95 -5.62
C ALA A 56 -10.76 5.87 -6.25
N VAL A 57 -10.14 4.72 -6.05
CA VAL A 57 -8.81 4.50 -6.59
C VAL A 57 -8.86 3.37 -7.62
N THR A 58 -8.47 3.70 -8.85
CA THR A 58 -8.48 2.73 -9.93
C THR A 58 -7.04 2.35 -10.29
N GLY A 59 -6.86 1.06 -10.59
CA GLY A 59 -5.55 0.55 -10.96
C GLY A 59 -4.87 1.49 -11.96
N THR A 60 -5.68 2.23 -12.67
CA THR A 60 -5.18 3.16 -13.67
C THR A 60 -4.61 4.42 -12.98
N ASP A 61 -5.29 4.82 -11.92
CA ASP A 61 -4.88 6.00 -11.17
C ASP A 61 -3.55 5.71 -10.47
N VAL A 62 -3.50 4.55 -9.83
CA VAL A 62 -2.30 4.15 -9.11
C VAL A 62 -1.15 3.99 -10.11
N ASP A 63 -1.47 3.41 -11.26
CA ASP A 63 -0.47 3.19 -12.30
C ASP A 63 0.13 4.54 -12.69
N ILE A 64 -0.74 5.54 -12.79
CA ILE A 64 -0.29 6.88 -13.16
C ILE A 64 0.51 7.49 -12.01
N VAL A 65 -0.05 7.37 -10.82
CA VAL A 65 0.61 7.91 -9.64
C VAL A 65 2.02 7.33 -9.54
N PHE A 66 2.10 6.02 -9.70
CA PHE A 66 3.37 5.33 -9.63
C PHE A 66 4.35 5.89 -10.66
N SER A 67 3.80 6.27 -11.81
CA SER A 67 4.61 6.82 -12.88
C SER A 67 4.75 8.34 -12.71
N LYS A 68 4.08 8.84 -11.68
CA LYS A 68 4.12 10.27 -11.40
C LYS A 68 5.13 10.54 -10.28
N VAL A 69 5.41 9.49 -9.52
CA VAL A 69 6.35 9.61 -8.42
C VAL A 69 7.75 9.21 -8.91
N LYS A 70 7.77 8.34 -9.91
CA LYS A 70 9.02 7.87 -10.47
C LYS A 70 9.30 8.62 -11.78
N ALA A 71 10.45 8.32 -12.36
CA ALA A 71 10.85 8.96 -13.61
C ALA A 71 10.69 7.96 -14.75
N LYS A 72 10.44 8.52 -15.93
CA LYS A 72 10.27 7.69 -17.12
C LYS A 72 11.42 6.69 -17.22
N SER A 73 12.53 7.06 -16.59
CA SER A 73 13.71 6.21 -16.60
C SER A 73 13.59 5.12 -15.54
N ALA A 74 13.59 5.56 -14.29
CA ALA A 74 13.48 4.64 -13.17
C ALA A 74 12.31 3.69 -13.42
N ARG A 75 12.49 2.44 -13.00
CA ARG A 75 11.46 1.44 -13.17
C ARG A 75 10.94 0.98 -11.81
N VAL A 76 11.40 1.66 -10.77
CA VAL A 76 11.00 1.34 -9.42
C VAL A 76 10.79 2.63 -8.64
N ILE A 77 10.22 2.49 -7.44
CA ILE A 77 9.96 3.63 -6.59
C ILE A 77 10.55 3.37 -5.20
N ASN A 78 10.85 4.45 -4.50
CA ASN A 78 11.42 4.35 -3.17
C ASN A 78 10.39 4.81 -2.14
N TYR A 79 10.55 4.32 -0.92
CA TYR A 79 9.64 4.67 0.16
C TYR A 79 9.28 6.16 0.11
N GLU A 80 10.25 6.95 -0.34
CA GLU A 80 10.04 8.39 -0.43
C GLU A 80 8.97 8.71 -1.48
N GLU A 81 9.10 8.04 -2.63
CA GLU A 81 8.15 8.24 -3.71
C GLU A 81 6.86 7.46 -3.45
N PHE A 82 7.04 6.26 -2.90
CA PHE A 82 5.90 5.40 -2.59
C PHE A 82 4.93 6.10 -1.66
N LYS A 83 5.49 6.90 -0.75
CA LYS A 83 4.69 7.63 0.20
C LYS A 83 3.91 8.74 -0.52
N LYS A 84 4.50 9.23 -1.60
CA LYS A 84 3.88 10.28 -2.38
C LYS A 84 2.62 9.73 -3.06
N ALA A 85 2.74 8.51 -3.55
CA ALA A 85 1.63 7.86 -4.23
C ALA A 85 0.50 7.63 -3.22
N LEU A 86 0.89 7.17 -2.03
CA LEU A 86 -0.08 6.91 -0.98
C LEU A 86 -0.87 8.19 -0.69
N GLU A 87 -0.16 9.31 -0.75
CA GLU A 87 -0.77 10.60 -0.49
C GLU A 87 -1.83 10.90 -1.56
N GLU A 88 -1.50 10.55 -2.80
CA GLU A 88 -2.40 10.78 -3.91
C GLU A 88 -3.60 9.82 -3.84
N LEU A 89 -3.35 8.69 -3.19
CA LEU A 89 -4.40 7.69 -3.04
C LEU A 89 -5.03 7.81 -1.65
N ALA A 90 -4.45 8.69 -0.85
CA ALA A 90 -4.94 8.91 0.50
C ALA A 90 -6.33 9.55 0.43
N THR A 91 -6.40 10.71 -0.21
CA THR A 91 -7.65 11.41 -0.35
C THR A 91 -8.51 10.78 -1.45
N LYS A 92 -7.83 10.36 -2.51
CA LYS A 92 -8.51 9.72 -3.63
C LYS A 92 -9.18 8.43 -3.15
N ARG A 93 -8.80 8.01 -1.96
CA ARG A 93 -9.35 6.79 -1.38
C ARG A 93 -10.28 7.14 -0.22
N PHE A 94 -9.73 7.88 0.75
CA PHE A 94 -10.50 8.28 1.90
C PHE A 94 -11.24 9.59 1.65
N LYS A 95 -12.47 9.46 1.16
CA LYS A 95 -13.29 10.62 0.88
C LYS A 95 -12.38 11.82 0.56
N GLY A 96 -12.48 12.83 1.39
CA GLY A 96 -11.68 14.03 1.21
C GLY A 96 -11.04 14.46 2.54
N LYS A 97 -10.68 13.47 3.33
CA LYS A 97 -10.06 13.73 4.62
C LYS A 97 -8.84 14.63 4.42
N SER A 98 -8.09 14.82 5.50
CA SER A 98 -6.90 15.65 5.45
C SER A 98 -5.72 14.85 4.88
N LYS A 99 -4.72 15.58 4.42
CA LYS A 99 -3.53 14.95 3.86
C LYS A 99 -2.93 14.00 4.88
N GLU A 100 -2.85 14.48 6.12
CA GLU A 100 -2.30 13.69 7.19
C GLU A 100 -3.27 12.58 7.60
N GLU A 101 -4.49 12.99 7.89
CA GLU A 101 -5.53 12.06 8.29
C GLU A 101 -5.68 10.96 7.23
N ALA A 102 -5.86 11.40 5.99
CA ALA A 102 -6.02 10.47 4.88
C ALA A 102 -4.84 9.49 4.86
N PHE A 103 -3.64 10.06 4.77
CA PHE A 103 -2.43 9.26 4.75
C PHE A 103 -2.36 8.32 5.96
N ASP A 104 -2.74 8.88 7.11
CA ASP A 104 -2.72 8.11 8.35
C ASP A 104 -3.73 6.96 8.24
N ALA A 105 -4.69 7.14 7.35
CA ALA A 105 -5.72 6.14 7.14
C ALA A 105 -5.20 5.07 6.18
N ILE A 106 -4.59 5.53 5.11
CA ILE A 106 -4.05 4.63 4.10
C ILE A 106 -2.86 3.88 4.69
N CYS A 107 -2.19 4.54 5.63
CA CYS A 107 -1.04 3.94 6.28
C CYS A 107 -1.53 2.82 7.21
N GLN A 108 -2.79 2.96 7.63
CA GLN A 108 -3.39 1.97 8.51
C GLN A 108 -3.83 0.75 7.72
N LEU A 109 -3.89 0.92 6.40
CA LEU A 109 -4.29 -0.17 5.53
C LEU A 109 -3.08 -1.04 5.21
N ILE A 110 -1.91 -0.41 5.20
CA ILE A 110 -0.68 -1.13 4.92
C ILE A 110 0.00 -1.48 6.23
N ALA A 111 0.37 -0.45 6.98
CA ALA A 111 1.03 -0.64 8.26
C ALA A 111 0.33 -1.76 9.02
N GLY A 112 1.05 -2.86 9.18
CA GLY A 112 0.50 -4.01 9.90
C GLY A 112 0.19 -5.15 8.94
N LYS A 113 -0.30 -4.77 7.77
CA LYS A 113 -0.65 -5.76 6.75
C LYS A 113 0.63 -6.28 6.10
N GLU A 114 0.46 -7.34 5.31
CA GLU A 114 1.59 -7.94 4.63
C GLU A 114 1.12 -8.62 3.33
N PRO A 115 2.08 -8.77 2.38
CA PRO A 115 1.78 -9.39 1.11
C PRO A 115 1.63 -10.92 1.26
N ALA A 116 1.81 -11.61 0.15
CA ALA A 116 1.70 -13.05 0.13
C ALA A 116 2.40 -13.62 1.38
N ASN A 117 1.69 -14.50 2.07
CA ASN A 117 2.23 -15.12 3.27
C ASN A 117 1.12 -15.92 3.95
N ILE A 118 1.05 -17.20 3.58
CA ILE A 118 0.05 -18.08 4.15
C ILE A 118 -1.34 -17.45 4.01
N GLY A 119 -1.63 -17.04 2.78
CA GLY A 119 -2.91 -16.42 2.49
C GLY A 119 -3.36 -15.52 3.65
N VAL A 120 -2.99 -14.26 3.55
CA VAL A 120 -3.34 -13.29 4.58
C VAL A 120 -4.34 -12.27 3.99
N THR A 121 -5.58 -12.40 4.44
CA THR A 121 -6.63 -11.50 3.97
C THR A 121 -7.91 -11.71 4.79
N LYS A 122 -8.38 -10.62 5.36
CA LYS A 122 -9.59 -10.66 6.17
C LYS A 122 -10.42 -9.40 5.92
N ALA A 123 -10.74 -9.20 4.65
CA ALA A 123 -11.53 -8.03 4.26
C ALA A 123 -12.45 -8.41 3.10
N LYS A 124 -13.44 -7.56 2.86
CA LYS A 124 -14.39 -7.79 1.80
C LYS A 124 -15.22 -9.04 2.12
N THR A 125 -16.49 -8.81 2.40
CA THR A 125 -17.40 -9.90 2.73
C THR A 125 -18.40 -10.11 1.60
N GLY A 126 -19.16 -11.20 1.71
CA GLY A 126 -20.15 -11.52 0.72
C GLY A 126 -21.24 -10.45 0.66
N GLY A 127 -21.12 -9.59 -0.36
CA GLY A 127 -22.08 -8.52 -0.53
C GLY A 127 -23.36 -9.03 -1.19
N ALA A 128 -24.03 -8.13 -1.90
CA ALA A 128 -25.26 -8.48 -2.59
C ALA A 128 -25.49 -7.52 -3.75
N VAL A 129 -25.45 -8.08 -4.95
CA VAL A 129 -25.65 -7.29 -6.15
C VAL A 129 -27.05 -7.53 -6.70
N ASP A 130 -27.73 -6.44 -7.00
CA ASP A 130 -29.09 -6.51 -7.53
C ASP A 130 -29.03 -6.83 -9.02
N ARG A 131 -29.96 -7.68 -9.46
CA ARG A 131 -30.02 -8.06 -10.85
C ARG A 131 -31.47 -8.32 -11.27
N LEU A 132 -31.65 -8.52 -12.56
CA LEU A 132 -32.98 -8.77 -13.10
C LEU A 132 -32.91 -8.81 -14.62
N THR A 133 -33.92 -9.43 -15.22
CA THR A 133 -33.99 -9.54 -16.67
C THR A 133 -35.44 -9.65 -17.13
N ASP A 134 -35.73 -8.95 -18.22
CA ASP A 134 -37.08 -8.96 -18.77
C ASP A 134 -37.34 -10.31 -19.43
N THR A 135 -38.62 -10.60 -19.61
CA THR A 135 -39.02 -11.85 -20.23
C THR A 135 -39.76 -11.59 -21.54
N SER A 136 -39.00 -11.47 -22.61
CA SER A 136 -39.56 -11.22 -23.92
C SER A 136 -39.73 -12.55 -24.68
N LYS A 137 -38.63 -13.26 -24.79
CA LYS A 137 -38.64 -14.54 -25.49
C LYS A 137 -39.02 -14.32 -26.95
N TYR A 138 -38.91 -15.38 -27.73
CA TYR A 138 -39.24 -15.31 -29.15
C TYR A 138 -40.75 -15.39 -29.36
N THR A 139 -41.25 -14.53 -30.23
CA THR A 139 -42.67 -14.49 -30.54
C THR A 139 -42.91 -14.88 -31.99
N GLY A 140 -42.33 -14.10 -32.89
CA GLY A 140 -42.48 -14.35 -34.31
C GLY A 140 -41.79 -13.25 -35.14
N SER A 141 -41.37 -13.64 -36.34
CA SER A 141 -40.69 -12.71 -37.23
C SER A 141 -41.49 -12.57 -38.53
N HIS A 142 -41.44 -11.37 -39.09
CA HIS A 142 -42.14 -11.10 -40.33
C HIS A 142 -41.18 -11.27 -41.51
N LYS A 143 -41.54 -12.19 -42.39
CA LYS A 143 -40.73 -12.45 -43.57
C LYS A 143 -41.59 -12.29 -44.83
N GLU A 144 -40.97 -11.74 -45.86
CA GLU A 144 -41.65 -11.53 -47.12
C GLU A 144 -40.71 -11.82 -48.29
N ARG A 145 -41.28 -12.45 -49.31
CA ARG A 145 -40.51 -12.79 -50.50
C ARG A 145 -41.33 -12.55 -51.76
N SER A 146 -40.71 -11.92 -52.73
CA SER A 146 -41.37 -11.63 -53.99
C SER A 146 -41.40 -12.88 -54.87
N GLY A 147 -42.46 -12.98 -55.66
CA GLY A 147 -42.63 -14.12 -56.54
C GLY A 147 -42.76 -13.67 -58.00
N PRO A 148 -41.58 -13.42 -58.64
CA PRO A 148 -41.56 -12.99 -60.02
C PRO A 148 -41.87 -14.15 -60.97
N SER A 149 -42.16 -13.79 -62.21
CA SER A 149 -42.48 -14.78 -63.22
C SER A 149 -41.66 -14.52 -64.49
N SER A 150 -41.06 -15.59 -64.99
CA SER A 150 -40.25 -15.50 -66.19
C SER A 150 -39.98 -16.89 -66.75
N GLY A 151 -39.36 -17.72 -65.92
CA GLY A 151 -39.04 -19.08 -66.32
C GLY A 151 -38.05 -19.72 -65.35
N GLY A 1 -8.93 -10.95 0.14
CA GLY A 1 -8.55 -10.07 1.23
C GLY A 1 -7.56 -10.76 2.17
N SER A 2 -6.92 -9.96 3.00
CA SER A 2 -5.95 -10.47 3.95
C SER A 2 -6.43 -10.22 5.38
N SER A 3 -5.80 -10.92 6.31
CA SER A 3 -6.15 -10.78 7.72
C SER A 3 -4.98 -10.16 8.48
N GLY A 4 -5.11 -8.86 8.72
CA GLY A 4 -4.07 -8.13 9.45
C GLY A 4 -3.95 -8.65 10.88
N SER A 5 -2.83 -8.30 11.51
CA SER A 5 -2.58 -8.71 12.88
C SER A 5 -2.50 -7.48 13.79
N SER A 6 -3.57 -7.26 14.54
CA SER A 6 -3.61 -6.14 15.45
C SER A 6 -2.28 -5.99 16.18
N GLY A 7 -1.73 -4.78 16.09
CA GLY A 7 -0.46 -4.50 16.74
C GLY A 7 -0.46 -3.09 17.35
N MET A 8 -0.86 -3.03 18.62
CA MET A 8 -0.90 -1.77 19.33
C MET A 8 0.18 -1.70 20.40
N ALA A 9 0.87 -0.57 20.42
CA ALA A 9 1.94 -0.36 21.39
C ALA A 9 2.45 1.08 21.28
N ALA A 10 2.05 1.89 22.26
CA ALA A 10 2.46 3.28 22.27
C ALA A 10 1.90 3.99 21.05
N SER A 11 1.25 5.12 21.29
CA SER A 11 0.66 5.90 20.21
C SER A 11 1.52 7.14 19.94
N THR A 12 2.02 7.21 18.71
CA THR A 12 2.86 8.32 18.31
C THR A 12 3.09 8.29 16.80
N ASP A 13 3.48 7.12 16.32
CA ASP A 13 3.74 6.94 14.89
C ASP A 13 3.14 5.61 14.44
N ILE A 14 3.14 5.42 13.12
CA ILE A 14 2.60 4.20 12.54
C ILE A 14 3.38 3.00 13.07
N ALA A 15 4.65 2.94 12.67
CA ALA A 15 5.52 1.85 13.08
C ALA A 15 5.00 0.53 12.49
N GLY A 16 5.16 0.41 11.19
CA GLY A 16 4.71 -0.79 10.49
C GLY A 16 4.61 -0.55 8.99
N LEU A 17 4.37 0.71 8.64
CA LEU A 17 4.24 1.09 7.24
C LEU A 17 5.49 0.63 6.48
N GLU A 18 6.58 1.37 6.69
CA GLU A 18 7.83 1.05 6.03
C GLU A 18 8.13 -0.45 6.15
N GLU A 19 7.59 -1.03 7.21
CA GLU A 19 7.79 -2.45 7.46
C GLU A 19 6.98 -3.29 6.47
N SER A 20 5.77 -2.81 6.20
CA SER A 20 4.88 -3.49 5.28
C SER A 20 5.34 -3.25 3.84
N PHE A 21 5.63 -1.99 3.55
CA PHE A 21 6.07 -1.62 2.22
C PHE A 21 7.24 -2.51 1.75
N ARG A 22 8.24 -2.60 2.61
CA ARG A 22 9.41 -3.41 2.31
C ARG A 22 8.99 -4.83 1.93
N LYS A 23 8.13 -5.40 2.75
CA LYS A 23 7.64 -6.74 2.50
C LYS A 23 7.16 -6.85 1.05
N PHE A 24 6.44 -5.83 0.62
CA PHE A 24 5.91 -5.80 -0.73
C PHE A 24 6.98 -5.32 -1.72
N ALA A 25 7.95 -4.59 -1.19
CA ALA A 25 9.03 -4.07 -2.01
C ALA A 25 9.96 -5.21 -2.40
N ILE A 26 10.33 -6.00 -1.41
CA ILE A 26 11.22 -7.13 -1.65
C ILE A 26 10.38 -8.38 -1.94
N HIS A 27 9.11 -8.15 -2.25
CA HIS A 27 8.20 -9.24 -2.55
C HIS A 27 8.80 -10.13 -3.65
N GLY A 28 9.01 -11.39 -3.29
CA GLY A 28 9.57 -12.35 -4.23
C GLY A 28 10.84 -11.78 -4.88
N ASP A 29 11.85 -11.58 -4.07
CA ASP A 29 13.11 -11.05 -4.55
C ASP A 29 14.08 -10.88 -3.38
N PRO A 30 15.09 -11.79 -3.33
CA PRO A 30 16.08 -11.74 -2.26
C PRO A 30 17.08 -10.61 -2.50
N LYS A 31 17.14 -10.16 -3.74
CA LYS A 31 18.04 -9.08 -4.10
C LYS A 31 17.56 -7.77 -3.46
N ALA A 32 16.31 -7.43 -3.77
CA ALA A 32 15.73 -6.22 -3.23
C ALA A 32 16.16 -6.04 -1.78
N SER A 33 16.64 -4.84 -1.48
CA SER A 33 17.09 -4.53 -0.13
C SER A 33 16.05 -3.66 0.58
N GLY A 34 14.91 -3.51 -0.07
CA GLY A 34 13.83 -2.71 0.49
C GLY A 34 14.07 -1.22 0.25
N GLN A 35 14.71 -0.94 -0.88
CA GLN A 35 15.00 0.44 -1.25
C GLN A 35 14.21 0.84 -2.50
N GLU A 36 13.69 -0.17 -3.18
CA GLU A 36 12.91 0.06 -4.38
C GLU A 36 11.67 -0.83 -4.38
N MET A 37 10.66 -0.36 -5.11
CA MET A 37 9.40 -1.09 -5.20
C MET A 37 8.84 -1.03 -6.62
N ASN A 38 8.74 -2.21 -7.23
CA ASN A 38 8.21 -2.31 -8.57
C ASN A 38 6.71 -2.07 -8.56
N GLY A 39 6.23 -1.40 -9.60
CA GLY A 39 4.81 -1.10 -9.72
C GLY A 39 3.97 -2.36 -9.46
N LYS A 40 4.45 -3.47 -9.97
CA LYS A 40 3.76 -4.74 -9.81
C LYS A 40 3.65 -5.07 -8.32
N ASN A 41 4.62 -4.56 -7.56
CA ASN A 41 4.65 -4.80 -6.14
C ASN A 41 3.92 -3.66 -5.41
N TRP A 42 4.01 -2.48 -6.01
CA TRP A 42 3.36 -1.31 -5.44
C TRP A 42 1.84 -1.47 -5.61
N ALA A 43 1.42 -1.46 -6.87
CA ALA A 43 0.01 -1.62 -7.17
C ALA A 43 -0.57 -2.79 -6.38
N LYS A 44 0.11 -3.92 -6.50
CA LYS A 44 -0.31 -5.12 -5.80
C LYS A 44 -0.46 -4.82 -4.30
N LEU A 45 0.45 -3.97 -3.83
CA LEU A 45 0.44 -3.59 -2.42
C LEU A 45 -0.76 -2.68 -2.15
N CYS A 46 -1.18 -1.98 -3.20
CA CYS A 46 -2.31 -1.07 -3.09
C CYS A 46 -3.57 -1.83 -3.49
N LYS A 47 -3.51 -3.15 -3.34
CA LYS A 47 -4.64 -3.99 -3.68
C LYS A 47 -4.96 -4.90 -2.48
N ASP A 48 -4.00 -5.75 -2.15
CA ASP A 48 -4.17 -6.68 -1.05
C ASP A 48 -4.45 -5.89 0.23
N CYS A 49 -3.76 -4.77 0.36
CA CYS A 49 -3.93 -3.92 1.53
C CYS A 49 -5.28 -3.23 1.43
N LYS A 50 -5.94 -3.44 0.30
CA LYS A 50 -7.25 -2.85 0.07
C LYS A 50 -7.11 -1.33 -0.04
N VAL A 51 -6.07 -0.91 -0.74
CA VAL A 51 -5.81 0.50 -0.93
C VAL A 51 -6.47 0.97 -2.22
N ALA A 52 -6.52 0.07 -3.18
CA ALA A 52 -7.12 0.38 -4.47
C ALA A 52 -8.44 -0.40 -4.61
N ASP A 53 -9.49 0.17 -4.04
CA ASP A 53 -10.79 -0.46 -4.10
C ASP A 53 -11.24 -0.56 -5.56
N GLY A 54 -10.81 0.41 -6.35
CA GLY A 54 -11.16 0.43 -7.76
C GLY A 54 -12.04 1.64 -8.09
N LYS A 55 -12.85 2.03 -7.11
CA LYS A 55 -13.74 3.15 -7.28
C LYS A 55 -12.96 4.45 -7.09
N ALA A 56 -12.81 4.84 -5.83
CA ALA A 56 -12.08 6.05 -5.50
C ALA A 56 -10.69 5.99 -6.13
N VAL A 57 -10.08 4.82 -6.04
CA VAL A 57 -8.75 4.62 -6.58
C VAL A 57 -8.80 3.51 -7.63
N THR A 58 -8.45 3.87 -8.85
CA THR A 58 -8.45 2.92 -9.95
C THR A 58 -7.02 2.58 -10.36
N GLY A 59 -6.81 1.32 -10.69
CA GLY A 59 -5.50 0.86 -11.10
C GLY A 59 -4.86 1.83 -12.10
N THR A 60 -5.72 2.58 -12.78
CA THR A 60 -5.26 3.56 -13.75
C THR A 60 -4.62 4.75 -13.05
N ASP A 61 -5.17 5.08 -11.89
CA ASP A 61 -4.67 6.21 -11.11
C ASP A 61 -3.35 5.80 -10.44
N VAL A 62 -3.39 4.66 -9.77
CA VAL A 62 -2.22 4.15 -9.09
C VAL A 62 -1.09 3.94 -10.10
N ASP A 63 -1.49 3.49 -11.28
CA ASP A 63 -0.52 3.23 -12.34
C ASP A 63 0.12 4.55 -12.76
N ILE A 64 -0.70 5.57 -12.87
CA ILE A 64 -0.22 6.88 -13.26
C ILE A 64 0.60 7.49 -12.13
N VAL A 65 0.06 7.38 -10.92
CA VAL A 65 0.75 7.91 -9.75
C VAL A 65 2.14 7.30 -9.67
N PHE A 66 2.20 5.98 -9.76
CA PHE A 66 3.46 5.28 -9.70
C PHE A 66 4.39 5.71 -10.83
N SER A 67 3.78 6.08 -11.95
CA SER A 67 4.54 6.51 -13.12
C SER A 67 4.78 8.02 -13.03
N LYS A 68 4.12 8.65 -12.07
CA LYS A 68 4.26 10.08 -11.89
C LYS A 68 5.31 10.35 -10.81
N VAL A 69 5.25 9.56 -9.75
CA VAL A 69 6.18 9.71 -8.65
C VAL A 69 7.58 9.31 -9.13
N LYS A 70 7.62 8.36 -10.04
CA LYS A 70 8.88 7.89 -10.59
C LYS A 70 9.27 8.76 -11.77
N ALA A 71 10.34 8.34 -12.44
CA ALA A 71 10.83 9.08 -13.60
C ALA A 71 10.66 8.24 -14.85
N LYS A 72 10.78 8.88 -16.00
CA LYS A 72 10.64 8.21 -17.27
C LYS A 72 11.77 7.19 -17.43
N SER A 73 12.77 7.32 -16.57
CA SER A 73 13.91 6.43 -16.59
C SER A 73 13.71 5.29 -15.59
N ALA A 74 13.68 5.67 -14.31
CA ALA A 74 13.49 4.70 -13.25
C ALA A 74 12.32 3.78 -13.60
N ARG A 75 12.43 2.54 -13.13
CA ARG A 75 11.39 1.57 -13.39
C ARG A 75 10.67 1.21 -12.08
N VAL A 76 11.33 1.52 -10.98
CA VAL A 76 10.76 1.23 -9.67
C VAL A 76 10.53 2.54 -8.92
N ILE A 77 10.08 2.41 -7.69
CA ILE A 77 9.80 3.58 -6.87
C ILE A 77 10.47 3.40 -5.50
N ASN A 78 10.87 4.52 -4.91
CA ASN A 78 11.51 4.50 -3.61
C ASN A 78 10.49 4.83 -2.53
N TYR A 79 10.82 4.46 -1.31
CA TYR A 79 9.94 4.72 -0.18
C TYR A 79 9.38 6.14 -0.23
N GLU A 80 10.29 7.10 -0.24
CA GLU A 80 9.89 8.49 -0.30
C GLU A 80 8.86 8.72 -1.40
N GLU A 81 9.03 7.97 -2.48
CA GLU A 81 8.12 8.07 -3.61
C GLU A 81 6.87 7.23 -3.36
N PHE A 82 7.05 6.15 -2.63
CA PHE A 82 5.94 5.26 -2.31
C PHE A 82 4.90 5.99 -1.46
N LYS A 83 5.38 6.89 -0.63
CA LYS A 83 4.50 7.65 0.25
C LYS A 83 3.81 8.75 -0.56
N LYS A 84 4.47 9.16 -1.63
CA LYS A 84 3.93 10.19 -2.50
C LYS A 84 2.66 9.69 -3.16
N ALA A 85 2.72 8.45 -3.63
CA ALA A 85 1.59 7.83 -4.29
C ALA A 85 0.47 7.61 -3.27
N LEU A 86 0.87 7.15 -2.10
CA LEU A 86 -0.09 6.89 -1.03
C LEU A 86 -0.87 8.17 -0.73
N GLU A 87 -0.13 9.27 -0.69
CA GLU A 87 -0.74 10.56 -0.41
C GLU A 87 -1.80 10.89 -1.47
N GLU A 88 -1.46 10.56 -2.71
CA GLU A 88 -2.37 10.81 -3.82
C GLU A 88 -3.57 9.87 -3.75
N LEU A 89 -3.34 8.70 -3.20
CA LEU A 89 -4.38 7.70 -3.07
C LEU A 89 -5.03 7.83 -1.68
N ALA A 90 -4.48 8.74 -0.89
CA ALA A 90 -4.99 8.98 0.45
C ALA A 90 -6.28 9.79 0.37
N THR A 91 -6.17 10.95 -0.24
CA THR A 91 -7.31 11.84 -0.39
C THR A 91 -8.22 11.35 -1.53
N LYS A 92 -7.63 10.53 -2.40
CA LYS A 92 -8.37 9.98 -3.52
C LYS A 92 -9.14 8.74 -3.07
N ARG A 93 -8.70 8.19 -1.94
CA ARG A 93 -9.34 7.00 -1.39
C ARG A 93 -10.30 7.39 -0.27
N PHE A 94 -9.72 7.90 0.80
CA PHE A 94 -10.51 8.30 1.95
C PHE A 94 -11.21 9.65 1.69
N LYS A 95 -12.43 9.54 1.16
CA LYS A 95 -13.20 10.72 0.85
C LYS A 95 -12.26 11.91 0.61
N GLY A 96 -12.51 12.98 1.35
CA GLY A 96 -11.69 14.18 1.23
C GLY A 96 -11.07 14.55 2.57
N LYS A 97 -10.71 13.52 3.33
CA LYS A 97 -10.11 13.73 4.63
C LYS A 97 -8.88 14.64 4.48
N SER A 98 -8.11 14.74 5.55
CA SER A 98 -6.92 15.56 5.55
C SER A 98 -5.74 14.78 4.97
N LYS A 99 -4.69 15.52 4.62
CA LYS A 99 -3.51 14.92 4.05
C LYS A 99 -2.90 13.94 5.04
N GLU A 100 -2.90 14.35 6.31
CA GLU A 100 -2.35 13.53 7.36
C GLU A 100 -3.34 12.41 7.73
N GLU A 101 -4.57 12.82 8.01
CA GLU A 101 -5.61 11.88 8.38
C GLU A 101 -5.78 10.83 7.27
N ALA A 102 -5.96 11.33 6.07
CA ALA A 102 -6.14 10.45 4.92
C ALA A 102 -4.97 9.46 4.85
N PHE A 103 -3.78 10.02 4.92
CA PHE A 103 -2.57 9.20 4.86
C PHE A 103 -2.47 8.28 6.08
N ASP A 104 -2.89 8.81 7.21
CA ASP A 104 -2.86 8.05 8.45
C ASP A 104 -3.83 6.87 8.35
N ALA A 105 -4.79 7.02 7.45
CA ALA A 105 -5.79 5.98 7.23
C ALA A 105 -5.23 4.94 6.26
N ILE A 106 -4.68 5.44 5.16
CA ILE A 106 -4.12 4.57 4.14
C ILE A 106 -2.94 3.80 4.74
N CYS A 107 -2.28 4.44 5.69
CA CYS A 107 -1.14 3.82 6.34
C CYS A 107 -1.64 2.68 7.23
N GLN A 108 -2.90 2.80 7.64
CA GLN A 108 -3.51 1.80 8.49
C GLN A 108 -3.95 0.59 7.65
N LEU A 109 -3.93 0.79 6.34
CA LEU A 109 -4.33 -0.27 5.43
C LEU A 109 -3.10 -1.13 5.10
N ILE A 110 -1.96 -0.47 5.03
CA ILE A 110 -0.71 -1.15 4.73
C ILE A 110 0.02 -1.48 6.03
N ALA A 111 0.45 -0.42 6.70
CA ALA A 111 1.16 -0.57 7.96
C ALA A 111 0.50 -1.69 8.79
N GLY A 112 1.24 -2.78 8.95
CA GLY A 112 0.75 -3.91 9.70
C GLY A 112 0.43 -5.09 8.79
N LYS A 113 -0.17 -4.77 7.65
CA LYS A 113 -0.53 -5.78 6.68
C LYS A 113 0.74 -6.32 6.01
N GLU A 114 0.62 -7.52 5.45
CA GLU A 114 1.74 -8.14 4.78
C GLU A 114 1.29 -8.74 3.44
N PRO A 115 2.29 -8.89 2.52
CA PRO A 115 2.02 -9.44 1.20
C PRO A 115 1.80 -10.95 1.28
N ALA A 116 1.87 -11.48 2.50
CA ALA A 116 1.69 -12.90 2.71
C ALA A 116 0.48 -13.12 3.63
N ASN A 117 0.28 -14.37 3.99
CA ASN A 117 -0.82 -14.73 4.86
C ASN A 117 -2.12 -14.13 4.31
N ILE A 118 -2.64 -14.76 3.27
CA ILE A 118 -3.87 -14.29 2.65
C ILE A 118 -5.01 -15.24 3.01
N GLY A 119 -5.59 -15.02 4.18
CA GLY A 119 -6.68 -15.85 4.64
C GLY A 119 -8.01 -15.38 4.04
N VAL A 120 -8.88 -14.87 4.90
CA VAL A 120 -10.18 -14.40 4.47
C VAL A 120 -10.84 -13.64 5.61
N THR A 121 -11.60 -12.62 5.24
CA THR A 121 -12.30 -11.81 6.23
C THR A 121 -13.79 -11.71 5.88
N LYS A 122 -14.60 -11.73 6.92
CA LYS A 122 -16.04 -11.65 6.75
C LYS A 122 -16.37 -10.55 5.73
N ALA A 123 -16.81 -11.00 4.56
CA ALA A 123 -17.16 -10.07 3.49
C ALA A 123 -17.81 -10.85 2.34
N LYS A 124 -18.33 -10.10 1.38
CA LYS A 124 -18.98 -10.70 0.23
C LYS A 124 -18.42 -10.07 -1.05
N THR A 125 -17.70 -10.89 -1.80
CA THR A 125 -17.11 -10.43 -3.05
C THR A 125 -18.02 -10.76 -4.23
N GLY A 126 -18.16 -9.80 -5.12
CA GLY A 126 -19.00 -9.98 -6.29
C GLY A 126 -18.31 -9.42 -7.54
N GLY A 127 -19.14 -8.99 -8.48
CA GLY A 127 -18.63 -8.44 -9.73
C GLY A 127 -17.79 -9.47 -10.48
N ALA A 128 -18.47 -10.28 -11.27
CA ALA A 128 -17.79 -11.31 -12.04
C ALA A 128 -16.61 -10.69 -12.79
N VAL A 129 -15.63 -11.53 -13.08
CA VAL A 129 -14.44 -11.08 -13.79
C VAL A 129 -13.60 -12.30 -14.18
N ASP A 130 -14.19 -13.14 -15.02
CA ASP A 130 -13.52 -14.34 -15.47
C ASP A 130 -12.77 -14.02 -16.77
N ARG A 131 -11.48 -14.35 -16.77
CA ARG A 131 -10.63 -14.11 -17.93
C ARG A 131 -9.19 -14.48 -17.61
N LEU A 132 -8.34 -14.31 -18.62
CA LEU A 132 -6.93 -14.63 -18.47
C LEU A 132 -6.26 -14.61 -19.84
N THR A 133 -5.51 -13.53 -20.08
CA THR A 133 -4.81 -13.38 -21.35
C THR A 133 -3.70 -12.32 -21.21
N ASP A 134 -2.86 -12.53 -20.21
CA ASP A 134 -1.76 -11.62 -19.98
C ASP A 134 -0.44 -12.41 -19.90
N THR A 135 0.55 -11.90 -20.61
CA THR A 135 1.86 -12.55 -20.64
C THR A 135 2.96 -11.51 -20.74
N SER A 136 3.44 -11.08 -19.59
CA SER A 136 4.50 -10.09 -19.53
C SER A 136 5.46 -10.40 -18.38
N LYS A 137 6.37 -11.33 -18.65
CA LYS A 137 7.35 -11.73 -17.65
C LYS A 137 8.45 -12.55 -18.33
N TYR A 138 9.67 -12.35 -17.85
CA TYR A 138 10.81 -13.06 -18.40
C TYR A 138 11.85 -13.35 -17.31
N THR A 139 12.08 -14.64 -17.09
CA THR A 139 13.03 -15.08 -16.09
C THR A 139 14.39 -15.38 -16.73
N GLY A 140 15.44 -14.95 -16.06
CA GLY A 140 16.79 -15.17 -16.55
C GLY A 140 17.60 -16.02 -15.57
N SER A 141 18.91 -16.04 -15.79
CA SER A 141 19.80 -16.80 -14.94
C SER A 141 19.85 -16.19 -13.54
N HIS A 142 20.15 -17.03 -12.57
CA HIS A 142 20.24 -16.59 -11.19
C HIS A 142 21.13 -15.35 -11.10
N LYS A 143 22.39 -15.55 -11.47
CA LYS A 143 23.36 -14.46 -11.44
C LYS A 143 23.22 -13.70 -10.12
N GLU A 144 23.90 -14.21 -9.10
CA GLU A 144 23.86 -13.59 -7.79
C GLU A 144 25.28 -13.44 -7.23
N ARG A 145 25.52 -12.32 -6.59
CA ARG A 145 26.81 -12.04 -6.00
C ARG A 145 26.90 -12.63 -4.59
N SER A 146 28.13 -12.90 -4.17
CA SER A 146 28.36 -13.47 -2.85
C SER A 146 29.69 -12.98 -2.30
N GLY A 147 29.61 -11.92 -1.50
CA GLY A 147 30.80 -11.34 -0.90
C GLY A 147 30.91 -11.72 0.58
N PRO A 148 31.87 -12.64 0.87
CA PRO A 148 32.08 -13.09 2.23
C PRO A 148 32.81 -12.03 3.05
N SER A 149 33.80 -11.42 2.43
CA SER A 149 34.58 -10.38 3.09
C SER A 149 35.27 -10.96 4.32
N SER A 150 36.59 -10.88 4.32
CA SER A 150 37.37 -11.40 5.43
C SER A 150 38.22 -10.27 6.03
N GLY A 151 38.19 -10.20 7.35
CA GLY A 151 38.94 -9.17 8.06
C GLY A 151 38.01 -8.24 8.84
N GLY A 1 13.60 -24.96 31.86
CA GLY A 1 12.62 -23.93 32.11
C GLY A 1 12.81 -22.75 31.16
N SER A 2 11.86 -21.81 31.22
CA SER A 2 11.92 -20.63 30.39
C SER A 2 10.87 -19.62 30.85
N SER A 3 11.09 -18.36 30.46
CA SER A 3 10.18 -17.30 30.83
C SER A 3 9.49 -16.75 29.58
N GLY A 4 8.40 -16.03 29.81
CA GLY A 4 7.64 -15.44 28.71
C GLY A 4 8.33 -14.17 28.19
N SER A 5 7.84 -13.71 27.05
CA SER A 5 8.39 -12.51 26.43
C SER A 5 7.55 -12.11 25.23
N SER A 6 7.26 -10.81 25.16
CA SER A 6 6.46 -10.28 24.06
C SER A 6 6.91 -8.86 23.74
N GLY A 7 6.73 -7.98 24.72
CA GLY A 7 7.11 -6.59 24.56
C GLY A 7 5.89 -5.73 24.27
N MET A 8 5.90 -4.52 24.82
CA MET A 8 4.80 -3.59 24.63
C MET A 8 5.19 -2.48 23.65
N ALA A 9 4.19 -1.70 23.26
CA ALA A 9 4.41 -0.60 22.34
C ALA A 9 3.48 0.56 22.69
N ALA A 10 3.88 1.74 22.28
CA ALA A 10 3.10 2.94 22.55
C ALA A 10 2.44 3.42 21.25
N SER A 11 1.65 4.48 21.38
CA SER A 11 0.97 5.05 20.23
C SER A 11 1.67 6.34 19.79
N THR A 12 2.80 6.17 19.11
CA THR A 12 3.56 7.30 18.63
C THR A 12 3.41 7.44 17.11
N ASP A 13 4.18 6.64 16.40
CA ASP A 13 4.15 6.66 14.95
C ASP A 13 3.49 5.38 14.44
N ILE A 14 3.23 5.36 13.14
CA ILE A 14 2.61 4.20 12.52
C ILE A 14 3.27 2.93 13.05
N ALA A 15 4.51 2.72 12.65
CA ALA A 15 5.26 1.56 13.07
C ALA A 15 4.66 0.31 12.44
N GLY A 16 4.89 0.17 11.14
CA GLY A 16 4.37 -0.96 10.41
C GLY A 16 4.34 -0.68 8.91
N LEU A 17 4.23 0.60 8.58
CA LEU A 17 4.19 1.02 7.19
C LEU A 17 5.45 0.50 6.47
N GLU A 18 6.54 1.21 6.69
CA GLU A 18 7.81 0.84 6.07
C GLU A 18 8.06 -0.65 6.24
N GLU A 19 7.53 -1.19 7.33
CA GLU A 19 7.68 -2.62 7.61
C GLU A 19 6.86 -3.45 6.63
N SER A 20 5.65 -2.98 6.38
CA SER A 20 4.75 -3.67 5.47
C SER A 20 5.20 -3.44 4.02
N PHE A 21 5.48 -2.19 3.72
CA PHE A 21 5.92 -1.81 2.38
C PHE A 21 7.09 -2.68 1.93
N ARG A 22 8.08 -2.77 2.79
CA ARG A 22 9.26 -3.57 2.49
C ARG A 22 8.85 -4.96 2.00
N LYS A 23 7.95 -5.57 2.75
CA LYS A 23 7.46 -6.89 2.41
C LYS A 23 7.02 -6.92 0.94
N PHE A 24 6.25 -5.90 0.57
CA PHE A 24 5.77 -5.79 -0.80
C PHE A 24 6.88 -5.33 -1.74
N ALA A 25 7.80 -4.55 -1.17
CA ALA A 25 8.91 -4.03 -1.94
C ALA A 25 9.78 -5.18 -2.41
N ILE A 26 10.10 -6.06 -1.46
CA ILE A 26 10.94 -7.21 -1.77
C ILE A 26 10.05 -8.40 -2.11
N HIS A 27 8.79 -8.10 -2.39
CA HIS A 27 7.83 -9.13 -2.74
C HIS A 27 8.50 -10.17 -3.64
N GLY A 28 8.77 -11.32 -3.06
CA GLY A 28 9.41 -12.41 -3.79
C GLY A 28 10.88 -12.10 -4.05
N ASP A 29 11.11 -11.01 -4.76
CA ASP A 29 12.47 -10.60 -5.08
C ASP A 29 13.35 -10.75 -3.84
N PRO A 30 14.22 -11.81 -3.88
CA PRO A 30 15.12 -12.08 -2.77
C PRO A 30 16.28 -11.09 -2.75
N LYS A 31 16.62 -10.59 -3.93
CA LYS A 31 17.71 -9.64 -4.06
C LYS A 31 17.29 -8.31 -3.43
N ALA A 32 16.09 -7.88 -3.78
CA ALA A 32 15.56 -6.64 -3.25
C ALA A 32 15.93 -6.51 -1.77
N SER A 33 16.48 -5.35 -1.43
CA SER A 33 16.88 -5.09 -0.05
C SER A 33 15.88 -4.15 0.61
N GLY A 34 14.75 -3.96 -0.06
CA GLY A 34 13.72 -3.08 0.46
C GLY A 34 14.09 -1.61 0.25
N GLN A 35 14.71 -1.35 -0.89
CA GLN A 35 15.11 0.01 -1.23
C GLN A 35 14.35 0.52 -2.45
N GLU A 36 13.71 -0.42 -3.13
CA GLU A 36 12.94 -0.08 -4.32
C GLU A 36 11.66 -0.92 -4.37
N MET A 37 10.67 -0.38 -5.05
CA MET A 37 9.39 -1.06 -5.19
C MET A 37 8.86 -0.96 -6.63
N ASN A 38 8.74 -2.13 -7.24
CA ASN A 38 8.25 -2.19 -8.62
C ASN A 38 6.75 -1.90 -8.64
N GLY A 39 6.33 -1.22 -9.69
CA GLY A 39 4.92 -0.87 -9.84
C GLY A 39 4.03 -2.10 -9.65
N LYS A 40 4.52 -3.23 -10.15
CA LYS A 40 3.79 -4.48 -10.03
C LYS A 40 3.59 -4.83 -8.56
N ASN A 41 4.56 -4.44 -7.75
CA ASN A 41 4.51 -4.69 -6.33
C ASN A 41 3.75 -3.56 -5.64
N TRP A 42 3.98 -2.35 -6.12
CA TRP A 42 3.33 -1.18 -5.56
C TRP A 42 1.82 -1.35 -5.73
N ALA A 43 1.40 -1.39 -6.98
CA ALA A 43 -0.01 -1.55 -7.30
C ALA A 43 -0.58 -2.71 -6.48
N LYS A 44 0.13 -3.83 -6.53
CA LYS A 44 -0.30 -5.01 -5.80
C LYS A 44 -0.43 -4.67 -4.31
N LEU A 45 0.50 -3.88 -3.84
CA LEU A 45 0.51 -3.46 -2.44
C LEU A 45 -0.68 -2.53 -2.19
N CYS A 46 -1.11 -1.86 -3.25
CA CYS A 46 -2.24 -0.94 -3.16
C CYS A 46 -3.52 -1.71 -3.49
N LYS A 47 -3.47 -3.01 -3.22
CA LYS A 47 -4.61 -3.87 -3.48
C LYS A 47 -4.71 -4.93 -2.38
N ASP A 48 -3.61 -5.62 -2.16
CA ASP A 48 -3.55 -6.66 -1.15
C ASP A 48 -3.81 -6.04 0.22
N CYS A 49 -3.29 -4.83 0.39
CA CYS A 49 -3.45 -4.12 1.65
C CYS A 49 -4.85 -3.49 1.67
N LYS A 50 -5.58 -3.72 0.59
CA LYS A 50 -6.93 -3.19 0.47
C LYS A 50 -6.85 -1.65 0.37
N VAL A 51 -5.88 -1.19 -0.39
CA VAL A 51 -5.69 0.24 -0.59
C VAL A 51 -6.55 0.71 -1.76
N ALA A 52 -6.58 -0.11 -2.80
CA ALA A 52 -7.35 0.21 -3.99
C ALA A 52 -8.69 -0.50 -3.92
N ASP A 53 -9.48 -0.34 -4.97
CA ASP A 53 -10.78 -0.97 -5.06
C ASP A 53 -11.33 -0.82 -6.47
N GLY A 54 -11.16 0.37 -7.02
CA GLY A 54 -11.62 0.64 -8.37
C GLY A 54 -12.59 1.84 -8.38
N LYS A 55 -13.12 2.13 -7.21
CA LYS A 55 -14.06 3.24 -7.08
C LYS A 55 -13.28 4.51 -6.74
N ALA A 56 -12.91 4.63 -5.47
CA ALA A 56 -12.16 5.79 -5.02
C ALA A 56 -10.78 5.80 -5.67
N VAL A 57 -10.16 4.63 -5.70
CA VAL A 57 -8.84 4.49 -6.29
C VAL A 57 -8.89 3.41 -7.38
N THR A 58 -8.52 3.82 -8.59
CA THR A 58 -8.51 2.91 -9.71
C THR A 58 -7.08 2.51 -10.07
N GLY A 59 -6.92 1.24 -10.42
CA GLY A 59 -5.61 0.73 -10.78
C GLY A 59 -4.93 1.62 -11.81
N THR A 60 -5.75 2.42 -12.49
CA THR A 60 -5.26 3.33 -13.51
C THR A 60 -4.61 4.56 -12.85
N ASP A 61 -5.10 4.87 -11.66
CA ASP A 61 -4.59 6.01 -10.93
C ASP A 61 -3.27 5.63 -10.25
N VAL A 62 -3.29 4.47 -9.61
CA VAL A 62 -2.12 3.99 -8.91
C VAL A 62 -0.98 3.80 -9.92
N ASP A 63 -1.35 3.36 -11.11
CA ASP A 63 -0.37 3.15 -12.16
C ASP A 63 0.23 4.50 -12.59
N ILE A 64 -0.66 5.46 -12.79
CA ILE A 64 -0.23 6.79 -13.19
C ILE A 64 0.58 7.41 -12.07
N VAL A 65 0.04 7.33 -10.86
CA VAL A 65 0.71 7.89 -9.70
C VAL A 65 2.13 7.33 -9.61
N PHE A 66 2.22 6.00 -9.69
CA PHE A 66 3.50 5.34 -9.63
C PHE A 66 4.42 5.80 -10.77
N SER A 67 3.80 6.21 -11.85
CA SER A 67 4.54 6.67 -13.01
C SER A 67 4.76 8.19 -12.92
N LYS A 68 4.05 8.80 -11.98
CA LYS A 68 4.17 10.23 -11.78
C LYS A 68 5.27 10.51 -10.74
N VAL A 69 5.27 9.69 -9.69
CA VAL A 69 6.24 9.83 -8.64
C VAL A 69 7.63 9.47 -9.17
N LYS A 70 7.68 8.36 -9.89
CA LYS A 70 8.93 7.90 -10.47
C LYS A 70 9.33 8.82 -11.62
N ALA A 71 10.41 8.44 -12.29
CA ALA A 71 10.91 9.22 -13.41
C ALA A 71 10.94 8.35 -14.67
N LYS A 72 10.71 8.98 -15.81
CA LYS A 72 10.71 8.28 -17.07
C LYS A 72 11.85 7.26 -17.09
N SER A 73 12.90 7.58 -16.36
CA SER A 73 14.06 6.71 -16.27
C SER A 73 13.78 5.57 -15.28
N ALA A 74 13.79 5.91 -14.01
CA ALA A 74 13.55 4.93 -12.97
C ALA A 74 12.38 4.04 -13.38
N ARG A 75 12.45 2.80 -12.93
CA ARG A 75 11.41 1.82 -13.24
C ARG A 75 10.66 1.42 -11.98
N VAL A 76 11.27 1.73 -10.84
CA VAL A 76 10.67 1.40 -9.55
C VAL A 76 10.45 2.68 -8.76
N ILE A 77 9.99 2.51 -7.52
CA ILE A 77 9.74 3.64 -6.66
C ILE A 77 10.35 3.36 -5.28
N ASN A 78 10.76 4.44 -4.63
CA ASN A 78 11.36 4.33 -3.31
C ASN A 78 10.34 4.78 -2.25
N TYR A 79 10.56 4.32 -1.03
CA TYR A 79 9.67 4.67 0.08
C TYR A 79 9.28 6.14 0.01
N GLU A 80 10.23 6.96 -0.44
CA GLU A 80 9.99 8.39 -0.56
C GLU A 80 8.88 8.66 -1.57
N GLU A 81 9.02 8.03 -2.73
CA GLU A 81 8.05 8.20 -3.80
C GLU A 81 6.78 7.41 -3.48
N PHE A 82 6.98 6.23 -2.93
CA PHE A 82 5.85 5.36 -2.57
C PHE A 82 4.91 6.07 -1.60
N LYS A 83 5.49 6.90 -0.75
CA LYS A 83 4.71 7.63 0.23
C LYS A 83 3.93 8.74 -0.47
N LYS A 84 4.51 9.22 -1.58
CA LYS A 84 3.88 10.27 -2.35
C LYS A 84 2.63 9.72 -3.04
N ALA A 85 2.76 8.50 -3.54
CA ALA A 85 1.66 7.85 -4.23
C ALA A 85 0.51 7.63 -3.24
N LEU A 86 0.87 7.16 -2.06
CA LEU A 86 -0.12 6.89 -1.02
C LEU A 86 -0.91 8.18 -0.75
N GLU A 87 -0.19 9.29 -0.68
CA GLU A 87 -0.81 10.57 -0.43
C GLU A 87 -1.85 10.87 -1.51
N GLU A 88 -1.50 10.51 -2.73
CA GLU A 88 -2.39 10.73 -3.86
C GLU A 88 -3.59 9.77 -3.81
N LEU A 89 -3.34 8.62 -3.19
CA LEU A 89 -4.38 7.62 -3.05
C LEU A 89 -5.02 7.72 -1.67
N ALA A 90 -4.54 8.69 -0.89
CA ALA A 90 -5.04 8.90 0.44
C ALA A 90 -6.37 9.66 0.36
N THR A 91 -6.32 10.82 -0.27
CA THR A 91 -7.51 11.64 -0.42
C THR A 91 -8.40 11.08 -1.53
N LYS A 92 -7.79 10.33 -2.43
CA LYS A 92 -8.51 9.73 -3.53
C LYS A 92 -9.25 8.48 -3.03
N ARG A 93 -8.66 7.84 -2.03
CA ARG A 93 -9.25 6.64 -1.46
C ARG A 93 -10.32 7.02 -0.42
N PHE A 94 -9.86 7.62 0.66
CA PHE A 94 -10.76 8.04 1.73
C PHE A 94 -11.59 9.26 1.31
N LYS A 95 -12.57 9.57 2.12
CA LYS A 95 -13.43 10.70 1.85
C LYS A 95 -12.60 11.98 1.82
N GLY A 96 -13.15 13.04 2.40
CA GLY A 96 -12.47 14.32 2.44
C GLY A 96 -11.68 14.48 3.74
N LYS A 97 -10.89 13.47 4.05
CA LYS A 97 -10.09 13.50 5.26
C LYS A 97 -8.93 14.47 5.08
N SER A 98 -8.15 14.61 6.14
CA SER A 98 -7.00 15.50 6.11
C SER A 98 -5.84 14.84 5.37
N LYS A 99 -5.02 15.68 4.75
CA LYS A 99 -3.87 15.19 4.00
C LYS A 99 -3.11 14.18 4.86
N GLU A 100 -2.96 14.51 6.13
CA GLU A 100 -2.26 13.65 7.06
C GLU A 100 -3.16 12.47 7.47
N GLU A 101 -4.37 12.81 7.87
CA GLU A 101 -5.34 11.80 8.30
C GLU A 101 -5.53 10.76 7.19
N ALA A 102 -5.83 11.25 6.00
CA ALA A 102 -6.04 10.38 4.87
C ALA A 102 -4.80 9.50 4.65
N PHE A 103 -3.64 10.13 4.80
CA PHE A 103 -2.38 9.43 4.64
C PHE A 103 -2.19 8.39 5.74
N ASP A 104 -2.57 8.78 6.95
CA ASP A 104 -2.45 7.89 8.10
C ASP A 104 -3.53 6.81 8.03
N ALA A 105 -4.59 7.14 7.30
CA ALA A 105 -5.70 6.21 7.14
C ALA A 105 -5.32 5.12 6.15
N ILE A 106 -4.69 5.55 5.06
CA ILE A 106 -4.26 4.62 4.04
C ILE A 106 -3.11 3.77 4.56
N CYS A 107 -2.35 4.36 5.47
CA CYS A 107 -1.22 3.67 6.07
C CYS A 107 -1.76 2.60 7.02
N GLN A 108 -2.91 2.90 7.61
CA GLN A 108 -3.53 1.97 8.53
C GLN A 108 -3.96 0.69 7.81
N LEU A 109 -3.91 0.76 6.49
CA LEU A 109 -4.28 -0.37 5.66
C LEU A 109 -3.04 -1.21 5.36
N ILE A 110 -1.91 -0.53 5.25
CA ILE A 110 -0.66 -1.19 4.96
C ILE A 110 0.03 -1.58 6.28
N ALA A 111 0.39 -0.55 7.03
CA ALA A 111 1.06 -0.75 8.31
C ALA A 111 0.40 -1.93 9.04
N GLY A 112 1.18 -2.98 9.22
CA GLY A 112 0.70 -4.17 9.90
C GLY A 112 0.37 -5.27 8.89
N LYS A 113 -0.26 -4.87 7.79
CA LYS A 113 -0.63 -5.81 6.76
C LYS A 113 0.63 -6.37 6.10
N GLU A 114 0.44 -7.40 5.30
CA GLU A 114 1.55 -8.03 4.61
C GLU A 114 1.09 -8.60 3.26
N PRO A 115 2.07 -8.77 2.34
CA PRO A 115 1.78 -9.30 1.02
C PRO A 115 1.53 -10.80 1.07
N ALA A 116 1.59 -11.34 2.28
CA ALA A 116 1.36 -12.76 2.49
C ALA A 116 -0.08 -13.11 2.11
N ASN A 117 -0.39 -14.39 2.23
CA ASN A 117 -1.72 -14.86 1.91
C ASN A 117 -2.67 -14.52 3.05
N ILE A 118 -2.31 -14.98 4.25
CA ILE A 118 -3.11 -14.73 5.42
C ILE A 118 -2.30 -13.92 6.43
N GLY A 119 -2.66 -12.66 6.57
CA GLY A 119 -1.97 -11.77 7.49
C GLY A 119 -2.04 -12.31 8.91
N VAL A 120 -2.98 -11.77 9.67
CA VAL A 120 -3.17 -12.18 11.05
C VAL A 120 -4.43 -11.53 11.62
N THR A 121 -4.99 -12.17 12.62
CA THR A 121 -6.20 -11.67 13.26
C THR A 121 -7.22 -11.25 12.20
N LYS A 122 -8.26 -10.56 12.66
CA LYS A 122 -9.31 -10.10 11.77
C LYS A 122 -10.30 -9.25 12.56
N ALA A 123 -9.82 -8.09 13.00
CA ALA A 123 -10.65 -7.18 13.76
C ALA A 123 -11.20 -7.91 14.99
N LYS A 124 -11.92 -7.15 15.82
CA LYS A 124 -12.51 -7.71 17.02
C LYS A 124 -13.64 -6.79 17.50
N THR A 125 -14.86 -7.28 17.35
CA THR A 125 -16.03 -6.53 17.77
C THR A 125 -15.83 -5.99 19.18
N GLY A 126 -16.54 -4.91 19.47
CA GLY A 126 -16.46 -4.29 20.79
C GLY A 126 -17.81 -4.37 21.52
N GLY A 127 -17.93 -3.56 22.57
CA GLY A 127 -19.14 -3.54 23.35
C GLY A 127 -19.99 -2.30 23.00
N ALA A 128 -21.26 -2.38 23.37
CA ALA A 128 -22.18 -1.27 23.10
C ALA A 128 -23.24 -1.22 24.21
N VAL A 129 -23.81 -0.05 24.37
CA VAL A 129 -24.84 0.15 25.38
C VAL A 129 -26.21 -0.13 24.77
N ASP A 130 -26.98 -0.95 25.47
CA ASP A 130 -28.31 -1.31 25.01
C ASP A 130 -29.19 -1.66 26.22
N ARG A 131 -30.48 -1.77 25.96
CA ARG A 131 -31.43 -2.09 27.01
C ARG A 131 -31.63 -0.89 27.94
N LEU A 132 -32.80 -0.85 28.55
CA LEU A 132 -33.14 0.24 29.45
C LEU A 132 -34.61 0.11 29.87
N THR A 133 -34.88 0.57 31.08
CA THR A 133 -36.23 0.52 31.62
C THR A 133 -37.02 1.76 31.18
N ASP A 134 -38.34 1.65 31.30
CA ASP A 134 -39.21 2.76 30.92
C ASP A 134 -40.25 2.97 32.03
N THR A 135 -40.74 4.20 32.10
CA THR A 135 -41.73 4.55 33.10
C THR A 135 -42.63 5.69 32.59
N SER A 136 -43.86 5.33 32.27
CA SER A 136 -44.81 6.31 31.77
C SER A 136 -45.37 7.13 32.93
N LYS A 137 -45.97 6.44 33.89
CA LYS A 137 -46.55 7.09 35.05
C LYS A 137 -46.81 6.05 36.14
N TYR A 138 -47.18 6.54 37.31
CA TYR A 138 -47.46 5.67 38.44
C TYR A 138 -48.68 6.15 39.21
N THR A 139 -49.17 5.29 40.09
CA THR A 139 -50.34 5.61 40.90
C THR A 139 -50.22 7.03 41.44
N GLY A 140 -51.37 7.59 41.81
CA GLY A 140 -51.41 8.94 42.36
C GLY A 140 -51.27 8.91 43.87
N SER A 141 -52.13 9.68 44.53
CA SER A 141 -52.11 9.77 45.98
C SER A 141 -53.27 10.63 46.47
N HIS A 142 -53.47 10.61 47.78
CA HIS A 142 -54.54 11.39 48.39
C HIS A 142 -54.19 11.69 49.85
N LYS A 143 -55.07 12.43 50.50
CA LYS A 143 -54.87 12.79 51.89
C LYS A 143 -56.23 13.06 52.54
N GLU A 144 -56.20 13.21 53.86
CA GLU A 144 -57.42 13.46 54.62
C GLU A 144 -57.18 14.61 55.61
N ARG A 145 -58.14 15.52 55.65
CA ARG A 145 -58.06 16.66 56.54
C ARG A 145 -59.43 16.95 57.16
N SER A 146 -59.41 17.72 58.24
CA SER A 146 -60.63 18.07 58.93
C SER A 146 -61.18 16.87 59.69
N GLY A 147 -62.03 17.16 60.67
CA GLY A 147 -62.63 16.11 61.48
C GLY A 147 -63.78 16.65 62.32
N PRO A 148 -63.63 16.52 63.66
CA PRO A 148 -64.65 17.00 64.58
C PRO A 148 -64.62 18.53 64.70
N SER A 149 -65.52 19.05 65.53
CA SER A 149 -65.60 20.49 65.73
C SER A 149 -65.76 20.79 67.22
N SER A 150 -65.63 22.07 67.55
CA SER A 150 -65.77 22.51 68.92
C SER A 150 -66.80 23.62 69.02
N GLY A 151 -67.13 23.99 70.25
CA GLY A 151 -68.11 25.03 70.50
C GLY A 151 -69.14 24.60 71.53
N GLY A 1 21.93 -14.13 34.88
CA GLY A 1 21.37 -14.02 33.54
C GLY A 1 19.83 -14.01 33.60
N SER A 2 19.25 -15.00 32.95
CA SER A 2 17.79 -15.13 32.92
C SER A 2 17.19 -13.95 32.15
N SER A 3 15.92 -14.10 31.82
CA SER A 3 15.21 -13.06 31.08
C SER A 3 15.82 -12.89 29.69
N GLY A 4 14.97 -13.02 28.68
CA GLY A 4 15.42 -12.89 27.30
C GLY A 4 14.27 -12.43 26.40
N SER A 5 13.24 -13.27 26.35
CA SER A 5 12.08 -12.97 25.53
C SER A 5 11.63 -11.52 25.76
N SER A 6 11.01 -10.96 24.73
CA SER A 6 10.54 -9.59 24.80
C SER A 6 9.88 -9.19 23.48
N GLY A 7 8.85 -8.38 23.59
CA GLY A 7 8.12 -7.91 22.41
C GLY A 7 7.99 -6.39 22.42
N MET A 8 6.99 -5.92 21.68
CA MET A 8 6.75 -4.49 21.59
C MET A 8 5.54 -4.09 22.44
N ALA A 9 5.34 -2.79 22.56
CA ALA A 9 4.22 -2.26 23.35
C ALA A 9 4.10 -0.76 23.09
N ALA A 10 2.85 -0.33 22.93
CA ALA A 10 2.58 1.08 22.69
C ALA A 10 3.32 1.53 21.43
N SER A 11 2.92 2.68 20.92
CA SER A 11 3.54 3.23 19.73
C SER A 11 2.95 4.61 19.41
N THR A 12 3.84 5.56 19.16
CA THR A 12 3.41 6.91 18.85
C THR A 12 3.20 7.07 17.34
N ASP A 13 4.16 6.57 16.59
CA ASP A 13 4.10 6.65 15.13
C ASP A 13 3.44 5.39 14.59
N ILE A 14 3.32 5.34 13.27
CA ILE A 14 2.71 4.19 12.61
C ILE A 14 3.41 2.91 13.09
N ALA A 15 4.66 2.77 12.69
CA ALA A 15 5.44 1.60 13.06
C ALA A 15 4.82 0.36 12.43
N GLY A 16 4.95 0.27 11.12
CA GLY A 16 4.41 -0.87 10.39
C GLY A 16 4.35 -0.57 8.88
N LEU A 17 4.21 0.71 8.57
CA LEU A 17 4.12 1.14 7.19
C LEU A 17 5.37 0.66 6.44
N GLU A 18 6.46 1.38 6.65
CA GLU A 18 7.72 1.05 5.99
C GLU A 18 8.01 -0.45 6.15
N GLU A 19 7.50 -1.01 7.24
CA GLU A 19 7.69 -2.42 7.51
C GLU A 19 6.89 -3.27 6.52
N SER A 20 5.69 -2.80 6.21
CA SER A 20 4.82 -3.50 5.29
C SER A 20 5.28 -3.25 3.85
N PHE A 21 5.52 -1.98 3.56
CA PHE A 21 5.96 -1.59 2.23
C PHE A 21 7.15 -2.44 1.77
N ARG A 22 8.15 -2.52 2.64
CA ARG A 22 9.35 -3.29 2.33
C ARG A 22 8.96 -4.70 1.92
N LYS A 23 8.06 -5.30 2.69
CA LYS A 23 7.60 -6.65 2.41
C LYS A 23 7.14 -6.74 0.95
N PHE A 24 6.21 -5.86 0.60
CA PHE A 24 5.68 -5.82 -0.75
C PHE A 24 6.77 -5.45 -1.76
N ALA A 25 7.71 -4.63 -1.30
CA ALA A 25 8.81 -4.19 -2.14
C ALA A 25 9.65 -5.40 -2.54
N ILE A 26 9.97 -6.21 -1.55
CA ILE A 26 10.77 -7.41 -1.78
C ILE A 26 9.84 -8.58 -2.12
N HIS A 27 8.58 -8.24 -2.38
CA HIS A 27 7.60 -9.25 -2.72
C HIS A 27 8.22 -10.28 -3.66
N GLY A 28 8.24 -11.52 -3.19
CA GLY A 28 8.81 -12.61 -3.98
C GLY A 28 10.12 -12.18 -4.64
N ASP A 29 11.10 -11.89 -3.80
CA ASP A 29 12.40 -11.47 -4.29
C ASP A 29 13.38 -11.42 -3.11
N PRO A 30 14.27 -12.45 -3.05
CA PRO A 30 15.25 -12.53 -1.99
C PRO A 30 16.39 -11.53 -2.23
N LYS A 31 16.54 -11.15 -3.49
CA LYS A 31 17.59 -10.20 -3.86
C LYS A 31 17.16 -8.80 -3.44
N ALA A 32 15.88 -8.52 -3.60
CA ALA A 32 15.34 -7.22 -3.25
C ALA A 32 15.83 -6.84 -1.85
N SER A 33 16.41 -5.66 -1.77
CA SER A 33 16.92 -5.15 -0.50
C SER A 33 15.79 -4.57 0.33
N GLY A 34 14.73 -4.17 -0.37
CA GLY A 34 13.57 -3.59 0.29
C GLY A 34 13.65 -2.06 0.27
N GLN A 35 14.33 -1.54 -0.74
CA GLN A 35 14.48 -0.10 -0.88
C GLN A 35 13.76 0.39 -2.13
N GLU A 36 13.40 -0.57 -2.98
CA GLU A 36 12.71 -0.25 -4.22
C GLU A 36 11.43 -1.08 -4.34
N MET A 37 10.46 -0.51 -5.05
CA MET A 37 9.20 -1.18 -5.25
C MET A 37 8.72 -1.04 -6.69
N ASN A 38 8.58 -2.19 -7.35
CA ASN A 38 8.13 -2.21 -8.74
C ASN A 38 6.64 -1.89 -8.79
N GLY A 39 6.26 -1.15 -9.84
CA GLY A 39 4.87 -0.78 -10.01
C GLY A 39 3.95 -1.98 -9.83
N LYS A 40 4.43 -3.14 -10.27
CA LYS A 40 3.66 -4.37 -10.16
C LYS A 40 3.44 -4.69 -8.68
N ASN A 41 4.45 -4.39 -7.88
CA ASN A 41 4.38 -4.64 -6.46
C ASN A 41 3.65 -3.49 -5.77
N TRP A 42 3.90 -2.29 -6.27
CA TRP A 42 3.27 -1.11 -5.71
C TRP A 42 1.76 -1.26 -5.86
N ALA A 43 1.33 -1.45 -7.11
CA ALA A 43 -0.09 -1.62 -7.40
C ALA A 43 -0.63 -2.80 -6.58
N LYS A 44 0.04 -3.93 -6.70
CA LYS A 44 -0.37 -5.12 -5.98
C LYS A 44 -0.50 -4.79 -4.49
N LEU A 45 0.40 -3.95 -4.02
CA LEU A 45 0.39 -3.55 -2.62
C LEU A 45 -0.83 -2.66 -2.36
N CYS A 46 -1.30 -2.02 -3.41
CA CYS A 46 -2.45 -1.15 -3.31
C CYS A 46 -3.70 -1.97 -3.65
N LYS A 47 -3.66 -3.23 -3.29
CA LYS A 47 -4.77 -4.13 -3.56
C LYS A 47 -5.04 -4.98 -2.31
N ASP A 48 -4.07 -5.83 -2.00
CA ASP A 48 -4.20 -6.71 -0.84
C ASP A 48 -4.42 -5.87 0.42
N CYS A 49 -3.65 -4.79 0.50
CA CYS A 49 -3.75 -3.90 1.64
C CYS A 49 -5.13 -3.23 1.62
N LYS A 50 -5.82 -3.44 0.50
CA LYS A 50 -7.15 -2.86 0.34
C LYS A 50 -7.02 -1.34 0.19
N VAL A 51 -5.95 -0.93 -0.46
CA VAL A 51 -5.70 0.49 -0.68
C VAL A 51 -6.53 0.97 -1.87
N ALA A 52 -6.65 0.09 -2.86
CA ALA A 52 -7.41 0.41 -4.05
C ALA A 52 -8.84 -0.11 -3.90
N ASP A 53 -9.63 0.09 -4.95
CA ASP A 53 -11.02 -0.35 -4.95
C ASP A 53 -11.55 -0.35 -6.37
N GLY A 54 -11.23 0.71 -7.10
CA GLY A 54 -11.67 0.85 -8.48
C GLY A 54 -12.54 2.10 -8.65
N LYS A 55 -13.18 2.49 -7.56
CA LYS A 55 -14.05 3.65 -7.58
C LYS A 55 -13.21 4.91 -7.30
N ALA A 56 -12.92 5.12 -6.01
CA ALA A 56 -12.15 6.26 -5.60
C ALA A 56 -10.73 6.15 -6.18
N VAL A 57 -10.17 4.96 -6.06
CA VAL A 57 -8.84 4.71 -6.57
C VAL A 57 -8.88 3.54 -7.55
N THR A 58 -8.49 3.82 -8.79
CA THR A 58 -8.48 2.81 -9.83
C THR A 58 -7.06 2.26 -10.03
N GLY A 59 -6.99 0.95 -10.22
CA GLY A 59 -5.71 0.30 -10.42
C GLY A 59 -4.84 1.08 -11.41
N THR A 60 -5.51 1.82 -12.27
CA THR A 60 -4.82 2.63 -13.27
C THR A 60 -4.22 3.87 -12.62
N ASP A 61 -4.98 4.47 -11.72
CA ASP A 61 -4.53 5.66 -11.02
C ASP A 61 -3.24 5.35 -10.27
N VAL A 62 -3.22 4.19 -9.64
CA VAL A 62 -2.04 3.78 -8.89
C VAL A 62 -0.85 3.65 -9.84
N ASP A 63 -1.16 3.40 -11.10
CA ASP A 63 -0.13 3.26 -12.11
C ASP A 63 0.38 4.64 -12.52
N ILE A 64 -0.56 5.54 -12.77
CA ILE A 64 -0.22 6.90 -13.16
C ILE A 64 0.59 7.56 -12.05
N VAL A 65 0.06 7.44 -10.83
CA VAL A 65 0.72 8.01 -9.67
C VAL A 65 2.12 7.41 -9.53
N PHE A 66 2.19 6.10 -9.74
CA PHE A 66 3.45 5.41 -9.64
C PHE A 66 4.46 5.94 -10.66
N SER A 67 3.95 6.35 -11.80
CA SER A 67 4.79 6.90 -12.85
C SER A 67 4.95 8.40 -12.68
N LYS A 68 4.20 8.94 -11.73
CA LYS A 68 4.25 10.36 -11.45
C LYS A 68 5.24 10.62 -10.31
N VAL A 69 5.46 9.59 -9.51
CA VAL A 69 6.38 9.69 -8.39
C VAL A 69 7.78 9.28 -8.84
N LYS A 70 7.81 8.38 -9.82
CA LYS A 70 9.08 7.91 -10.36
C LYS A 70 9.44 8.73 -11.59
N ALA A 71 10.60 8.40 -12.15
CA ALA A 71 11.07 9.10 -13.34
C ALA A 71 11.09 8.12 -14.53
N LYS A 72 10.76 8.67 -15.69
CA LYS A 72 10.73 7.87 -16.90
C LYS A 72 11.92 6.90 -16.91
N SER A 73 13.00 7.34 -16.28
CA SER A 73 14.20 6.53 -16.20
C SER A 73 13.98 5.37 -15.21
N ALA A 74 13.98 5.72 -13.93
CA ALA A 74 13.79 4.73 -12.88
C ALA A 74 12.57 3.88 -13.22
N ARG A 75 12.65 2.60 -12.85
CA ARG A 75 11.57 1.67 -13.11
C ARG A 75 10.94 1.22 -11.79
N VAL A 76 11.50 1.71 -10.70
CA VAL A 76 11.02 1.36 -9.38
C VAL A 76 10.85 2.64 -8.56
N ILE A 77 10.08 2.51 -7.48
CA ILE A 77 9.83 3.64 -6.60
C ILE A 77 10.42 3.35 -5.23
N ASN A 78 10.81 4.42 -4.55
CA ASN A 78 11.39 4.29 -3.22
C ASN A 78 10.36 4.74 -2.17
N TYR A 79 10.59 4.30 -0.94
CA TYR A 79 9.70 4.64 0.15
C TYR A 79 9.38 6.13 0.14
N GLU A 80 10.30 6.90 -0.42
CA GLU A 80 10.13 8.35 -0.50
C GLU A 80 9.13 8.70 -1.61
N GLU A 81 9.17 7.93 -2.67
CA GLU A 81 8.28 8.15 -3.80
C GLU A 81 6.99 7.34 -3.62
N PHE A 82 7.10 6.27 -2.85
CA PHE A 82 5.96 5.41 -2.59
C PHE A 82 4.98 6.08 -1.62
N LYS A 83 5.53 6.94 -0.77
CA LYS A 83 4.71 7.65 0.20
C LYS A 83 3.93 8.76 -0.51
N LYS A 84 4.51 9.25 -1.59
CA LYS A 84 3.87 10.31 -2.37
C LYS A 84 2.59 9.77 -3.01
N ALA A 85 2.70 8.55 -3.52
CA ALA A 85 1.55 7.91 -4.16
C ALA A 85 0.45 7.70 -3.12
N LEU A 86 0.85 7.22 -1.96
CA LEU A 86 -0.09 6.97 -0.87
C LEU A 86 -0.82 8.26 -0.55
N GLU A 87 -0.12 9.37 -0.73
CA GLU A 87 -0.71 10.68 -0.45
C GLU A 87 -1.76 11.02 -1.50
N GLU A 88 -1.46 10.65 -2.74
CA GLU A 88 -2.37 10.92 -3.84
C GLU A 88 -3.56 9.96 -3.79
N LEU A 89 -3.30 8.77 -3.27
CA LEU A 89 -4.34 7.76 -3.15
C LEU A 89 -4.96 7.83 -1.76
N ALA A 90 -4.33 8.63 -0.90
CA ALA A 90 -4.82 8.79 0.46
C ALA A 90 -6.19 9.45 0.43
N THR A 91 -6.23 10.65 -0.15
CA THR A 91 -7.47 11.39 -0.25
C THR A 91 -8.36 10.82 -1.36
N LYS A 92 -7.71 10.50 -2.47
CA LYS A 92 -8.42 9.94 -3.61
C LYS A 92 -9.15 8.67 -3.18
N ARG A 93 -8.68 8.10 -2.07
CA ARG A 93 -9.28 6.88 -1.55
C ARG A 93 -10.23 7.21 -0.39
N PHE A 94 -9.68 7.92 0.59
CA PHE A 94 -10.46 8.31 1.75
C PHE A 94 -11.18 9.64 1.51
N LYS A 95 -12.43 9.53 1.07
CA LYS A 95 -13.23 10.71 0.79
C LYS A 95 -12.31 11.90 0.51
N GLY A 96 -12.45 12.92 1.34
CA GLY A 96 -11.64 14.12 1.20
C GLY A 96 -11.00 14.51 2.54
N LYS A 97 -10.66 13.49 3.31
CA LYS A 97 -10.04 13.71 4.61
C LYS A 97 -8.81 14.61 4.44
N SER A 98 -8.08 14.76 5.53
CA SER A 98 -6.88 15.59 5.51
C SER A 98 -5.71 14.81 4.93
N LYS A 99 -4.68 15.53 4.53
CA LYS A 99 -3.49 14.92 3.97
C LYS A 99 -2.90 13.92 4.98
N GLU A 100 -2.84 14.37 6.22
CA GLU A 100 -2.31 13.53 7.28
C GLU A 100 -3.30 12.42 7.63
N GLU A 101 -4.54 12.84 7.91
CA GLU A 101 -5.58 11.90 8.25
C GLU A 101 -5.74 10.84 7.16
N ALA A 102 -5.88 11.32 5.94
CA ALA A 102 -6.02 10.43 4.80
C ALA A 102 -4.84 9.46 4.75
N PHE A 103 -3.65 10.03 4.77
CA PHE A 103 -2.43 9.24 4.74
C PHE A 103 -2.34 8.33 5.95
N ASP A 104 -2.86 8.81 7.06
CA ASP A 104 -2.86 8.05 8.30
C ASP A 104 -3.85 6.88 8.19
N ALA A 105 -4.81 7.05 7.30
CA ALA A 105 -5.82 6.03 7.08
C ALA A 105 -5.28 4.98 6.10
N ILE A 106 -4.69 5.48 5.02
CA ILE A 106 -4.13 4.60 4.01
C ILE A 106 -2.96 3.82 4.60
N CYS A 107 -2.23 4.50 5.49
CA CYS A 107 -1.08 3.88 6.14
C CYS A 107 -1.59 2.78 7.07
N GLN A 108 -2.78 3.01 7.61
CA GLN A 108 -3.38 2.05 8.52
C GLN A 108 -3.83 0.79 7.75
N LEU A 109 -3.88 0.93 6.44
CA LEU A 109 -4.29 -0.17 5.58
C LEU A 109 -3.07 -1.06 5.31
N ILE A 110 -1.92 -0.42 5.20
CA ILE A 110 -0.68 -1.13 4.93
C ILE A 110 0.01 -1.45 6.25
N ALA A 111 0.39 -0.39 6.95
CA ALA A 111 1.06 -0.53 8.24
C ALA A 111 0.39 -1.66 9.03
N GLY A 112 1.14 -2.74 9.20
CA GLY A 112 0.63 -3.89 9.94
C GLY A 112 0.33 -5.05 9.00
N LYS A 113 -0.25 -4.72 7.85
CA LYS A 113 -0.59 -5.72 6.87
C LYS A 113 0.69 -6.21 6.17
N GLU A 114 0.53 -7.29 5.41
CA GLU A 114 1.66 -7.86 4.70
C GLU A 114 1.18 -8.53 3.40
N PRO A 115 2.13 -8.65 2.44
CA PRO A 115 1.81 -9.26 1.16
C PRO A 115 1.70 -10.78 1.29
N ALA A 116 1.87 -11.45 0.17
CA ALA A 116 1.79 -12.90 0.14
C ALA A 116 0.31 -13.32 0.06
N ASN A 117 0.06 -14.56 0.50
CA ASN A 117 -1.29 -15.08 0.49
C ASN A 117 -2.10 -14.42 1.61
N ILE A 118 -1.42 -14.13 2.71
CA ILE A 118 -2.06 -13.50 3.85
C ILE A 118 -3.08 -14.46 4.45
N GLY A 119 -2.71 -15.04 5.59
CA GLY A 119 -3.58 -15.98 6.27
C GLY A 119 -3.08 -16.23 7.71
N VAL A 120 -2.97 -15.16 8.46
CA VAL A 120 -2.51 -15.24 9.84
C VAL A 120 -3.63 -14.78 10.77
N THR A 121 -3.29 -14.69 12.05
CA THR A 121 -4.25 -14.25 13.05
C THR A 121 -5.42 -15.23 13.12
N LYS A 122 -6.11 -15.21 14.25
CA LYS A 122 -7.25 -16.09 14.47
C LYS A 122 -7.87 -15.78 15.83
N ALA A 123 -8.32 -14.54 15.98
CA ALA A 123 -8.94 -14.11 17.22
C ALA A 123 -10.45 -14.03 17.02
N LYS A 124 -11.14 -13.70 18.12
CA LYS A 124 -12.58 -13.58 18.07
C LYS A 124 -12.98 -12.11 18.26
N THR A 125 -14.16 -11.78 17.77
CA THR A 125 -14.66 -10.42 17.87
C THR A 125 -14.90 -10.05 19.33
N GLY A 126 -15.82 -10.79 19.95
CA GLY A 126 -16.16 -10.55 21.35
C GLY A 126 -17.66 -10.37 21.52
N GLY A 127 -18.03 -9.38 22.33
CA GLY A 127 -19.43 -9.09 22.59
C GLY A 127 -19.57 -8.03 23.67
N ALA A 128 -20.80 -7.57 23.84
CA ALA A 128 -21.10 -6.55 24.84
C ALA A 128 -22.11 -7.11 25.84
N VAL A 129 -22.57 -6.23 26.71
CA VAL A 129 -23.55 -6.62 27.72
C VAL A 129 -24.87 -6.98 27.04
N ASP A 130 -25.96 -6.65 27.71
CA ASP A 130 -27.28 -6.93 27.18
C ASP A 130 -28.33 -6.62 28.25
N ARG A 131 -29.59 -6.64 27.83
CA ARG A 131 -30.68 -6.37 28.73
C ARG A 131 -31.71 -7.51 28.69
N LEU A 132 -32.39 -7.61 27.56
CA LEU A 132 -33.38 -8.65 27.37
C LEU A 132 -34.61 -8.31 28.23
N THR A 133 -34.38 -8.24 29.53
CA THR A 133 -35.45 -7.93 30.46
C THR A 133 -36.04 -6.55 30.17
N ASP A 134 -37.16 -6.55 29.48
CA ASP A 134 -37.83 -5.30 29.13
C ASP A 134 -39.21 -5.61 28.54
N THR A 135 -40.22 -5.05 29.19
CA THR A 135 -41.59 -5.26 28.75
C THR A 135 -42.31 -3.91 28.59
N SER A 136 -42.58 -3.29 29.72
CA SER A 136 -43.26 -2.00 29.72
C SER A 136 -44.65 -2.15 29.11
N LYS A 137 -45.65 -2.24 29.99
CA LYS A 137 -47.02 -2.38 29.55
C LYS A 137 -47.95 -1.90 30.67
N TYR A 138 -49.09 -1.35 30.26
CA TYR A 138 -50.07 -0.86 31.21
C TYR A 138 -51.49 -1.02 30.67
N THR A 139 -52.24 -1.89 31.33
CA THR A 139 -53.62 -2.14 30.92
C THR A 139 -54.57 -1.85 32.08
N GLY A 140 -55.47 -0.91 31.85
CA GLY A 140 -56.44 -0.53 32.87
C GLY A 140 -56.96 0.90 32.63
N SER A 141 -57.99 0.99 31.81
CA SER A 141 -58.58 2.28 31.49
C SER A 141 -59.81 2.09 30.60
N HIS A 142 -60.68 3.08 30.62
CA HIS A 142 -61.89 3.03 29.81
C HIS A 142 -62.32 4.45 29.45
N LYS A 143 -63.31 4.53 28.57
CA LYS A 143 -63.81 5.82 28.14
C LYS A 143 -65.03 5.60 27.23
N GLU A 144 -64.76 5.05 26.05
CA GLU A 144 -65.82 4.79 25.10
C GLU A 144 -66.36 6.10 24.51
N ARG A 145 -66.79 6.02 23.27
CA ARG A 145 -67.32 7.19 22.58
C ARG A 145 -68.78 6.96 22.17
N SER A 146 -69.48 8.05 21.95
CA SER A 146 -70.88 7.98 21.56
C SER A 146 -71.32 9.29 20.92
N GLY A 147 -72.38 9.22 20.14
CA GLY A 147 -72.91 10.39 19.46
C GLY A 147 -74.10 10.96 20.21
N PRO A 148 -74.47 12.22 19.84
CA PRO A 148 -75.59 12.89 20.48
C PRO A 148 -76.92 12.33 19.98
N SER A 149 -78.00 12.91 20.47
CA SER A 149 -79.33 12.48 20.09
C SER A 149 -79.76 13.18 18.80
N SER A 150 -80.79 12.62 18.17
CA SER A 150 -81.31 13.18 16.94
C SER A 150 -82.46 14.15 17.24
N GLY A 151 -82.86 14.86 16.20
CA GLY A 151 -83.95 15.83 16.34
C GLY A 151 -84.06 16.71 15.10
N GLY A 1 -16.45 -9.13 0.95
CA GLY A 1 -15.04 -9.26 1.23
C GLY A 1 -14.72 -8.82 2.67
N SER A 2 -13.52 -8.28 2.84
CA SER A 2 -13.09 -7.81 4.14
C SER A 2 -13.80 -6.50 4.50
N SER A 3 -14.00 -6.31 5.79
CA SER A 3 -14.66 -5.11 6.26
C SER A 3 -14.67 -5.09 7.80
N GLY A 4 -13.62 -4.50 8.36
CA GLY A 4 -13.49 -4.42 9.80
C GLY A 4 -12.16 -3.79 10.20
N SER A 5 -12.12 -2.47 10.12
CA SER A 5 -10.91 -1.73 10.48
C SER A 5 -11.24 -0.60 11.43
N SER A 6 -11.29 -0.95 12.71
CA SER A 6 -11.61 0.04 13.74
C SER A 6 -10.94 -0.36 15.07
N GLY A 7 -10.38 0.64 15.73
CA GLY A 7 -9.71 0.41 17.00
C GLY A 7 -8.58 1.42 17.22
N MET A 8 -7.52 1.26 16.44
CA MET A 8 -6.37 2.14 16.54
C MET A 8 -5.79 2.12 17.95
N ALA A 9 -4.82 1.26 18.15
CA ALA A 9 -4.17 1.13 19.45
C ALA A 9 -2.70 0.75 19.24
N ALA A 10 -1.89 1.76 18.96
CA ALA A 10 -0.47 1.54 18.75
C ALA A 10 0.33 2.62 19.49
N SER A 11 1.58 2.75 19.11
CA SER A 11 2.45 3.73 19.73
C SER A 11 2.11 5.13 19.22
N THR A 12 3.14 5.96 19.13
CA THR A 12 2.97 7.32 18.67
C THR A 12 3.01 7.38 17.13
N ASP A 13 4.05 6.75 16.59
CA ASP A 13 4.21 6.71 15.15
C ASP A 13 3.63 5.41 14.60
N ILE A 14 3.34 5.42 13.30
CA ILE A 14 2.77 4.25 12.65
C ILE A 14 3.48 2.99 13.16
N ALA A 15 4.69 2.77 12.66
CA ALA A 15 5.47 1.62 13.07
C ALA A 15 4.89 0.37 12.41
N GLY A 16 5.14 0.23 11.11
CA GLY A 16 4.64 -0.90 10.37
C GLY A 16 4.55 -0.58 8.87
N LEU A 17 4.42 0.71 8.59
CA LEU A 17 4.32 1.16 7.21
C LEU A 17 5.56 0.69 6.43
N GLU A 18 6.66 1.42 6.64
CA GLU A 18 7.90 1.10 5.97
C GLU A 18 8.20 -0.40 6.08
N GLU A 19 7.66 -1.00 7.13
CA GLU A 19 7.85 -2.42 7.37
C GLU A 19 7.02 -3.24 6.39
N SER A 20 5.77 -2.84 6.25
CA SER A 20 4.85 -3.52 5.33
C SER A 20 5.27 -3.28 3.89
N PHE A 21 5.65 -2.04 3.61
CA PHE A 21 6.08 -1.66 2.27
C PHE A 21 7.21 -2.56 1.79
N ARG A 22 8.25 -2.64 2.61
CA ARG A 22 9.41 -3.47 2.28
C ARG A 22 8.97 -4.89 1.98
N LYS A 23 8.09 -5.41 2.83
CA LYS A 23 7.60 -6.76 2.66
C LYS A 23 7.11 -6.95 1.22
N PHE A 24 6.40 -5.93 0.74
CA PHE A 24 5.87 -5.97 -0.62
C PHE A 24 6.93 -5.54 -1.64
N ALA A 25 7.92 -4.80 -1.14
CA ALA A 25 8.99 -4.33 -1.99
C ALA A 25 9.94 -5.49 -2.29
N ILE A 26 10.29 -6.22 -1.24
CA ILE A 26 11.19 -7.34 -1.39
C ILE A 26 10.37 -8.61 -1.68
N HIS A 27 9.19 -8.40 -2.24
CA HIS A 27 8.30 -9.50 -2.57
C HIS A 27 8.43 -9.82 -4.06
N GLY A 28 9.22 -10.84 -4.35
CA GLY A 28 9.43 -11.26 -5.73
C GLY A 28 10.88 -11.68 -5.96
N ASP A 29 11.79 -10.88 -5.41
CA ASP A 29 13.20 -11.15 -5.55
C ASP A 29 13.85 -11.16 -4.17
N PRO A 30 14.71 -12.21 -3.95
CA PRO A 30 15.40 -12.34 -2.68
C PRO A 30 16.54 -11.35 -2.56
N LYS A 31 17.03 -10.92 -3.72
CA LYS A 31 18.12 -9.96 -3.76
C LYS A 31 17.62 -8.60 -3.25
N ALA A 32 16.36 -8.34 -3.52
CA ALA A 32 15.75 -7.09 -3.10
C ALA A 32 16.25 -6.72 -1.69
N SER A 33 16.66 -5.48 -1.54
CA SER A 33 17.16 -5.00 -0.26
C SER A 33 16.05 -4.29 0.51
N GLY A 34 14.99 -3.97 -0.22
CA GLY A 34 13.84 -3.30 0.38
C GLY A 34 13.97 -1.78 0.23
N GLN A 35 14.75 -1.37 -0.77
CA GLN A 35 14.95 0.04 -1.04
C GLN A 35 14.33 0.43 -2.37
N GLU A 36 13.82 -0.58 -3.07
CA GLU A 36 13.19 -0.36 -4.36
C GLU A 36 11.87 -1.12 -4.44
N MET A 37 10.96 -0.57 -5.24
CA MET A 37 9.65 -1.19 -5.41
C MET A 37 9.17 -1.04 -6.86
N ASN A 38 8.60 -2.12 -7.37
CA ASN A 38 8.09 -2.12 -8.74
C ASN A 38 6.60 -1.77 -8.72
N GLY A 39 6.19 -1.03 -9.75
CA GLY A 39 4.81 -0.62 -9.86
C GLY A 39 3.88 -1.84 -9.87
N LYS A 40 4.48 -3.00 -10.14
CA LYS A 40 3.71 -4.23 -10.19
C LYS A 40 3.31 -4.63 -8.77
N ASN A 41 4.24 -4.44 -7.85
CA ASN A 41 4.01 -4.77 -6.45
C ASN A 41 3.26 -3.62 -5.78
N TRP A 42 3.67 -2.41 -6.12
CA TRP A 42 3.05 -1.22 -5.56
C TRP A 42 1.54 -1.34 -5.76
N ALA A 43 1.16 -1.74 -6.96
CA ALA A 43 -0.25 -1.90 -7.29
C ALA A 43 -0.82 -3.08 -6.51
N LYS A 44 -0.25 -4.25 -6.77
CA LYS A 44 -0.70 -5.45 -6.09
C LYS A 44 -0.76 -5.21 -4.59
N LEU A 45 0.03 -4.25 -4.15
CA LEU A 45 0.07 -3.89 -2.73
C LEU A 45 -1.15 -3.04 -2.39
N CYS A 46 -1.58 -2.26 -3.37
CA CYS A 46 -2.73 -1.39 -3.17
C CYS A 46 -3.99 -2.26 -3.15
N LYS A 47 -3.81 -3.51 -3.55
CA LYS A 47 -4.92 -4.45 -3.57
C LYS A 47 -4.79 -5.41 -2.39
N ASP A 48 -3.58 -5.93 -2.21
CA ASP A 48 -3.31 -6.86 -1.14
C ASP A 48 -3.67 -6.19 0.20
N CYS A 49 -3.27 -4.94 0.33
CA CYS A 49 -3.53 -4.18 1.54
C CYS A 49 -4.96 -3.63 1.46
N LYS A 50 -5.52 -3.71 0.27
CA LYS A 50 -6.87 -3.22 0.05
C LYS A 50 -6.87 -1.70 0.10
N VAL A 51 -5.86 -1.11 -0.53
CA VAL A 51 -5.74 0.33 -0.55
C VAL A 51 -6.61 0.90 -1.68
N ALA A 52 -6.60 0.20 -2.81
CA ALA A 52 -7.38 0.62 -3.96
C ALA A 52 -8.76 -0.06 -3.90
N ASP A 53 -9.46 0.02 -5.02
CA ASP A 53 -10.78 -0.59 -5.11
C ASP A 53 -11.28 -0.49 -6.55
N GLY A 54 -11.07 0.67 -7.14
CA GLY A 54 -11.49 0.90 -8.52
C GLY A 54 -12.43 2.10 -8.61
N LYS A 55 -13.11 2.37 -7.49
CA LYS A 55 -14.03 3.49 -7.43
C LYS A 55 -13.28 4.77 -7.13
N ALA A 56 -12.90 4.91 -5.87
CA ALA A 56 -12.16 6.09 -5.42
C ALA A 56 -10.74 6.03 -5.98
N VAL A 57 -10.19 4.82 -5.99
CA VAL A 57 -8.84 4.62 -6.49
C VAL A 57 -8.86 3.56 -7.59
N THR A 58 -8.44 3.96 -8.77
CA THR A 58 -8.41 3.06 -9.90
C THR A 58 -6.96 2.65 -10.22
N GLY A 59 -6.80 1.38 -10.57
CA GLY A 59 -5.49 0.86 -10.89
C GLY A 59 -4.77 1.77 -11.89
N THR A 60 -5.55 2.56 -12.60
CA THR A 60 -5.01 3.48 -13.59
C THR A 60 -4.34 4.67 -12.89
N ASP A 61 -4.86 4.99 -11.70
CA ASP A 61 -4.32 6.10 -10.93
C ASP A 61 -3.05 5.64 -10.21
N VAL A 62 -3.17 4.52 -9.52
CA VAL A 62 -2.05 3.97 -8.78
C VAL A 62 -0.88 3.74 -9.74
N ASP A 63 -1.22 3.37 -10.96
CA ASP A 63 -0.22 3.11 -11.98
C ASP A 63 0.40 4.44 -12.43
N ILE A 64 -0.48 5.39 -12.72
CA ILE A 64 -0.04 6.71 -13.16
C ILE A 64 0.75 7.37 -12.04
N VAL A 65 0.16 7.36 -10.85
CA VAL A 65 0.81 7.96 -9.69
C VAL A 65 2.22 7.40 -9.54
N PHE A 66 2.31 6.08 -9.61
CA PHE A 66 3.60 5.42 -9.50
C PHE A 66 4.57 5.91 -10.58
N SER A 67 4.01 6.20 -11.74
CA SER A 67 4.80 6.68 -12.86
C SER A 67 4.91 8.20 -12.82
N LYS A 68 4.29 8.78 -11.81
CA LYS A 68 4.30 10.22 -11.64
C LYS A 68 5.27 10.59 -10.51
N VAL A 69 5.49 9.62 -9.63
CA VAL A 69 6.38 9.84 -8.50
C VAL A 69 7.82 9.54 -8.94
N LYS A 70 7.96 8.47 -9.70
CA LYS A 70 9.27 8.07 -10.19
C LYS A 70 9.90 9.23 -10.97
N ALA A 71 10.93 8.91 -11.74
CA ALA A 71 11.61 9.90 -12.54
C ALA A 71 11.00 9.94 -13.93
N LYS A 72 11.81 10.35 -14.90
CA LYS A 72 11.35 10.44 -16.27
C LYS A 72 11.21 9.03 -16.85
N SER A 73 11.89 8.09 -16.22
CA SER A 73 11.83 6.71 -16.65
C SER A 73 11.84 5.78 -15.43
N ALA A 74 13.05 5.43 -15.01
CA ALA A 74 13.21 4.54 -13.86
C ALA A 74 12.40 3.26 -14.10
N ARG A 75 12.60 2.31 -13.20
CA ARG A 75 11.90 1.03 -13.30
C ARG A 75 11.43 0.59 -11.91
N VAL A 76 11.48 1.52 -10.97
CA VAL A 76 11.05 1.23 -9.62
C VAL A 76 10.85 2.56 -8.86
N ILE A 77 10.31 2.44 -7.66
CA ILE A 77 10.06 3.60 -6.84
C ILE A 77 10.65 3.37 -5.44
N ASN A 78 10.96 4.48 -4.77
CA ASN A 78 11.53 4.41 -3.44
C ASN A 78 10.45 4.76 -2.41
N TYR A 79 10.69 4.32 -1.18
CA TYR A 79 9.75 4.58 -0.10
C TYR A 79 9.25 6.03 -0.15
N GLU A 80 10.19 6.95 -0.32
CA GLU A 80 9.86 8.36 -0.39
C GLU A 80 8.83 8.61 -1.49
N GLU A 81 8.98 7.87 -2.58
CA GLU A 81 8.08 8.01 -3.71
C GLU A 81 6.81 7.17 -3.47
N PHE A 82 6.95 6.17 -2.63
CA PHE A 82 5.84 5.30 -2.31
C PHE A 82 4.82 6.01 -1.39
N LYS A 83 5.36 6.86 -0.53
CA LYS A 83 4.52 7.61 0.40
C LYS A 83 3.81 8.73 -0.35
N LYS A 84 4.45 9.18 -1.42
CA LYS A 84 3.90 10.24 -2.24
C LYS A 84 2.62 9.74 -2.91
N ALA A 85 2.71 8.56 -3.50
CA ALA A 85 1.57 7.97 -4.18
C ALA A 85 0.44 7.75 -3.19
N LEU A 86 0.82 7.23 -2.02
CA LEU A 86 -0.17 6.97 -0.97
C LEU A 86 -0.98 8.24 -0.72
N GLU A 87 -0.28 9.37 -0.68
CA GLU A 87 -0.92 10.64 -0.45
C GLU A 87 -1.97 10.91 -1.52
N GLU A 88 -1.55 10.76 -2.77
CA GLU A 88 -2.45 10.98 -3.89
C GLU A 88 -3.61 9.99 -3.86
N LEU A 89 -3.35 8.83 -3.24
CA LEU A 89 -4.35 7.80 -3.13
C LEU A 89 -5.00 7.87 -1.74
N ALA A 90 -4.55 8.84 -0.96
CA ALA A 90 -5.06 9.02 0.38
C ALA A 90 -6.44 9.71 0.31
N THR A 91 -6.44 10.88 -0.33
CA THR A 91 -7.67 11.65 -0.46
C THR A 91 -8.54 11.03 -1.56
N LYS A 92 -7.91 10.24 -2.41
CA LYS A 92 -8.62 9.61 -3.51
C LYS A 92 -9.24 8.29 -3.01
N ARG A 93 -8.65 7.76 -1.95
CA ARG A 93 -9.13 6.52 -1.38
C ARG A 93 -10.20 6.80 -0.32
N PHE A 94 -9.77 7.44 0.76
CA PHE A 94 -10.68 7.78 1.83
C PHE A 94 -11.57 8.96 1.46
N LYS A 95 -12.49 9.28 2.35
CA LYS A 95 -13.41 10.38 2.13
C LYS A 95 -12.62 11.68 1.95
N GLY A 96 -13.24 12.78 2.39
CA GLY A 96 -12.60 14.08 2.29
C GLY A 96 -11.71 14.35 3.50
N LYS A 97 -11.26 13.26 4.12
CA LYS A 97 -10.40 13.37 5.29
C LYS A 97 -9.27 14.35 5.00
N SER A 98 -8.45 14.58 6.01
CA SER A 98 -7.33 15.49 5.88
C SER A 98 -6.17 14.79 5.17
N LYS A 99 -5.26 15.59 4.64
CA LYS A 99 -4.11 15.06 3.93
C LYS A 99 -3.38 14.05 4.84
N GLU A 100 -3.11 14.49 6.06
CA GLU A 100 -2.44 13.63 7.02
C GLU A 100 -3.35 12.47 7.44
N GLU A 101 -4.57 12.82 7.79
CA GLU A 101 -5.53 11.82 8.22
C GLU A 101 -5.70 10.76 7.14
N ALA A 102 -5.96 11.23 5.92
CA ALA A 102 -6.15 10.34 4.79
C ALA A 102 -4.86 9.53 4.57
N PHE A 103 -3.74 10.22 4.71
CA PHE A 103 -2.44 9.58 4.54
C PHE A 103 -2.17 8.57 5.65
N ASP A 104 -2.64 8.91 6.83
CA ASP A 104 -2.45 8.04 7.99
C ASP A 104 -3.44 6.88 7.92
N ALA A 105 -4.64 7.19 7.43
CA ALA A 105 -5.68 6.19 7.30
C ALA A 105 -5.22 5.11 6.32
N ILE A 106 -4.57 5.56 5.25
CA ILE A 106 -4.08 4.65 4.24
C ILE A 106 -2.87 3.88 4.79
N CYS A 107 -2.16 4.53 5.71
CA CYS A 107 -0.99 3.93 6.32
C CYS A 107 -1.45 2.79 7.23
N GLN A 108 -2.63 2.99 7.81
CA GLN A 108 -3.19 1.99 8.71
C GLN A 108 -3.65 0.76 7.92
N LEU A 109 -3.73 0.94 6.61
CA LEU A 109 -4.15 -0.15 5.73
C LEU A 109 -2.95 -1.05 5.44
N ILE A 110 -1.79 -0.42 5.29
CA ILE A 110 -0.58 -1.16 5.00
C ILE A 110 0.15 -1.46 6.32
N ALA A 111 0.51 -0.39 7.02
CA ALA A 111 1.21 -0.52 8.28
C ALA A 111 0.59 -1.66 9.08
N GLY A 112 1.30 -2.78 9.13
CA GLY A 112 0.84 -3.94 9.85
C GLY A 112 0.53 -5.10 8.90
N LYS A 113 -0.17 -4.77 7.83
CA LYS A 113 -0.52 -5.77 6.83
C LYS A 113 0.75 -6.30 6.17
N GLU A 114 0.59 -7.41 5.47
CA GLU A 114 1.71 -8.03 4.78
C GLU A 114 1.22 -8.78 3.54
N PRO A 115 2.17 -8.96 2.58
CA PRO A 115 1.85 -9.66 1.34
C PRO A 115 1.73 -11.16 1.57
N ALA A 116 1.93 -11.55 2.82
CA ALA A 116 1.86 -12.96 3.18
C ALA A 116 0.56 -13.21 3.95
N ASN A 117 0.48 -14.41 4.53
CA ASN A 117 -0.70 -14.78 5.29
C ASN A 117 -1.95 -14.37 4.52
N ILE A 118 -2.33 -15.22 3.59
CA ILE A 118 -3.52 -14.96 2.78
C ILE A 118 -4.72 -15.65 3.41
N GLY A 119 -4.97 -15.30 4.66
CA GLY A 119 -6.10 -15.87 5.38
C GLY A 119 -6.83 -14.80 6.21
N VAL A 120 -7.26 -13.76 5.52
CA VAL A 120 -7.97 -12.67 6.17
C VAL A 120 -9.47 -12.82 5.91
N THR A 121 -10.16 -13.35 6.91
CA THR A 121 -11.59 -13.54 6.80
C THR A 121 -12.30 -12.92 8.01
N LYS A 122 -13.15 -11.94 7.71
CA LYS A 122 -13.90 -11.26 8.76
C LYS A 122 -14.92 -10.32 8.12
N ALA A 123 -16.07 -10.89 7.79
CA ALA A 123 -17.13 -10.11 7.16
C ALA A 123 -18.48 -10.65 7.63
N LYS A 124 -19.46 -9.76 7.64
CA LYS A 124 -20.80 -10.13 8.07
C LYS A 124 -21.65 -10.49 6.84
N THR A 125 -22.73 -11.21 7.09
CA THR A 125 -23.61 -11.62 6.01
C THR A 125 -23.77 -10.50 4.99
N GLY A 126 -23.09 -10.66 3.86
CA GLY A 126 -23.15 -9.67 2.81
C GLY A 126 -24.08 -10.13 1.67
N GLY A 127 -23.45 -10.51 0.56
CA GLY A 127 -24.20 -10.97 -0.59
C GLY A 127 -24.37 -9.85 -1.62
N ALA A 128 -25.61 -9.67 -2.06
CA ALA A 128 -25.92 -8.65 -3.03
C ALA A 128 -25.20 -8.95 -4.35
N VAL A 129 -25.64 -8.29 -5.40
CA VAL A 129 -25.05 -8.49 -6.72
C VAL A 129 -24.92 -7.14 -7.42
N ASP A 130 -23.73 -6.58 -7.35
CA ASP A 130 -23.45 -5.30 -7.98
C ASP A 130 -22.60 -5.51 -9.22
N ARG A 131 -23.16 -5.14 -10.36
CA ARG A 131 -22.46 -5.29 -11.63
C ARG A 131 -23.35 -4.80 -12.78
N LEU A 132 -22.75 -4.75 -13.96
CA LEU A 132 -23.46 -4.30 -15.15
C LEU A 132 -22.48 -4.18 -16.31
N THR A 133 -22.96 -4.58 -17.48
CA THR A 133 -22.14 -4.53 -18.68
C THR A 133 -20.74 -5.05 -18.39
N ASP A 134 -20.64 -6.37 -18.27
CA ASP A 134 -19.36 -7.00 -17.99
C ASP A 134 -19.46 -8.50 -18.31
N THR A 135 -18.69 -8.90 -19.31
CA THR A 135 -18.67 -10.29 -19.71
C THR A 135 -17.37 -10.62 -20.44
N SER A 136 -17.04 -9.79 -21.40
CA SER A 136 -15.83 -9.97 -22.18
C SER A 136 -14.60 -9.92 -21.27
N LYS A 137 -14.49 -8.81 -20.56
CA LYS A 137 -13.38 -8.63 -19.63
C LYS A 137 -12.06 -8.81 -20.39
N TYR A 138 -11.56 -7.70 -20.93
CA TYR A 138 -10.32 -7.74 -21.68
C TYR A 138 -9.63 -6.37 -21.65
N THR A 139 -8.42 -6.36 -21.12
CA THR A 139 -7.65 -5.13 -21.02
C THR A 139 -6.93 -4.86 -22.34
N GLY A 140 -7.22 -3.70 -22.91
CA GLY A 140 -6.60 -3.30 -24.17
C GLY A 140 -5.11 -3.01 -23.99
N SER A 141 -4.31 -4.04 -24.17
CA SER A 141 -2.87 -3.90 -24.03
C SER A 141 -2.16 -4.50 -25.24
N HIS A 142 -1.50 -3.63 -25.99
CA HIS A 142 -0.78 -4.07 -27.18
C HIS A 142 0.48 -3.21 -27.35
N LYS A 143 1.45 -3.78 -28.05
CA LYS A 143 2.71 -3.10 -28.29
C LYS A 143 3.60 -3.98 -29.16
N GLU A 144 4.59 -3.33 -29.78
CA GLU A 144 5.52 -4.04 -30.63
C GLU A 144 6.62 -4.70 -29.79
N ARG A 145 6.58 -6.03 -29.78
CA ARG A 145 7.56 -6.80 -29.03
C ARG A 145 7.44 -8.29 -29.36
N SER A 146 8.22 -8.71 -30.36
CA SER A 146 8.20 -10.10 -30.78
C SER A 146 9.32 -10.35 -31.79
N GLY A 147 10.13 -11.35 -31.49
CA GLY A 147 11.23 -11.70 -32.36
C GLY A 147 11.52 -13.21 -32.31
N PRO A 148 10.67 -13.97 -33.07
CA PRO A 148 10.82 -15.41 -33.12
C PRO A 148 12.01 -15.81 -33.99
N SER A 149 12.14 -15.13 -35.11
CA SER A 149 13.23 -15.40 -36.03
C SER A 149 13.66 -14.10 -36.74
N SER A 150 14.67 -13.46 -36.18
CA SER A 150 15.17 -12.22 -36.75
C SER A 150 16.52 -11.88 -36.12
N GLY A 151 16.51 -11.71 -34.81
CA GLY A 151 17.72 -11.37 -34.09
C GLY A 151 17.52 -10.13 -33.22
N GLY A 1 -6.26 -8.91 29.64
CA GLY A 1 -6.64 -7.79 28.79
C GLY A 1 -5.67 -6.63 28.96
N SER A 2 -4.72 -6.55 28.04
CA SER A 2 -3.74 -5.48 28.08
C SER A 2 -3.82 -4.64 26.80
N SER A 3 -3.89 -3.34 26.99
CA SER A 3 -3.98 -2.42 25.86
C SER A 3 -3.32 -1.09 26.21
N GLY A 4 -2.09 -0.93 25.75
CA GLY A 4 -1.33 0.28 26.00
C GLY A 4 -0.13 0.39 25.06
N SER A 5 -0.13 1.46 24.28
CA SER A 5 0.95 1.70 23.34
C SER A 5 0.85 3.10 22.76
N SER A 6 1.88 3.50 22.04
CA SER A 6 1.92 4.81 21.42
C SER A 6 2.19 5.88 22.48
N GLY A 7 1.31 5.94 23.46
CA GLY A 7 1.44 6.91 24.54
C GLY A 7 0.08 7.43 24.99
N MET A 8 -0.70 6.53 25.58
CA MET A 8 -2.03 6.88 26.05
C MET A 8 -2.72 7.85 25.09
N ALA A 9 -3.38 7.27 24.10
CA ALA A 9 -4.08 8.06 23.11
C ALA A 9 -3.08 8.92 22.34
N ALA A 10 -2.96 8.61 21.05
CA ALA A 10 -2.04 9.34 20.20
C ALA A 10 -2.28 8.93 18.74
N SER A 11 -2.31 9.94 17.88
CA SER A 11 -2.53 9.70 16.46
C SER A 11 -1.77 10.74 15.63
N THR A 12 -0.74 10.27 14.96
CA THR A 12 0.08 11.14 14.12
C THR A 12 1.02 10.31 13.25
N ASP A 13 1.68 9.34 13.88
CA ASP A 13 2.61 8.48 13.16
C ASP A 13 2.06 7.05 13.16
N ILE A 14 2.70 6.21 12.36
CA ILE A 14 2.30 4.82 12.26
C ILE A 14 3.29 3.95 13.03
N ALA A 15 3.34 2.69 12.65
CA ALA A 15 4.24 1.74 13.29
C ALA A 15 4.10 0.37 12.61
N GLY A 16 4.72 0.26 11.45
CA GLY A 16 4.67 -0.98 10.70
C GLY A 16 4.57 -0.72 9.19
N LEU A 17 4.28 0.54 8.88
CA LEU A 17 4.15 0.94 7.48
C LEU A 17 5.39 0.48 6.71
N GLU A 18 6.48 1.21 6.94
CA GLU A 18 7.73 0.89 6.27
C GLU A 18 8.01 -0.61 6.35
N GLU A 19 7.54 -1.22 7.42
CA GLU A 19 7.73 -2.64 7.63
C GLU A 19 6.92 -3.44 6.62
N SER A 20 5.73 -2.92 6.31
CA SER A 20 4.85 -3.59 5.36
C SER A 20 5.36 -3.35 3.93
N PHE A 21 5.65 -2.09 3.64
CA PHE A 21 6.15 -1.73 2.32
C PHE A 21 7.31 -2.62 1.91
N ARG A 22 8.30 -2.69 2.79
CA ARG A 22 9.48 -3.51 2.52
C ARG A 22 9.06 -4.91 2.07
N LYS A 23 8.13 -5.48 2.81
CA LYS A 23 7.64 -6.82 2.49
C LYS A 23 7.21 -6.85 1.02
N PHE A 24 6.35 -5.91 0.67
CA PHE A 24 5.86 -5.83 -0.70
C PHE A 24 6.97 -5.38 -1.65
N ALA A 25 7.93 -4.66 -1.09
CA ALA A 25 9.04 -4.15 -1.89
C ALA A 25 9.97 -5.31 -2.23
N ILE A 26 10.31 -6.10 -1.21
CA ILE A 26 11.18 -7.23 -1.39
C ILE A 26 10.35 -8.48 -1.67
N HIS A 27 9.10 -8.25 -2.04
CA HIS A 27 8.19 -9.34 -2.34
C HIS A 27 8.81 -10.23 -3.42
N GLY A 28 9.08 -11.47 -3.03
CA GLY A 28 9.66 -12.43 -3.95
C GLY A 28 10.97 -11.91 -4.53
N ASP A 29 11.90 -11.58 -3.65
CA ASP A 29 13.18 -11.06 -4.07
C ASP A 29 14.15 -11.06 -2.87
N PRO A 30 15.11 -12.01 -2.90
CA PRO A 30 16.08 -12.12 -1.83
C PRO A 30 17.14 -11.01 -1.93
N LYS A 31 17.30 -10.51 -3.14
CA LYS A 31 18.26 -9.44 -3.37
C LYS A 31 17.68 -8.11 -2.89
N ALA A 32 16.38 -7.97 -3.08
CA ALA A 32 15.69 -6.75 -2.68
C ALA A 32 16.04 -6.45 -1.22
N SER A 33 16.50 -5.22 -1.01
CA SER A 33 16.88 -4.79 0.34
C SER A 33 15.69 -4.12 1.02
N GLY A 34 14.63 -3.94 0.25
CA GLY A 34 13.42 -3.31 0.76
C GLY A 34 13.52 -1.79 0.69
N GLN A 35 14.16 -1.32 -0.36
CA GLN A 35 14.34 0.11 -0.56
C GLN A 35 13.59 0.57 -1.81
N GLU A 36 13.50 -0.34 -2.78
CA GLU A 36 12.81 -0.04 -4.02
C GLU A 36 11.56 -0.91 -4.17
N MET A 37 10.64 -0.43 -4.97
CA MET A 37 9.39 -1.16 -5.21
C MET A 37 8.94 -1.01 -6.66
N ASN A 38 8.57 -2.14 -7.25
CA ASN A 38 8.11 -2.15 -8.62
C ASN A 38 6.62 -1.82 -8.67
N GLY A 39 6.24 -1.08 -9.70
CA GLY A 39 4.84 -0.69 -9.87
C GLY A 39 3.92 -1.89 -9.67
N LYS A 40 4.41 -3.06 -10.04
CA LYS A 40 3.64 -4.28 -9.92
C LYS A 40 3.43 -4.59 -8.43
N ASN A 41 4.50 -4.42 -7.67
CA ASN A 41 4.46 -4.67 -6.24
C ASN A 41 3.74 -3.52 -5.54
N TRP A 42 3.83 -2.34 -6.16
CA TRP A 42 3.20 -1.17 -5.60
C TRP A 42 1.68 -1.32 -5.75
N ALA A 43 1.23 -1.25 -6.99
CA ALA A 43 -0.19 -1.37 -7.28
C ALA A 43 -0.76 -2.53 -6.47
N LYS A 44 -0.13 -3.69 -6.63
CA LYS A 44 -0.58 -4.89 -5.93
C LYS A 44 -0.63 -4.60 -4.43
N LEU A 45 0.38 -3.87 -3.97
CA LEU A 45 0.46 -3.52 -2.55
C LEU A 45 -0.70 -2.58 -2.21
N CYS A 46 -1.17 -1.87 -3.22
CA CYS A 46 -2.27 -0.94 -3.03
C CYS A 46 -3.58 -1.67 -3.34
N LYS A 47 -3.62 -2.93 -2.96
CA LYS A 47 -4.80 -3.75 -3.20
C LYS A 47 -5.01 -4.69 -2.00
N ASP A 48 -4.10 -5.63 -1.86
CA ASP A 48 -4.18 -6.59 -0.78
C ASP A 48 -4.20 -5.85 0.55
N CYS A 49 -3.63 -4.65 0.54
CA CYS A 49 -3.58 -3.83 1.74
C CYS A 49 -4.90 -3.05 1.83
N LYS A 50 -5.81 -3.37 0.93
CA LYS A 50 -7.10 -2.72 0.90
C LYS A 50 -6.90 -1.21 0.69
N VAL A 51 -5.95 -0.89 -0.19
CA VAL A 51 -5.65 0.50 -0.49
C VAL A 51 -6.49 0.95 -1.69
N ALA A 52 -6.61 0.07 -2.65
CA ALA A 52 -7.38 0.36 -3.85
C ALA A 52 -8.70 -0.41 -3.80
N ASP A 53 -9.48 -0.25 -4.86
CA ASP A 53 -10.77 -0.92 -4.95
C ASP A 53 -11.28 -0.82 -6.39
N GLY A 54 -11.13 0.35 -6.97
CA GLY A 54 -11.56 0.58 -8.33
C GLY A 54 -12.52 1.78 -8.41
N LYS A 55 -13.13 2.07 -7.27
CA LYS A 55 -14.06 3.19 -7.20
C LYS A 55 -13.28 4.47 -6.88
N ALA A 56 -12.96 4.62 -5.60
CA ALA A 56 -12.22 5.79 -5.16
C ALA A 56 -10.84 5.80 -5.82
N VAL A 57 -10.23 4.64 -5.87
CA VAL A 57 -8.92 4.49 -6.47
C VAL A 57 -8.94 3.37 -7.51
N THR A 58 -8.54 3.71 -8.72
CA THR A 58 -8.51 2.75 -9.81
C THR A 58 -7.07 2.36 -10.14
N GLY A 59 -6.89 1.08 -10.43
CA GLY A 59 -5.56 0.57 -10.76
C GLY A 59 -4.90 1.44 -11.84
N THR A 60 -5.73 2.17 -12.55
CA THR A 60 -5.24 3.05 -13.61
C THR A 60 -4.65 4.33 -13.01
N ASP A 61 -5.19 4.71 -11.85
CA ASP A 61 -4.74 5.91 -11.17
C ASP A 61 -3.43 5.59 -10.43
N VAL A 62 -3.46 4.49 -9.70
CA VAL A 62 -2.29 4.07 -8.94
C VAL A 62 -1.11 3.89 -9.89
N ASP A 63 -1.41 3.37 -11.07
CA ASP A 63 -0.39 3.14 -12.07
C ASP A 63 0.19 4.48 -12.52
N ILE A 64 -0.70 5.43 -12.77
CA ILE A 64 -0.29 6.75 -13.21
C ILE A 64 0.52 7.42 -12.10
N VAL A 65 -0.02 7.37 -10.89
CA VAL A 65 0.64 7.95 -9.75
C VAL A 65 2.06 7.39 -9.63
N PHE A 66 2.15 6.08 -9.78
CA PHE A 66 3.43 5.39 -9.70
C PHE A 66 4.38 5.90 -10.78
N SER A 67 3.81 6.27 -11.91
CA SER A 67 4.60 6.77 -13.02
C SER A 67 4.72 8.29 -12.94
N LYS A 68 4.04 8.85 -11.96
CA LYS A 68 4.06 10.29 -11.75
C LYS A 68 5.12 10.63 -10.70
N VAL A 69 5.45 9.63 -9.89
CA VAL A 69 6.45 9.81 -8.85
C VAL A 69 7.82 9.38 -9.37
N LYS A 70 7.80 8.35 -10.21
CA LYS A 70 9.03 7.84 -10.79
C LYS A 70 9.35 8.62 -12.06
N ALA A 71 10.41 8.17 -12.74
CA ALA A 71 10.82 8.82 -13.97
C ALA A 71 10.93 7.78 -15.08
N LYS A 72 10.67 8.22 -16.30
CA LYS A 72 10.73 7.33 -17.45
C LYS A 72 11.94 6.41 -17.30
N SER A 73 12.96 6.91 -16.63
CA SER A 73 14.17 6.14 -16.43
C SER A 73 13.94 5.08 -15.36
N ALA A 74 13.86 5.53 -14.12
CA ALA A 74 13.65 4.62 -13.00
C ALA A 74 12.42 3.75 -13.29
N ARG A 75 12.50 2.51 -12.83
CA ARG A 75 11.40 1.57 -13.03
C ARG A 75 10.79 1.18 -11.69
N VAL A 76 11.47 1.56 -10.62
CA VAL A 76 11.01 1.25 -9.29
C VAL A 76 10.83 2.55 -8.49
N ILE A 77 10.20 2.43 -7.34
CA ILE A 77 9.96 3.58 -6.49
C ILE A 77 10.52 3.30 -5.09
N ASN A 78 11.00 4.36 -4.46
CA ASN A 78 11.56 4.24 -3.13
C ASN A 78 10.50 4.63 -2.09
N TYR A 79 10.72 4.19 -0.86
CA TYR A 79 9.80 4.48 0.22
C TYR A 79 9.36 5.95 0.18
N GLU A 80 10.27 6.79 -0.27
CA GLU A 80 9.99 8.22 -0.36
C GLU A 80 8.99 8.49 -1.48
N GLU A 81 9.18 7.80 -2.59
CA GLU A 81 8.30 7.95 -3.73
C GLU A 81 7.05 7.10 -3.56
N PHE A 82 7.12 6.18 -2.60
CA PHE A 82 6.00 5.30 -2.33
C PHE A 82 4.97 5.99 -1.43
N LYS A 83 5.47 6.83 -0.53
CA LYS A 83 4.60 7.55 0.38
C LYS A 83 3.85 8.64 -0.38
N LYS A 84 4.48 9.13 -1.44
CA LYS A 84 3.88 10.17 -2.26
C LYS A 84 2.58 9.65 -2.86
N ALA A 85 2.69 8.54 -3.58
CA ALA A 85 1.53 7.93 -4.21
C ALA A 85 0.44 7.73 -3.16
N LEU A 86 0.85 7.23 -2.00
CA LEU A 86 -0.08 6.99 -0.92
C LEU A 86 -0.81 8.30 -0.57
N GLU A 87 -0.10 9.40 -0.78
CA GLU A 87 -0.65 10.71 -0.50
C GLU A 87 -1.68 11.09 -1.56
N GLU A 88 -1.39 10.71 -2.79
CA GLU A 88 -2.28 11.00 -3.90
C GLU A 88 -3.49 10.07 -3.87
N LEU A 89 -3.27 8.87 -3.34
CA LEU A 89 -4.33 7.89 -3.25
C LEU A 89 -4.98 7.97 -1.87
N ALA A 90 -4.27 8.59 -0.96
CA ALA A 90 -4.75 8.75 0.41
C ALA A 90 -6.15 9.36 0.37
N THR A 91 -6.21 10.57 -0.17
CA THR A 91 -7.48 11.27 -0.26
C THR A 91 -8.39 10.60 -1.29
N LYS A 92 -7.81 10.33 -2.45
CA LYS A 92 -8.56 9.68 -3.52
C LYS A 92 -9.16 8.38 -3.01
N ARG A 93 -8.52 7.83 -1.98
CA ARG A 93 -8.98 6.59 -1.39
C ARG A 93 -10.00 6.88 -0.29
N PHE A 94 -9.60 7.73 0.64
CA PHE A 94 -10.47 8.10 1.74
C PHE A 94 -11.22 9.40 1.46
N LYS A 95 -12.43 9.25 0.94
CA LYS A 95 -13.24 10.41 0.62
C LYS A 95 -12.34 11.61 0.36
N GLY A 96 -12.55 12.64 1.17
CA GLY A 96 -11.76 13.86 1.03
C GLY A 96 -11.18 14.28 2.38
N LYS A 97 -10.81 13.29 3.18
CA LYS A 97 -10.24 13.54 4.49
C LYS A 97 -9.04 14.47 4.35
N SER A 98 -8.31 14.61 5.44
CA SER A 98 -7.13 15.47 5.45
C SER A 98 -5.92 14.72 4.88
N LYS A 99 -4.95 15.48 4.45
CA LYS A 99 -3.73 14.91 3.88
C LYS A 99 -3.11 13.94 4.90
N GLU A 100 -3.10 14.39 6.15
CA GLU A 100 -2.54 13.58 7.22
C GLU A 100 -3.50 12.45 7.59
N GLU A 101 -4.74 12.83 7.85
CA GLU A 101 -5.76 11.85 8.22
C GLU A 101 -5.87 10.78 7.14
N ALA A 102 -6.02 11.22 5.90
CA ALA A 102 -6.15 10.32 4.79
C ALA A 102 -4.91 9.40 4.73
N PHE A 103 -3.75 10.04 4.74
CA PHE A 103 -2.50 9.30 4.70
C PHE A 103 -2.36 8.39 5.91
N ASP A 104 -2.85 8.87 7.05
CA ASP A 104 -2.78 8.11 8.28
C ASP A 104 -3.67 6.87 8.15
N ALA A 105 -4.70 7.00 7.33
CA ALA A 105 -5.63 5.90 7.11
C ALA A 105 -5.00 4.90 6.13
N ILE A 106 -4.62 5.41 4.97
CA ILE A 106 -4.00 4.58 3.95
C ILE A 106 -2.77 3.89 4.53
N CYS A 107 -2.07 4.63 5.39
CA CYS A 107 -0.87 4.10 6.02
C CYS A 107 -1.24 2.83 6.78
N GLN A 108 -2.45 2.84 7.31
CA GLN A 108 -2.94 1.69 8.06
C GLN A 108 -3.27 0.53 7.11
N LEU A 109 -3.85 0.89 5.98
CA LEU A 109 -4.21 -0.10 4.98
C LEU A 109 -3.04 -1.04 4.74
N ILE A 110 -1.84 -0.47 4.78
CA ILE A 110 -0.63 -1.25 4.57
C ILE A 110 -0.02 -1.60 5.93
N ALA A 111 0.43 -0.56 6.62
CA ALA A 111 1.03 -0.74 7.93
C ALA A 111 0.26 -1.80 8.70
N GLY A 112 0.99 -2.83 9.13
CA GLY A 112 0.39 -3.92 9.88
C GLY A 112 0.04 -5.09 8.96
N LYS A 113 -0.42 -4.75 7.76
CA LYS A 113 -0.78 -5.75 6.79
C LYS A 113 0.47 -6.31 6.13
N GLU A 114 0.34 -7.51 5.58
CA GLU A 114 1.46 -8.16 4.93
C GLU A 114 1.03 -8.66 3.54
N PRO A 115 2.05 -8.79 2.64
CA PRO A 115 1.80 -9.26 1.29
C PRO A 115 1.54 -10.76 1.27
N ALA A 116 1.56 -11.36 2.45
CA ALA A 116 1.33 -12.78 2.59
C ALA A 116 0.74 -13.08 3.96
N ASN A 117 -0.52 -13.48 3.96
CA ASN A 117 -1.21 -13.79 5.20
C ASN A 117 -2.68 -14.11 4.90
N ILE A 118 -2.90 -15.31 4.38
CA ILE A 118 -4.24 -15.74 4.04
C ILE A 118 -4.96 -14.61 3.30
N GLY A 119 -4.40 -14.22 2.17
CA GLY A 119 -4.97 -13.17 1.36
C GLY A 119 -4.52 -13.27 -0.10
N VAL A 120 -5.45 -13.68 -0.95
CA VAL A 120 -5.16 -13.82 -2.36
C VAL A 120 -5.85 -12.70 -3.14
N THR A 121 -5.84 -12.84 -4.46
CA THR A 121 -6.45 -11.86 -5.32
C THR A 121 -7.85 -11.50 -4.80
N LYS A 122 -8.27 -10.29 -5.15
CA LYS A 122 -9.59 -9.81 -4.72
C LYS A 122 -9.87 -8.47 -5.39
N ALA A 123 -10.81 -8.50 -6.33
CA ALA A 123 -11.20 -7.30 -7.05
C ALA A 123 -12.71 -7.12 -6.98
N LYS A 124 -13.16 -5.97 -7.46
CA LYS A 124 -14.58 -5.67 -7.45
C LYS A 124 -14.92 -4.75 -8.62
N THR A 125 -15.71 -5.27 -9.54
CA THR A 125 -16.11 -4.52 -10.72
C THR A 125 -17.59 -4.11 -10.62
N GLY A 126 -17.87 -2.91 -11.09
CA GLY A 126 -19.23 -2.39 -11.06
C GLY A 126 -19.26 -0.95 -10.56
N GLY A 127 -20.40 -0.31 -10.78
CA GLY A 127 -20.56 1.07 -10.36
C GLY A 127 -20.17 2.04 -11.46
N ALA A 128 -19.16 2.86 -11.16
CA ALA A 128 -18.68 3.83 -12.12
C ALA A 128 -19.85 4.64 -12.66
N VAL A 129 -20.18 5.72 -11.94
CA VAL A 129 -21.27 6.58 -12.34
C VAL A 129 -20.77 8.01 -12.52
N ASP A 130 -20.85 8.48 -13.74
CA ASP A 130 -20.40 9.83 -14.06
C ASP A 130 -18.90 9.93 -13.78
N ARG A 131 -18.30 10.97 -14.35
CA ARG A 131 -16.87 11.21 -14.17
C ARG A 131 -16.43 12.43 -14.97
N LEU A 132 -15.20 12.86 -14.70
CA LEU A 132 -14.65 14.02 -15.38
C LEU A 132 -13.17 14.13 -15.06
N THR A 133 -12.34 13.67 -16.00
CA THR A 133 -10.90 13.71 -15.82
C THR A 133 -10.43 15.15 -15.63
N ASP A 134 -9.81 15.39 -14.49
CA ASP A 134 -9.31 16.72 -14.18
C ASP A 134 -7.84 16.63 -13.76
N THR A 135 -7.07 17.60 -14.21
CA THR A 135 -5.65 17.63 -13.89
C THR A 135 -5.33 18.81 -12.97
N SER A 136 -5.77 18.67 -11.73
CA SER A 136 -5.55 19.72 -10.74
C SER A 136 -4.06 20.02 -10.63
N LYS A 137 -3.28 18.98 -10.37
CA LYS A 137 -1.84 19.13 -10.25
C LYS A 137 -1.15 18.22 -11.25
N TYR A 138 0.17 18.33 -11.29
CA TYR A 138 0.96 17.52 -12.21
C TYR A 138 2.46 17.63 -11.89
N THR A 139 2.86 18.85 -11.57
CA THR A 139 4.26 19.11 -11.25
C THR A 139 4.40 19.50 -9.77
N GLY A 140 5.11 18.67 -9.04
CA GLY A 140 5.32 18.91 -7.62
C GLY A 140 6.67 18.35 -7.16
N SER A 141 7.45 19.21 -6.53
CA SER A 141 8.76 18.82 -6.04
C SER A 141 9.03 19.48 -4.69
N HIS A 142 9.76 18.76 -3.85
CA HIS A 142 10.10 19.27 -2.52
C HIS A 142 11.60 19.57 -2.46
N LYS A 143 11.93 20.61 -1.71
CA LYS A 143 13.31 21.01 -1.55
C LYS A 143 13.45 21.90 -0.31
N GLU A 144 14.44 21.57 0.50
CA GLU A 144 14.69 22.32 1.72
C GLU A 144 13.42 22.39 2.56
N ARG A 145 12.84 21.23 2.82
CA ARG A 145 11.63 21.14 3.61
C ARG A 145 11.84 20.25 4.83
N SER A 146 10.93 20.38 5.78
CA SER A 146 11.00 19.58 7.00
C SER A 146 12.31 19.89 7.74
N GLY A 147 12.16 20.44 8.93
CA GLY A 147 13.31 20.80 9.75
C GLY A 147 12.88 21.46 11.05
N PRO A 148 12.87 20.63 12.14
CA PRO A 148 12.47 21.13 13.45
C PRO A 148 13.58 21.98 14.07
N SER A 149 13.19 22.79 15.04
CA SER A 149 14.14 23.66 15.72
C SER A 149 15.09 22.82 16.57
N SER A 150 14.52 22.14 17.55
CA SER A 150 15.31 21.31 18.44
C SER A 150 14.46 20.13 18.94
N GLY A 151 15.15 19.05 19.28
CA GLY A 151 14.49 17.86 19.76
C GLY A 151 15.44 16.66 19.81
N GLY A 1 11.70 -21.02 41.74
CA GLY A 1 11.43 -19.73 42.34
C GLY A 1 10.23 -19.06 41.66
N SER A 2 9.97 -17.83 42.07
CA SER A 2 8.85 -17.07 41.53
C SER A 2 9.32 -15.69 41.09
N SER A 3 8.81 -15.25 39.95
CA SER A 3 9.17 -13.95 39.42
C SER A 3 7.91 -13.19 39.00
N GLY A 4 8.08 -11.89 38.80
CA GLY A 4 6.97 -11.05 38.39
C GLY A 4 6.55 -11.35 36.94
N SER A 5 6.37 -10.28 36.19
CA SER A 5 5.97 -10.41 34.79
C SER A 5 6.26 -9.11 34.04
N SER A 6 6.06 -9.17 32.73
CA SER A 6 6.30 -8.00 31.89
C SER A 6 5.45 -8.10 30.62
N GLY A 7 4.98 -6.95 30.18
CA GLY A 7 4.15 -6.89 28.97
C GLY A 7 4.27 -5.52 28.30
N MET A 8 4.44 -5.57 26.98
CA MET A 8 4.57 -4.34 26.21
C MET A 8 3.22 -3.93 25.63
N ALA A 9 3.06 -2.62 25.50
CA ALA A 9 1.82 -2.07 24.96
C ALA A 9 1.95 -0.54 24.85
N ALA A 10 2.32 -0.09 23.67
CA ALA A 10 2.48 1.33 23.43
C ALA A 10 2.77 1.57 21.95
N SER A 11 1.86 2.29 21.31
CA SER A 11 2.00 2.60 19.89
C SER A 11 0.90 3.56 19.45
N THR A 12 1.27 4.83 19.34
CA THR A 12 0.33 5.86 18.93
C THR A 12 0.31 5.99 17.40
N ASP A 13 1.51 6.14 16.84
CA ASP A 13 1.63 6.27 15.40
C ASP A 13 1.56 4.88 14.75
N ILE A 14 1.42 4.88 13.44
CA ILE A 14 1.33 3.64 12.69
C ILE A 14 2.33 2.63 13.28
N ALA A 15 3.56 2.72 12.82
CA ALA A 15 4.61 1.82 13.30
C ALA A 15 4.45 0.46 12.61
N GLY A 16 5.00 0.37 11.41
CA GLY A 16 4.94 -0.86 10.64
C GLY A 16 4.74 -0.57 9.16
N LEU A 17 4.38 0.67 8.88
CA LEU A 17 4.15 1.09 7.50
C LEU A 17 5.36 0.70 6.64
N GLU A 18 6.50 1.31 6.97
CA GLU A 18 7.72 1.03 6.23
C GLU A 18 8.01 -0.47 6.23
N GLU A 19 7.62 -1.12 7.32
CA GLU A 19 7.84 -2.56 7.45
C GLU A 19 7.04 -3.31 6.38
N SER A 20 5.76 -2.97 6.29
CA SER A 20 4.88 -3.60 5.32
C SER A 20 5.39 -3.33 3.91
N PHE A 21 5.72 -2.08 3.66
CA PHE A 21 6.22 -1.67 2.36
C PHE A 21 7.36 -2.58 1.91
N ARG A 22 8.37 -2.69 2.77
CA ARG A 22 9.52 -3.51 2.46
C ARG A 22 9.08 -4.91 2.03
N LYS A 23 8.16 -5.47 2.80
CA LYS A 23 7.65 -6.80 2.50
C LYS A 23 7.22 -6.86 1.03
N PHE A 24 6.37 -5.91 0.65
CA PHE A 24 5.88 -5.85 -0.71
C PHE A 24 6.98 -5.36 -1.67
N ALA A 25 7.92 -4.62 -1.10
CA ALA A 25 9.02 -4.09 -1.88
C ALA A 25 9.97 -5.24 -2.26
N ILE A 26 10.29 -6.05 -1.27
CA ILE A 26 11.18 -7.18 -1.48
C ILE A 26 10.35 -8.39 -1.92
N HIS A 27 9.10 -8.13 -2.25
CA HIS A 27 8.20 -9.18 -2.69
C HIS A 27 8.87 -10.02 -3.78
N GLY A 28 9.12 -11.28 -3.45
CA GLY A 28 9.76 -12.18 -4.38
C GLY A 28 11.10 -11.62 -4.87
N ASP A 29 12.02 -11.48 -3.93
CA ASP A 29 13.34 -10.97 -4.24
C ASP A 29 14.16 -10.85 -2.96
N PRO A 30 15.10 -11.82 -2.78
CA PRO A 30 15.94 -11.84 -1.60
C PRO A 30 17.03 -10.76 -1.69
N LYS A 31 17.37 -10.41 -2.93
CA LYS A 31 18.39 -9.40 -3.16
C LYS A 31 17.83 -8.03 -2.75
N ALA A 32 16.51 -7.91 -2.79
CA ALA A 32 15.86 -6.67 -2.42
C ALA A 32 16.09 -6.39 -0.94
N SER A 33 16.49 -5.16 -0.66
CA SER A 33 16.74 -4.74 0.71
C SER A 33 15.58 -3.90 1.24
N GLY A 34 14.60 -3.69 0.36
CA GLY A 34 13.43 -2.91 0.73
C GLY A 34 13.69 -1.42 0.49
N GLN A 35 14.40 -1.14 -0.58
CA GLN A 35 14.71 0.24 -0.94
C GLN A 35 14.02 0.63 -2.25
N GLU A 36 13.54 -0.39 -2.94
CA GLU A 36 12.85 -0.17 -4.21
C GLU A 36 11.56 -0.98 -4.26
N MET A 37 10.58 -0.45 -4.99
CA MET A 37 9.30 -1.11 -5.12
C MET A 37 8.79 -1.03 -6.56
N ASN A 38 8.65 -2.20 -7.17
CA ASN A 38 8.18 -2.28 -8.54
C ASN A 38 6.68 -1.99 -8.57
N GLY A 39 6.26 -1.31 -9.63
CA GLY A 39 4.86 -0.98 -9.79
C GLY A 39 3.97 -2.19 -9.55
N LYS A 40 4.46 -3.35 -9.97
CA LYS A 40 3.73 -4.58 -9.81
C LYS A 40 3.53 -4.86 -8.32
N ASN A 41 4.51 -4.45 -7.54
CA ASN A 41 4.45 -4.65 -6.10
C ASN A 41 3.68 -3.49 -5.46
N TRP A 42 3.85 -2.31 -6.03
CA TRP A 42 3.18 -1.13 -5.53
C TRP A 42 1.68 -1.31 -5.75
N ALA A 43 1.31 -1.46 -7.02
CA ALA A 43 -0.09 -1.65 -7.38
C ALA A 43 -0.68 -2.80 -6.56
N LYS A 44 0.05 -3.90 -6.55
CA LYS A 44 -0.38 -5.08 -5.81
C LYS A 44 -0.53 -4.72 -4.33
N LEU A 45 0.50 -4.08 -3.81
CA LEU A 45 0.49 -3.68 -2.41
C LEU A 45 -0.73 -2.79 -2.15
N CYS A 46 -1.12 -2.06 -3.18
CA CYS A 46 -2.27 -1.17 -3.07
C CYS A 46 -3.53 -1.99 -3.32
N LYS A 47 -3.34 -3.29 -3.46
CA LYS A 47 -4.46 -4.19 -3.70
C LYS A 47 -4.62 -5.12 -2.49
N ASP A 48 -3.54 -5.79 -2.16
CA ASP A 48 -3.55 -6.72 -1.03
C ASP A 48 -3.91 -5.95 0.25
N CYS A 49 -3.49 -4.69 0.29
CA CYS A 49 -3.76 -3.84 1.43
C CYS A 49 -5.08 -3.12 1.20
N LYS A 50 -5.83 -3.61 0.22
CA LYS A 50 -7.11 -3.03 -0.12
C LYS A 50 -6.98 -1.49 -0.11
N VAL A 51 -5.98 -1.01 -0.81
CA VAL A 51 -5.74 0.41 -0.90
C VAL A 51 -6.40 0.97 -2.16
N ALA A 52 -6.51 0.11 -3.16
CA ALA A 52 -7.13 0.50 -4.42
C ALA A 52 -8.48 -0.23 -4.56
N ASP A 53 -9.48 0.33 -3.91
CA ASP A 53 -10.81 -0.25 -3.96
C ASP A 53 -11.24 -0.40 -5.42
N GLY A 54 -10.81 0.56 -6.23
CA GLY A 54 -11.14 0.54 -7.64
C GLY A 54 -12.09 1.68 -8.00
N LYS A 55 -12.95 2.01 -7.05
CA LYS A 55 -13.92 3.08 -7.25
C LYS A 55 -13.19 4.43 -7.17
N ALA A 56 -12.88 4.81 -5.93
CA ALA A 56 -12.19 6.08 -5.70
C ALA A 56 -10.80 6.02 -6.33
N VAL A 57 -10.17 4.86 -6.17
CA VAL A 57 -8.83 4.67 -6.71
C VAL A 57 -8.85 3.51 -7.71
N THR A 58 -8.45 3.82 -8.94
CA THR A 58 -8.43 2.82 -9.99
C THR A 58 -6.98 2.50 -10.38
N GLY A 59 -6.74 1.23 -10.68
CA GLY A 59 -5.41 0.78 -11.06
C GLY A 59 -4.80 1.75 -12.08
N THR A 60 -5.67 2.46 -12.78
CA THR A 60 -5.22 3.41 -13.78
C THR A 60 -4.62 4.64 -13.11
N ASP A 61 -5.19 5.00 -11.98
CA ASP A 61 -4.71 6.16 -11.23
C ASP A 61 -3.40 5.80 -10.53
N VAL A 62 -3.43 4.67 -9.83
CA VAL A 62 -2.25 4.20 -9.11
C VAL A 62 -1.12 3.97 -10.11
N ASP A 63 -1.49 3.47 -11.27
CA ASP A 63 -0.51 3.19 -12.32
C ASP A 63 0.15 4.50 -12.76
N ILE A 64 -0.68 5.52 -12.89
CA ILE A 64 -0.20 6.83 -13.30
C ILE A 64 0.59 7.46 -12.15
N VAL A 65 0.00 7.41 -10.98
CA VAL A 65 0.64 7.96 -9.79
C VAL A 65 2.04 7.36 -9.64
N PHE A 66 2.10 6.04 -9.77
CA PHE A 66 3.37 5.34 -9.64
C PHE A 66 4.37 5.83 -10.70
N SER A 67 3.83 6.20 -11.85
CA SER A 67 4.67 6.67 -12.94
C SER A 67 4.79 8.20 -12.86
N LYS A 68 4.05 8.78 -11.93
CA LYS A 68 4.08 10.22 -11.75
C LYS A 68 5.08 10.58 -10.65
N VAL A 69 5.35 9.59 -9.80
CA VAL A 69 6.29 9.78 -8.70
C VAL A 69 7.71 9.47 -9.19
N LYS A 70 7.79 8.50 -10.09
CA LYS A 70 9.08 8.11 -10.65
C LYS A 70 9.35 8.92 -11.91
N ALA A 71 10.26 8.39 -12.72
CA ALA A 71 10.63 9.06 -13.96
C ALA A 71 10.47 8.07 -15.12
N LYS A 72 10.77 8.56 -16.32
CA LYS A 72 10.67 7.75 -17.51
C LYS A 72 11.83 6.76 -17.55
N SER A 73 12.79 7.00 -16.66
CA SER A 73 13.96 6.14 -16.59
C SER A 73 13.75 5.05 -15.52
N ALA A 74 13.84 5.48 -14.27
CA ALA A 74 13.66 4.56 -13.16
C ALA A 74 12.47 3.65 -13.45
N ARG A 75 12.53 2.45 -12.88
CA ARG A 75 11.46 1.48 -13.07
C ARG A 75 10.91 1.03 -11.72
N VAL A 76 11.52 1.56 -10.66
CA VAL A 76 11.09 1.22 -9.31
C VAL A 76 10.95 2.51 -8.49
N ILE A 77 10.21 2.40 -7.39
CA ILE A 77 9.99 3.53 -6.53
C ILE A 77 10.51 3.21 -5.13
N ASN A 78 10.86 4.26 -4.39
CA ASN A 78 11.38 4.11 -3.05
C ASN A 78 10.32 4.55 -2.04
N TYR A 79 10.48 4.08 -0.81
CA TYR A 79 9.54 4.42 0.24
C TYR A 79 9.15 5.89 0.18
N GLU A 80 10.06 6.69 -0.34
CA GLU A 80 9.83 8.13 -0.47
C GLU A 80 8.82 8.40 -1.59
N GLU A 81 9.08 7.78 -2.74
CA GLU A 81 8.21 7.95 -3.89
C GLU A 81 6.94 7.11 -3.73
N PHE A 82 7.02 6.16 -2.81
CA PHE A 82 5.89 5.28 -2.54
C PHE A 82 4.88 5.95 -1.61
N LYS A 83 5.41 6.78 -0.71
CA LYS A 83 4.57 7.47 0.24
C LYS A 83 3.80 8.58 -0.48
N LYS A 84 4.41 9.09 -1.54
CA LYS A 84 3.80 10.15 -2.32
C LYS A 84 2.49 9.62 -2.93
N ALA A 85 2.62 8.52 -3.67
CA ALA A 85 1.46 7.92 -4.31
C ALA A 85 0.35 7.74 -3.29
N LEU A 86 0.72 7.20 -2.14
CA LEU A 86 -0.25 6.98 -1.07
C LEU A 86 -0.96 8.30 -0.75
N GLU A 87 -0.19 9.38 -0.78
CA GLU A 87 -0.74 10.69 -0.49
C GLU A 87 -1.77 11.08 -1.55
N GLU A 88 -1.49 10.66 -2.78
CA GLU A 88 -2.38 10.95 -3.89
C GLU A 88 -3.60 10.03 -3.86
N LEU A 89 -3.39 8.86 -3.25
CA LEU A 89 -4.46 7.88 -3.15
C LEU A 89 -5.09 7.98 -1.75
N ALA A 90 -4.56 8.88 -0.96
CA ALA A 90 -5.05 9.08 0.39
C ALA A 90 -6.35 9.89 0.33
N THR A 91 -6.25 11.07 -0.25
CA THR A 91 -7.41 11.95 -0.37
C THR A 91 -8.33 11.46 -1.50
N LYS A 92 -7.74 10.69 -2.39
CA LYS A 92 -8.50 10.15 -3.52
C LYS A 92 -9.26 8.90 -3.06
N ARG A 93 -8.77 8.31 -1.99
CA ARG A 93 -9.39 7.11 -1.44
C ARG A 93 -10.33 7.47 -0.29
N PHE A 94 -9.73 7.97 0.78
CA PHE A 94 -10.51 8.36 1.95
C PHE A 94 -11.23 9.68 1.72
N LYS A 95 -12.46 9.57 1.22
CA LYS A 95 -13.27 10.75 0.95
C LYS A 95 -12.35 11.96 0.76
N GLY A 96 -12.60 12.98 1.57
CA GLY A 96 -11.81 14.20 1.50
C GLY A 96 -11.19 14.52 2.86
N LYS A 97 -10.79 13.46 3.56
CA LYS A 97 -10.18 13.61 4.86
C LYS A 97 -8.98 14.56 4.76
N SER A 98 -8.21 14.61 5.84
CA SER A 98 -7.04 15.47 5.87
C SER A 98 -5.86 14.77 5.21
N LYS A 99 -4.87 15.57 4.85
CA LYS A 99 -3.67 15.04 4.21
C LYS A 99 -3.00 14.04 5.14
N GLU A 100 -2.95 14.39 6.42
CA GLU A 100 -2.35 13.53 7.41
C GLU A 100 -3.26 12.34 7.72
N GLU A 101 -4.50 12.66 8.05
CA GLU A 101 -5.48 11.63 8.36
C GLU A 101 -5.64 10.68 7.18
N ALA A 102 -5.89 11.27 6.02
CA ALA A 102 -6.08 10.49 4.81
C ALA A 102 -4.86 9.58 4.60
N PHE A 103 -3.69 10.16 4.85
CA PHE A 103 -2.45 9.42 4.69
C PHE A 103 -2.26 8.43 5.84
N ASP A 104 -2.79 8.80 7.00
CA ASP A 104 -2.69 7.95 8.17
C ASP A 104 -3.71 6.82 8.09
N ALA A 105 -4.75 7.07 7.29
CA ALA A 105 -5.80 6.09 7.12
C ALA A 105 -5.35 5.04 6.10
N ILE A 106 -4.56 5.49 5.13
CA ILE A 106 -4.06 4.61 4.10
C ILE A 106 -2.88 3.80 4.65
N CYS A 107 -2.15 4.43 5.55
CA CYS A 107 -1.00 3.78 6.16
C CYS A 107 -1.51 2.65 7.05
N GLN A 108 -2.65 2.90 7.69
CA GLN A 108 -3.25 1.91 8.58
C GLN A 108 -3.73 0.70 7.77
N LEU A 109 -3.81 0.89 6.46
CA LEU A 109 -4.25 -0.17 5.57
C LEU A 109 -3.06 -1.08 5.26
N ILE A 110 -1.90 -0.46 5.07
CA ILE A 110 -0.70 -1.20 4.77
C ILE A 110 -0.03 -1.64 6.06
N ALA A 111 0.45 -0.66 6.81
CA ALA A 111 1.11 -0.93 8.08
C ALA A 111 0.38 -2.07 8.79
N GLY A 112 1.15 -3.09 9.13
CA GLY A 112 0.59 -4.25 9.83
C GLY A 112 0.28 -5.38 8.84
N LYS A 113 -0.23 -4.99 7.68
CA LYS A 113 -0.58 -5.95 6.65
C LYS A 113 0.71 -6.44 5.98
N GLU A 114 0.56 -7.53 5.24
CA GLU A 114 1.70 -8.11 4.54
C GLU A 114 1.22 -8.85 3.28
N PRO A 115 2.17 -8.99 2.31
CA PRO A 115 1.86 -9.67 1.06
C PRO A 115 1.79 -11.19 1.27
N ALA A 116 1.95 -11.91 0.16
CA ALA A 116 1.90 -13.36 0.21
C ALA A 116 0.46 -13.81 0.43
N ASN A 117 0.30 -15.11 0.61
CA ASN A 117 -1.01 -15.68 0.84
C ASN A 117 -1.21 -15.93 2.34
N ILE A 118 -1.41 -14.84 3.06
CA ILE A 118 -1.62 -14.92 4.49
C ILE A 118 -3.11 -14.78 4.80
N GLY A 119 -3.40 -14.43 6.05
CA GLY A 119 -4.77 -14.27 6.49
C GLY A 119 -5.59 -15.54 6.24
N VAL A 120 -5.75 -16.31 7.30
CA VAL A 120 -6.50 -17.56 7.21
C VAL A 120 -7.76 -17.32 6.38
N THR A 121 -7.77 -17.93 5.20
CA THR A 121 -8.90 -17.80 4.30
C THR A 121 -8.82 -18.83 3.18
N LYS A 122 -9.98 -19.18 2.64
CA LYS A 122 -10.05 -20.15 1.56
C LYS A 122 -8.90 -19.90 0.58
N ALA A 123 -8.45 -20.98 -0.04
CA ALA A 123 -7.36 -20.90 -0.99
C ALA A 123 -7.73 -19.90 -2.08
N LYS A 124 -6.71 -19.20 -2.57
CA LYS A 124 -6.92 -18.22 -3.63
C LYS A 124 -6.27 -18.71 -4.92
N THR A 125 -6.87 -18.32 -6.03
CA THR A 125 -6.36 -18.72 -7.34
C THR A 125 -5.70 -17.53 -8.04
N GLY A 126 -4.70 -17.84 -8.85
CA GLY A 126 -3.98 -16.81 -9.58
C GLY A 126 -4.96 -15.86 -10.28
N GLY A 127 -4.40 -14.85 -10.92
CA GLY A 127 -5.19 -13.87 -11.64
C GLY A 127 -4.55 -13.51 -12.97
N ALA A 128 -5.35 -12.88 -13.83
CA ALA A 128 -4.87 -12.48 -15.14
C ALA A 128 -4.01 -11.22 -15.00
N VAL A 129 -3.44 -10.80 -16.11
CA VAL A 129 -2.59 -9.62 -16.13
C VAL A 129 -3.02 -8.72 -17.29
N ASP A 130 -3.21 -7.45 -16.97
CA ASP A 130 -3.62 -6.48 -17.97
C ASP A 130 -2.46 -6.27 -18.96
N ARG A 131 -2.39 -7.15 -19.93
CA ARG A 131 -1.35 -7.08 -20.94
C ARG A 131 -1.85 -7.69 -22.25
N LEU A 132 -1.03 -7.52 -23.30
CA LEU A 132 -1.37 -8.04 -24.60
C LEU A 132 -0.20 -7.82 -25.55
N THR A 133 0.50 -8.91 -25.86
CA THR A 133 1.64 -8.84 -26.75
C THR A 133 1.99 -10.24 -27.27
N ASP A 134 2.60 -10.27 -28.43
CA ASP A 134 3.00 -11.53 -29.05
C ASP A 134 3.60 -11.25 -30.43
N THR A 135 4.56 -12.09 -30.80
CA THR A 135 5.21 -11.95 -32.08
C THR A 135 5.63 -13.32 -32.62
N SER A 136 4.68 -13.99 -33.25
CA SER A 136 4.93 -15.31 -33.80
C SER A 136 5.79 -15.18 -35.07
N LYS A 137 5.26 -14.45 -36.03
CA LYS A 137 5.95 -14.24 -37.29
C LYS A 137 5.88 -15.52 -38.12
N TYR A 138 6.48 -16.57 -37.60
CA TYR A 138 6.48 -17.85 -38.28
C TYR A 138 6.88 -17.69 -39.75
N THR A 139 8.15 -17.89 -40.01
CA THR A 139 8.66 -17.77 -41.37
C THR A 139 8.63 -19.12 -42.08
N GLY A 140 8.27 -19.08 -43.35
CA GLY A 140 8.19 -20.29 -44.15
C GLY A 140 9.58 -20.67 -44.70
N SER A 141 9.92 -21.94 -44.51
CA SER A 141 11.20 -22.44 -44.97
C SER A 141 11.00 -23.29 -46.24
N HIS A 142 12.01 -23.26 -47.09
CA HIS A 142 11.97 -24.00 -48.33
C HIS A 142 13.14 -24.99 -48.39
N LYS A 143 14.34 -24.43 -48.35
CA LYS A 143 15.54 -25.23 -48.40
C LYS A 143 15.64 -25.93 -49.76
N GLU A 144 16.87 -26.29 -50.12
CA GLU A 144 17.10 -26.96 -51.39
C GLU A 144 18.43 -27.72 -51.33
N ARG A 145 18.38 -28.96 -51.79
CA ARG A 145 19.56 -29.80 -51.81
C ARG A 145 19.95 -30.15 -53.24
N SER A 146 21.25 -30.25 -53.46
CA SER A 146 21.78 -30.56 -54.78
C SER A 146 23.18 -31.15 -54.67
N GLY A 147 23.64 -31.73 -55.77
CA GLY A 147 24.96 -32.32 -55.81
C GLY A 147 25.56 -32.25 -57.21
N PRO A 148 26.87 -31.86 -57.26
CA PRO A 148 27.57 -31.74 -58.53
C PRO A 148 27.91 -33.12 -59.09
N SER A 149 28.58 -33.10 -60.24
CA SER A 149 28.97 -34.33 -60.90
C SER A 149 30.43 -34.26 -61.35
N SER A 150 31.05 -35.42 -61.44
CA SER A 150 32.45 -35.49 -61.86
C SER A 150 32.62 -36.57 -62.92
N GLY A 151 33.80 -36.58 -63.53
CA GLY A 151 34.11 -37.56 -64.57
C GLY A 151 34.20 -36.88 -65.93
N GLY A 1 17.67 -12.12 34.75
CA GLY A 1 18.12 -11.24 35.83
C GLY A 1 17.01 -11.06 36.88
N SER A 2 16.84 -12.10 37.69
CA SER A 2 15.83 -12.07 38.73
C SER A 2 14.47 -11.70 38.13
N SER A 3 13.66 -12.72 37.92
CA SER A 3 12.33 -12.53 37.36
C SER A 3 11.66 -11.33 38.02
N GLY A 4 11.19 -10.42 37.20
CA GLY A 4 10.52 -9.22 37.69
C GLY A 4 10.69 -8.06 36.71
N SER A 5 11.94 -7.70 36.47
CA SER A 5 12.26 -6.61 35.57
C SER A 5 11.61 -6.86 34.20
N SER A 6 11.17 -5.78 33.58
CA SER A 6 10.54 -5.87 32.27
C SER A 6 10.63 -4.54 31.55
N GLY A 7 10.25 -4.55 30.29
CA GLY A 7 10.30 -3.35 29.47
C GLY A 7 9.04 -3.24 28.59
N MET A 8 8.37 -2.12 28.72
CA MET A 8 7.16 -1.87 27.94
C MET A 8 7.50 -1.35 26.55
N ALA A 9 6.48 -1.28 25.71
CA ALA A 9 6.65 -0.80 24.34
C ALA A 9 6.04 0.59 24.21
N ALA A 10 6.40 1.26 23.13
CA ALA A 10 5.89 2.60 22.88
C ALA A 10 4.93 2.56 21.68
N SER A 11 4.38 3.72 21.37
CA SER A 11 3.45 3.84 20.26
C SER A 11 3.14 5.30 19.98
N THR A 12 3.90 5.88 19.06
CA THR A 12 3.72 7.27 18.69
C THR A 12 3.44 7.40 17.19
N ASP A 13 4.25 6.70 16.41
CA ASP A 13 4.11 6.72 14.97
C ASP A 13 3.50 5.40 14.49
N ILE A 14 3.30 5.30 13.19
CA ILE A 14 2.73 4.10 12.61
C ILE A 14 3.47 2.88 13.13
N ALA A 15 4.73 2.76 12.72
CA ALA A 15 5.55 1.64 13.14
C ALA A 15 4.98 0.34 12.57
N GLY A 16 5.10 0.20 11.26
CA GLY A 16 4.60 -0.98 10.58
C GLY A 16 4.52 -0.75 9.07
N LEU A 17 4.32 0.51 8.70
CA LEU A 17 4.23 0.86 7.30
C LEU A 17 5.50 0.43 6.57
N GLU A 18 6.57 1.18 6.80
CA GLU A 18 7.84 0.88 6.18
C GLU A 18 8.18 -0.61 6.34
N GLU A 19 7.60 -1.20 7.39
CA GLU A 19 7.82 -2.60 7.66
C GLU A 19 7.07 -3.48 6.65
N SER A 20 5.91 -2.98 6.25
CA SER A 20 5.08 -3.70 5.30
C SER A 20 5.56 -3.42 3.87
N PHE A 21 5.84 -2.15 3.62
CA PHE A 21 6.31 -1.74 2.30
C PHE A 21 7.47 -2.62 1.84
N ARG A 22 8.47 -2.72 2.69
CA ARG A 22 9.65 -3.52 2.38
C ARG A 22 9.23 -4.93 1.96
N LYS A 23 8.34 -5.51 2.75
CA LYS A 23 7.85 -6.85 2.47
C LYS A 23 7.40 -6.93 1.01
N PHE A 24 6.60 -5.95 0.62
CA PHE A 24 6.09 -5.90 -0.75
C PHE A 24 7.18 -5.41 -1.72
N ALA A 25 8.10 -4.63 -1.17
CA ALA A 25 9.19 -4.10 -1.98
C ALA A 25 10.16 -5.23 -2.34
N ILE A 26 10.52 -6.00 -1.33
CA ILE A 26 11.43 -7.12 -1.53
C ILE A 26 10.62 -8.40 -1.77
N HIS A 27 9.35 -8.20 -2.10
CA HIS A 27 8.47 -9.32 -2.37
C HIS A 27 9.09 -10.24 -3.42
N GLY A 28 9.67 -11.32 -2.94
CA GLY A 28 10.32 -12.28 -3.82
C GLY A 28 11.80 -11.97 -3.99
N ASP A 29 12.07 -10.74 -4.40
CA ASP A 29 13.44 -10.30 -4.60
C ASP A 29 14.21 -10.39 -3.28
N PRO A 30 15.16 -11.35 -3.23
CA PRO A 30 15.96 -11.56 -2.03
C PRO A 30 17.01 -10.44 -1.89
N LYS A 31 17.43 -9.92 -3.03
CA LYS A 31 18.43 -8.86 -3.04
C LYS A 31 17.82 -7.58 -2.46
N ALA A 32 16.68 -7.20 -3.02
CA ALA A 32 15.98 -6.01 -2.58
C ALA A 32 16.09 -5.90 -1.06
N SER A 33 16.49 -4.71 -0.61
CA SER A 33 16.64 -4.46 0.82
C SER A 33 15.52 -3.55 1.31
N GLY A 34 14.71 -3.09 0.35
CA GLY A 34 13.60 -2.22 0.68
C GLY A 34 13.90 -0.77 0.27
N GLN A 35 14.68 -0.64 -0.79
CA GLN A 35 15.05 0.67 -1.29
C GLN A 35 14.37 0.93 -2.64
N GLU A 36 13.69 -0.09 -3.13
CA GLU A 36 12.99 0.01 -4.40
C GLU A 36 11.72 -0.83 -4.39
N MET A 37 10.75 -0.40 -5.18
CA MET A 37 9.48 -1.11 -5.27
C MET A 37 8.92 -1.05 -6.70
N ASN A 38 8.73 -2.23 -7.27
CA ASN A 38 8.21 -2.33 -8.62
C ASN A 38 6.71 -2.00 -8.60
N GLY A 39 6.26 -1.33 -9.66
CA GLY A 39 4.87 -0.95 -9.77
C GLY A 39 3.95 -2.14 -9.43
N LYS A 40 4.36 -3.31 -9.89
CA LYS A 40 3.60 -4.51 -9.64
C LYS A 40 3.54 -4.78 -8.13
N ASN A 41 4.65 -4.49 -7.47
CA ASN A 41 4.74 -4.70 -6.04
C ASN A 41 4.11 -3.50 -5.32
N TRP A 42 3.75 -2.50 -6.10
CA TRP A 42 3.14 -1.30 -5.55
C TRP A 42 1.62 -1.44 -5.69
N ALA A 43 1.18 -1.52 -6.93
CA ALA A 43 -0.25 -1.67 -7.22
C ALA A 43 -0.81 -2.84 -6.42
N LYS A 44 -0.06 -3.94 -6.44
CA LYS A 44 -0.46 -5.13 -5.73
C LYS A 44 -0.57 -4.83 -4.23
N LEU A 45 0.46 -4.15 -3.72
CA LEU A 45 0.49 -3.79 -2.32
C LEU A 45 -0.77 -3.00 -1.97
N CYS A 46 -1.29 -2.31 -2.97
CA CYS A 46 -2.49 -1.51 -2.79
C CYS A 46 -3.70 -2.46 -2.76
N LYS A 47 -3.79 -3.26 -3.82
CA LYS A 47 -4.89 -4.20 -3.93
C LYS A 47 -4.87 -5.15 -2.74
N ASP A 48 -3.67 -5.48 -2.30
CA ASP A 48 -3.50 -6.38 -1.17
C ASP A 48 -3.86 -5.63 0.12
N CYS A 49 -3.62 -4.33 0.10
CA CYS A 49 -3.92 -3.50 1.25
C CYS A 49 -5.25 -2.78 1.00
N LYS A 50 -5.98 -3.30 0.02
CA LYS A 50 -7.27 -2.72 -0.33
C LYS A 50 -7.15 -1.20 -0.35
N VAL A 51 -6.10 -0.72 -1.00
CA VAL A 51 -5.87 0.71 -1.10
C VAL A 51 -6.55 1.25 -2.36
N ALA A 52 -6.54 0.43 -3.40
CA ALA A 52 -7.15 0.81 -4.65
C ALA A 52 -8.51 0.13 -4.80
N ASP A 53 -9.43 0.53 -3.93
CA ASP A 53 -10.76 -0.03 -3.94
C ASP A 53 -11.23 -0.21 -5.39
N GLY A 54 -10.86 0.75 -6.22
CA GLY A 54 -11.22 0.71 -7.62
C GLY A 54 -12.15 1.87 -7.97
N LYS A 55 -13.00 2.22 -7.02
CA LYS A 55 -13.95 3.30 -7.22
C LYS A 55 -13.21 4.63 -7.13
N ALA A 56 -12.91 5.02 -5.89
CA ALA A 56 -12.21 6.27 -5.66
C ALA A 56 -10.78 6.17 -6.22
N VAL A 57 -10.23 4.97 -6.12
CA VAL A 57 -8.89 4.72 -6.62
C VAL A 57 -8.93 3.60 -7.65
N THR A 58 -8.54 3.94 -8.87
CA THR A 58 -8.53 2.97 -9.95
C THR A 58 -7.09 2.59 -10.31
N GLY A 59 -6.90 1.32 -10.60
CA GLY A 59 -5.58 0.80 -10.96
C GLY A 59 -4.88 1.75 -11.92
N THR A 60 -5.68 2.52 -12.66
CA THR A 60 -5.16 3.46 -13.62
C THR A 60 -4.60 4.69 -12.91
N ASP A 61 -5.31 5.10 -11.88
CA ASP A 61 -4.91 6.27 -11.10
C ASP A 61 -3.61 5.95 -10.35
N VAL A 62 -3.60 4.79 -9.71
CA VAL A 62 -2.44 4.35 -8.96
C VAL A 62 -1.26 4.15 -9.92
N ASP A 63 -1.55 3.50 -11.04
CA ASP A 63 -0.53 3.25 -12.04
C ASP A 63 0.13 4.56 -12.43
N ILE A 64 -0.70 5.52 -12.81
CA ILE A 64 -0.21 6.82 -13.22
C ILE A 64 0.58 7.45 -12.08
N VAL A 65 0.00 7.39 -10.89
CA VAL A 65 0.64 7.93 -9.70
C VAL A 65 2.05 7.34 -9.57
N PHE A 66 2.12 6.02 -9.72
CA PHE A 66 3.38 5.33 -9.61
C PHE A 66 4.38 5.83 -10.66
N SER A 67 3.84 6.21 -11.81
CA SER A 67 4.66 6.71 -12.89
C SER A 67 4.78 8.23 -12.79
N LYS A 68 4.08 8.79 -11.83
CA LYS A 68 4.10 10.23 -11.61
C LYS A 68 5.13 10.56 -10.53
N VAL A 69 5.47 9.55 -9.76
CA VAL A 69 6.45 9.72 -8.68
C VAL A 69 7.82 9.30 -9.18
N LYS A 70 7.82 8.48 -10.23
CA LYS A 70 9.06 8.00 -10.81
C LYS A 70 9.33 8.75 -12.12
N ALA A 71 10.37 8.31 -12.81
CA ALA A 71 10.76 8.94 -14.06
C ALA A 71 10.41 7.99 -15.22
N LYS A 72 10.96 8.31 -16.39
CA LYS A 72 10.73 7.50 -17.56
C LYS A 72 11.80 6.42 -17.67
N SER A 73 12.87 6.63 -16.92
CA SER A 73 13.97 5.69 -16.92
C SER A 73 13.79 4.66 -15.80
N ALA A 74 13.73 5.17 -14.58
CA ALA A 74 13.55 4.31 -13.42
C ALA A 74 12.33 3.41 -13.63
N ARG A 75 12.40 2.22 -13.05
CA ARG A 75 11.32 1.26 -13.17
C ARG A 75 10.84 0.81 -11.79
N VAL A 76 11.38 1.48 -10.77
CA VAL A 76 11.02 1.16 -9.40
C VAL A 76 10.92 2.45 -8.59
N ILE A 77 10.13 2.38 -7.52
CA ILE A 77 9.93 3.53 -6.66
C ILE A 77 10.49 3.21 -5.27
N ASN A 78 10.88 4.28 -4.57
CA ASN A 78 11.43 4.13 -3.23
C ASN A 78 10.37 4.54 -2.21
N TYR A 79 10.55 4.05 -0.99
CA TYR A 79 9.62 4.35 0.09
C TYR A 79 9.18 5.81 0.03
N GLU A 80 10.12 6.67 -0.33
CA GLU A 80 9.85 8.10 -0.43
C GLU A 80 8.82 8.37 -1.53
N GLU A 81 9.08 7.78 -2.69
CA GLU A 81 8.19 7.94 -3.83
C GLU A 81 6.92 7.11 -3.63
N PHE A 82 6.98 6.21 -2.67
CA PHE A 82 5.85 5.35 -2.37
C PHE A 82 4.84 6.07 -1.48
N LYS A 83 5.36 6.86 -0.56
CA LYS A 83 4.51 7.60 0.36
C LYS A 83 3.77 8.69 -0.41
N LYS A 84 4.41 9.17 -1.46
CA LYS A 84 3.81 10.21 -2.29
C LYS A 84 2.50 9.70 -2.88
N ALA A 85 2.60 8.59 -3.61
CA ALA A 85 1.43 8.00 -4.23
C ALA A 85 0.33 7.86 -3.19
N LEU A 86 0.70 7.33 -2.03
CA LEU A 86 -0.24 7.13 -0.95
C LEU A 86 -0.96 8.46 -0.66
N GLU A 87 -0.19 9.53 -0.70
CA GLU A 87 -0.74 10.85 -0.46
C GLU A 87 -1.75 11.23 -1.54
N GLU A 88 -1.44 10.81 -2.76
CA GLU A 88 -2.32 11.08 -3.88
C GLU A 88 -3.53 10.15 -3.86
N LEU A 89 -3.33 8.98 -3.27
CA LEU A 89 -4.39 7.99 -3.18
C LEU A 89 -5.03 8.08 -1.80
N ALA A 90 -4.52 9.00 -0.99
CA ALA A 90 -5.04 9.19 0.35
C ALA A 90 -6.37 9.95 0.28
N THR A 91 -6.32 11.12 -0.34
CA THR A 91 -7.50 11.94 -0.47
C THR A 91 -8.43 11.36 -1.55
N LYS A 92 -7.84 10.56 -2.42
CA LYS A 92 -8.60 9.93 -3.49
C LYS A 92 -9.25 8.65 -2.97
N ARG A 93 -8.67 8.12 -1.90
CA ARG A 93 -9.19 6.90 -1.30
C ARG A 93 -10.23 7.24 -0.24
N PHE A 94 -9.77 7.90 0.81
CA PHE A 94 -10.66 8.29 1.90
C PHE A 94 -11.44 9.55 1.55
N LYS A 95 -12.19 10.04 2.52
CA LYS A 95 -12.99 11.25 2.33
C LYS A 95 -13.27 11.88 3.69
N GLY A 96 -13.64 13.15 3.65
CA GLY A 96 -13.94 13.89 4.86
C GLY A 96 -12.81 13.76 5.88
N LYS A 97 -11.65 13.35 5.38
CA LYS A 97 -10.49 13.18 6.23
C LYS A 97 -9.58 14.40 6.09
N SER A 98 -8.32 14.13 5.80
CA SER A 98 -7.34 15.20 5.64
C SER A 98 -6.08 14.66 4.94
N LYS A 99 -5.16 15.57 4.68
CA LYS A 99 -3.92 15.20 4.01
C LYS A 99 -3.18 14.16 4.86
N GLU A 100 -3.08 14.46 6.15
CA GLU A 100 -2.41 13.57 7.08
C GLU A 100 -3.32 12.38 7.42
N GLU A 101 -4.57 12.71 7.70
CA GLU A 101 -5.55 11.69 8.05
C GLU A 101 -5.70 10.68 6.92
N ALA A 102 -5.96 11.22 5.73
CA ALA A 102 -6.13 10.38 4.55
C ALA A 102 -4.86 9.58 4.32
N PHE A 103 -3.74 10.16 4.74
CA PHE A 103 -2.45 9.51 4.57
C PHE A 103 -2.19 8.50 5.70
N ASP A 104 -2.67 8.86 6.89
CA ASP A 104 -2.50 8.00 8.05
C ASP A 104 -3.50 6.85 7.97
N ALA A 105 -4.62 7.13 7.31
CA ALA A 105 -5.67 6.14 7.16
C ALA A 105 -5.25 5.10 6.13
N ILE A 106 -4.54 5.58 5.11
CA ILE A 106 -4.07 4.71 4.05
C ILE A 106 -2.93 3.85 4.57
N CYS A 107 -2.22 4.39 5.54
CA CYS A 107 -1.10 3.68 6.14
C CYS A 107 -1.65 2.55 7.01
N GLN A 108 -2.86 2.77 7.52
CA GLN A 108 -3.50 1.80 8.37
C GLN A 108 -3.96 0.59 7.55
N LEU A 109 -3.85 0.75 6.24
CA LEU A 109 -4.25 -0.31 5.33
C LEU A 109 -3.03 -1.18 4.99
N ILE A 110 -1.86 -0.62 5.27
CA ILE A 110 -0.61 -1.33 5.00
C ILE A 110 0.08 -1.65 6.32
N ALA A 111 0.38 -0.61 7.08
CA ALA A 111 1.04 -0.76 8.36
C ALA A 111 0.37 -1.89 9.13
N GLY A 112 0.96 -3.07 9.04
CA GLY A 112 0.44 -4.24 9.72
C GLY A 112 0.17 -5.38 8.74
N LYS A 113 -0.39 -5.01 7.59
CA LYS A 113 -0.70 -5.99 6.56
C LYS A 113 0.60 -6.51 5.95
N GLU A 114 0.52 -7.70 5.36
CA GLU A 114 1.67 -8.31 4.74
C GLU A 114 1.30 -8.89 3.37
N PRO A 115 2.34 -9.00 2.49
CA PRO A 115 2.13 -9.53 1.16
C PRO A 115 1.94 -11.04 1.19
N ALA A 116 1.99 -11.58 2.40
CA ALA A 116 1.82 -13.03 2.58
C ALA A 116 3.01 -13.75 1.94
N ASN A 117 2.99 -15.07 2.07
CA ASN A 117 4.07 -15.88 1.52
C ASN A 117 3.55 -16.60 0.27
N ILE A 118 2.37 -17.20 0.41
CA ILE A 118 1.76 -17.93 -0.69
C ILE A 118 0.99 -16.94 -1.58
N GLY A 119 1.70 -15.89 -1.98
CA GLY A 119 1.09 -14.88 -2.83
C GLY A 119 2.11 -14.32 -3.84
N VAL A 120 2.19 -14.99 -4.98
CA VAL A 120 3.11 -14.58 -6.02
C VAL A 120 2.48 -14.86 -7.39
N THR A 121 2.91 -14.06 -8.36
CA THR A 121 2.39 -14.21 -9.71
C THR A 121 3.55 -14.26 -10.72
N LYS A 122 3.57 -15.34 -11.49
CA LYS A 122 4.61 -15.52 -12.49
C LYS A 122 5.98 -15.54 -11.80
N ALA A 123 6.30 -16.68 -11.22
CA ALA A 123 7.56 -16.83 -10.52
C ALA A 123 8.47 -17.79 -11.32
N LYS A 124 9.75 -17.48 -11.32
CA LYS A 124 10.72 -18.30 -12.03
C LYS A 124 10.80 -19.67 -11.37
N THR A 125 11.10 -20.67 -12.18
CA THR A 125 11.21 -22.03 -11.70
C THR A 125 12.37 -22.75 -12.38
N GLY A 126 13.52 -22.71 -11.73
CA GLY A 126 14.71 -23.36 -12.26
C GLY A 126 15.87 -23.25 -11.28
N GLY A 127 17.02 -23.75 -11.72
CA GLY A 127 18.22 -23.72 -10.89
C GLY A 127 19.30 -22.85 -11.52
N ALA A 128 20.01 -22.12 -10.67
CA ALA A 128 21.07 -21.25 -11.13
C ALA A 128 22.27 -21.37 -10.20
N VAL A 129 23.36 -20.72 -10.59
CA VAL A 129 24.58 -20.75 -9.80
C VAL A 129 24.65 -19.49 -8.93
N ASP A 130 24.66 -19.72 -7.62
CA ASP A 130 24.73 -18.61 -6.68
C ASP A 130 25.90 -18.85 -5.72
N ARG A 131 26.57 -17.76 -5.37
CA ARG A 131 27.70 -17.83 -4.47
C ARG A 131 28.33 -16.45 -4.29
N LEU A 132 29.18 -16.34 -3.28
CA LEU A 132 29.85 -15.08 -2.99
C LEU A 132 30.95 -15.32 -1.96
N THR A 133 31.78 -14.30 -1.78
CA THR A 133 32.87 -14.39 -0.82
C THR A 133 32.48 -13.71 0.50
N ASP A 134 32.78 -14.41 1.59
CA ASP A 134 32.46 -13.90 2.91
C ASP A 134 33.65 -14.16 3.84
N THR A 135 33.99 -13.13 4.61
CA THR A 135 35.09 -13.24 5.56
C THR A 135 34.66 -12.75 6.93
N SER A 136 34.25 -13.70 7.76
CA SER A 136 33.81 -13.38 9.11
C SER A 136 34.90 -13.75 10.12
N LYS A 137 35.39 -12.73 10.82
CA LYS A 137 36.43 -12.94 11.82
C LYS A 137 36.00 -12.30 13.13
N TYR A 138 35.53 -13.15 14.04
CA TYR A 138 35.09 -12.68 15.35
C TYR A 138 36.28 -12.43 16.27
N THR A 139 36.27 -11.26 16.90
CA THR A 139 37.33 -10.88 17.80
C THR A 139 36.85 -10.95 19.25
N GLY A 140 37.71 -11.48 20.11
CA GLY A 140 37.38 -11.60 21.52
C GLY A 140 38.63 -11.43 22.39
N SER A 141 38.61 -10.39 23.20
CA SER A 141 39.73 -10.11 24.08
C SER A 141 39.24 -9.37 25.33
N HIS A 142 39.64 -9.89 26.48
CA HIS A 142 39.24 -9.29 27.75
C HIS A 142 40.49 -8.93 28.55
N LYS A 143 41.26 -9.96 28.90
CA LYS A 143 42.47 -9.76 29.67
C LYS A 143 42.11 -9.23 31.06
N GLU A 144 42.79 -9.77 32.06
CA GLU A 144 42.56 -9.36 33.44
C GLU A 144 43.73 -9.79 34.32
N ARG A 145 43.80 -9.17 35.49
CA ARG A 145 44.86 -9.47 36.44
C ARG A 145 44.28 -9.62 37.84
N SER A 146 44.77 -10.65 38.53
CA SER A 146 44.31 -10.92 39.89
C SER A 146 45.05 -12.13 40.46
N GLY A 147 45.25 -12.10 41.76
CA GLY A 147 45.93 -13.19 42.44
C GLY A 147 45.98 -12.95 43.95
N PRO A 148 45.78 -14.06 44.72
CA PRO A 148 45.80 -13.99 46.16
C PRO A 148 47.22 -13.84 46.70
N SER A 149 47.32 -13.56 47.99
CA SER A 149 48.62 -13.39 48.62
C SER A 149 48.89 -14.56 49.57
N SER A 150 50.17 -14.77 49.84
CA SER A 150 50.57 -15.85 50.73
C SER A 150 51.31 -15.28 51.94
N GLY A 151 50.93 -15.76 53.12
CA GLY A 151 51.54 -15.31 54.35
C GLY A 151 51.88 -16.50 55.25
N GLY A 1 -1.30 -26.26 27.76
CA GLY A 1 0.09 -25.89 27.61
C GLY A 1 0.28 -24.38 27.79
N SER A 2 1.46 -24.01 28.29
CA SER A 2 1.78 -22.62 28.51
C SER A 2 2.03 -21.92 27.17
N SER A 3 1.86 -20.60 27.20
CA SER A 3 2.07 -19.80 26.00
C SER A 3 2.80 -18.52 26.35
N GLY A 4 3.21 -17.80 25.31
CA GLY A 4 3.92 -16.54 25.51
C GLY A 4 4.02 -15.76 24.19
N SER A 5 4.81 -14.70 24.23
CA SER A 5 5.01 -13.87 23.05
C SER A 5 3.68 -13.22 22.65
N SER A 6 3.50 -12.00 23.10
CA SER A 6 2.28 -11.25 22.80
C SER A 6 2.37 -9.83 23.35
N GLY A 7 2.62 -8.90 22.45
CA GLY A 7 2.75 -7.50 22.83
C GLY A 7 2.38 -6.57 21.68
N MET A 8 2.89 -5.36 21.74
CA MET A 8 2.63 -4.38 20.70
C MET A 8 3.81 -3.41 20.55
N ALA A 9 4.01 -2.97 19.32
CA ALA A 9 5.09 -2.05 19.02
C ALA A 9 4.54 -0.84 18.25
N ALA A 10 4.00 0.10 19.01
CA ALA A 10 3.44 1.30 18.42
C ALA A 10 2.86 2.19 19.52
N SER A 11 2.94 3.49 19.29
CA SER A 11 2.42 4.45 20.25
C SER A 11 2.48 5.86 19.67
N THR A 12 1.39 6.23 18.99
CA THR A 12 1.30 7.54 18.38
C THR A 12 1.89 7.52 16.96
N ASP A 13 2.85 6.61 16.78
CA ASP A 13 3.50 6.48 15.49
C ASP A 13 3.06 5.17 14.84
N ILE A 14 2.95 5.21 13.52
CA ILE A 14 2.54 4.03 12.77
C ILE A 14 3.25 2.79 13.33
N ALA A 15 4.49 2.64 12.91
CA ALA A 15 5.29 1.51 13.36
C ALA A 15 4.75 0.22 12.73
N GLY A 16 5.10 0.03 11.46
CA GLY A 16 4.66 -1.14 10.73
C GLY A 16 4.58 -0.86 9.23
N LEU A 17 4.47 0.42 8.91
CA LEU A 17 4.38 0.84 7.52
C LEU A 17 5.62 0.36 6.77
N GLU A 18 6.71 1.08 6.97
CA GLU A 18 7.98 0.74 6.32
C GLU A 18 8.25 -0.76 6.45
N GLU A 19 7.72 -1.33 7.53
CA GLU A 19 7.90 -2.75 7.78
C GLU A 19 7.09 -3.58 6.79
N SER A 20 5.92 -3.06 6.44
CA SER A 20 5.05 -3.74 5.51
C SER A 20 5.50 -3.47 4.07
N PHE A 21 5.78 -2.21 3.80
CA PHE A 21 6.23 -1.81 2.48
C PHE A 21 7.38 -2.69 2.00
N ARG A 22 8.40 -2.79 2.83
CA ARG A 22 9.56 -3.59 2.51
C ARG A 22 9.13 -4.98 2.03
N LYS A 23 8.17 -5.55 2.74
CA LYS A 23 7.66 -6.87 2.40
C LYS A 23 7.13 -6.84 0.96
N PHE A 24 6.39 -5.79 0.66
CA PHE A 24 5.81 -5.64 -0.66
C PHE A 24 6.87 -5.16 -1.66
N ALA A 25 7.91 -4.54 -1.13
CA ALA A 25 8.99 -4.04 -1.96
C ALA A 25 9.91 -5.20 -2.34
N ILE A 26 10.27 -5.99 -1.35
CA ILE A 26 11.13 -7.13 -1.57
C ILE A 26 10.28 -8.36 -1.88
N HIS A 27 9.07 -8.11 -2.35
CA HIS A 27 8.15 -9.18 -2.68
C HIS A 27 8.54 -9.77 -4.04
N GLY A 28 9.09 -10.97 -3.98
CA GLY A 28 9.51 -11.66 -5.19
C GLY A 28 11.04 -11.65 -5.33
N ASP A 29 11.59 -10.44 -5.40
CA ASP A 29 13.03 -10.29 -5.54
C ASP A 29 13.68 -10.42 -4.16
N PRO A 30 14.49 -11.51 -4.02
CA PRO A 30 15.17 -11.77 -2.76
C PRO A 30 16.36 -10.81 -2.57
N LYS A 31 16.85 -10.31 -3.69
CA LYS A 31 17.98 -9.38 -3.67
C LYS A 31 17.52 -8.05 -3.07
N ALA A 32 16.31 -7.65 -3.45
CA ALA A 32 15.76 -6.41 -2.95
C ALA A 32 16.12 -6.23 -1.47
N SER A 33 16.47 -5.01 -1.13
CA SER A 33 16.85 -4.69 0.25
C SER A 33 15.72 -3.91 0.93
N GLY A 34 14.72 -3.56 0.14
CA GLY A 34 13.59 -2.81 0.65
C GLY A 34 13.76 -1.31 0.40
N GLN A 35 14.50 -1.01 -0.67
CA GLN A 35 14.74 0.38 -1.04
C GLN A 35 14.10 0.70 -2.38
N GLU A 36 13.53 -0.34 -2.99
CA GLU A 36 12.88 -0.18 -4.29
C GLU A 36 11.59 -1.01 -4.33
N MET A 37 10.61 -0.45 -5.02
CA MET A 37 9.33 -1.12 -5.15
C MET A 37 8.81 -1.05 -6.60
N ASN A 38 8.69 -2.21 -7.22
CA ASN A 38 8.22 -2.29 -8.59
C ASN A 38 6.71 -2.03 -8.61
N GLY A 39 6.27 -1.36 -9.66
CA GLY A 39 4.86 -1.04 -9.82
C GLY A 39 4.00 -2.29 -9.64
N LYS A 40 4.52 -3.41 -10.12
CA LYS A 40 3.81 -4.67 -10.02
C LYS A 40 3.59 -5.01 -8.55
N ASN A 41 4.49 -4.51 -7.71
CA ASN A 41 4.41 -4.75 -6.28
C ASN A 41 3.62 -3.63 -5.62
N TRP A 42 3.85 -2.42 -6.12
CA TRP A 42 3.17 -1.26 -5.59
C TRP A 42 1.67 -1.43 -5.84
N ALA A 43 1.31 -1.35 -7.11
CA ALA A 43 -0.09 -1.50 -7.50
C ALA A 43 -0.72 -2.63 -6.69
N LYS A 44 -0.09 -3.78 -6.76
CA LYS A 44 -0.59 -4.95 -6.04
C LYS A 44 -0.69 -4.61 -4.56
N LEU A 45 0.32 -3.91 -4.07
CA LEU A 45 0.35 -3.52 -2.67
C LEU A 45 -0.85 -2.60 -2.37
N CYS A 46 -1.29 -1.91 -3.41
CA CYS A 46 -2.41 -1.00 -3.27
C CYS A 46 -3.70 -1.82 -3.30
N LYS A 47 -3.56 -3.09 -3.65
CA LYS A 47 -4.69 -3.98 -3.72
C LYS A 47 -4.65 -4.93 -2.52
N ASP A 48 -3.50 -5.53 -2.32
CA ASP A 48 -3.31 -6.47 -1.23
C ASP A 48 -3.68 -5.77 0.10
N CYS A 49 -3.40 -4.48 0.13
CA CYS A 49 -3.68 -3.69 1.32
C CYS A 49 -5.06 -3.05 1.15
N LYS A 50 -5.82 -3.57 0.19
CA LYS A 50 -7.14 -3.06 -0.09
C LYS A 50 -7.10 -1.53 -0.13
N VAL A 51 -6.04 -1.02 -0.75
CA VAL A 51 -5.86 0.41 -0.86
C VAL A 51 -6.74 0.94 -2.01
N ALA A 52 -6.79 0.15 -3.08
CA ALA A 52 -7.57 0.53 -4.24
C ALA A 52 -8.93 -0.17 -4.17
N ASP A 53 -9.70 0.01 -5.23
CA ASP A 53 -11.03 -0.59 -5.31
C ASP A 53 -11.59 -0.41 -6.72
N GLY A 54 -11.38 0.78 -7.25
CA GLY A 54 -11.86 1.09 -8.60
C GLY A 54 -12.76 2.33 -8.59
N LYS A 55 -13.29 2.63 -7.41
CA LYS A 55 -14.16 3.78 -7.26
C LYS A 55 -13.32 5.00 -6.89
N ALA A 56 -13.03 5.11 -5.59
CA ALA A 56 -12.24 6.22 -5.09
C ALA A 56 -10.85 6.17 -5.72
N VAL A 57 -10.33 4.96 -5.84
CA VAL A 57 -9.01 4.76 -6.41
C VAL A 57 -9.09 3.69 -7.50
N THR A 58 -8.71 4.09 -8.70
CA THR A 58 -8.73 3.17 -9.83
C THR A 58 -7.32 2.69 -10.16
N GLY A 59 -7.23 1.40 -10.49
CA GLY A 59 -5.95 0.80 -10.82
C GLY A 59 -5.19 1.65 -11.84
N THR A 60 -5.95 2.47 -12.55
CA THR A 60 -5.37 3.33 -13.57
C THR A 60 -4.71 4.56 -12.91
N ASP A 61 -5.27 4.94 -11.77
CA ASP A 61 -4.75 6.08 -11.03
C ASP A 61 -3.43 5.71 -10.36
N VAL A 62 -3.44 4.54 -9.73
CA VAL A 62 -2.25 4.05 -9.06
C VAL A 62 -1.12 3.88 -10.07
N ASP A 63 -1.50 3.44 -11.27
CA ASP A 63 -0.53 3.24 -12.33
C ASP A 63 0.05 4.58 -12.75
N ILE A 64 -0.82 5.58 -12.79
CA ILE A 64 -0.40 6.92 -13.18
C ILE A 64 0.44 7.52 -12.06
N VAL A 65 -0.09 7.46 -10.85
CA VAL A 65 0.59 8.00 -9.69
C VAL A 65 2.00 7.40 -9.61
N PHE A 66 2.05 6.08 -9.72
CA PHE A 66 3.31 5.36 -9.66
C PHE A 66 4.30 5.91 -10.70
N SER A 67 3.74 6.45 -11.77
CA SER A 67 4.55 7.00 -12.84
C SER A 67 4.83 8.48 -12.57
N LYS A 68 3.94 9.08 -11.79
CA LYS A 68 4.08 10.48 -11.44
C LYS A 68 5.18 10.65 -10.40
N VAL A 69 5.21 9.71 -9.47
CA VAL A 69 6.20 9.73 -8.41
C VAL A 69 7.58 9.39 -8.99
N LYS A 70 7.61 8.30 -9.75
CA LYS A 70 8.85 7.87 -10.37
C LYS A 70 9.17 8.79 -11.54
N ALA A 71 10.32 8.53 -12.15
CA ALA A 71 10.77 9.32 -13.29
C ALA A 71 10.62 8.49 -14.56
N LYS A 72 10.79 9.18 -15.69
CA LYS A 72 10.68 8.52 -16.98
C LYS A 72 11.84 7.54 -17.15
N SER A 73 12.79 7.64 -16.24
CA SER A 73 13.95 6.76 -16.28
C SER A 73 13.77 5.60 -15.30
N ALA A 74 13.72 5.95 -14.02
CA ALA A 74 13.55 4.96 -12.98
C ALA A 74 12.36 4.06 -13.33
N ARG A 75 12.47 2.81 -12.90
CA ARG A 75 11.42 1.84 -13.16
C ARG A 75 10.69 1.48 -11.87
N VAL A 76 11.42 1.56 -10.77
CA VAL A 76 10.87 1.26 -9.47
C VAL A 76 10.66 2.55 -8.68
N ILE A 77 10.11 2.40 -7.49
CA ILE A 77 9.85 3.54 -6.63
C ILE A 77 10.41 3.27 -5.23
N ASN A 78 10.96 4.31 -4.64
CA ASN A 78 11.53 4.20 -3.31
C ASN A 78 10.47 4.56 -2.28
N TYR A 79 10.68 4.09 -1.05
CA TYR A 79 9.76 4.36 0.04
C TYR A 79 9.24 5.80 -0.04
N GLU A 80 10.16 6.74 0.09
CA GLU A 80 9.80 8.15 0.04
C GLU A 80 8.93 8.43 -1.19
N GLU A 81 9.22 7.71 -2.25
CA GLU A 81 8.48 7.87 -3.50
C GLU A 81 7.17 7.07 -3.44
N PHE A 82 7.17 6.07 -2.57
CA PHE A 82 6.00 5.21 -2.42
C PHE A 82 4.96 5.89 -1.52
N LYS A 83 5.44 6.77 -0.65
CA LYS A 83 4.57 7.47 0.26
C LYS A 83 3.79 8.54 -0.51
N LYS A 84 4.45 9.10 -1.52
CA LYS A 84 3.83 10.12 -2.34
C LYS A 84 2.53 9.59 -2.93
N ALA A 85 2.61 8.40 -3.49
CA ALA A 85 1.45 7.77 -4.10
C ALA A 85 0.33 7.68 -3.05
N LEU A 86 0.70 7.20 -1.87
CA LEU A 86 -0.25 7.05 -0.79
C LEU A 86 -0.94 8.40 -0.53
N GLU A 87 -0.14 9.46 -0.67
CA GLU A 87 -0.65 10.79 -0.44
C GLU A 87 -1.63 11.19 -1.56
N GLU A 88 -1.38 10.64 -2.73
CA GLU A 88 -2.24 10.92 -3.88
C GLU A 88 -3.45 9.98 -3.87
N LEU A 89 -3.26 8.81 -3.30
CA LEU A 89 -4.32 7.82 -3.23
C LEU A 89 -4.95 7.88 -1.84
N ALA A 90 -4.45 8.79 -1.03
CA ALA A 90 -4.95 8.95 0.33
C ALA A 90 -6.31 9.65 0.28
N THR A 91 -6.32 10.82 -0.34
CA THR A 91 -7.54 11.60 -0.47
C THR A 91 -8.44 11.01 -1.56
N LYS A 92 -7.82 10.23 -2.43
CA LYS A 92 -8.55 9.60 -3.52
C LYS A 92 -9.14 8.28 -3.04
N ARG A 93 -8.63 7.82 -1.91
CA ARG A 93 -9.10 6.56 -1.34
C ARG A 93 -10.13 6.84 -0.24
N PHE A 94 -9.65 7.45 0.83
CA PHE A 94 -10.52 7.78 1.96
C PHE A 94 -11.35 9.03 1.65
N LYS A 95 -12.55 8.80 1.14
CA LYS A 95 -13.45 9.88 0.81
C LYS A 95 -12.63 11.12 0.44
N GLY A 96 -12.92 12.22 1.13
CA GLY A 96 -12.22 13.46 0.88
C GLY A 96 -11.60 14.01 2.18
N LYS A 97 -11.15 13.08 3.00
CA LYS A 97 -10.54 13.44 4.28
C LYS A 97 -9.38 14.42 4.01
N SER A 98 -8.60 14.65 5.05
CA SER A 98 -7.47 15.56 4.95
C SER A 98 -6.33 14.88 4.20
N LYS A 99 -5.21 15.59 4.13
CA LYS A 99 -4.04 15.07 3.45
C LYS A 99 -3.31 14.08 4.37
N GLU A 100 -3.10 14.51 5.60
CA GLU A 100 -2.43 13.67 6.58
C GLU A 100 -3.39 12.61 7.12
N GLU A 101 -4.59 13.07 7.45
CA GLU A 101 -5.61 12.18 7.98
C GLU A 101 -5.85 11.01 7.02
N ALA A 102 -6.07 11.36 5.76
CA ALA A 102 -6.31 10.35 4.74
C ALA A 102 -5.12 9.40 4.68
N PHE A 103 -3.94 9.98 4.47
CA PHE A 103 -2.72 9.21 4.38
C PHE A 103 -2.54 8.33 5.62
N ASP A 104 -2.80 8.94 6.77
CA ASP A 104 -2.67 8.23 8.04
C ASP A 104 -3.63 7.04 8.06
N ALA A 105 -4.66 7.13 7.22
CA ALA A 105 -5.65 6.08 7.13
C ALA A 105 -5.16 5.00 6.16
N ILE A 106 -4.37 5.44 5.18
CA ILE A 106 -3.83 4.52 4.20
C ILE A 106 -2.62 3.79 4.79
N CYS A 107 -1.97 4.46 5.73
CA CYS A 107 -0.81 3.90 6.39
C CYS A 107 -1.28 2.77 7.32
N GLN A 108 -2.53 2.87 7.71
CA GLN A 108 -3.12 1.88 8.60
C GLN A 108 -3.57 0.65 7.80
N LEU A 109 -3.66 0.84 6.50
CA LEU A 109 -4.08 -0.24 5.61
C LEU A 109 -2.87 -1.12 5.27
N ILE A 110 -1.70 -0.49 5.28
CA ILE A 110 -0.48 -1.20 4.98
C ILE A 110 0.24 -1.54 6.28
N ALA A 111 0.62 -0.49 7.01
CA ALA A 111 1.31 -0.66 8.27
C ALA A 111 0.63 -1.78 9.07
N GLY A 112 1.22 -2.97 8.97
CA GLY A 112 0.69 -4.13 9.66
C GLY A 112 0.35 -5.24 8.69
N LYS A 113 -0.30 -4.87 7.60
CA LYS A 113 -0.69 -5.83 6.59
C LYS A 113 0.56 -6.42 5.94
N GLU A 114 0.35 -7.43 5.12
CA GLU A 114 1.44 -8.10 4.43
C GLU A 114 1.00 -8.56 3.04
N PRO A 115 2.01 -8.75 2.15
CA PRO A 115 1.74 -9.19 0.79
C PRO A 115 1.39 -10.67 0.77
N ALA A 116 1.37 -11.27 1.94
CA ALA A 116 1.06 -12.69 2.07
C ALA A 116 0.71 -13.00 3.52
N ASN A 117 0.57 -14.30 3.79
CA ASN A 117 0.23 -14.74 5.14
C ASN A 117 -0.80 -13.80 5.74
N ILE A 118 -2.05 -13.98 5.30
CA ILE A 118 -3.14 -13.15 5.79
C ILE A 118 -3.83 -13.87 6.95
N GLY A 119 -3.27 -13.70 8.13
CA GLY A 119 -3.83 -14.32 9.32
C GLY A 119 -3.73 -13.38 10.53
N VAL A 120 -4.58 -12.37 10.52
CA VAL A 120 -4.60 -11.41 11.61
C VAL A 120 -5.81 -11.68 12.51
N THR A 121 -6.07 -10.74 13.40
CA THR A 121 -7.18 -10.86 14.33
C THR A 121 -7.81 -9.48 14.58
N LYS A 122 -9.13 -9.49 14.69
CA LYS A 122 -9.87 -8.26 14.94
C LYS A 122 -9.45 -7.21 13.91
N ALA A 123 -10.22 -7.13 12.85
CA ALA A 123 -9.95 -6.17 11.79
C ALA A 123 -10.97 -5.02 11.87
N LYS A 124 -10.45 -3.84 12.15
CA LYS A 124 -11.29 -2.66 12.25
C LYS A 124 -11.43 -2.01 10.87
N THR A 125 -12.65 -2.06 10.35
CA THR A 125 -12.93 -1.49 9.05
C THR A 125 -14.03 -0.43 9.15
N GLY A 126 -13.70 0.78 8.73
CA GLY A 126 -14.64 1.87 8.76
C GLY A 126 -14.65 2.65 7.44
N GLY A 127 -14.92 3.94 7.55
CA GLY A 127 -14.97 4.79 6.37
C GLY A 127 -16.40 4.95 5.86
N ALA A 128 -17.14 5.82 6.53
CA ALA A 128 -18.52 6.07 6.15
C ALA A 128 -19.32 4.77 6.24
N VAL A 129 -20.63 4.92 6.32
CA VAL A 129 -21.51 3.76 6.43
C VAL A 129 -22.17 3.52 5.07
N ASP A 130 -21.36 3.05 4.13
CA ASP A 130 -21.84 2.76 2.79
C ASP A 130 -22.51 4.01 2.22
N ARG A 131 -21.73 4.77 1.46
CA ARG A 131 -22.23 5.98 0.84
C ARG A 131 -21.10 6.69 0.08
N LEU A 132 -21.51 7.58 -0.81
CA LEU A 132 -20.56 8.32 -1.61
C LEU A 132 -21.31 9.31 -2.50
N THR A 133 -21.67 8.84 -3.69
CA THR A 133 -22.38 9.68 -4.63
C THR A 133 -22.83 8.84 -5.84
N ASP A 134 -24.12 8.89 -6.11
CA ASP A 134 -24.69 8.16 -7.24
C ASP A 134 -24.90 9.11 -8.41
N THR A 135 -25.18 8.51 -9.57
CA THR A 135 -25.41 9.29 -10.77
C THR A 135 -24.19 10.17 -11.07
N SER A 136 -23.32 9.64 -11.91
CA SER A 136 -22.11 10.36 -12.30
C SER A 136 -21.34 9.57 -13.35
N LYS A 137 -21.64 9.87 -14.60
CA LYS A 137 -20.98 9.19 -15.71
C LYS A 137 -21.03 10.08 -16.96
N TYR A 138 -20.25 11.15 -16.91
CA TYR A 138 -20.20 12.09 -18.01
C TYR A 138 -18.75 12.35 -18.45
N THR A 139 -18.22 11.41 -19.21
CA THR A 139 -16.86 11.53 -19.70
C THR A 139 -16.82 11.35 -21.22
N GLY A 140 -17.24 10.18 -21.66
CA GLY A 140 -17.26 9.87 -23.08
C GLY A 140 -16.71 8.46 -23.34
N SER A 141 -16.46 8.18 -24.62
CA SER A 141 -15.95 6.89 -25.02
C SER A 141 -15.65 6.88 -26.51
N HIS A 142 -14.47 7.35 -26.85
CA HIS A 142 -14.05 7.41 -28.24
C HIS A 142 -12.56 7.06 -28.34
N LYS A 143 -12.24 6.25 -29.35
CA LYS A 143 -10.86 5.84 -29.57
C LYS A 143 -10.36 6.44 -30.88
N GLU A 144 -9.04 6.43 -31.04
CA GLU A 144 -8.43 6.96 -32.23
C GLU A 144 -8.04 5.82 -33.18
N ARG A 145 -7.85 6.19 -34.44
CA ARG A 145 -7.48 5.21 -35.45
C ARG A 145 -6.75 5.90 -36.61
N SER A 146 -5.79 5.18 -37.17
CA SER A 146 -5.00 5.70 -38.28
C SER A 146 -5.14 4.78 -39.50
N GLY A 147 -4.75 5.32 -40.64
CA GLY A 147 -4.82 4.56 -41.88
C GLY A 147 -5.71 5.28 -42.90
N PRO A 148 -5.04 5.97 -43.86
CA PRO A 148 -5.76 6.70 -44.90
C PRO A 148 -6.32 5.74 -45.95
N SER A 149 -5.41 5.15 -46.70
CA SER A 149 -5.81 4.22 -47.74
C SER A 149 -6.54 4.95 -48.86
N SER A 150 -6.36 4.44 -50.08
CA SER A 150 -7.00 5.04 -51.24
C SER A 150 -7.08 4.02 -52.38
N GLY A 151 -8.21 4.05 -53.07
CA GLY A 151 -8.42 3.14 -54.18
C GLY A 151 -9.77 3.40 -54.85
N GLY A 1 24.44 -19.19 25.86
CA GLY A 1 23.13 -18.80 26.38
C GLY A 1 23.01 -17.27 26.45
N SER A 2 21.94 -16.77 25.85
CA SER A 2 21.69 -15.34 25.85
C SER A 2 20.26 -15.06 25.40
N SER A 3 19.86 -13.81 25.56
CA SER A 3 18.52 -13.40 25.17
C SER A 3 17.48 -14.09 26.08
N GLY A 4 16.46 -13.32 26.43
CA GLY A 4 15.40 -13.84 27.29
C GLY A 4 14.03 -13.61 26.65
N SER A 5 13.49 -12.42 26.87
CA SER A 5 12.20 -12.07 26.33
C SER A 5 12.17 -10.59 25.95
N SER A 6 11.12 -10.21 25.23
CA SER A 6 10.97 -8.84 24.81
C SER A 6 10.08 -8.08 25.79
N GLY A 7 10.10 -6.76 25.66
CA GLY A 7 9.31 -5.90 26.54
C GLY A 7 8.07 -5.39 25.81
N MET A 8 7.68 -4.17 26.15
CA MET A 8 6.52 -3.55 25.55
C MET A 8 6.61 -2.02 25.61
N ALA A 9 5.73 -1.37 24.87
CA ALA A 9 5.70 0.08 24.83
C ALA A 9 4.40 0.55 24.19
N ALA A 10 4.19 1.85 24.23
CA ALA A 10 2.99 2.44 23.65
C ALA A 10 3.19 2.61 22.15
N SER A 11 2.09 2.94 21.47
CA SER A 11 2.13 3.14 20.04
C SER A 11 0.88 3.90 19.58
N THR A 12 1.09 5.13 19.17
CA THR A 12 -0.01 5.97 18.71
C THR A 12 0.02 6.10 17.19
N ASP A 13 1.22 6.32 16.66
CA ASP A 13 1.40 6.45 15.23
C ASP A 13 1.43 5.07 14.59
N ILE A 14 1.33 5.05 13.27
CA ILE A 14 1.36 3.80 12.52
C ILE A 14 2.37 2.86 13.16
N ALA A 15 3.61 2.96 12.70
CA ALA A 15 4.67 2.12 13.21
C ALA A 15 4.61 0.76 12.54
N GLY A 16 5.21 0.68 11.36
CA GLY A 16 5.23 -0.57 10.61
C GLY A 16 4.96 -0.32 9.13
N LEU A 17 4.56 0.91 8.83
CA LEU A 17 4.27 1.29 7.46
C LEU A 17 5.40 0.80 6.54
N GLU A 18 6.56 1.42 6.71
CA GLU A 18 7.72 1.06 5.92
C GLU A 18 7.99 -0.44 6.02
N GLU A 19 7.66 -0.99 7.18
CA GLU A 19 7.86 -2.40 7.43
C GLU A 19 7.09 -3.24 6.40
N SER A 20 5.79 -2.97 6.33
CA SER A 20 4.93 -3.68 5.40
C SER A 20 5.39 -3.44 3.96
N PHE A 21 5.65 -2.18 3.66
CA PHE A 21 6.11 -1.80 2.34
C PHE A 21 7.27 -2.68 1.89
N ARG A 22 8.29 -2.74 2.73
CA ARG A 22 9.47 -3.53 2.44
C ARG A 22 9.07 -4.96 2.06
N LYS A 23 8.16 -5.51 2.84
CA LYS A 23 7.68 -6.86 2.62
C LYS A 23 7.15 -6.96 1.18
N PHE A 24 6.29 -6.04 0.82
CA PHE A 24 5.70 -6.01 -0.51
C PHE A 24 6.76 -5.64 -1.55
N ALA A 25 7.71 -4.82 -1.13
CA ALA A 25 8.77 -4.38 -2.02
C ALA A 25 9.58 -5.59 -2.47
N ILE A 26 9.94 -6.41 -1.49
CA ILE A 26 10.71 -7.61 -1.77
C ILE A 26 9.77 -8.78 -2.08
N HIS A 27 8.50 -8.43 -2.27
CA HIS A 27 7.49 -9.43 -2.56
C HIS A 27 8.07 -10.49 -3.51
N GLY A 28 8.27 -11.67 -2.96
CA GLY A 28 8.82 -12.77 -3.74
C GLY A 28 10.17 -12.39 -4.36
N ASP A 29 11.11 -12.06 -3.49
CA ASP A 29 12.44 -11.66 -3.94
C ASP A 29 13.41 -11.78 -2.76
N PRO A 30 14.21 -12.87 -2.79
CA PRO A 30 15.20 -13.10 -1.74
C PRO A 30 16.40 -12.17 -1.89
N LYS A 31 16.58 -11.68 -3.12
CA LYS A 31 17.69 -10.80 -3.42
C LYS A 31 17.28 -9.36 -3.07
N ALA A 32 16.05 -9.02 -3.44
CA ALA A 32 15.53 -7.69 -3.17
C ALA A 32 15.93 -7.26 -1.75
N SER A 33 16.55 -6.10 -1.68
CA SER A 33 16.98 -5.56 -0.40
C SER A 33 15.80 -4.98 0.36
N GLY A 34 14.83 -4.50 -0.41
CA GLY A 34 13.63 -3.91 0.17
C GLY A 34 13.74 -2.38 0.20
N GLN A 35 14.45 -1.85 -0.78
CA GLN A 35 14.64 -0.41 -0.89
C GLN A 35 13.94 0.12 -2.14
N GLU A 36 13.41 -0.81 -2.92
CA GLU A 36 12.72 -0.45 -4.16
C GLU A 36 11.40 -1.21 -4.26
N MET A 37 10.44 -0.58 -4.93
CA MET A 37 9.14 -1.19 -5.11
C MET A 37 8.68 -1.08 -6.56
N ASN A 38 8.54 -2.23 -7.20
CA ASN A 38 8.11 -2.27 -8.59
C ASN A 38 6.61 -1.96 -8.67
N GLY A 39 6.24 -1.25 -9.72
CA GLY A 39 4.85 -0.88 -9.91
C GLY A 39 3.93 -2.10 -9.76
N LYS A 40 4.52 -3.27 -9.93
CA LYS A 40 3.78 -4.51 -9.81
C LYS A 40 3.54 -4.81 -8.32
N ASN A 41 4.53 -4.45 -7.52
CA ASN A 41 4.45 -4.69 -6.09
C ASN A 41 3.74 -3.50 -5.43
N TRP A 42 3.82 -2.36 -6.09
CA TRP A 42 3.20 -1.15 -5.57
C TRP A 42 1.69 -1.29 -5.74
N ALA A 43 1.27 -1.39 -6.99
CA ALA A 43 -0.15 -1.53 -7.29
C ALA A 43 -0.72 -2.71 -6.49
N LYS A 44 0.04 -3.80 -6.48
CA LYS A 44 -0.38 -5.00 -5.77
C LYS A 44 -0.54 -4.66 -4.29
N LEU A 45 0.46 -3.98 -3.75
CA LEU A 45 0.44 -3.59 -2.35
C LEU A 45 -0.74 -2.65 -2.10
N CYS A 46 -1.10 -1.92 -3.14
CA CYS A 46 -2.20 -0.98 -3.05
C CYS A 46 -3.48 -1.69 -3.50
N LYS A 47 -3.51 -2.99 -3.25
CA LYS A 47 -4.67 -3.79 -3.62
C LYS A 47 -4.92 -4.84 -2.53
N ASP A 48 -3.87 -5.61 -2.24
CA ASP A 48 -3.97 -6.65 -1.24
C ASP A 48 -4.24 -6.01 0.12
N CYS A 49 -3.68 -4.82 0.30
CA CYS A 49 -3.85 -4.10 1.56
C CYS A 49 -5.22 -3.42 1.53
N LYS A 50 -5.92 -3.60 0.42
CA LYS A 50 -7.24 -3.02 0.26
C LYS A 50 -7.10 -1.49 0.14
N VAL A 51 -6.08 -1.07 -0.59
CA VAL A 51 -5.83 0.34 -0.79
C VAL A 51 -6.56 0.81 -2.04
N ALA A 52 -6.54 -0.03 -3.07
CA ALA A 52 -7.19 0.29 -4.32
C ALA A 52 -8.51 -0.50 -4.41
N ASP A 53 -9.60 0.18 -4.07
CA ASP A 53 -10.91 -0.44 -4.11
C ASP A 53 -11.34 -0.58 -5.57
N GLY A 54 -10.92 0.37 -6.38
CA GLY A 54 -11.27 0.37 -7.79
C GLY A 54 -12.18 1.54 -8.15
N LYS A 55 -12.88 2.02 -7.13
CA LYS A 55 -13.79 3.15 -7.32
C LYS A 55 -13.03 4.46 -7.08
N ALA A 56 -12.87 4.79 -5.82
CA ALA A 56 -12.17 6.01 -5.44
C ALA A 56 -10.76 5.98 -6.04
N VAL A 57 -10.18 4.79 -6.05
CA VAL A 57 -8.84 4.61 -6.59
C VAL A 57 -8.85 3.48 -7.62
N THR A 58 -8.50 3.85 -8.85
CA THR A 58 -8.47 2.90 -9.94
C THR A 58 -7.02 2.53 -10.29
N GLY A 59 -6.81 1.26 -10.59
CA GLY A 59 -5.49 0.78 -10.94
C GLY A 59 -4.84 1.69 -11.98
N THR A 60 -5.67 2.43 -12.69
CA THR A 60 -5.19 3.34 -13.71
C THR A 60 -4.58 4.58 -13.07
N ASP A 61 -5.08 4.92 -11.89
CA ASP A 61 -4.59 6.07 -11.17
C ASP A 61 -3.29 5.72 -10.46
N VAL A 62 -3.32 4.60 -9.75
CA VAL A 62 -2.14 4.14 -9.03
C VAL A 62 -0.99 3.93 -10.02
N ASP A 63 -1.35 3.52 -11.22
CA ASP A 63 -0.37 3.29 -12.26
C ASP A 63 0.24 4.62 -12.69
N ILE A 64 -0.63 5.58 -12.95
CA ILE A 64 -0.18 6.90 -13.37
C ILE A 64 0.63 7.54 -12.24
N VAL A 65 0.08 7.45 -11.03
CA VAL A 65 0.74 8.01 -9.87
C VAL A 65 2.15 7.41 -9.75
N PHE A 66 2.20 6.09 -9.82
CA PHE A 66 3.46 5.39 -9.73
C PHE A 66 4.45 5.87 -10.80
N SER A 67 3.89 6.30 -11.91
CA SER A 67 4.70 6.79 -13.02
C SER A 67 4.98 8.28 -12.84
N LYS A 68 4.10 8.94 -12.09
CA LYS A 68 4.25 10.36 -11.84
C LYS A 68 5.24 10.57 -10.70
N VAL A 69 5.30 9.59 -9.81
CA VAL A 69 6.21 9.66 -8.68
C VAL A 69 7.61 9.22 -9.12
N LYS A 70 7.63 8.27 -10.05
CA LYS A 70 8.88 7.75 -10.56
C LYS A 70 9.34 8.62 -11.74
N ALA A 71 10.59 8.40 -12.13
CA ALA A 71 11.15 9.15 -13.24
C ALA A 71 11.19 8.26 -14.49
N LYS A 72 10.90 8.88 -15.62
CA LYS A 72 10.88 8.16 -16.88
C LYS A 72 12.06 7.18 -16.92
N SER A 73 13.17 7.62 -16.35
CA SER A 73 14.36 6.79 -16.31
C SER A 73 14.16 5.63 -15.33
N ALA A 74 13.88 5.99 -14.09
CA ALA A 74 13.66 4.98 -13.05
C ALA A 74 12.42 4.16 -13.40
N ARG A 75 12.48 2.89 -13.04
CA ARG A 75 11.38 1.98 -13.31
C ARG A 75 10.69 1.59 -12.00
N VAL A 76 11.44 1.70 -10.91
CA VAL A 76 10.91 1.37 -9.60
C VAL A 76 10.69 2.66 -8.81
N ILE A 77 10.10 2.49 -7.63
CA ILE A 77 9.83 3.61 -6.76
C ILE A 77 10.45 3.35 -5.38
N ASN A 78 10.82 4.45 -4.72
CA ASN A 78 11.43 4.34 -3.40
C ASN A 78 10.41 4.77 -2.34
N TYR A 79 10.65 4.32 -1.12
CA TYR A 79 9.77 4.64 -0.01
C TYR A 79 9.25 6.07 -0.13
N GLU A 80 10.17 7.01 -0.24
CA GLU A 80 9.82 8.41 -0.36
C GLU A 80 8.74 8.60 -1.43
N GLU A 81 8.92 7.89 -2.53
CA GLU A 81 7.96 7.96 -3.63
C GLU A 81 6.69 7.21 -3.27
N PHE A 82 6.86 6.10 -2.58
CA PHE A 82 5.74 5.27 -2.18
C PHE A 82 4.73 6.08 -1.35
N LYS A 83 5.29 7.02 -0.58
CA LYS A 83 4.45 7.87 0.26
C LYS A 83 3.79 8.94 -0.60
N LYS A 84 4.45 9.26 -1.71
CA LYS A 84 3.93 10.27 -2.62
C LYS A 84 2.67 9.75 -3.29
N ALA A 85 2.73 8.48 -3.69
CA ALA A 85 1.60 7.85 -4.34
C ALA A 85 0.49 7.61 -3.32
N LEU A 86 0.90 7.18 -2.14
CA LEU A 86 -0.05 6.91 -1.07
C LEU A 86 -0.86 8.18 -0.78
N GLU A 87 -0.15 9.30 -0.75
CA GLU A 87 -0.79 10.57 -0.48
C GLU A 87 -1.83 10.88 -1.55
N GLU A 88 -1.43 10.67 -2.80
CA GLU A 88 -2.32 10.91 -3.93
C GLU A 88 -3.52 9.96 -3.88
N LEU A 89 -3.28 8.79 -3.30
CA LEU A 89 -4.32 7.79 -3.18
C LEU A 89 -4.92 7.85 -1.78
N ALA A 90 -4.43 8.80 -0.99
CA ALA A 90 -4.90 8.96 0.37
C ALA A 90 -6.28 9.64 0.35
N THR A 91 -6.32 10.80 -0.27
CA THR A 91 -7.57 11.55 -0.37
C THR A 91 -8.46 10.97 -1.46
N LYS A 92 -7.81 10.41 -2.47
CA LYS A 92 -8.52 9.81 -3.59
C LYS A 92 -9.21 8.53 -3.12
N ARG A 93 -8.59 7.89 -2.14
CA ARG A 93 -9.12 6.66 -1.58
C ARG A 93 -10.13 6.97 -0.47
N PHE A 94 -9.63 7.59 0.58
CA PHE A 94 -10.46 7.95 1.71
C PHE A 94 -11.29 9.20 1.42
N LYS A 95 -12.46 8.98 0.86
CA LYS A 95 -13.35 10.07 0.52
C LYS A 95 -12.52 11.33 0.23
N GLY A 96 -12.44 12.19 1.22
CA GLY A 96 -11.68 13.43 1.08
C GLY A 96 -11.12 13.88 2.42
N LYS A 97 -10.70 12.90 3.21
CA LYS A 97 -10.14 13.18 4.52
C LYS A 97 -8.98 14.18 4.37
N SER A 98 -8.24 14.35 5.46
CA SER A 98 -7.11 15.26 5.46
C SER A 98 -5.88 14.56 4.88
N LYS A 99 -4.88 15.37 4.54
CA LYS A 99 -3.66 14.85 3.97
C LYS A 99 -3.01 13.88 4.97
N GLU A 100 -3.02 14.28 6.22
CA GLU A 100 -2.44 13.46 7.27
C GLU A 100 -3.40 12.30 7.62
N GLU A 101 -4.63 12.67 7.91
CA GLU A 101 -5.63 11.68 8.26
C GLU A 101 -5.77 10.64 7.14
N ALA A 102 -5.97 11.13 5.93
CA ALA A 102 -6.10 10.26 4.78
C ALA A 102 -4.90 9.33 4.70
N PHE A 103 -3.72 9.92 4.81
CA PHE A 103 -2.49 9.16 4.76
C PHE A 103 -2.38 8.21 5.95
N ASP A 104 -2.81 8.71 7.10
CA ASP A 104 -2.77 7.92 8.32
C ASP A 104 -3.78 6.78 8.23
N ALA A 105 -4.75 6.96 7.35
CA ALA A 105 -5.78 5.96 7.15
C ALA A 105 -5.29 4.92 6.14
N ILE A 106 -4.52 5.40 5.18
CA ILE A 106 -3.98 4.53 4.16
C ILE A 106 -2.75 3.80 4.70
N CYS A 107 -2.03 4.48 5.59
CA CYS A 107 -0.84 3.92 6.19
C CYS A 107 -1.28 2.80 7.14
N GLN A 108 -2.45 2.98 7.72
CA GLN A 108 -2.98 2.00 8.65
C GLN A 108 -3.48 0.76 7.89
N LEU A 109 -3.70 0.95 6.59
CA LEU A 109 -4.18 -0.13 5.76
C LEU A 109 -3.01 -1.08 5.45
N ILE A 110 -1.88 -0.50 5.13
CA ILE A 110 -0.69 -1.27 4.83
C ILE A 110 0.01 -1.66 6.13
N ALA A 111 0.57 -0.66 6.80
CA ALA A 111 1.26 -0.88 8.05
C ALA A 111 0.49 -1.91 8.88
N GLY A 112 1.15 -3.03 9.13
CA GLY A 112 0.54 -4.10 9.90
C GLY A 112 0.17 -5.29 9.02
N LYS A 113 -0.28 -4.97 7.82
CA LYS A 113 -0.66 -6.00 6.87
C LYS A 113 0.60 -6.65 6.28
N GLU A 114 0.37 -7.67 5.47
CA GLU A 114 1.48 -8.37 4.84
C GLU A 114 1.12 -8.75 3.41
N PRO A 115 2.18 -8.91 2.57
CA PRO A 115 1.98 -9.27 1.18
C PRO A 115 1.61 -10.75 1.04
N ALA A 116 1.50 -11.41 2.18
CA ALA A 116 1.15 -12.83 2.21
C ALA A 116 0.04 -13.09 1.18
N ASN A 117 -0.11 -14.36 0.85
CA ASN A 117 -1.12 -14.76 -0.12
C ASN A 117 -2.50 -14.33 0.40
N ILE A 118 -2.79 -14.73 1.64
CA ILE A 118 -4.05 -14.40 2.26
C ILE A 118 -3.86 -13.20 3.18
N GLY A 119 -4.80 -13.05 4.11
CA GLY A 119 -4.76 -11.96 5.06
C GLY A 119 -6.11 -11.76 5.74
N VAL A 120 -6.04 -11.47 7.04
CA VAL A 120 -7.25 -11.27 7.82
C VAL A 120 -8.05 -10.10 7.22
N THR A 121 -9.08 -10.47 6.47
CA THR A 121 -9.93 -9.47 5.83
C THR A 121 -11.15 -10.14 5.20
N LYS A 122 -12.25 -9.41 5.20
CA LYS A 122 -13.49 -9.91 4.63
C LYS A 122 -14.38 -8.73 4.21
N ALA A 123 -14.49 -8.56 2.90
CA ALA A 123 -15.30 -7.48 2.36
C ALA A 123 -15.41 -7.65 0.84
N LYS A 124 -16.54 -7.21 0.31
CA LYS A 124 -16.78 -7.31 -1.12
C LYS A 124 -17.68 -6.15 -1.56
N THR A 125 -18.94 -6.23 -1.13
CA THR A 125 -19.90 -5.20 -1.48
C THR A 125 -19.79 -4.83 -2.95
N GLY A 126 -20.44 -5.62 -3.79
CA GLY A 126 -20.42 -5.40 -5.21
C GLY A 126 -21.81 -5.60 -5.82
N GLY A 127 -21.98 -5.06 -7.02
CA GLY A 127 -23.25 -5.18 -7.72
C GLY A 127 -23.79 -3.80 -8.10
N ALA A 128 -23.30 -3.30 -9.22
CA ALA A 128 -23.71 -2.00 -9.71
C ALA A 128 -23.06 -1.74 -11.08
N VAL A 129 -23.50 -0.65 -11.71
CA VAL A 129 -22.98 -0.28 -13.01
C VAL A 129 -23.21 -1.42 -13.99
N ASP A 130 -24.41 -1.44 -14.55
CA ASP A 130 -24.78 -2.47 -15.52
C ASP A 130 -24.01 -2.24 -16.81
N ARG A 131 -23.92 -3.30 -17.60
CA ARG A 131 -23.22 -3.23 -18.87
C ARG A 131 -23.88 -4.16 -19.90
N LEU A 132 -23.56 -3.91 -21.17
CA LEU A 132 -24.12 -4.72 -22.24
C LEU A 132 -23.52 -4.25 -23.57
N THR A 133 -23.61 -5.13 -24.56
CA THR A 133 -23.09 -4.82 -25.88
C THR A 133 -24.19 -4.91 -26.93
N ASP A 134 -24.18 -3.96 -27.85
CA ASP A 134 -25.18 -3.90 -28.90
C ASP A 134 -24.83 -4.94 -29.97
N THR A 135 -25.77 -5.15 -30.89
CA THR A 135 -25.56 -6.10 -31.96
C THR A 135 -26.44 -5.74 -33.17
N SER A 136 -26.01 -4.70 -33.88
CA SER A 136 -26.74 -4.25 -35.04
C SER A 136 -27.04 -5.43 -35.97
N LYS A 137 -25.96 -6.09 -36.39
CA LYS A 137 -26.09 -7.24 -37.27
C LYS A 137 -26.91 -8.33 -36.57
N TYR A 138 -27.89 -8.84 -37.31
CA TYR A 138 -28.76 -9.88 -36.78
C TYR A 138 -28.97 -10.99 -37.81
N THR A 139 -29.35 -10.57 -39.01
CA THR A 139 -29.59 -11.51 -40.09
C THR A 139 -28.91 -11.04 -41.38
N GLY A 140 -29.29 -9.84 -41.79
CA GLY A 140 -28.73 -9.25 -43.00
C GLY A 140 -29.79 -9.14 -44.10
N SER A 141 -29.38 -9.47 -45.32
CA SER A 141 -30.29 -9.40 -46.45
C SER A 141 -29.84 -10.39 -47.52
N HIS A 142 -30.81 -10.87 -48.28
CA HIS A 142 -30.53 -11.82 -49.35
C HIS A 142 -30.31 -11.06 -50.66
N LYS A 143 -29.04 -10.99 -51.05
CA LYS A 143 -28.69 -10.30 -52.28
C LYS A 143 -27.22 -10.58 -52.61
N GLU A 144 -26.95 -10.72 -53.90
CA GLU A 144 -25.59 -11.00 -54.35
C GLU A 144 -25.46 -10.66 -55.84
N ARG A 145 -24.30 -10.11 -56.19
CA ARG A 145 -24.04 -9.74 -57.57
C ARG A 145 -22.54 -9.84 -57.86
N SER A 146 -22.15 -10.97 -58.43
CA SER A 146 -20.76 -11.20 -58.76
C SER A 146 -20.61 -11.38 -60.27
N GLY A 147 -19.36 -11.30 -60.72
CA GLY A 147 -19.07 -11.46 -62.14
C GLY A 147 -17.77 -12.24 -62.35
N PRO A 148 -17.08 -11.93 -63.47
CA PRO A 148 -15.83 -12.59 -63.80
C PRO A 148 -14.69 -12.08 -62.93
N SER A 149 -13.97 -13.01 -62.34
CA SER A 149 -12.84 -12.67 -61.48
C SER A 149 -11.53 -13.17 -62.10
N SER A 150 -11.48 -14.48 -62.29
CA SER A 150 -10.29 -15.09 -62.86
C SER A 150 -9.10 -14.90 -61.94
N GLY A 151 -8.18 -15.86 -61.98
CA GLY A 151 -6.99 -15.81 -61.15
C GLY A 151 -7.10 -16.77 -59.98
N GLY A 1 17.44 -22.10 9.91
CA GLY A 1 16.61 -21.16 10.64
C GLY A 1 16.91 -19.72 10.21
N SER A 2 17.59 -19.01 11.09
CA SER A 2 17.95 -17.63 10.83
C SER A 2 18.74 -17.05 12.01
N SER A 3 19.55 -16.05 11.70
CA SER A 3 20.37 -15.41 12.72
C SER A 3 19.53 -15.14 13.97
N GLY A 4 18.46 -14.39 13.78
CA GLY A 4 17.58 -14.06 14.88
C GLY A 4 17.17 -12.58 14.84
N SER A 5 17.95 -11.75 15.51
CA SER A 5 17.69 -10.34 15.55
C SER A 5 18.95 -9.58 15.98
N SER A 6 18.92 -8.28 15.76
CA SER A 6 20.05 -7.43 16.11
C SER A 6 19.70 -6.58 17.34
N GLY A 7 18.64 -5.80 17.19
CA GLY A 7 18.20 -4.94 18.28
C GLY A 7 17.31 -3.81 17.76
N MET A 8 17.76 -2.59 18.00
CA MET A 8 17.01 -1.42 17.56
C MET A 8 15.62 -1.38 18.19
N ALA A 9 15.10 -0.17 18.34
CA ALA A 9 13.79 0.03 18.93
C ALA A 9 13.37 1.49 18.77
N ALA A 10 12.27 1.68 18.06
CA ALA A 10 11.76 3.02 17.83
C ALA A 10 10.30 2.93 17.39
N SER A 11 9.60 4.05 17.51
CA SER A 11 8.19 4.10 17.13
C SER A 11 7.82 5.54 16.73
N THR A 12 7.78 5.75 15.43
CA THR A 12 7.44 7.07 14.90
C THR A 12 5.99 7.41 15.23
N ASP A 13 5.09 6.85 14.45
CA ASP A 13 3.66 7.09 14.65
C ASP A 13 2.87 5.84 14.23
N ILE A 14 3.18 5.37 13.03
CA ILE A 14 2.50 4.19 12.50
C ILE A 14 3.17 2.94 13.08
N ALA A 15 4.39 2.69 12.62
CA ALA A 15 5.13 1.53 13.07
C ALA A 15 4.54 0.27 12.45
N GLY A 16 4.77 0.12 11.15
CA GLY A 16 4.26 -1.03 10.42
C GLY A 16 4.23 -0.76 8.91
N LEU A 17 4.13 0.51 8.58
CA LEU A 17 4.09 0.91 7.18
C LEU A 17 5.37 0.44 6.49
N GLU A 18 6.44 1.20 6.72
CA GLU A 18 7.72 0.87 6.13
C GLU A 18 8.02 -0.62 6.30
N GLU A 19 7.42 -1.20 7.32
CA GLU A 19 7.62 -2.61 7.61
C GLU A 19 6.95 -3.47 6.52
N SER A 20 5.71 -3.13 6.22
CA SER A 20 4.96 -3.86 5.21
C SER A 20 5.49 -3.51 3.82
N PHE A 21 5.83 -2.25 3.65
CA PHE A 21 6.34 -1.77 2.38
C PHE A 21 7.50 -2.65 1.89
N ARG A 22 8.52 -2.75 2.73
CA ARG A 22 9.68 -3.55 2.41
C ARG A 22 9.26 -4.94 1.95
N LYS A 23 8.34 -5.53 2.71
CA LYS A 23 7.83 -6.85 2.40
C LYS A 23 7.44 -6.91 0.93
N PHE A 24 6.64 -5.93 0.52
CA PHE A 24 6.18 -5.86 -0.86
C PHE A 24 7.28 -5.31 -1.77
N ALA A 25 8.18 -4.56 -1.17
CA ALA A 25 9.29 -3.97 -1.91
C ALA A 25 10.29 -5.07 -2.28
N ILE A 26 10.49 -5.98 -1.34
CA ILE A 26 11.41 -7.07 -1.55
C ILE A 26 10.70 -8.20 -2.31
N HIS A 27 9.51 -7.89 -2.77
CA HIS A 27 8.71 -8.86 -3.52
C HIS A 27 9.27 -8.99 -4.93
N GLY A 28 9.65 -10.21 -5.27
CA GLY A 28 10.19 -10.49 -6.59
C GLY A 28 11.72 -10.50 -6.56
N ASP A 29 12.29 -9.35 -6.25
CA ASP A 29 13.74 -9.22 -6.18
C ASP A 29 14.32 -10.42 -5.43
N PRO A 30 15.48 -10.92 -5.95
CA PRO A 30 16.14 -12.06 -5.34
C PRO A 30 16.84 -11.67 -4.04
N LYS A 31 17.56 -10.55 -4.11
CA LYS A 31 18.29 -10.05 -2.95
C LYS A 31 17.42 -9.02 -2.22
N ALA A 32 16.75 -8.19 -3.01
CA ALA A 32 15.89 -7.17 -2.44
C ALA A 32 16.71 -6.25 -1.53
N SER A 33 16.35 -4.98 -1.53
CA SER A 33 17.04 -4.00 -0.71
C SER A 33 16.06 -3.35 0.27
N GLY A 34 14.77 -3.57 0.00
CA GLY A 34 13.73 -3.02 0.84
C GLY A 34 13.67 -1.49 0.71
N GLN A 35 14.19 -1.01 -0.42
CA GLN A 35 14.20 0.41 -0.68
C GLN A 35 13.65 0.70 -2.08
N GLU A 36 13.16 -0.36 -2.71
CA GLU A 36 12.60 -0.24 -4.04
C GLU A 36 11.30 -1.05 -4.15
N MET A 37 10.35 -0.48 -4.88
CA MET A 37 9.07 -1.14 -5.06
C MET A 37 8.59 -1.02 -6.51
N ASN A 38 8.49 -2.17 -7.16
CA ASN A 38 8.05 -2.21 -8.55
C ASN A 38 6.54 -1.93 -8.62
N GLY A 39 6.14 -1.23 -9.67
CA GLY A 39 4.75 -0.90 -9.86
C GLY A 39 3.86 -2.14 -9.65
N LYS A 40 4.36 -3.27 -10.11
CA LYS A 40 3.63 -4.52 -9.98
C LYS A 40 3.45 -4.85 -8.49
N ASN A 41 4.41 -4.42 -7.70
CA ASN A 41 4.37 -4.66 -6.28
C ASN A 41 3.65 -3.51 -5.59
N TRP A 42 3.87 -2.32 -6.11
CA TRP A 42 3.25 -1.12 -5.56
C TRP A 42 1.74 -1.27 -5.71
N ALA A 43 1.33 -1.63 -6.92
CA ALA A 43 -0.08 -1.80 -7.21
C ALA A 43 -0.62 -2.99 -6.43
N LYS A 44 0.05 -4.13 -6.62
CA LYS A 44 -0.35 -5.35 -5.93
C LYS A 44 -0.47 -5.07 -4.44
N LEU A 45 0.32 -4.11 -3.98
CA LEU A 45 0.32 -3.74 -2.57
C LEU A 45 -0.91 -2.86 -2.28
N CYS A 46 -1.34 -2.16 -3.31
CA CYS A 46 -2.50 -1.29 -3.18
C CYS A 46 -3.76 -2.14 -3.27
N LYS A 47 -3.57 -3.39 -3.66
CA LYS A 47 -4.68 -4.32 -3.79
C LYS A 47 -4.67 -5.30 -2.62
N ASP A 48 -3.48 -5.79 -2.31
CA ASP A 48 -3.31 -6.73 -1.22
C ASP A 48 -3.72 -6.05 0.10
N CYS A 49 -3.40 -4.77 0.19
CA CYS A 49 -3.73 -4.01 1.38
C CYS A 49 -5.14 -3.44 1.22
N LYS A 50 -5.65 -3.54 -0.01
CA LYS A 50 -6.97 -3.05 -0.32
C LYS A 50 -6.97 -1.52 -0.31
N VAL A 51 -5.91 -0.96 -0.88
CA VAL A 51 -5.76 0.48 -0.95
C VAL A 51 -6.53 1.00 -2.17
N ALA A 52 -6.41 0.28 -3.26
CA ALA A 52 -7.08 0.66 -4.49
C ALA A 52 -8.42 -0.07 -4.59
N ASP A 53 -9.31 0.30 -3.68
CA ASP A 53 -10.64 -0.31 -3.63
C ASP A 53 -11.16 -0.48 -5.07
N GLY A 54 -10.75 0.44 -5.92
CA GLY A 54 -11.16 0.41 -7.31
C GLY A 54 -12.21 1.50 -7.60
N LYS A 55 -12.85 1.95 -6.54
CA LYS A 55 -13.86 2.98 -6.66
C LYS A 55 -13.19 4.36 -6.67
N ALA A 56 -12.91 4.85 -5.48
CA ALA A 56 -12.26 6.14 -5.34
C ALA A 56 -10.85 6.07 -5.91
N VAL A 57 -10.29 4.87 -5.89
CA VAL A 57 -8.95 4.66 -6.41
C VAL A 57 -8.97 3.50 -7.41
N THR A 58 -8.58 3.82 -8.64
CA THR A 58 -8.56 2.82 -9.70
C THR A 58 -7.11 2.46 -10.04
N GLY A 59 -6.91 1.18 -10.32
CA GLY A 59 -5.59 0.69 -10.67
C GLY A 59 -4.94 1.57 -11.74
N THR A 60 -5.79 2.30 -12.45
CA THR A 60 -5.32 3.18 -13.51
C THR A 60 -4.68 4.44 -12.90
N ASP A 61 -5.15 4.78 -11.70
CA ASP A 61 -4.65 5.95 -11.00
C ASP A 61 -3.31 5.60 -10.34
N VAL A 62 -3.31 4.49 -9.62
CA VAL A 62 -2.12 4.05 -8.93
C VAL A 62 -0.99 3.87 -9.94
N ASP A 63 -1.36 3.40 -11.13
CA ASP A 63 -0.39 3.20 -12.19
C ASP A 63 0.14 4.55 -12.66
N ILE A 64 -0.76 5.51 -12.74
CA ILE A 64 -0.39 6.85 -13.18
C ILE A 64 0.45 7.52 -12.09
N VAL A 65 -0.07 7.48 -10.87
CA VAL A 65 0.62 8.08 -9.75
C VAL A 65 2.02 7.47 -9.63
N PHE A 66 2.06 6.15 -9.69
CA PHE A 66 3.33 5.44 -9.59
C PHE A 66 4.32 5.95 -10.63
N SER A 67 3.78 6.45 -11.72
CA SER A 67 4.60 6.98 -12.80
C SER A 67 4.94 8.45 -12.54
N LYS A 68 4.10 9.08 -11.73
CA LYS A 68 4.30 10.48 -11.39
C LYS A 68 5.36 10.58 -10.29
N VAL A 69 5.28 9.65 -9.35
CA VAL A 69 6.23 9.63 -8.24
C VAL A 69 7.62 9.27 -8.76
N LYS A 70 7.62 8.51 -9.86
CA LYS A 70 8.88 8.09 -10.46
C LYS A 70 9.14 8.94 -11.71
N ALA A 71 10.27 8.65 -12.34
CA ALA A 71 10.66 9.39 -13.53
C ALA A 71 10.48 8.49 -14.77
N LYS A 72 10.88 9.01 -15.91
CA LYS A 72 10.77 8.27 -17.15
C LYS A 72 11.96 7.30 -17.28
N SER A 73 12.86 7.40 -16.31
CA SER A 73 14.03 6.54 -16.30
C SER A 73 13.82 5.39 -15.31
N ALA A 74 13.96 5.71 -14.03
CA ALA A 74 13.79 4.72 -12.99
C ALA A 74 12.60 3.82 -13.32
N ARG A 75 12.70 2.58 -12.89
CA ARG A 75 11.65 1.61 -13.15
C ARG A 75 10.99 1.18 -11.83
N VAL A 76 11.59 1.63 -10.74
CA VAL A 76 11.07 1.30 -9.42
C VAL A 76 10.89 2.59 -8.61
N ILE A 77 10.24 2.46 -7.46
CA ILE A 77 10.00 3.60 -6.59
C ILE A 77 10.57 3.31 -5.20
N ASN A 78 10.94 4.37 -4.51
CA ASN A 78 11.50 4.25 -3.18
C ASN A 78 10.43 4.61 -2.15
N TYR A 79 10.63 4.12 -0.93
CA TYR A 79 9.70 4.38 0.15
C TYR A 79 9.17 5.82 0.08
N GLU A 80 10.06 6.73 -0.29
CA GLU A 80 9.70 8.13 -0.40
C GLU A 80 8.68 8.33 -1.53
N GLU A 81 9.00 7.76 -2.68
CA GLU A 81 8.14 7.86 -3.84
C GLU A 81 6.89 6.99 -3.64
N PHE A 82 6.99 6.07 -2.70
CA PHE A 82 5.89 5.18 -2.41
C PHE A 82 4.85 5.86 -1.52
N LYS A 83 5.34 6.66 -0.58
CA LYS A 83 4.47 7.37 0.33
C LYS A 83 3.78 8.51 -0.41
N LYS A 84 4.44 8.99 -1.45
CA LYS A 84 3.92 10.07 -2.26
C LYS A 84 2.60 9.63 -2.91
N ALA A 85 2.65 8.45 -3.51
CA ALA A 85 1.47 7.90 -4.17
C ALA A 85 0.36 7.74 -3.14
N LEU A 86 0.72 7.20 -1.99
CA LEU A 86 -0.24 6.99 -0.92
C LEU A 86 -0.94 8.31 -0.60
N GLU A 87 -0.19 9.38 -0.73
CA GLU A 87 -0.73 10.71 -0.45
C GLU A 87 -1.75 11.10 -1.53
N GLU A 88 -1.40 10.79 -2.77
CA GLU A 88 -2.26 11.10 -3.89
C GLU A 88 -3.45 10.15 -3.92
N LEU A 89 -3.25 8.97 -3.38
CA LEU A 89 -4.30 7.97 -3.33
C LEU A 89 -4.96 7.99 -1.96
N ALA A 90 -4.41 8.83 -1.08
CA ALA A 90 -4.95 8.96 0.25
C ALA A 90 -6.27 9.72 0.20
N THR A 91 -6.21 10.92 -0.37
CA THR A 91 -7.39 11.76 -0.50
C THR A 91 -8.33 11.20 -1.57
N LYS A 92 -7.76 10.39 -2.46
CA LYS A 92 -8.52 9.80 -3.53
C LYS A 92 -9.16 8.50 -3.04
N ARG A 93 -8.53 7.91 -2.03
CA ARG A 93 -9.02 6.67 -1.46
C ARG A 93 -10.13 6.96 -0.43
N PHE A 94 -9.73 7.62 0.64
CA PHE A 94 -10.68 7.97 1.69
C PHE A 94 -11.56 9.15 1.27
N LYS A 95 -12.46 9.52 2.16
CA LYS A 95 -13.37 10.62 1.91
C LYS A 95 -12.57 11.90 1.71
N GLY A 96 -13.06 12.98 2.31
CA GLY A 96 -12.39 14.27 2.20
C GLY A 96 -11.55 14.54 3.44
N LYS A 97 -11.09 13.47 4.06
CA LYS A 97 -10.27 13.57 5.26
C LYS A 97 -9.11 14.54 4.99
N SER A 98 -8.30 14.74 6.01
CA SER A 98 -7.16 15.63 5.90
C SER A 98 -6.00 14.92 5.19
N LYS A 99 -5.13 15.72 4.59
CA LYS A 99 -3.99 15.18 3.87
C LYS A 99 -3.24 14.20 4.79
N GLU A 100 -3.09 14.61 6.04
CA GLU A 100 -2.41 13.78 7.02
C GLU A 100 -3.31 12.62 7.46
N GLU A 101 -4.52 12.98 7.85
CA GLU A 101 -5.49 11.98 8.29
C GLU A 101 -5.67 10.90 7.22
N ALA A 102 -5.95 11.36 6.01
CA ALA A 102 -6.16 10.45 4.90
C ALA A 102 -4.92 9.58 4.73
N PHE A 103 -3.77 10.22 4.77
CA PHE A 103 -2.50 9.51 4.63
C PHE A 103 -2.31 8.52 5.77
N ASP A 104 -2.67 8.95 6.97
CA ASP A 104 -2.53 8.11 8.14
C ASP A 104 -3.57 6.99 8.09
N ALA A 105 -4.63 7.25 7.34
CA ALA A 105 -5.71 6.27 7.20
C ALA A 105 -5.27 5.20 6.18
N ILE A 106 -4.62 5.65 5.13
CA ILE A 106 -4.15 4.75 4.09
C ILE A 106 -2.93 3.99 4.60
N CYS A 107 -2.20 4.64 5.50
CA CYS A 107 -1.01 4.03 6.07
C CYS A 107 -1.44 2.88 6.97
N GLN A 108 -2.64 3.01 7.53
CA GLN A 108 -3.17 1.98 8.41
C GLN A 108 -3.68 0.80 7.59
N LEU A 109 -3.77 1.02 6.28
CA LEU A 109 -4.24 -0.03 5.38
C LEU A 109 -3.07 -0.92 5.00
N ILE A 110 -1.87 -0.39 5.18
CA ILE A 110 -0.66 -1.13 4.86
C ILE A 110 0.09 -1.47 6.15
N ALA A 111 0.27 -0.45 6.98
CA ALA A 111 0.96 -0.62 8.24
C ALA A 111 0.42 -1.85 8.96
N GLY A 112 1.11 -2.96 8.78
CA GLY A 112 0.70 -4.21 9.41
C GLY A 112 0.47 -5.30 8.35
N LYS A 113 -0.06 -4.88 7.21
CA LYS A 113 -0.34 -5.80 6.12
C LYS A 113 0.97 -6.49 5.71
N GLU A 114 0.81 -7.51 4.88
CA GLU A 114 1.96 -8.27 4.41
C GLU A 114 1.59 -9.06 3.14
N PRO A 115 2.59 -9.15 2.22
CA PRO A 115 2.38 -9.87 0.98
C PRO A 115 2.39 -11.39 1.20
N ALA A 116 2.56 -11.76 2.46
CA ALA A 116 2.58 -13.17 2.83
C ALA A 116 1.41 -13.88 2.17
N ASN A 117 1.44 -15.21 2.26
CA ASN A 117 0.39 -16.03 1.68
C ASN A 117 -0.93 -15.75 2.42
N ILE A 118 -0.91 -16.04 3.71
CA ILE A 118 -2.08 -15.84 4.54
C ILE A 118 -2.17 -14.37 4.94
N GLY A 119 -2.65 -13.56 4.00
CA GLY A 119 -2.79 -12.13 4.24
C GLY A 119 -4.11 -11.61 3.68
N VAL A 120 -5.20 -12.16 4.20
CA VAL A 120 -6.52 -11.75 3.76
C VAL A 120 -7.11 -10.75 4.74
N THR A 121 -7.24 -9.51 4.28
CA THR A 121 -7.78 -8.46 5.12
C THR A 121 -9.25 -8.19 4.76
N LYS A 122 -9.97 -7.65 5.73
CA LYS A 122 -11.38 -7.35 5.53
C LYS A 122 -11.52 -5.92 5.02
N ALA A 123 -12.60 -5.68 4.29
CA ALA A 123 -12.86 -4.37 3.74
C ALA A 123 -13.64 -3.54 4.76
N LYS A 124 -13.88 -2.29 4.39
CA LYS A 124 -14.61 -1.37 5.26
C LYS A 124 -15.00 -0.12 4.47
N THR A 125 -16.25 0.26 4.61
CA THR A 125 -16.76 1.43 3.92
C THR A 125 -16.71 1.23 2.40
N GLY A 126 -17.69 1.82 1.73
CA GLY A 126 -17.77 1.70 0.28
C GLY A 126 -16.95 2.81 -0.40
N GLY A 127 -17.67 3.67 -1.11
CA GLY A 127 -17.03 4.77 -1.81
C GLY A 127 -18.04 5.49 -2.72
N ALA A 128 -17.49 6.17 -3.71
CA ALA A 128 -18.31 6.90 -4.66
C ALA A 128 -18.10 6.33 -6.07
N VAL A 129 -18.94 6.79 -6.99
CA VAL A 129 -18.87 6.33 -8.36
C VAL A 129 -18.12 7.37 -9.21
N ASP A 130 -16.92 6.99 -9.62
CA ASP A 130 -16.10 7.88 -10.43
C ASP A 130 -15.31 7.04 -11.45
N ARG A 131 -15.16 7.60 -12.64
CA ARG A 131 -14.44 6.93 -13.70
C ARG A 131 -14.30 7.84 -14.92
N LEU A 132 -13.47 7.41 -15.85
CA LEU A 132 -13.24 8.17 -17.07
C LEU A 132 -12.08 7.55 -17.85
N THR A 133 -12.42 6.95 -18.97
CA THR A 133 -11.42 6.32 -19.82
C THR A 133 -11.82 6.43 -21.29
N ASP A 134 -10.81 6.32 -22.15
CA ASP A 134 -11.05 6.41 -23.58
C ASP A 134 -9.72 6.22 -24.32
N THR A 135 -9.56 5.02 -24.87
CA THR A 135 -8.35 4.70 -25.61
C THR A 135 -8.68 3.83 -26.83
N SER A 136 -8.69 4.49 -27.98
CA SER A 136 -8.99 3.80 -29.23
C SER A 136 -7.69 3.42 -29.95
N LYS A 137 -7.17 2.26 -29.58
CA LYS A 137 -5.93 1.78 -30.19
C LYS A 137 -6.00 1.97 -31.70
N TYR A 138 -4.85 1.79 -32.34
CA TYR A 138 -4.77 1.94 -33.79
C TYR A 138 -4.53 0.58 -34.46
N THR A 139 -4.66 0.58 -35.78
CA THR A 139 -4.46 -0.63 -36.55
C THR A 139 -3.25 -0.48 -37.48
N GLY A 140 -2.58 -1.59 -37.70
CA GLY A 140 -1.41 -1.60 -38.57
C GLY A 140 -1.81 -1.44 -40.04
N SER A 141 -0.86 -0.97 -40.83
CA SER A 141 -1.11 -0.76 -42.25
C SER A 141 0.21 -0.87 -43.02
N HIS A 142 0.08 -1.16 -44.31
CA HIS A 142 1.24 -1.29 -45.16
C HIS A 142 1.69 0.09 -45.65
N LYS A 143 2.98 0.19 -45.94
CA LYS A 143 3.54 1.44 -46.41
C LYS A 143 4.96 1.19 -46.93
N GLU A 144 5.49 2.21 -47.61
CA GLU A 144 6.83 2.11 -48.16
C GLU A 144 7.84 2.85 -47.27
N ARG A 145 8.71 2.07 -46.65
CA ARG A 145 9.72 2.63 -45.77
C ARG A 145 11.05 2.79 -46.51
N SER A 146 11.95 3.54 -45.89
CA SER A 146 13.26 3.77 -46.49
C SER A 146 14.14 4.54 -45.51
N GLY A 147 15.37 4.07 -45.36
CA GLY A 147 16.32 4.71 -44.47
C GLY A 147 17.75 4.35 -44.85
N PRO A 148 18.69 5.27 -44.48
CA PRO A 148 20.10 5.06 -44.78
C PRO A 148 20.71 4.02 -43.84
N SER A 149 20.59 4.29 -42.55
CA SER A 149 21.12 3.39 -41.54
C SER A 149 22.65 3.39 -41.59
N SER A 150 23.24 3.97 -40.55
CA SER A 150 24.69 4.05 -40.46
C SER A 150 25.20 3.09 -39.38
N GLY A 151 26.52 2.96 -39.34
CA GLY A 151 27.14 2.07 -38.37
C GLY A 151 28.26 1.24 -39.01
N GLY A 1 10.78 -9.24 35.35
CA GLY A 1 9.52 -8.60 35.04
C GLY A 1 8.97 -9.11 33.70
N SER A 2 9.59 -8.65 32.63
CA SER A 2 9.18 -9.04 31.30
C SER A 2 7.73 -8.60 31.04
N SER A 3 7.42 -8.39 29.78
CA SER A 3 6.08 -7.97 29.39
C SER A 3 5.81 -6.57 29.95
N GLY A 4 5.20 -5.74 29.09
CA GLY A 4 4.87 -4.39 29.48
C GLY A 4 5.76 -3.37 28.77
N SER A 5 5.12 -2.40 28.13
CA SER A 5 5.83 -1.38 27.40
C SER A 5 4.85 -0.38 26.78
N SER A 6 3.97 -0.93 25.95
CA SER A 6 2.98 -0.11 25.28
C SER A 6 2.30 0.83 26.29
N GLY A 7 1.86 1.97 25.78
CA GLY A 7 1.21 2.95 26.63
C GLY A 7 0.29 3.85 25.80
N MET A 8 0.09 5.07 26.29
CA MET A 8 -0.76 6.03 25.63
C MET A 8 0.04 6.85 24.60
N ALA A 9 -0.65 7.27 23.56
CA ALA A 9 -0.03 8.06 22.51
C ALA A 9 -1.07 8.46 21.47
N ALA A 10 -0.81 9.57 20.81
CA ALA A 10 -1.72 10.07 19.79
C ALA A 10 -1.47 9.32 18.48
N SER A 11 -2.29 9.64 17.48
CA SER A 11 -2.17 9.01 16.18
C SER A 11 -1.48 9.96 15.21
N THR A 12 -0.21 10.24 15.50
CA THR A 12 0.57 11.14 14.67
C THR A 12 1.38 10.34 13.64
N ASP A 13 2.16 9.40 14.15
CA ASP A 13 2.99 8.57 13.30
C ASP A 13 2.43 7.14 13.30
N ILE A 14 3.01 6.31 12.44
CA ILE A 14 2.58 4.92 12.34
C ILE A 14 3.61 4.02 13.03
N ALA A 15 3.61 2.77 12.62
CA ALA A 15 4.54 1.80 13.19
C ALA A 15 4.34 0.44 12.52
N GLY A 16 4.88 0.34 11.32
CA GLY A 16 4.76 -0.90 10.55
C GLY A 16 4.63 -0.61 9.06
N LEU A 17 4.32 0.65 8.76
CA LEU A 17 4.16 1.06 7.38
C LEU A 17 5.35 0.59 6.55
N GLU A 18 6.47 1.26 6.75
CA GLU A 18 7.70 0.92 6.04
C GLU A 18 7.93 -0.59 6.09
N GLU A 19 7.58 -1.17 7.23
CA GLU A 19 7.75 -2.60 7.42
C GLU A 19 6.94 -3.38 6.37
N SER A 20 5.71 -2.94 6.20
CA SER A 20 4.82 -3.58 5.23
C SER A 20 5.35 -3.38 3.82
N PHE A 21 5.65 -2.13 3.51
CA PHE A 21 6.17 -1.78 2.19
C PHE A 21 7.34 -2.68 1.81
N ARG A 22 8.31 -2.74 2.71
CA ARG A 22 9.50 -3.57 2.48
C ARG A 22 9.08 -4.98 2.05
N LYS A 23 8.10 -5.51 2.75
CA LYS A 23 7.60 -6.85 2.45
C LYS A 23 7.15 -6.91 0.99
N PHE A 24 6.26 -5.99 0.64
CA PHE A 24 5.75 -5.93 -0.71
C PHE A 24 6.85 -5.53 -1.70
N ALA A 25 7.83 -4.80 -1.18
CA ALA A 25 8.94 -4.35 -2.00
C ALA A 25 9.87 -5.53 -2.29
N ILE A 26 10.19 -6.26 -1.22
CA ILE A 26 11.06 -7.42 -1.35
C ILE A 26 10.22 -8.66 -1.63
N HIS A 27 8.94 -8.42 -1.90
CA HIS A 27 8.03 -9.51 -2.20
C HIS A 27 8.72 -10.53 -3.11
N GLY A 28 8.93 -11.72 -2.57
CA GLY A 28 9.57 -12.78 -3.32
C GLY A 28 11.09 -12.55 -3.41
N ASP A 29 11.45 -11.44 -4.04
CA ASP A 29 12.85 -11.10 -4.19
C ASP A 29 13.56 -11.25 -2.84
N PRO A 30 14.42 -12.31 -2.76
CA PRO A 30 15.16 -12.56 -1.53
C PRO A 30 16.31 -11.58 -1.37
N LYS A 31 16.80 -11.08 -2.49
CA LYS A 31 17.89 -10.13 -2.49
C LYS A 31 17.36 -8.75 -2.12
N ALA A 32 16.18 -8.44 -2.63
CA ALA A 32 15.55 -7.16 -2.36
C ALA A 32 15.76 -6.79 -0.89
N SER A 33 16.22 -5.57 -0.67
CA SER A 33 16.46 -5.09 0.67
C SER A 33 15.25 -4.31 1.18
N GLY A 34 14.40 -3.92 0.24
CA GLY A 34 13.19 -3.18 0.59
C GLY A 34 13.40 -1.67 0.40
N GLN A 35 14.36 -1.35 -0.47
CA GLN A 35 14.66 0.04 -0.75
C GLN A 35 14.03 0.47 -2.07
N GLU A 36 13.51 -0.51 -2.78
CA GLU A 36 12.86 -0.26 -4.07
C GLU A 36 11.60 -1.09 -4.20
N MET A 37 10.62 -0.54 -4.89
CA MET A 37 9.36 -1.21 -5.11
C MET A 37 8.90 -1.09 -6.57
N ASN A 38 8.67 -2.24 -7.19
CA ASN A 38 8.23 -2.27 -8.56
C ASN A 38 6.73 -1.98 -8.63
N GLY A 39 6.35 -1.25 -9.67
CA GLY A 39 4.95 -0.90 -9.86
C GLY A 39 4.06 -2.14 -9.80
N LYS A 40 4.68 -3.29 -10.00
CA LYS A 40 3.95 -4.55 -9.96
C LYS A 40 3.60 -4.90 -8.52
N ASN A 41 4.52 -4.57 -7.62
CA ASN A 41 4.31 -4.84 -6.21
C ASN A 41 3.57 -3.65 -5.58
N TRP A 42 3.93 -2.46 -6.02
CA TRP A 42 3.31 -1.25 -5.51
C TRP A 42 1.80 -1.37 -5.73
N ALA A 43 1.42 -1.48 -6.99
CA ALA A 43 0.01 -1.60 -7.34
C ALA A 43 -0.62 -2.72 -6.52
N LYS A 44 0.03 -3.88 -6.56
CA LYS A 44 -0.47 -5.03 -5.82
C LYS A 44 -0.61 -4.67 -4.35
N LEU A 45 0.37 -3.92 -3.86
CA LEU A 45 0.36 -3.50 -2.47
C LEU A 45 -0.83 -2.55 -2.23
N CYS A 46 -1.22 -1.87 -3.30
CA CYS A 46 -2.34 -0.94 -3.22
C CYS A 46 -3.62 -1.71 -3.49
N LYS A 47 -3.50 -3.03 -3.51
CA LYS A 47 -4.64 -3.89 -3.76
C LYS A 47 -4.79 -4.89 -2.61
N ASP A 48 -3.66 -5.45 -2.21
CA ASP A 48 -3.65 -6.41 -1.12
C ASP A 48 -3.99 -5.71 0.19
N CYS A 49 -3.62 -4.44 0.25
CA CYS A 49 -3.88 -3.63 1.44
C CYS A 49 -5.24 -2.96 1.28
N LYS A 50 -6.01 -3.48 0.33
CA LYS A 50 -7.33 -2.94 0.06
C LYS A 50 -7.25 -1.41 -0.06
N VAL A 51 -6.22 -0.97 -0.79
CA VAL A 51 -6.02 0.45 -1.00
C VAL A 51 -6.80 0.90 -2.23
N ALA A 52 -6.77 0.05 -3.25
CA ALA A 52 -7.47 0.35 -4.49
C ALA A 52 -8.72 -0.54 -4.59
N ASP A 53 -9.82 -0.01 -4.08
CA ASP A 53 -11.08 -0.75 -4.11
C ASP A 53 -11.50 -0.97 -5.57
N GLY A 54 -11.22 0.03 -6.39
CA GLY A 54 -11.57 -0.04 -7.80
C GLY A 54 -12.57 1.05 -8.18
N LYS A 55 -13.44 1.35 -7.24
CA LYS A 55 -14.46 2.38 -7.45
C LYS A 55 -13.84 3.76 -7.24
N ALA A 56 -13.72 4.12 -5.97
CA ALA A 56 -13.15 5.41 -5.62
C ALA A 56 -11.77 5.55 -6.27
N VAL A 57 -11.04 4.45 -6.26
CA VAL A 57 -9.70 4.44 -6.84
C VAL A 57 -9.60 3.27 -7.83
N THR A 58 -8.90 3.54 -8.93
CA THR A 58 -8.72 2.54 -9.96
C THR A 58 -7.24 2.25 -10.16
N GLY A 59 -6.94 0.97 -10.42
CA GLY A 59 -5.57 0.56 -10.64
C GLY A 59 -4.83 1.53 -11.55
N THR A 60 -5.61 2.25 -12.36
CA THR A 60 -5.04 3.22 -13.28
C THR A 60 -4.56 4.45 -12.52
N ASP A 61 -5.16 4.67 -11.36
CA ASP A 61 -4.80 5.81 -10.52
C ASP A 61 -3.45 5.54 -9.87
N VAL A 62 -3.26 4.30 -9.44
CA VAL A 62 -2.03 3.91 -8.80
C VAL A 62 -0.91 3.83 -9.85
N ASP A 63 -1.30 3.45 -11.05
CA ASP A 63 -0.35 3.33 -12.14
C ASP A 63 0.15 4.72 -12.53
N ILE A 64 -0.79 5.64 -12.69
CA ILE A 64 -0.46 7.00 -13.06
C ILE A 64 0.41 7.62 -11.97
N VAL A 65 -0.08 7.53 -10.74
CA VAL A 65 0.64 8.07 -9.60
C VAL A 65 2.05 7.47 -9.56
N PHE A 66 2.10 6.15 -9.73
CA PHE A 66 3.37 5.45 -9.71
C PHE A 66 4.30 5.96 -10.82
N SER A 67 3.68 6.43 -11.89
CA SER A 67 4.43 6.94 -13.02
C SER A 67 4.57 8.46 -12.92
N LYS A 68 3.95 9.01 -11.87
CA LYS A 68 3.99 10.44 -11.65
C LYS A 68 5.05 10.75 -10.59
N VAL A 69 5.26 9.79 -9.70
CA VAL A 69 6.23 9.95 -8.64
C VAL A 69 7.62 9.61 -9.18
N LYS A 70 7.69 8.50 -9.90
CA LYS A 70 8.95 8.06 -10.47
C LYS A 70 9.34 8.98 -11.63
N ALA A 71 10.31 8.52 -12.40
CA ALA A 71 10.78 9.30 -13.54
C ALA A 71 10.78 8.41 -14.79
N LYS A 72 10.68 9.06 -15.94
CA LYS A 72 10.66 8.35 -17.20
C LYS A 72 11.86 7.41 -17.28
N SER A 73 12.87 7.74 -16.47
CA SER A 73 14.09 6.93 -16.44
C SER A 73 13.93 5.80 -15.42
N ALA A 74 13.74 6.19 -14.17
CA ALA A 74 13.58 5.22 -13.10
C ALA A 74 12.36 4.35 -13.39
N ARG A 75 12.45 3.10 -12.96
CA ARG A 75 11.37 2.16 -13.16
C ARG A 75 10.76 1.75 -11.81
N VAL A 76 11.59 1.81 -10.78
CA VAL A 76 11.15 1.46 -9.44
C VAL A 76 10.93 2.72 -8.62
N ILE A 77 10.20 2.57 -7.54
CA ILE A 77 9.91 3.69 -6.66
C ILE A 77 10.55 3.45 -5.29
N ASN A 78 10.79 4.54 -4.59
CA ASN A 78 11.40 4.46 -3.27
C ASN A 78 10.37 4.88 -2.21
N TYR A 79 10.60 4.41 -0.99
CA TYR A 79 9.71 4.73 0.11
C TYR A 79 9.21 6.17 0.02
N GLU A 80 10.15 7.08 -0.22
CA GLU A 80 9.82 8.49 -0.34
C GLU A 80 8.74 8.69 -1.40
N GLU A 81 8.97 8.09 -2.56
CA GLU A 81 8.04 8.19 -3.66
C GLU A 81 6.78 7.35 -3.39
N PHE A 82 7.02 6.15 -2.89
CA PHE A 82 5.94 5.24 -2.57
C PHE A 82 4.92 5.90 -1.64
N LYS A 83 5.44 6.50 -0.58
CA LYS A 83 4.59 7.17 0.39
C LYS A 83 3.90 8.36 -0.27
N LYS A 84 4.54 8.88 -1.31
CA LYS A 84 4.00 10.01 -2.04
C LYS A 84 2.73 9.58 -2.76
N ALA A 85 2.81 8.42 -3.41
CA ALA A 85 1.68 7.89 -4.14
C ALA A 85 0.52 7.66 -3.17
N LEU A 86 0.83 7.04 -2.05
CA LEU A 86 -0.18 6.76 -1.03
C LEU A 86 -0.89 8.06 -0.66
N GLU A 87 -0.11 9.12 -0.58
CA GLU A 87 -0.65 10.43 -0.24
C GLU A 87 -1.65 10.89 -1.30
N GLU A 88 -1.33 10.57 -2.54
CA GLU A 88 -2.17 10.94 -3.66
C GLU A 88 -3.42 10.06 -3.69
N LEU A 89 -3.27 8.84 -3.20
CA LEU A 89 -4.37 7.90 -3.17
C LEU A 89 -5.05 7.95 -1.80
N ALA A 90 -4.43 8.73 -0.91
CA ALA A 90 -4.97 8.89 0.43
C ALA A 90 -6.36 9.51 0.36
N THR A 91 -6.42 10.66 -0.31
CA THR A 91 -7.69 11.37 -0.46
C THR A 91 -8.55 10.68 -1.51
N LYS A 92 -7.93 10.35 -2.63
CA LYS A 92 -8.64 9.71 -3.73
C LYS A 92 -9.28 8.42 -3.21
N ARG A 93 -8.75 7.93 -2.09
CA ARG A 93 -9.27 6.72 -1.49
C ARG A 93 -10.23 7.06 -0.35
N PHE A 94 -9.74 7.88 0.58
CA PHE A 94 -10.54 8.28 1.71
C PHE A 94 -11.25 9.62 1.44
N LYS A 95 -12.50 9.50 1.01
CA LYS A 95 -13.29 10.68 0.71
C LYS A 95 -12.37 11.84 0.36
N GLY A 96 -12.44 12.89 1.17
CA GLY A 96 -11.62 14.07 0.96
C GLY A 96 -10.95 14.51 2.26
N LYS A 97 -10.61 13.53 3.08
CA LYS A 97 -9.96 13.79 4.35
C LYS A 97 -8.73 14.66 4.12
N SER A 98 -7.96 14.84 5.18
CA SER A 98 -6.75 15.65 5.10
C SER A 98 -5.59 14.80 4.58
N LYS A 99 -4.55 15.49 4.16
CA LYS A 99 -3.37 14.81 3.64
C LYS A 99 -2.82 13.85 4.70
N GLU A 100 -2.82 14.33 5.93
CA GLU A 100 -2.33 13.53 7.04
C GLU A 100 -3.36 12.46 7.42
N GLU A 101 -4.59 12.91 7.64
CA GLU A 101 -5.67 12.02 8.01
C GLU A 101 -5.80 10.90 6.97
N ALA A 102 -5.90 11.32 5.72
CA ALA A 102 -6.04 10.36 4.63
C ALA A 102 -4.84 9.41 4.63
N PHE A 103 -3.66 10.00 4.55
CA PHE A 103 -2.43 9.21 4.54
C PHE A 103 -2.36 8.31 5.77
N ASP A 104 -2.77 8.86 6.90
CA ASP A 104 -2.75 8.11 8.15
C ASP A 104 -3.70 6.91 8.04
N ALA A 105 -4.71 7.08 7.19
CA ALA A 105 -5.69 6.03 6.98
C ALA A 105 -5.11 4.98 6.01
N ILE A 106 -4.74 5.47 4.83
CA ILE A 106 -4.17 4.60 3.81
C ILE A 106 -2.97 3.86 4.39
N CYS A 107 -2.22 4.57 5.21
CA CYS A 107 -1.04 3.99 5.84
C CYS A 107 -1.49 2.88 6.79
N GLN A 108 -2.60 3.14 7.47
CA GLN A 108 -3.14 2.17 8.42
C GLN A 108 -3.57 0.91 7.68
N LEU A 109 -3.87 1.08 6.40
CA LEU A 109 -4.29 -0.05 5.58
C LEU A 109 -3.09 -0.95 5.29
N ILE A 110 -1.94 -0.31 5.16
CA ILE A 110 -0.70 -1.04 4.89
C ILE A 110 -0.06 -1.45 6.22
N ALA A 111 0.37 -0.45 6.96
CA ALA A 111 1.01 -0.69 8.25
C ALA A 111 0.27 -1.82 8.96
N GLY A 112 1.01 -2.90 9.20
CA GLY A 112 0.44 -4.05 9.88
C GLY A 112 0.09 -5.16 8.88
N LYS A 113 -0.48 -4.74 7.76
CA LYS A 113 -0.87 -5.68 6.72
C LYS A 113 0.38 -6.22 6.04
N GLU A 114 0.28 -7.44 5.55
CA GLU A 114 1.39 -8.09 4.88
C GLU A 114 0.96 -8.57 3.48
N PRO A 115 1.98 -8.75 2.60
CA PRO A 115 1.72 -9.20 1.24
C PRO A 115 1.38 -10.69 1.21
N ALA A 116 1.34 -11.28 2.40
CA ALA A 116 1.03 -12.70 2.52
C ALA A 116 0.01 -12.88 3.65
N ASN A 117 -0.23 -14.15 3.98
CA ASN A 117 -1.19 -14.48 5.02
C ASN A 117 -1.51 -15.97 4.95
N ILE A 118 -1.33 -16.63 6.09
CA ILE A 118 -1.59 -18.06 6.17
C ILE A 118 -3.09 -18.29 6.40
N GLY A 119 -3.83 -18.33 5.30
CA GLY A 119 -5.27 -18.54 5.37
C GLY A 119 -5.84 -18.91 4.00
N VAL A 120 -6.11 -17.87 3.21
CA VAL A 120 -6.66 -18.07 1.88
C VAL A 120 -5.85 -17.25 0.88
N THR A 121 -4.55 -17.28 1.04
CA THR A 121 -3.66 -16.54 0.16
C THR A 121 -3.27 -17.39 -1.04
N LYS A 122 -4.07 -18.43 -1.27
CA LYS A 122 -3.82 -19.33 -2.39
C LYS A 122 -2.52 -20.10 -2.14
N ALA A 123 -2.68 -21.34 -1.70
CA ALA A 123 -1.52 -22.19 -1.43
C ALA A 123 -1.17 -22.98 -2.69
N LYS A 124 -0.46 -22.31 -3.58
CA LYS A 124 -0.04 -22.93 -4.82
C LYS A 124 1.44 -22.62 -5.08
N THR A 125 1.70 -21.37 -5.37
CA THR A 125 3.07 -20.93 -5.64
C THR A 125 3.73 -20.44 -4.35
N GLY A 126 5.00 -20.78 -4.20
CA GLY A 126 5.76 -20.38 -3.03
C GLY A 126 6.97 -21.28 -2.82
N GLY A 127 8.13 -20.74 -3.13
CA GLY A 127 9.37 -21.48 -2.99
C GLY A 127 10.17 -21.47 -4.30
N ALA A 128 11.30 -20.77 -4.25
CA ALA A 128 12.16 -20.68 -5.42
C ALA A 128 13.39 -19.84 -5.08
N VAL A 129 14.55 -20.35 -5.46
CA VAL A 129 15.80 -19.67 -5.21
C VAL A 129 16.85 -20.10 -6.24
N ASP A 130 17.39 -19.12 -6.93
CA ASP A 130 18.40 -19.38 -7.94
C ASP A 130 19.42 -18.24 -7.96
N ARG A 131 20.50 -18.45 -7.21
CA ARG A 131 21.55 -17.45 -7.12
C ARG A 131 22.69 -17.96 -6.24
N LEU A 132 22.40 -18.06 -4.96
CA LEU A 132 23.39 -18.52 -4.00
C LEU A 132 24.47 -17.46 -3.82
N THR A 133 25.21 -17.22 -4.90
CA THR A 133 26.27 -16.24 -4.88
C THR A 133 27.05 -16.31 -3.57
N ASP A 134 27.71 -17.44 -3.38
CA ASP A 134 28.50 -17.66 -2.17
C ASP A 134 29.51 -16.51 -2.01
N THR A 135 29.71 -16.13 -0.76
CA THR A 135 30.65 -15.06 -0.45
C THR A 135 31.54 -15.44 0.73
N SER A 136 32.40 -16.42 0.48
CA SER A 136 33.31 -16.88 1.50
C SER A 136 34.07 -15.70 2.11
N LYS A 137 33.70 -15.36 3.33
CA LYS A 137 34.33 -14.25 4.03
C LYS A 137 35.66 -14.73 4.63
N TYR A 138 36.37 -13.78 5.24
CA TYR A 138 37.64 -14.09 5.85
C TYR A 138 37.45 -14.69 7.25
N THR A 139 36.66 -13.99 8.06
CA THR A 139 36.39 -14.43 9.41
C THR A 139 37.69 -14.73 10.15
N GLY A 140 38.16 -13.71 10.87
CA GLY A 140 39.40 -13.85 11.62
C GLY A 140 39.15 -13.64 13.12
N SER A 141 40.06 -14.17 13.91
CA SER A 141 39.96 -14.05 15.36
C SER A 141 41.21 -13.37 15.92
N HIS A 142 41.09 -12.92 17.16
CA HIS A 142 42.20 -12.25 17.82
C HIS A 142 42.13 -12.50 19.33
N LYS A 143 43.24 -12.99 19.87
CA LYS A 143 43.31 -13.28 21.30
C LYS A 143 44.76 -13.54 21.68
N GLU A 144 45.06 -13.28 22.95
CA GLU A 144 46.40 -13.47 23.46
C GLU A 144 46.48 -14.75 24.30
N ARG A 145 47.62 -15.41 24.24
CA ARG A 145 47.83 -16.63 24.98
C ARG A 145 48.79 -16.38 26.14
N SER A 146 48.79 -17.32 27.08
CA SER A 146 49.66 -17.23 28.24
C SER A 146 50.85 -18.17 28.09
N GLY A 147 51.82 -18.00 28.99
CA GLY A 147 53.00 -18.83 28.97
C GLY A 147 53.31 -19.39 30.36
N PRO A 148 54.32 -20.29 30.40
CA PRO A 148 54.72 -20.91 31.66
C PRO A 148 55.51 -19.92 32.53
N SER A 149 55.77 -20.35 33.75
CA SER A 149 56.52 -19.52 34.68
C SER A 149 57.86 -20.18 35.02
N SER A 150 58.78 -19.35 35.49
CA SER A 150 60.11 -19.84 35.84
C SER A 150 60.12 -20.30 37.31
N GLY A 151 61.20 -20.98 37.67
CA GLY A 151 61.34 -21.47 39.03
C GLY A 151 60.16 -22.37 39.42
N GLY A 1 -21.69 -12.49 8.67
CA GLY A 1 -20.24 -12.28 8.68
C GLY A 1 -19.91 -10.79 8.60
N SER A 2 -18.67 -10.52 8.22
CA SER A 2 -18.20 -9.16 8.10
C SER A 2 -17.13 -9.06 7.00
N SER A 3 -16.07 -9.83 7.19
CA SER A 3 -14.98 -9.83 6.23
C SER A 3 -14.27 -8.48 6.24
N GLY A 4 -12.94 -8.55 6.19
CA GLY A 4 -12.13 -7.33 6.19
C GLY A 4 -12.73 -6.28 7.12
N SER A 5 -12.80 -5.07 6.61
CA SER A 5 -13.34 -3.96 7.38
C SER A 5 -12.72 -3.93 8.77
N SER A 6 -11.67 -3.13 8.89
CA SER A 6 -10.97 -3.01 10.16
C SER A 6 -10.55 -1.55 10.39
N GLY A 7 -10.09 -1.28 11.60
CA GLY A 7 -9.66 0.05 11.96
C GLY A 7 -9.31 0.14 13.45
N MET A 8 -8.24 0.85 13.73
CA MET A 8 -7.80 1.03 15.11
C MET A 8 -7.33 2.47 15.36
N ALA A 9 -7.36 2.84 16.63
CA ALA A 9 -6.95 4.18 17.02
C ALA A 9 -5.97 4.09 18.20
N ALA A 10 -4.69 4.12 17.86
CA ALA A 10 -3.66 4.04 18.88
C ALA A 10 -2.29 4.10 18.21
N SER A 11 -1.25 4.13 19.03
CA SER A 11 0.11 4.19 18.54
C SER A 11 0.34 5.51 17.79
N THR A 12 0.71 6.52 18.55
CA THR A 12 0.97 7.83 17.98
C THR A 12 1.66 7.70 16.63
N ASP A 13 2.55 6.73 16.54
CA ASP A 13 3.28 6.48 15.32
C ASP A 13 2.74 5.22 14.64
N ILE A 14 2.86 5.20 13.32
CA ILE A 14 2.38 4.07 12.55
C ILE A 14 3.08 2.79 13.02
N ALA A 15 4.36 2.71 12.70
CA ALA A 15 5.16 1.56 13.09
C ALA A 15 4.62 0.31 12.37
N GLY A 16 4.94 0.23 11.08
CA GLY A 16 4.50 -0.90 10.28
C GLY A 16 4.48 -0.54 8.79
N LEU A 17 4.36 0.76 8.54
CA LEU A 17 4.32 1.25 7.17
C LEU A 17 5.61 0.82 6.45
N GLU A 18 6.67 1.58 6.69
CA GLU A 18 7.95 1.29 6.08
C GLU A 18 8.28 -0.20 6.21
N GLU A 19 7.79 -0.78 7.29
CA GLU A 19 8.02 -2.20 7.55
C GLU A 19 7.29 -3.05 6.52
N SER A 20 6.03 -2.71 6.31
CA SER A 20 5.21 -3.44 5.35
C SER A 20 5.70 -3.19 3.93
N PHE A 21 6.00 -1.93 3.66
CA PHE A 21 6.48 -1.54 2.35
C PHE A 21 7.63 -2.43 1.90
N ARG A 22 8.65 -2.51 2.75
CA ARG A 22 9.81 -3.33 2.45
C ARG A 22 9.39 -4.75 2.10
N LYS A 23 8.47 -5.27 2.89
CA LYS A 23 7.96 -6.62 2.67
C LYS A 23 7.51 -6.77 1.22
N PHE A 24 6.61 -5.88 0.82
CA PHE A 24 6.10 -5.90 -0.54
C PHE A 24 7.16 -5.44 -1.54
N ALA A 25 8.07 -4.62 -1.04
CA ALA A 25 9.15 -4.11 -1.88
C ALA A 25 10.09 -5.25 -2.24
N ILE A 26 10.47 -6.02 -1.23
CA ILE A 26 11.35 -7.15 -1.43
C ILE A 26 10.53 -8.40 -1.75
N HIS A 27 9.28 -8.16 -2.11
CA HIS A 27 8.39 -9.26 -2.44
C HIS A 27 9.04 -10.17 -3.50
N GLY A 28 9.45 -11.34 -3.04
CA GLY A 28 10.09 -12.30 -3.92
C GLY A 28 11.46 -11.78 -4.40
N ASP A 29 12.34 -11.57 -3.44
CA ASP A 29 13.67 -11.08 -3.73
C ASP A 29 14.53 -11.13 -2.47
N PRO A 30 15.49 -12.10 -2.48
CA PRO A 30 16.37 -12.27 -1.34
C PRO A 30 17.44 -11.17 -1.31
N LYS A 31 17.66 -10.58 -2.46
CA LYS A 31 18.65 -9.51 -2.58
C LYS A 31 18.00 -8.18 -2.19
N ALA A 32 16.81 -7.96 -2.73
CA ALA A 32 16.08 -6.73 -2.46
C ALA A 32 16.21 -6.39 -0.97
N SER A 33 16.53 -5.12 -0.71
CA SER A 33 16.69 -4.66 0.66
C SER A 33 15.40 -3.96 1.12
N GLY A 34 14.61 -3.55 0.15
CA GLY A 34 13.35 -2.87 0.46
C GLY A 34 13.47 -1.36 0.22
N GLN A 35 14.35 -1.01 -0.71
CA GLN A 35 14.57 0.38 -1.04
C GLN A 35 13.86 0.74 -2.35
N GLU A 36 13.40 -0.30 -3.03
CA GLU A 36 12.70 -0.11 -4.29
C GLU A 36 11.46 -1.00 -4.36
N MET A 37 10.45 -0.51 -5.05
CA MET A 37 9.20 -1.25 -5.20
C MET A 37 8.69 -1.19 -6.64
N ASN A 38 8.54 -2.37 -7.23
CA ASN A 38 8.07 -2.45 -8.60
C ASN A 38 6.58 -2.15 -8.63
N GLY A 39 6.16 -1.49 -9.70
CA GLY A 39 4.76 -1.12 -9.87
C GLY A 39 3.85 -2.33 -9.62
N LYS A 40 4.34 -3.48 -10.03
CA LYS A 40 3.58 -4.71 -9.86
C LYS A 40 3.37 -4.97 -8.37
N ASN A 41 4.38 -4.60 -7.59
CA ASN A 41 4.32 -4.78 -6.15
C ASN A 41 3.56 -3.61 -5.52
N TRP A 42 3.78 -2.43 -6.10
CA TRP A 42 3.14 -1.22 -5.60
C TRP A 42 1.62 -1.41 -5.75
N ALA A 43 1.20 -1.59 -7.00
CA ALA A 43 -0.20 -1.77 -7.29
C ALA A 43 -0.75 -2.95 -6.48
N LYS A 44 -0.04 -4.07 -6.57
CA LYS A 44 -0.43 -5.26 -5.84
C LYS A 44 -0.57 -4.94 -4.35
N LEU A 45 0.49 -4.36 -3.81
CA LEU A 45 0.50 -3.98 -2.41
C LEU A 45 -0.79 -3.25 -2.07
N CYS A 46 -1.19 -2.36 -2.96
CA CYS A 46 -2.41 -1.59 -2.78
C CYS A 46 -3.59 -2.56 -2.73
N LYS A 47 -3.76 -3.28 -3.83
CA LYS A 47 -4.85 -4.25 -3.92
C LYS A 47 -4.91 -5.07 -2.64
N ASP A 48 -3.80 -5.76 -2.37
CA ASP A 48 -3.71 -6.59 -1.17
C ASP A 48 -4.04 -5.75 0.06
N CYS A 49 -3.66 -4.48 -0.01
CA CYS A 49 -3.91 -3.56 1.09
C CYS A 49 -5.27 -2.90 0.86
N LYS A 50 -6.04 -3.50 -0.02
CA LYS A 50 -7.36 -2.99 -0.33
C LYS A 50 -7.30 -1.46 -0.43
N VAL A 51 -6.23 -0.98 -1.05
CA VAL A 51 -6.04 0.45 -1.20
C VAL A 51 -6.70 0.91 -2.51
N ALA A 52 -6.57 0.07 -3.52
CA ALA A 52 -7.15 0.38 -4.82
C ALA A 52 -8.44 -0.43 -5.00
N ASP A 53 -9.54 0.16 -4.54
CA ASP A 53 -10.83 -0.49 -4.64
C ASP A 53 -11.31 -0.43 -6.09
N GLY A 54 -10.85 0.60 -6.79
CA GLY A 54 -11.22 0.77 -8.19
C GLY A 54 -12.12 2.01 -8.35
N LYS A 55 -12.96 2.23 -7.35
CA LYS A 55 -13.87 3.36 -7.38
C LYS A 55 -13.09 4.64 -7.04
N ALA A 56 -12.84 4.81 -5.74
CA ALA A 56 -12.12 5.97 -5.27
C ALA A 56 -10.71 5.97 -5.88
N VAL A 57 -10.16 4.78 -6.03
CA VAL A 57 -8.83 4.63 -6.59
C VAL A 57 -8.87 3.56 -7.68
N THR A 58 -8.52 3.98 -8.89
CA THR A 58 -8.51 3.07 -10.03
C THR A 58 -7.08 2.67 -10.38
N GLY A 59 -6.91 1.40 -10.72
CA GLY A 59 -5.60 0.87 -11.08
C GLY A 59 -4.89 1.80 -12.07
N THR A 60 -5.69 2.61 -12.76
CA THR A 60 -5.14 3.54 -13.73
C THR A 60 -4.55 4.76 -13.03
N ASP A 61 -5.16 5.12 -11.90
CA ASP A 61 -4.71 6.25 -11.12
C ASP A 61 -3.40 5.89 -10.41
N VAL A 62 -3.41 4.72 -9.78
CA VAL A 62 -2.24 4.24 -9.07
C VAL A 62 -1.07 4.10 -10.04
N ASP A 63 -1.40 3.67 -11.25
CA ASP A 63 -0.38 3.49 -12.28
C ASP A 63 0.21 4.85 -12.63
N ILE A 64 -0.67 5.81 -12.87
CA ILE A 64 -0.24 7.16 -13.22
C ILE A 64 0.59 7.74 -12.08
N VAL A 65 0.03 7.66 -10.89
CA VAL A 65 0.70 8.17 -9.70
C VAL A 65 2.09 7.54 -9.59
N PHE A 66 2.10 6.22 -9.71
CA PHE A 66 3.35 5.48 -9.62
C PHE A 66 4.36 6.00 -10.66
N SER A 67 3.84 6.47 -11.77
CA SER A 67 4.68 7.00 -12.84
C SER A 67 4.93 8.49 -12.62
N LYS A 68 4.20 9.04 -11.66
CA LYS A 68 4.32 10.46 -11.35
C LYS A 68 5.28 10.62 -10.16
N VAL A 69 5.42 9.54 -9.40
CA VAL A 69 6.29 9.55 -8.24
C VAL A 69 7.71 9.16 -8.67
N LYS A 70 7.77 8.28 -9.65
CA LYS A 70 9.04 7.81 -10.16
C LYS A 70 9.60 8.83 -11.16
N ALA A 71 10.74 8.48 -11.75
CA ALA A 71 11.37 9.36 -12.72
C ALA A 71 10.65 9.23 -14.07
N LYS A 72 11.40 9.53 -15.12
CA LYS A 72 10.84 9.45 -16.46
C LYS A 72 10.47 8.00 -16.78
N SER A 73 11.49 7.21 -17.06
CA SER A 73 11.29 5.81 -17.38
C SER A 73 11.35 4.97 -16.10
N ALA A 74 12.55 4.82 -15.58
CA ALA A 74 12.76 4.04 -14.36
C ALA A 74 12.02 2.72 -14.49
N ARG A 75 11.37 2.35 -13.40
CA ARG A 75 10.62 1.10 -13.37
C ARG A 75 10.22 0.76 -11.92
N VAL A 76 11.05 1.20 -10.99
CA VAL A 76 10.79 0.94 -9.58
C VAL A 76 10.63 2.29 -8.85
N ILE A 77 10.08 2.21 -7.65
CA ILE A 77 9.87 3.39 -6.85
C ILE A 77 10.49 3.19 -5.46
N ASN A 78 10.81 4.29 -4.82
CA ASN A 78 11.40 4.24 -3.50
C ASN A 78 10.34 4.57 -2.44
N TYR A 79 10.61 4.14 -1.22
CA TYR A 79 9.69 4.36 -0.13
C TYR A 79 9.14 5.80 -0.15
N GLU A 80 10.06 6.74 -0.30
CA GLU A 80 9.70 8.15 -0.34
C GLU A 80 8.65 8.38 -1.42
N GLU A 81 8.93 7.86 -2.60
CA GLU A 81 8.02 8.00 -3.73
C GLU A 81 6.76 7.15 -3.51
N PHE A 82 6.98 5.99 -2.94
CA PHE A 82 5.87 5.07 -2.68
C PHE A 82 4.80 5.74 -1.82
N LYS A 83 5.25 6.32 -0.71
CA LYS A 83 4.35 7.00 0.20
C LYS A 83 3.73 8.20 -0.51
N LYS A 84 4.46 8.72 -1.49
CA LYS A 84 3.99 9.87 -2.25
C LYS A 84 2.69 9.50 -2.97
N ALA A 85 2.68 8.30 -3.51
CA ALA A 85 1.50 7.82 -4.22
C ALA A 85 0.35 7.62 -3.24
N LEU A 86 0.69 7.04 -2.10
CA LEU A 86 -0.30 6.79 -1.06
C LEU A 86 -1.01 8.10 -0.71
N GLU A 87 -0.21 9.14 -0.56
CA GLU A 87 -0.75 10.45 -0.22
C GLU A 87 -1.77 10.89 -1.28
N GLU A 88 -1.42 10.63 -2.53
CA GLU A 88 -2.28 11.00 -3.64
C GLU A 88 -3.53 10.11 -3.66
N LEU A 89 -3.34 8.87 -3.22
CA LEU A 89 -4.43 7.91 -3.18
C LEU A 89 -5.11 7.98 -1.81
N ALA A 90 -4.59 8.86 -0.98
CA ALA A 90 -5.13 9.03 0.37
C ALA A 90 -6.42 9.85 0.28
N THR A 91 -6.32 10.99 -0.37
CA THR A 91 -7.46 11.88 -0.52
C THR A 91 -8.40 11.35 -1.62
N LYS A 92 -7.83 10.55 -2.50
CA LYS A 92 -8.60 9.97 -3.59
C LYS A 92 -9.33 8.73 -3.09
N ARG A 93 -8.73 8.09 -2.09
CA ARG A 93 -9.31 6.89 -1.51
C ARG A 93 -10.35 7.25 -0.46
N PHE A 94 -9.87 7.87 0.61
CA PHE A 94 -10.75 8.28 1.70
C PHE A 94 -11.54 9.54 1.31
N LYS A 95 -12.42 9.93 2.23
CA LYS A 95 -13.24 11.11 2.00
C LYS A 95 -12.33 12.34 1.81
N GLY A 96 -12.84 13.48 2.23
CA GLY A 96 -12.09 14.72 2.11
C GLY A 96 -11.16 14.92 3.31
N LYS A 97 -10.86 13.81 3.98
CA LYS A 97 -10.01 13.85 5.14
C LYS A 97 -8.77 14.70 4.83
N SER A 98 -7.97 14.94 5.86
CA SER A 98 -6.77 15.73 5.71
C SER A 98 -5.65 14.86 5.10
N LYS A 99 -4.71 15.54 4.45
CA LYS A 99 -3.60 14.85 3.83
C LYS A 99 -2.99 13.86 4.82
N GLU A 100 -2.78 14.35 6.03
CA GLU A 100 -2.20 13.52 7.08
C GLU A 100 -3.21 12.45 7.52
N GLU A 101 -4.42 12.90 7.81
CA GLU A 101 -5.47 11.99 8.23
C GLU A 101 -5.68 10.88 7.19
N ALA A 102 -5.84 11.31 5.95
CA ALA A 102 -6.04 10.37 4.86
C ALA A 102 -4.84 9.43 4.77
N PHE A 103 -3.67 10.02 4.72
CA PHE A 103 -2.44 9.25 4.64
C PHE A 103 -2.34 8.25 5.80
N ASP A 104 -2.70 8.74 6.99
CA ASP A 104 -2.66 7.91 8.18
C ASP A 104 -3.76 6.84 8.09
N ALA A 105 -4.77 7.15 7.29
CA ALA A 105 -5.89 6.23 7.12
C ALA A 105 -5.50 5.16 6.10
N ILE A 106 -4.81 5.59 5.05
CA ILE A 106 -4.38 4.68 4.01
C ILE A 106 -3.18 3.87 4.51
N CYS A 107 -2.40 4.50 5.37
CA CYS A 107 -1.23 3.85 5.94
C CYS A 107 -1.69 2.73 6.87
N GLN A 108 -2.81 2.99 7.53
CA GLN A 108 -3.37 2.01 8.45
C GLN A 108 -3.80 0.75 7.70
N LEU A 109 -3.98 0.91 6.39
CA LEU A 109 -4.39 -0.21 5.55
C LEU A 109 -3.18 -1.09 5.27
N ILE A 110 -2.05 -0.45 5.05
CA ILE A 110 -0.81 -1.17 4.77
C ILE A 110 -0.10 -1.47 6.09
N ALA A 111 0.35 -0.41 6.73
CA ALA A 111 1.06 -0.55 8.00
C ALA A 111 0.38 -1.64 8.83
N GLY A 112 1.08 -2.76 8.97
CA GLY A 112 0.57 -3.88 9.74
C GLY A 112 0.34 -5.10 8.84
N LYS A 113 -0.18 -4.83 7.65
CA LYS A 113 -0.45 -5.89 6.69
C LYS A 113 0.87 -6.45 6.17
N GLU A 114 0.77 -7.56 5.45
CA GLU A 114 1.95 -8.21 4.90
C GLU A 114 1.59 -8.97 3.62
N PRO A 115 2.58 -9.05 2.70
CA PRO A 115 2.36 -9.74 1.44
C PRO A 115 2.38 -11.27 1.64
N ALA A 116 2.55 -11.65 2.89
CA ALA A 116 2.59 -13.07 3.23
C ALA A 116 2.87 -13.23 4.73
N ASN A 117 2.53 -14.39 5.25
CA ASN A 117 2.74 -14.68 6.66
C ASN A 117 1.59 -14.07 7.47
N ILE A 118 0.38 -14.42 7.09
CA ILE A 118 -0.79 -13.91 7.77
C ILE A 118 -1.31 -14.98 8.75
N GLY A 119 -0.93 -14.81 10.01
CA GLY A 119 -1.35 -15.74 11.04
C GLY A 119 -2.87 -15.75 11.20
N VAL A 120 -3.36 -14.77 11.94
CA VAL A 120 -4.80 -14.66 12.18
C VAL A 120 -5.19 -13.19 12.11
N THR A 121 -6.39 -12.96 11.58
CA THR A 121 -6.90 -11.60 11.46
C THR A 121 -8.36 -11.54 11.93
N LYS A 122 -8.57 -10.79 13.00
CA LYS A 122 -9.90 -10.63 13.56
C LYS A 122 -10.54 -9.36 13.01
N ALA A 123 -11.86 -9.37 12.95
CA ALA A 123 -12.59 -8.22 12.45
C ALA A 123 -14.08 -8.38 12.80
N LYS A 124 -14.60 -7.38 13.51
CA LYS A 124 -15.99 -7.41 13.91
C LYS A 124 -16.47 -5.97 14.12
N THR A 125 -16.44 -5.20 13.04
CA THR A 125 -16.88 -3.82 13.10
C THR A 125 -17.26 -3.33 11.70
N GLY A 126 -18.57 -3.21 11.49
CA GLY A 126 -19.07 -2.76 10.21
C GLY A 126 -20.44 -2.07 10.37
N GLY A 127 -21.20 -2.09 9.29
CA GLY A 127 -22.52 -1.48 9.30
C GLY A 127 -22.80 -0.75 7.98
N ALA A 128 -24.03 -0.26 7.86
CA ALA A 128 -24.43 0.46 6.67
C ALA A 128 -23.45 1.60 6.42
N VAL A 129 -22.90 1.61 5.21
CA VAL A 129 -21.95 2.64 4.83
C VAL A 129 -22.33 3.21 3.46
N ASP A 130 -22.33 4.53 3.38
CA ASP A 130 -22.68 5.21 2.14
C ASP A 130 -21.41 5.76 1.50
N ARG A 131 -21.55 6.17 0.24
CA ARG A 131 -20.43 6.72 -0.50
C ARG A 131 -20.81 6.92 -1.96
N LEU A 132 -19.88 7.49 -2.72
CA LEU A 132 -20.09 7.74 -4.13
C LEU A 132 -18.92 8.52 -4.70
N THR A 133 -18.70 9.70 -4.14
CA THR A 133 -17.62 10.56 -4.58
C THR A 133 -17.71 10.81 -6.09
N ASP A 134 -18.13 12.01 -6.44
CA ASP A 134 -18.26 12.39 -7.83
C ASP A 134 -16.88 12.41 -8.49
N THR A 135 -16.88 12.47 -9.81
CA THR A 135 -15.64 12.51 -10.56
C THR A 135 -14.82 11.25 -10.28
N SER A 136 -14.79 10.37 -11.27
CA SER A 136 -14.03 9.12 -11.15
C SER A 136 -13.83 8.50 -12.52
N LYS A 137 -12.60 8.61 -13.01
CA LYS A 137 -12.25 8.06 -14.31
C LYS A 137 -12.88 6.67 -14.46
N TYR A 138 -13.20 6.32 -15.70
CA TYR A 138 -13.80 5.03 -15.97
C TYR A 138 -12.74 4.01 -16.40
N THR A 139 -13.15 2.76 -16.44
CA THR A 139 -12.25 1.69 -16.83
C THR A 139 -11.95 1.76 -18.33
N GLY A 140 -10.69 1.50 -18.65
CA GLY A 140 -10.28 1.54 -20.05
C GLY A 140 -8.77 1.80 -20.16
N SER A 141 -8.00 0.75 -19.94
CA SER A 141 -6.55 0.85 -20.00
C SER A 141 -5.94 -0.50 -20.37
N HIS A 142 -4.70 -0.45 -20.83
CA HIS A 142 -4.00 -1.67 -21.21
C HIS A 142 -2.51 -1.37 -21.37
N LYS A 143 -1.70 -2.27 -20.83
CA LYS A 143 -0.26 -2.12 -20.89
C LYS A 143 0.41 -3.49 -20.75
N GLU A 144 1.01 -3.95 -21.84
CA GLU A 144 1.68 -5.23 -21.84
C GLU A 144 3.11 -5.09 -21.30
N ARG A 145 3.20 -4.67 -20.05
CA ARG A 145 4.49 -4.49 -19.41
C ARG A 145 4.87 -5.76 -18.63
N SER A 146 6.17 -6.02 -18.61
CA SER A 146 6.68 -7.19 -17.91
C SER A 146 8.10 -6.91 -17.39
N GLY A 147 8.40 -7.50 -16.25
CA GLY A 147 9.70 -7.33 -15.64
C GLY A 147 10.13 -8.58 -14.88
N PRO A 148 10.47 -9.64 -15.66
CA PRO A 148 10.89 -10.90 -15.08
C PRO A 148 12.31 -10.81 -14.54
N SER A 149 12.41 -10.48 -13.26
CA SER A 149 13.70 -10.35 -12.62
C SER A 149 14.23 -11.73 -12.22
N SER A 150 15.09 -12.26 -13.08
CA SER A 150 15.68 -13.57 -12.84
C SER A 150 16.28 -13.62 -11.43
N GLY A 151 16.24 -14.82 -10.85
CA GLY A 151 16.76 -15.01 -9.51
C GLY A 151 15.63 -15.11 -8.49
N GLY A 1 -18.11 -8.32 -3.78
CA GLY A 1 -19.01 -8.63 -2.67
C GLY A 1 -18.24 -8.74 -1.36
N SER A 2 -18.99 -8.82 -0.28
CA SER A 2 -18.40 -8.93 1.05
C SER A 2 -17.44 -7.77 1.28
N SER A 3 -17.94 -6.76 1.99
CA SER A 3 -17.14 -5.58 2.29
C SER A 3 -16.41 -5.77 3.62
N GLY A 4 -15.38 -4.97 3.81
CA GLY A 4 -14.58 -5.04 5.02
C GLY A 4 -14.75 -3.77 5.86
N SER A 5 -14.65 -3.94 7.17
CA SER A 5 -14.78 -2.82 8.08
C SER A 5 -13.49 -2.00 8.10
N SER A 6 -13.54 -0.89 8.83
CA SER A 6 -12.39 -0.02 8.94
C SER A 6 -12.81 1.32 9.56
N GLY A 7 -12.18 1.65 10.68
CA GLY A 7 -12.47 2.89 11.37
C GLY A 7 -11.47 3.15 12.48
N MET A 8 -10.22 2.75 12.22
CA MET A 8 -9.15 2.94 13.19
C MET A 8 -8.38 4.23 12.92
N ALA A 9 -7.87 4.81 13.99
CA ALA A 9 -7.10 6.04 13.88
C ALA A 9 -6.69 6.51 15.28
N ALA A 10 -5.39 6.66 15.46
CA ALA A 10 -4.86 7.10 16.74
C ALA A 10 -4.05 8.39 16.53
N SER A 11 -3.54 8.91 17.64
CA SER A 11 -2.76 10.13 17.59
C SER A 11 -1.37 9.87 18.19
N THR A 12 -0.66 8.92 17.57
CA THR A 12 0.67 8.57 18.02
C THR A 12 1.61 8.40 16.83
N ASP A 13 1.38 7.34 16.08
CA ASP A 13 2.19 7.05 14.91
C ASP A 13 1.74 5.71 14.31
N ILE A 14 2.39 5.35 13.20
CA ILE A 14 2.08 4.12 12.51
C ILE A 14 2.94 2.99 13.10
N ALA A 15 4.20 2.99 12.71
CA ALA A 15 5.13 1.98 13.18
C ALA A 15 4.74 0.62 12.60
N GLY A 16 4.90 0.50 11.29
CA GLY A 16 4.57 -0.73 10.60
C GLY A 16 4.52 -0.53 9.08
N LEU A 17 4.18 0.69 8.70
CA LEU A 17 4.10 1.02 7.28
C LEU A 17 5.41 0.64 6.60
N GLU A 18 6.43 1.44 6.87
CA GLU A 18 7.74 1.19 6.29
C GLU A 18 8.13 -0.28 6.44
N GLU A 19 7.55 -0.92 7.45
CA GLU A 19 7.82 -2.32 7.70
C GLU A 19 7.06 -3.19 6.70
N SER A 20 5.85 -2.76 6.37
CA SER A 20 5.02 -3.49 5.44
C SER A 20 5.51 -3.24 4.00
N PHE A 21 5.80 -1.98 3.73
CA PHE A 21 6.28 -1.59 2.41
C PHE A 21 7.42 -2.51 1.94
N ARG A 22 8.43 -2.61 2.80
CA ARG A 22 9.58 -3.43 2.50
C ARG A 22 9.14 -4.84 2.06
N LYS A 23 8.20 -5.37 2.82
CA LYS A 23 7.67 -6.70 2.53
C LYS A 23 7.19 -6.75 1.09
N PHE A 24 6.28 -5.83 0.77
CA PHE A 24 5.71 -5.75 -0.57
C PHE A 24 6.79 -5.34 -1.58
N ALA A 25 7.80 -4.66 -1.08
CA ALA A 25 8.89 -4.21 -1.92
C ALA A 25 9.80 -5.40 -2.27
N ILE A 26 10.14 -6.15 -1.23
CA ILE A 26 11.00 -7.32 -1.41
C ILE A 26 10.13 -8.54 -1.68
N HIS A 27 8.84 -8.30 -1.90
CA HIS A 27 7.90 -9.36 -2.17
C HIS A 27 8.56 -10.42 -3.06
N GLY A 28 8.96 -11.50 -2.43
CA GLY A 28 9.61 -12.59 -3.15
C GLY A 28 11.12 -12.38 -3.22
N ASP A 29 11.51 -11.26 -3.80
CA ASP A 29 12.91 -10.93 -3.94
C ASP A 29 13.61 -11.13 -2.59
N PRO A 30 14.40 -12.23 -2.51
CA PRO A 30 15.12 -12.54 -1.29
C PRO A 30 16.33 -11.61 -1.11
N LYS A 31 16.77 -11.05 -2.23
CA LYS A 31 17.91 -10.15 -2.22
C LYS A 31 17.44 -8.74 -1.89
N ALA A 32 16.33 -8.35 -2.51
CA ALA A 32 15.76 -7.04 -2.29
C ALA A 32 15.87 -6.68 -0.81
N SER A 33 16.36 -5.47 -0.56
CA SER A 33 16.52 -5.01 0.81
C SER A 33 15.30 -4.17 1.22
N GLY A 34 14.44 -3.92 0.24
CA GLY A 34 13.24 -3.14 0.48
C GLY A 34 13.50 -1.66 0.26
N GLN A 35 14.37 -1.37 -0.72
CA GLN A 35 14.71 -0.01 -1.06
C GLN A 35 14.08 0.39 -2.39
N GLU A 36 13.44 -0.59 -3.01
CA GLU A 36 12.80 -0.36 -4.30
C GLU A 36 11.47 -1.11 -4.37
N MET A 37 10.52 -0.50 -5.07
CA MET A 37 9.21 -1.10 -5.22
C MET A 37 8.70 -0.97 -6.65
N ASN A 38 8.52 -2.11 -7.29
CA ASN A 38 8.04 -2.13 -8.67
C ASN A 38 6.56 -1.77 -8.69
N GLY A 39 6.17 -1.05 -9.73
CA GLY A 39 4.78 -0.63 -9.89
C GLY A 39 3.83 -1.82 -9.69
N LYS A 40 4.34 -3.00 -10.01
CA LYS A 40 3.55 -4.22 -9.87
C LYS A 40 3.39 -4.54 -8.38
N ASN A 41 4.48 -4.38 -7.65
CA ASN A 41 4.48 -4.66 -6.22
C ASN A 41 3.86 -3.48 -5.48
N TRP A 42 3.80 -2.35 -6.18
CA TRP A 42 3.25 -1.14 -5.60
C TRP A 42 1.72 -1.24 -5.69
N ALA A 43 1.24 -1.47 -6.91
CA ALA A 43 -0.19 -1.58 -7.15
C ALA A 43 -0.75 -2.73 -6.30
N LYS A 44 -0.11 -3.89 -6.42
CA LYS A 44 -0.53 -5.05 -5.68
C LYS A 44 -0.59 -4.71 -4.19
N LEU A 45 0.37 -3.91 -3.76
CA LEU A 45 0.44 -3.51 -2.36
C LEU A 45 -0.73 -2.58 -2.04
N CYS A 46 -1.21 -1.91 -3.08
CA CYS A 46 -2.32 -0.99 -2.93
C CYS A 46 -3.62 -1.74 -3.26
N LYS A 47 -3.54 -3.06 -3.12
CA LYS A 47 -4.70 -3.90 -3.41
C LYS A 47 -4.90 -4.89 -2.25
N ASP A 48 -3.89 -5.73 -2.06
CA ASP A 48 -3.94 -6.73 -1.00
C ASP A 48 -4.17 -6.03 0.34
N CYS A 49 -3.50 -4.89 0.50
CA CYS A 49 -3.60 -4.12 1.72
C CYS A 49 -5.00 -3.50 1.78
N LYS A 50 -5.72 -3.66 0.68
CA LYS A 50 -7.07 -3.11 0.58
C LYS A 50 -6.98 -1.58 0.50
N VAL A 51 -6.03 -1.11 -0.30
CA VAL A 51 -5.84 0.32 -0.47
C VAL A 51 -6.67 0.81 -1.66
N ALA A 52 -6.66 0.00 -2.71
CA ALA A 52 -7.41 0.33 -3.91
C ALA A 52 -8.76 -0.39 -3.89
N ASP A 53 -9.55 -0.13 -4.92
CA ASP A 53 -10.86 -0.74 -5.03
C ASP A 53 -11.32 -0.69 -6.49
N GLY A 54 -11.12 0.46 -7.10
CA GLY A 54 -11.51 0.64 -8.49
C GLY A 54 -12.47 1.83 -8.64
N LYS A 55 -13.12 2.16 -7.53
CA LYS A 55 -14.06 3.27 -7.52
C LYS A 55 -13.31 4.58 -7.29
N ALA A 56 -12.94 4.80 -6.04
CA ALA A 56 -12.21 6.01 -5.68
C ALA A 56 -10.81 5.96 -6.28
N VAL A 57 -10.17 4.80 -6.13
CA VAL A 57 -8.84 4.62 -6.66
C VAL A 57 -8.84 3.44 -7.65
N THR A 58 -8.51 3.75 -8.88
CA THR A 58 -8.47 2.74 -9.93
C THR A 58 -7.02 2.34 -10.23
N GLY A 59 -6.84 1.05 -10.48
CA GLY A 59 -5.51 0.53 -10.78
C GLY A 59 -4.81 1.39 -11.84
N THR A 60 -5.63 2.12 -12.60
CA THR A 60 -5.10 2.99 -13.63
C THR A 60 -4.57 4.29 -13.03
N ASP A 61 -5.21 4.71 -11.96
CA ASP A 61 -4.82 5.92 -11.27
C ASP A 61 -3.50 5.69 -10.53
N VAL A 62 -3.44 4.56 -9.84
CA VAL A 62 -2.25 4.21 -9.09
C VAL A 62 -1.07 4.04 -10.05
N ASP A 63 -1.35 3.36 -11.16
CA ASP A 63 -0.33 3.13 -12.17
C ASP A 63 0.27 4.47 -12.59
N ILE A 64 -0.60 5.43 -12.81
CA ILE A 64 -0.17 6.76 -13.22
C ILE A 64 0.60 7.42 -12.08
N VAL A 65 0.04 7.30 -10.88
CA VAL A 65 0.67 7.88 -9.71
C VAL A 65 2.09 7.33 -9.56
N PHE A 66 2.21 6.02 -9.78
CA PHE A 66 3.48 5.36 -9.67
C PHE A 66 4.46 5.90 -10.72
N SER A 67 3.92 6.25 -11.87
CA SER A 67 4.73 6.78 -12.96
C SER A 67 4.83 8.30 -12.85
N LYS A 68 4.10 8.84 -11.87
CA LYS A 68 4.10 10.27 -11.65
C LYS A 68 5.14 10.62 -10.58
N VAL A 69 5.50 9.62 -9.80
CA VAL A 69 6.47 9.81 -8.75
C VAL A 69 7.85 9.36 -9.25
N LYS A 70 7.83 8.48 -10.23
CA LYS A 70 9.06 7.97 -10.81
C LYS A 70 9.35 8.71 -12.12
N ALA A 71 10.45 8.33 -12.75
CA ALA A 71 10.85 8.95 -14.00
C ALA A 71 10.92 7.88 -15.09
N LYS A 72 10.60 8.29 -16.31
CA LYS A 72 10.63 7.39 -17.44
C LYS A 72 11.86 6.47 -17.34
N SER A 73 12.89 7.01 -16.71
CA SER A 73 14.13 6.25 -16.53
C SER A 73 13.92 5.16 -15.50
N ALA A 74 13.77 5.59 -14.25
CA ALA A 74 13.57 4.65 -13.15
C ALA A 74 12.40 3.73 -13.48
N ARG A 75 12.48 2.52 -12.97
CA ARG A 75 11.44 1.53 -13.20
C ARG A 75 10.78 1.13 -11.87
N VAL A 76 11.37 1.61 -10.80
CA VAL A 76 10.86 1.31 -9.46
C VAL A 76 10.72 2.60 -8.68
N ILE A 77 10.14 2.48 -7.50
CA ILE A 77 9.93 3.63 -6.63
C ILE A 77 10.51 3.33 -5.24
N ASN A 78 10.85 4.40 -4.54
CA ASN A 78 11.40 4.26 -3.21
C ASN A 78 10.36 4.67 -2.18
N TYR A 79 10.56 4.23 -0.94
CA TYR A 79 9.65 4.53 0.13
C TYR A 79 9.33 6.03 0.17
N GLU A 80 10.22 6.81 -0.42
CA GLU A 80 10.05 8.25 -0.47
C GLU A 80 8.99 8.62 -1.52
N GLU A 81 9.13 8.04 -2.70
CA GLU A 81 8.20 8.30 -3.78
C GLU A 81 6.95 7.44 -3.62
N PHE A 82 7.12 6.33 -2.92
CA PHE A 82 6.02 5.41 -2.68
C PHE A 82 5.02 6.00 -1.68
N LYS A 83 5.53 6.87 -0.82
CA LYS A 83 4.71 7.50 0.18
C LYS A 83 3.89 8.62 -0.46
N LYS A 84 4.45 9.18 -1.52
CA LYS A 84 3.78 10.25 -2.24
C LYS A 84 2.53 9.71 -2.93
N ALA A 85 2.71 8.58 -3.60
CA ALA A 85 1.61 7.94 -4.30
C ALA A 85 0.45 7.71 -3.33
N LEU A 86 0.79 7.15 -2.18
CA LEU A 86 -0.21 6.87 -1.16
C LEU A 86 -0.96 8.16 -0.83
N GLU A 87 -0.20 9.24 -0.70
CA GLU A 87 -0.79 10.53 -0.39
C GLU A 87 -1.82 10.91 -1.45
N GLU A 88 -1.53 10.53 -2.68
CA GLU A 88 -2.43 10.82 -3.79
C GLU A 88 -3.66 9.92 -3.73
N LEU A 89 -3.45 8.70 -3.24
CA LEU A 89 -4.53 7.73 -3.13
C LEU A 89 -5.16 7.84 -1.74
N ALA A 90 -4.60 8.74 -0.93
CA ALA A 90 -5.09 8.95 0.41
C ALA A 90 -6.35 9.83 0.35
N THR A 91 -6.17 11.01 -0.23
CA THR A 91 -7.27 11.96 -0.36
C THR A 91 -8.20 11.53 -1.50
N LYS A 92 -7.67 10.70 -2.38
CA LYS A 92 -8.44 10.22 -3.51
C LYS A 92 -9.28 9.02 -3.08
N ARG A 93 -8.79 8.33 -2.06
CA ARG A 93 -9.49 7.17 -1.55
C ARG A 93 -10.41 7.57 -0.39
N PHE A 94 -9.79 8.03 0.68
CA PHE A 94 -10.53 8.45 1.86
C PHE A 94 -11.17 9.83 1.64
N LYS A 95 -12.42 9.79 1.20
CA LYS A 95 -13.15 11.03 0.94
C LYS A 95 -12.16 12.15 0.64
N GLY A 96 -12.23 13.19 1.45
CA GLY A 96 -11.34 14.33 1.28
C GLY A 96 -10.68 14.71 2.60
N LYS A 97 -10.42 13.69 3.41
CA LYS A 97 -9.77 13.89 4.70
C LYS A 97 -8.51 14.73 4.51
N SER A 98 -7.81 14.95 5.62
CA SER A 98 -6.59 15.73 5.58
C SER A 98 -5.46 14.91 4.94
N LYS A 99 -4.35 15.59 4.69
CA LYS A 99 -3.20 14.95 4.07
C LYS A 99 -2.67 13.87 5.01
N GLU A 100 -2.56 14.23 6.28
CA GLU A 100 -2.06 13.30 7.28
C GLU A 100 -3.15 12.30 7.66
N GLU A 101 -4.34 12.83 7.88
CA GLU A 101 -5.48 12.00 8.25
C GLU A 101 -5.68 10.89 7.21
N ALA A 102 -5.75 11.31 5.95
CA ALA A 102 -5.95 10.37 4.87
C ALA A 102 -4.79 9.38 4.85
N PHE A 103 -3.58 9.91 4.82
CA PHE A 103 -2.38 9.09 4.81
C PHE A 103 -2.37 8.13 6.00
N ASP A 104 -2.81 8.64 7.14
CA ASP A 104 -2.85 7.85 8.35
C ASP A 104 -3.85 6.69 8.18
N ALA A 105 -4.77 6.89 7.24
CA ALA A 105 -5.78 5.88 6.95
C ALA A 105 -5.22 4.87 5.94
N ILE A 106 -4.72 5.40 4.85
CA ILE A 106 -4.15 4.57 3.80
C ILE A 106 -3.02 3.72 4.38
N CYS A 107 -2.23 4.35 5.24
CA CYS A 107 -1.12 3.66 5.88
C CYS A 107 -1.67 2.45 6.64
N GLN A 108 -2.76 2.68 7.35
CA GLN A 108 -3.39 1.63 8.12
C GLN A 108 -3.60 0.39 7.25
N LEU A 109 -4.18 0.62 6.08
CA LEU A 109 -4.44 -0.47 5.15
C LEU A 109 -3.18 -1.34 5.02
N ILE A 110 -2.05 -0.65 4.88
CA ILE A 110 -0.78 -1.34 4.74
C ILE A 110 -0.22 -1.65 6.13
N ALA A 111 0.27 -0.61 6.78
CA ALA A 111 0.82 -0.75 8.11
C ALA A 111 0.02 -1.79 8.90
N GLY A 112 0.72 -2.83 9.33
CA GLY A 112 0.08 -3.89 10.08
C GLY A 112 -0.22 -5.10 9.19
N LYS A 113 -0.59 -4.81 7.95
CA LYS A 113 -0.89 -5.86 6.99
C LYS A 113 0.40 -6.45 6.45
N GLU A 114 0.26 -7.32 5.47
CA GLU A 114 1.41 -7.96 4.86
C GLU A 114 1.06 -8.44 3.44
N PRO A 115 2.13 -8.62 2.62
CA PRO A 115 1.95 -9.06 1.25
C PRO A 115 1.62 -10.56 1.20
N ALA A 116 1.53 -11.16 2.39
CA ALA A 116 1.22 -12.56 2.50
C ALA A 116 -0.29 -12.75 2.59
N ASN A 117 -0.70 -13.97 2.90
CA ASN A 117 -2.10 -14.30 3.03
C ASN A 117 -2.48 -14.33 4.51
N ILE A 118 -2.70 -13.14 5.06
CA ILE A 118 -3.07 -13.03 6.46
C ILE A 118 -4.60 -13.03 6.59
N GLY A 119 -5.07 -12.48 7.70
CA GLY A 119 -6.49 -12.40 7.94
C GLY A 119 -6.78 -11.83 9.33
N VAL A 120 -6.44 -10.55 9.49
CA VAL A 120 -6.66 -9.88 10.77
C VAL A 120 -7.58 -8.68 10.55
N THR A 121 -8.83 -8.86 10.96
CA THR A 121 -9.83 -7.81 10.82
C THR A 121 -10.97 -8.02 11.82
N LYS A 122 -11.19 -7.01 12.65
CA LYS A 122 -12.24 -7.07 13.64
C LYS A 122 -12.29 -5.75 14.41
N ALA A 123 -13.19 -4.89 13.98
CA ALA A 123 -13.34 -3.59 14.61
C ALA A 123 -14.57 -2.88 14.05
N LYS A 124 -14.89 -1.74 14.63
CA LYS A 124 -16.04 -0.97 14.20
C LYS A 124 -15.79 -0.44 12.78
N THR A 125 -16.79 0.25 12.26
CA THR A 125 -16.69 0.81 10.92
C THR A 125 -17.24 2.24 10.89
N GLY A 126 -16.67 3.04 10.01
CA GLY A 126 -17.08 4.42 9.88
C GLY A 126 -18.53 4.52 9.40
N GLY A 127 -18.75 5.42 8.45
CA GLY A 127 -20.08 5.62 7.90
C GLY A 127 -20.02 6.44 6.60
N ALA A 128 -20.04 7.76 6.77
CA ALA A 128 -19.99 8.66 5.64
C ALA A 128 -18.92 8.18 4.65
N VAL A 129 -19.39 7.77 3.48
CA VAL A 129 -18.48 7.28 2.44
C VAL A 129 -19.27 7.09 1.14
N ASP A 130 -19.02 7.97 0.19
CA ASP A 130 -19.68 7.90 -1.10
C ASP A 130 -19.12 8.97 -2.01
N ARG A 131 -19.02 8.62 -3.29
CA ARG A 131 -18.50 9.55 -4.28
C ARG A 131 -18.57 8.94 -5.68
N LEU A 132 -18.37 9.78 -6.68
CA LEU A 132 -18.41 9.34 -8.06
C LEU A 132 -18.10 10.51 -8.98
N THR A 133 -17.36 10.21 -10.04
CA THR A 133 -16.99 11.23 -11.01
C THR A 133 -16.80 10.61 -12.40
N ASP A 134 -17.15 11.39 -13.40
CA ASP A 134 -17.02 10.93 -14.78
C ASP A 134 -15.63 11.28 -15.30
N THR A 135 -14.73 10.31 -15.19
CA THR A 135 -13.36 10.51 -15.64
C THR A 135 -12.87 9.26 -16.39
N SER A 136 -13.21 9.20 -17.67
CA SER A 136 -12.81 8.08 -18.50
C SER A 136 -11.90 8.56 -19.62
N LYS A 137 -10.61 8.31 -19.45
CA LYS A 137 -9.63 8.71 -20.46
C LYS A 137 -8.61 7.58 -20.65
N TYR A 138 -8.15 7.45 -21.89
CA TYR A 138 -7.18 6.42 -22.21
C TYR A 138 -5.75 6.96 -22.09
N THR A 139 -4.89 6.14 -21.51
CA THR A 139 -3.50 6.52 -21.33
C THR A 139 -2.66 5.29 -20.96
N GLY A 140 -1.44 5.27 -21.48
CA GLY A 140 -0.52 4.18 -21.22
C GLY A 140 0.73 4.27 -22.10
N SER A 141 0.92 3.23 -22.90
CA SER A 141 2.07 3.19 -23.79
C SER A 141 3.36 3.24 -22.99
N HIS A 142 4.16 2.18 -23.13
CA HIS A 142 5.42 2.09 -22.43
C HIS A 142 6.54 1.81 -23.43
N LYS A 143 7.77 1.95 -22.94
CA LYS A 143 8.94 1.72 -23.77
C LYS A 143 9.98 0.95 -22.98
N GLU A 144 10.65 0.03 -23.67
CA GLU A 144 11.68 -0.78 -23.04
C GLU A 144 12.96 0.03 -22.86
N ARG A 145 13.57 -0.13 -21.69
CA ARG A 145 14.80 0.57 -21.39
C ARG A 145 15.34 0.14 -20.03
N SER A 146 16.36 -0.69 -20.06
CA SER A 146 16.97 -1.19 -18.83
C SER A 146 18.34 -0.54 -18.64
N GLY A 147 18.83 -0.63 -17.40
CA GLY A 147 20.12 -0.05 -17.07
C GLY A 147 20.67 -0.65 -15.78
N PRO A 148 21.99 -0.97 -15.80
CA PRO A 148 22.65 -1.56 -14.64
C PRO A 148 22.89 -0.50 -13.56
N SER A 149 22.72 -0.93 -12.32
CA SER A 149 22.92 -0.03 -11.19
C SER A 149 23.52 -0.80 -10.01
N SER A 150 22.78 -1.81 -9.56
CA SER A 150 23.23 -2.63 -8.45
C SER A 150 23.38 -1.76 -7.19
N GLY A 151 22.94 -2.32 -6.08
CA GLY A 151 23.02 -1.61 -4.81
C GLY A 151 24.48 -1.31 -4.44
N GLY A 1 -19.23 3.43 17.04
CA GLY A 1 -18.96 2.30 16.17
C GLY A 1 -17.75 1.51 16.67
N SER A 2 -17.54 0.35 16.05
CA SER A 2 -16.43 -0.51 16.43
C SER A 2 -15.16 -0.08 15.68
N SER A 3 -14.10 0.12 16.46
CA SER A 3 -12.83 0.54 15.89
C SER A 3 -11.79 0.70 17.00
N GLY A 4 -10.99 -0.33 17.17
CA GLY A 4 -9.95 -0.32 18.19
C GLY A 4 -9.22 1.03 18.20
N SER A 5 -9.33 1.73 19.33
CA SER A 5 -8.69 3.02 19.48
C SER A 5 -7.80 3.02 20.72
N SER A 6 -7.01 4.07 20.86
CA SER A 6 -6.12 4.20 21.99
C SER A 6 -5.02 3.14 21.91
N GLY A 7 -3.78 3.62 21.86
CA GLY A 7 -2.64 2.72 21.78
C GLY A 7 -1.68 2.95 22.96
N MET A 8 -0.65 3.75 22.69
CA MET A 8 0.33 4.06 23.72
C MET A 8 1.00 5.41 23.44
N ALA A 9 0.31 6.47 23.86
CA ALA A 9 0.82 7.81 23.67
C ALA A 9 1.39 7.94 22.25
N ALA A 10 0.50 8.18 21.31
CA ALA A 10 0.89 8.33 19.93
C ALA A 10 -0.34 8.61 19.06
N SER A 11 -0.19 9.55 18.14
CA SER A 11 -1.28 9.91 17.25
C SER A 11 -0.79 10.92 16.21
N THR A 12 0.06 10.43 15.32
CA THR A 12 0.61 11.27 14.28
C THR A 12 1.32 10.41 13.21
N ASP A 13 2.25 9.60 13.69
CA ASP A 13 3.00 8.73 12.80
C ASP A 13 2.45 7.31 12.90
N ILE A 14 3.06 6.41 12.15
CA ILE A 14 2.64 5.02 12.14
C ILE A 14 3.65 4.19 12.94
N ALA A 15 3.80 2.93 12.54
CA ALA A 15 4.71 2.03 13.20
C ALA A 15 4.55 0.62 12.62
N GLY A 16 5.07 0.45 11.42
CA GLY A 16 4.98 -0.84 10.75
C GLY A 16 4.81 -0.66 9.23
N LEU A 17 4.46 0.56 8.85
CA LEU A 17 4.25 0.88 7.44
C LEU A 17 5.49 0.45 6.66
N GLU A 18 6.58 1.17 6.86
CA GLU A 18 7.82 0.88 6.18
C GLU A 18 8.16 -0.61 6.31
N GLU A 19 7.66 -1.20 7.37
CA GLU A 19 7.90 -2.62 7.63
C GLU A 19 7.04 -3.47 6.69
N SER A 20 5.89 -2.93 6.33
CA SER A 20 4.97 -3.63 5.46
C SER A 20 5.39 -3.43 3.99
N PHE A 21 5.65 -2.17 3.66
CA PHE A 21 6.06 -1.82 2.31
C PHE A 21 7.23 -2.69 1.85
N ARG A 22 8.26 -2.73 2.69
CA ARG A 22 9.44 -3.52 2.38
C ARG A 22 9.05 -4.93 1.94
N LYS A 23 8.18 -5.53 2.73
CA LYS A 23 7.70 -6.88 2.45
C LYS A 23 7.27 -6.95 0.98
N PHE A 24 6.56 -5.92 0.55
CA PHE A 24 6.08 -5.86 -0.81
C PHE A 24 7.16 -5.35 -1.76
N ALA A 25 8.07 -4.56 -1.20
CA ALA A 25 9.16 -4.00 -1.97
C ALA A 25 10.12 -5.13 -2.38
N ILE A 26 10.46 -5.94 -1.40
CA ILE A 26 11.36 -7.06 -1.64
C ILE A 26 10.54 -8.32 -1.95
N HIS A 27 9.27 -8.10 -2.23
CA HIS A 27 8.37 -9.20 -2.53
C HIS A 27 9.11 -10.24 -3.37
N GLY A 28 9.52 -11.32 -2.71
CA GLY A 28 10.23 -12.39 -3.38
C GLY A 28 11.69 -11.99 -3.66
N ASP A 29 11.84 -10.87 -4.34
CA ASP A 29 13.16 -10.36 -4.68
C ASP A 29 14.09 -10.55 -3.47
N PRO A 30 14.98 -11.57 -3.60
CA PRO A 30 15.94 -11.86 -2.54
C PRO A 30 17.05 -10.83 -2.50
N LYS A 31 17.24 -10.16 -3.63
CA LYS A 31 18.27 -9.14 -3.75
C LYS A 31 17.75 -7.83 -3.16
N ALA A 32 16.52 -7.50 -3.53
CA ALA A 32 15.90 -6.28 -3.05
C ALA A 32 16.23 -6.09 -1.58
N SER A 33 16.63 -4.87 -1.24
CA SER A 33 16.98 -4.54 0.13
C SER A 33 15.94 -3.58 0.73
N GLY A 34 14.84 -3.43 -0.01
CA GLY A 34 13.78 -2.55 0.42
C GLY A 34 14.10 -1.09 0.12
N GLN A 35 14.73 -0.89 -1.02
CA GLN A 35 15.11 0.45 -1.45
C GLN A 35 14.36 0.84 -2.72
N GLU A 36 13.67 -0.14 -3.28
CA GLU A 36 12.91 0.08 -4.50
C GLU A 36 11.65 -0.79 -4.51
N MET A 37 10.65 -0.31 -5.22
CA MET A 37 9.39 -1.03 -5.31
C MET A 37 8.83 -0.99 -6.74
N ASN A 38 8.68 -2.16 -7.32
CA ASN A 38 8.16 -2.26 -8.67
C ASN A 38 6.65 -2.00 -8.66
N GLY A 39 6.19 -1.35 -9.72
CA GLY A 39 4.78 -1.04 -9.84
C GLY A 39 3.91 -2.27 -9.53
N LYS A 40 4.40 -3.42 -9.98
CA LYS A 40 3.68 -4.66 -9.76
C LYS A 40 3.64 -4.96 -8.26
N ASN A 41 4.71 -4.57 -7.57
CA ASN A 41 4.81 -4.79 -6.14
C ASN A 41 4.18 -3.61 -5.40
N TRP A 42 3.86 -2.58 -6.17
CA TRP A 42 3.26 -1.38 -5.60
C TRP A 42 1.74 -1.50 -5.76
N ALA A 43 1.33 -1.66 -7.00
CA ALA A 43 -0.09 -1.78 -7.31
C ALA A 43 -0.68 -2.96 -6.51
N LYS A 44 0.06 -4.05 -6.52
CA LYS A 44 -0.38 -5.25 -5.81
C LYS A 44 -0.50 -4.93 -4.32
N LEU A 45 0.47 -4.17 -3.82
CA LEU A 45 0.48 -3.79 -2.42
C LEU A 45 -0.78 -2.99 -2.11
N CYS A 46 -1.26 -2.28 -3.11
CA CYS A 46 -2.46 -1.48 -2.95
C CYS A 46 -3.66 -2.42 -2.84
N LYS A 47 -3.84 -3.21 -3.89
CA LYS A 47 -4.94 -4.15 -3.93
C LYS A 47 -4.91 -5.03 -2.68
N ASP A 48 -3.72 -5.55 -2.39
CA ASP A 48 -3.54 -6.40 -1.23
C ASP A 48 -3.93 -5.62 0.03
N CYS A 49 -3.60 -4.35 0.03
CA CYS A 49 -3.90 -3.49 1.16
C CYS A 49 -5.28 -2.85 0.92
N LYS A 50 -5.98 -3.39 -0.07
CA LYS A 50 -7.30 -2.89 -0.40
C LYS A 50 -7.25 -1.36 -0.48
N VAL A 51 -6.19 -0.86 -1.11
CA VAL A 51 -6.03 0.57 -1.26
C VAL A 51 -6.76 1.04 -2.51
N ALA A 52 -6.63 0.24 -3.56
CA ALA A 52 -7.28 0.57 -4.83
C ALA A 52 -8.54 -0.28 -4.98
N ASP A 53 -9.59 0.16 -4.30
CA ASP A 53 -10.86 -0.54 -4.35
C ASP A 53 -11.37 -0.56 -5.80
N GLY A 54 -11.01 0.49 -6.53
CA GLY A 54 -11.42 0.60 -7.91
C GLY A 54 -12.35 1.82 -8.11
N LYS A 55 -13.15 2.07 -7.09
CA LYS A 55 -14.07 3.19 -7.14
C LYS A 55 -13.30 4.50 -6.94
N ALA A 56 -13.15 4.87 -5.68
CA ALA A 56 -12.43 6.10 -5.34
C ALA A 56 -11.04 6.05 -5.97
N VAL A 57 -10.46 4.86 -5.98
CA VAL A 57 -9.14 4.67 -6.55
C VAL A 57 -9.20 3.60 -7.63
N THR A 58 -8.62 3.92 -8.77
CA THR A 58 -8.61 3.00 -9.90
C THR A 58 -7.17 2.59 -10.24
N GLY A 59 -7.01 1.32 -10.57
CA GLY A 59 -5.70 0.80 -10.91
C GLY A 59 -4.98 1.71 -11.91
N THR A 60 -5.78 2.50 -12.62
CA THR A 60 -5.24 3.42 -13.61
C THR A 60 -4.63 4.64 -12.92
N ASP A 61 -5.21 4.98 -11.78
CA ASP A 61 -4.73 6.13 -11.02
C ASP A 61 -3.39 5.78 -10.37
N VAL A 62 -3.36 4.61 -9.74
CA VAL A 62 -2.15 4.14 -9.09
C VAL A 62 -1.03 3.99 -10.11
N ASP A 63 -1.42 3.51 -11.29
CA ASP A 63 -0.47 3.31 -12.37
C ASP A 63 0.16 4.65 -12.74
N ILE A 64 -0.68 5.67 -12.79
CA ILE A 64 -0.23 7.02 -13.13
C ILE A 64 0.61 7.57 -11.98
N VAL A 65 0.06 7.48 -10.78
CA VAL A 65 0.74 7.97 -9.60
C VAL A 65 2.14 7.34 -9.53
N PHE A 66 2.18 6.03 -9.72
CA PHE A 66 3.44 5.31 -9.68
C PHE A 66 4.40 5.82 -10.75
N SER A 67 3.82 6.28 -11.86
CA SER A 67 4.61 6.80 -12.97
C SER A 67 4.70 8.32 -12.87
N LYS A 68 4.14 8.85 -11.79
CA LYS A 68 4.15 10.29 -11.57
C LYS A 68 5.12 10.61 -10.43
N VAL A 69 5.19 9.70 -9.48
CA VAL A 69 6.09 9.87 -8.34
C VAL A 69 7.52 9.53 -8.76
N LYS A 70 7.63 8.79 -9.85
CA LYS A 70 8.92 8.39 -10.36
C LYS A 70 9.28 9.26 -11.57
N ALA A 71 10.25 8.79 -12.33
CA ALA A 71 10.69 9.53 -13.51
C ALA A 71 10.66 8.60 -14.72
N LYS A 72 10.76 9.19 -15.90
CA LYS A 72 10.74 8.44 -17.13
C LYS A 72 11.92 7.48 -17.16
N SER A 73 12.87 7.74 -16.26
CA SER A 73 14.06 6.90 -16.18
C SER A 73 13.81 5.73 -15.21
N ALA A 74 13.84 6.05 -13.93
CA ALA A 74 13.61 5.04 -12.91
C ALA A 74 12.42 4.18 -13.29
N ARG A 75 12.49 2.91 -12.94
CA ARG A 75 11.43 1.98 -13.25
C ARG A 75 10.75 1.51 -11.95
N VAL A 76 11.39 1.83 -10.84
CA VAL A 76 10.86 1.45 -9.53
C VAL A 76 10.67 2.71 -8.68
N ILE A 77 9.98 2.52 -7.56
CA ILE A 77 9.71 3.62 -6.66
C ILE A 77 10.31 3.30 -5.29
N ASN A 78 10.73 4.35 -4.60
CA ASN A 78 11.32 4.19 -3.28
C ASN A 78 10.30 4.63 -2.22
N TYR A 79 10.54 4.16 -1.00
CA TYR A 79 9.65 4.49 0.11
C TYR A 79 9.35 5.99 0.15
N GLU A 80 10.27 6.76 -0.42
CA GLU A 80 10.11 8.21 -0.47
C GLU A 80 9.07 8.59 -1.52
N GLU A 81 9.07 7.85 -2.62
CA GLU A 81 8.14 8.10 -3.70
C GLU A 81 6.86 7.29 -3.50
N PHE A 82 7.02 6.15 -2.84
CA PHE A 82 5.89 5.28 -2.57
C PHE A 82 4.93 5.92 -1.57
N LYS A 83 5.48 6.78 -0.73
CA LYS A 83 4.69 7.46 0.28
C LYS A 83 3.90 8.58 -0.37
N LYS A 84 4.45 9.11 -1.46
CA LYS A 84 3.80 10.19 -2.19
C LYS A 84 2.52 9.67 -2.85
N ALA A 85 2.64 8.48 -3.43
CA ALA A 85 1.51 7.86 -4.10
C ALA A 85 0.38 7.67 -3.09
N LEU A 86 0.73 7.14 -1.94
CA LEU A 86 -0.25 6.91 -0.89
C LEU A 86 -0.96 8.21 -0.56
N GLU A 87 -0.18 9.29 -0.58
CA GLU A 87 -0.73 10.61 -0.30
C GLU A 87 -1.77 11.00 -1.34
N GLU A 88 -1.46 10.66 -2.59
CA GLU A 88 -2.36 10.96 -3.70
C GLU A 88 -3.59 10.07 -3.64
N LEU A 89 -3.38 8.86 -3.15
CA LEU A 89 -4.47 7.90 -3.04
C LEU A 89 -5.12 8.03 -1.66
N ALA A 90 -4.52 8.87 -0.83
CA ALA A 90 -5.03 9.09 0.51
C ALA A 90 -6.41 9.74 0.42
N THR A 91 -6.46 10.86 -0.29
CA THR A 91 -7.71 11.59 -0.46
C THR A 91 -8.58 10.91 -1.52
N LYS A 92 -7.92 10.38 -2.53
CA LYS A 92 -8.62 9.71 -3.61
C LYS A 92 -9.23 8.41 -3.08
N ARG A 93 -8.84 8.06 -1.86
CA ARG A 93 -9.33 6.85 -1.23
C ARG A 93 -10.35 7.20 -0.14
N PHE A 94 -9.89 7.99 0.82
CA PHE A 94 -10.74 8.41 1.92
C PHE A 94 -11.47 9.71 1.59
N LYS A 95 -12.69 9.57 1.11
CA LYS A 95 -13.50 10.72 0.75
C LYS A 95 -12.58 11.91 0.47
N GLY A 96 -12.79 12.97 1.23
CA GLY A 96 -11.99 14.18 1.08
C GLY A 96 -11.31 14.56 2.40
N LYS A 97 -10.91 13.52 3.13
CA LYS A 97 -10.25 13.73 4.41
C LYS A 97 -9.04 14.64 4.21
N SER A 98 -8.23 14.73 5.25
CA SER A 98 -7.02 15.55 5.19
C SER A 98 -5.87 14.77 4.58
N LYS A 99 -4.81 15.49 4.24
CA LYS A 99 -3.65 14.86 3.63
C LYS A 99 -2.99 13.93 4.65
N GLU A 100 -2.91 14.40 5.88
CA GLU A 100 -2.31 13.62 6.95
C GLU A 100 -3.28 12.53 7.41
N GLU A 101 -4.50 12.95 7.71
CA GLU A 101 -5.53 12.03 8.16
C GLU A 101 -5.71 10.90 7.15
N ALA A 102 -5.92 11.29 5.90
CA ALA A 102 -6.10 10.32 4.83
C ALA A 102 -4.89 9.40 4.77
N PHE A 103 -3.73 10.01 4.62
CA PHE A 103 -2.49 9.26 4.55
C PHE A 103 -2.34 8.32 5.76
N ASP A 104 -2.74 8.83 6.90
CA ASP A 104 -2.66 8.06 8.14
C ASP A 104 -3.69 6.93 8.09
N ALA A 105 -4.80 7.22 7.43
CA ALA A 105 -5.87 6.25 7.30
C ALA A 105 -5.49 5.19 6.28
N ILE A 106 -4.79 5.64 5.24
CA ILE A 106 -4.36 4.76 4.18
C ILE A 106 -3.10 4.01 4.62
N CYS A 107 -2.26 4.74 5.34
CA CYS A 107 -1.01 4.18 5.83
C CYS A 107 -1.35 3.01 6.77
N GLN A 108 -2.53 3.09 7.35
CA GLN A 108 -3.00 2.05 8.26
C GLN A 108 -3.46 0.83 7.48
N LEU A 109 -3.87 1.07 6.24
CA LEU A 109 -4.34 -0.01 5.38
C LEU A 109 -3.17 -0.93 5.05
N ILE A 110 -1.97 -0.40 5.23
CA ILE A 110 -0.77 -1.18 4.96
C ILE A 110 -0.09 -1.54 6.28
N ALA A 111 0.40 -0.52 6.96
CA ALA A 111 1.07 -0.73 8.23
C ALA A 111 0.33 -1.82 9.02
N GLY A 112 0.95 -2.99 9.08
CA GLY A 112 0.38 -4.11 9.79
C GLY A 112 0.12 -5.29 8.86
N LYS A 113 -0.36 -4.95 7.66
CA LYS A 113 -0.66 -5.97 6.67
C LYS A 113 0.65 -6.53 6.11
N GLU A 114 0.52 -7.59 5.34
CA GLU A 114 1.69 -8.24 4.74
C GLU A 114 1.29 -8.93 3.44
N PRO A 115 2.29 -9.01 2.52
CA PRO A 115 2.06 -9.65 1.22
C PRO A 115 2.02 -11.18 1.37
N ALA A 116 2.16 -11.63 2.61
CA ALA A 116 2.15 -13.05 2.90
C ALA A 116 0.75 -13.61 2.62
N ASN A 117 0.64 -14.92 2.69
CA ASN A 117 -0.63 -15.58 2.45
C ASN A 117 -1.63 -15.17 3.53
N ILE A 118 -1.24 -15.38 4.77
CA ILE A 118 -2.07 -15.02 5.90
C ILE A 118 -1.84 -13.57 6.28
N GLY A 119 -2.56 -12.68 5.62
CA GLY A 119 -2.44 -11.25 5.88
C GLY A 119 -3.71 -10.51 5.48
N VAL A 120 -4.66 -10.49 6.40
CA VAL A 120 -5.93 -9.82 6.16
C VAL A 120 -6.70 -9.70 7.47
N THR A 121 -7.27 -8.53 7.69
CA THR A 121 -8.03 -8.28 8.90
C THR A 121 -9.12 -7.23 8.63
N LYS A 122 -9.84 -7.43 7.54
CA LYS A 122 -10.91 -6.52 7.16
C LYS A 122 -11.84 -7.22 6.16
N ALA A 123 -13.09 -6.77 6.16
CA ALA A 123 -14.08 -7.35 5.26
C ALA A 123 -15.40 -6.59 5.42
N LYS A 124 -15.68 -5.75 4.43
CA LYS A 124 -16.90 -4.97 4.44
C LYS A 124 -17.35 -4.69 3.01
N THR A 125 -18.55 -4.13 2.88
CA THR A 125 -19.09 -3.83 1.58
C THR A 125 -19.89 -2.51 1.63
N GLY A 126 -20.15 -1.97 0.45
CA GLY A 126 -20.90 -0.72 0.35
C GLY A 126 -22.11 -0.89 -0.56
N GLY A 127 -22.62 0.25 -1.03
CA GLY A 127 -23.77 0.25 -1.91
C GLY A 127 -23.91 1.60 -2.64
N ALA A 128 -23.97 1.51 -3.95
CA ALA A 128 -24.10 2.72 -4.77
C ALA A 128 -24.39 2.30 -6.22
N VAL A 129 -24.93 3.25 -6.97
CA VAL A 129 -25.25 3.02 -8.36
C VAL A 129 -24.62 4.10 -9.23
N ASP A 130 -23.53 3.72 -9.89
CA ASP A 130 -22.81 4.65 -10.75
C ASP A 130 -21.79 3.88 -11.59
N ARG A 131 -21.50 4.43 -12.76
CA ARG A 131 -20.53 3.80 -13.65
C ARG A 131 -20.49 4.54 -14.98
N LEU A 132 -19.54 4.15 -15.82
CA LEU A 132 -19.38 4.77 -17.13
C LEU A 132 -18.13 4.20 -17.81
N THR A 133 -18.34 3.71 -19.02
CA THR A 133 -17.25 3.12 -19.78
C THR A 133 -16.88 4.04 -20.96
N ASP A 134 -15.58 4.23 -21.12
CA ASP A 134 -15.09 5.08 -22.21
C ASP A 134 -13.57 4.93 -22.29
N THR A 135 -13.12 4.49 -23.46
CA THR A 135 -11.70 4.31 -23.70
C THR A 135 -11.25 5.11 -24.92
N SER A 136 -10.44 4.46 -25.74
CA SER A 136 -9.93 5.11 -26.95
C SER A 136 -9.17 4.08 -27.80
N LYS A 137 -8.99 4.44 -29.06
CA LYS A 137 -8.28 3.56 -29.99
C LYS A 137 -6.78 3.75 -29.80
N TYR A 138 -6.01 2.91 -30.49
CA TYR A 138 -4.57 2.97 -30.41
C TYR A 138 -3.95 3.17 -31.79
N THR A 139 -2.64 3.40 -31.78
CA THR A 139 -1.92 3.61 -33.03
C THR A 139 -0.42 3.45 -32.81
N GLY A 140 0.24 2.84 -33.78
CA GLY A 140 1.67 2.63 -33.71
C GLY A 140 2.14 1.67 -34.82
N SER A 141 3.40 1.86 -35.21
CA SER A 141 3.98 1.03 -36.25
C SER A 141 5.44 1.40 -36.46
N HIS A 142 6.14 0.53 -37.17
CA HIS A 142 7.56 0.74 -37.44
C HIS A 142 7.96 -0.03 -38.69
N LYS A 143 9.20 0.19 -39.11
CA LYS A 143 9.72 -0.48 -40.30
C LYS A 143 11.17 -0.90 -40.04
N GLU A 144 12.03 0.10 -39.93
CA GLU A 144 13.44 -0.14 -39.69
C GLU A 144 14.05 -0.91 -40.85
N ARG A 145 15.25 -0.49 -41.25
CA ARG A 145 15.95 -1.13 -42.35
C ARG A 145 17.43 -0.76 -42.32
N SER A 146 18.22 -1.55 -43.03
CA SER A 146 19.65 -1.33 -43.09
C SER A 146 20.32 -2.43 -43.92
N GLY A 147 21.36 -2.02 -44.64
CA GLY A 147 22.10 -2.96 -45.48
C GLY A 147 23.45 -3.31 -44.84
N PRO A 148 23.78 -4.63 -44.89
CA PRO A 148 25.04 -5.11 -44.33
C PRO A 148 26.22 -4.75 -45.24
N SER A 149 26.13 -5.21 -46.48
CA SER A 149 27.17 -4.95 -47.46
C SER A 149 28.45 -5.68 -47.06
N SER A 150 28.75 -6.74 -47.80
CA SER A 150 29.93 -7.53 -47.54
C SER A 150 29.87 -8.12 -46.13
N GLY A 151 30.79 -9.04 -45.87
CA GLY A 151 30.85 -9.68 -44.56
C GLY A 151 30.91 -11.20 -44.71
N GLY A 1 -5.49 -19.40 0.47
CA GLY A 1 -6.24 -18.35 -0.19
C GLY A 1 -5.95 -16.99 0.45
N SER A 2 -6.83 -16.60 1.36
CA SER A 2 -6.68 -15.32 2.05
C SER A 2 -6.81 -15.53 3.55
N SER A 3 -6.45 -14.49 4.30
CA SER A 3 -6.52 -14.55 5.75
C SER A 3 -7.18 -13.28 6.29
N GLY A 4 -7.83 -13.42 7.43
CA GLY A 4 -8.50 -12.31 8.06
C GLY A 4 -8.48 -12.44 9.59
N SER A 5 -7.97 -11.39 10.23
CA SER A 5 -7.88 -11.38 11.67
C SER A 5 -8.90 -10.39 12.25
N SER A 6 -9.05 -10.46 13.56
CA SER A 6 -9.99 -9.57 14.25
C SER A 6 -9.49 -8.13 14.18
N GLY A 7 -8.24 -7.95 14.59
CA GLY A 7 -7.63 -6.63 14.58
C GLY A 7 -7.45 -6.10 16.01
N MET A 8 -6.23 -5.63 16.27
CA MET A 8 -5.91 -5.10 17.58
C MET A 8 -5.48 -3.63 17.49
N ALA A 9 -5.35 -3.01 18.66
CA ALA A 9 -4.95 -1.62 18.73
C ALA A 9 -3.42 -1.54 18.75
N ALA A 10 -2.89 -0.71 17.86
CA ALA A 10 -1.44 -0.53 17.77
C ALA A 10 -1.02 0.61 18.70
N SER A 11 0.20 1.08 18.48
CA SER A 11 0.74 2.17 19.29
C SER A 11 0.06 3.49 18.91
N THR A 12 0.83 4.56 19.01
CA THR A 12 0.32 5.88 18.68
C THR A 12 0.22 6.05 17.16
N ASP A 13 1.37 6.22 16.53
CA ASP A 13 1.43 6.39 15.09
C ASP A 13 1.42 5.01 14.42
N ILE A 14 1.30 5.03 13.10
CA ILE A 14 1.27 3.80 12.33
C ILE A 14 2.29 2.82 12.92
N ALA A 15 3.55 3.04 12.57
CA ALA A 15 4.62 2.19 13.06
C ALA A 15 4.45 0.78 12.49
N GLY A 16 4.94 0.60 11.27
CA GLY A 16 4.84 -0.69 10.61
C GLY A 16 4.64 -0.52 9.11
N LEU A 17 4.27 0.69 8.72
CA LEU A 17 4.04 1.00 7.32
C LEU A 17 5.30 0.64 6.51
N GLU A 18 6.34 1.42 6.73
CA GLU A 18 7.60 1.20 6.03
C GLU A 18 8.00 -0.28 6.13
N GLU A 19 7.59 -0.90 7.22
CA GLU A 19 7.89 -2.30 7.45
C GLU A 19 7.13 -3.18 6.47
N SER A 20 5.84 -2.92 6.35
CA SER A 20 4.99 -3.67 5.45
C SER A 20 5.41 -3.40 4.00
N PHE A 21 5.78 -2.15 3.75
CA PHE A 21 6.19 -1.75 2.41
C PHE A 21 7.35 -2.62 1.92
N ARG A 22 8.39 -2.68 2.74
CA ARG A 22 9.57 -3.46 2.40
C ARG A 22 9.16 -4.87 1.97
N LYS A 23 8.22 -5.43 2.71
CA LYS A 23 7.73 -6.77 2.42
C LYS A 23 7.39 -6.87 0.93
N PHE A 24 6.53 -5.96 0.49
CA PHE A 24 6.12 -5.93 -0.90
C PHE A 24 7.25 -5.45 -1.81
N ALA A 25 8.10 -4.60 -1.24
CA ALA A 25 9.23 -4.06 -1.97
C ALA A 25 10.21 -5.19 -2.30
N ILE A 26 10.51 -5.98 -1.28
CA ILE A 26 11.43 -7.09 -1.44
C ILE A 26 10.65 -8.35 -1.79
N HIS A 27 9.39 -8.15 -2.14
CA HIS A 27 8.52 -9.26 -2.49
C HIS A 27 9.31 -10.28 -3.29
N GLY A 28 9.52 -11.44 -2.67
CA GLY A 28 10.26 -12.52 -3.31
C GLY A 28 11.74 -12.18 -3.41
N ASP A 29 12.02 -11.06 -4.07
CA ASP A 29 13.39 -10.61 -4.25
C ASP A 29 14.15 -10.75 -2.92
N PRO A 30 15.01 -11.80 -2.87
CA PRO A 30 15.79 -12.05 -1.67
C PRO A 30 16.93 -11.04 -1.53
N LYS A 31 17.29 -10.45 -2.66
CA LYS A 31 18.36 -9.46 -2.68
C LYS A 31 17.81 -8.10 -2.27
N ALA A 32 16.62 -7.80 -2.79
CA ALA A 32 15.98 -6.54 -2.47
C ALA A 32 16.18 -6.21 -1.00
N SER A 33 16.66 -4.99 -0.76
CA SER A 33 16.92 -4.54 0.59
C SER A 33 15.68 -3.83 1.15
N GLY A 34 14.78 -3.48 0.24
CA GLY A 34 13.56 -2.79 0.62
C GLY A 34 13.67 -1.29 0.39
N GLN A 35 14.47 -0.93 -0.61
CA GLN A 35 14.68 0.47 -0.94
C GLN A 35 14.04 0.80 -2.28
N GLU A 36 13.45 -0.22 -2.89
CA GLU A 36 12.79 -0.05 -4.18
C GLU A 36 11.56 -0.95 -4.26
N MET A 37 10.60 -0.49 -5.06
CA MET A 37 9.36 -1.24 -5.23
C MET A 37 8.86 -1.14 -6.68
N ASN A 38 8.56 -2.29 -7.26
CA ASN A 38 8.07 -2.33 -8.62
C ASN A 38 6.57 -2.03 -8.63
N GLY A 39 6.15 -1.33 -9.67
CA GLY A 39 4.75 -0.97 -9.81
C GLY A 39 3.84 -2.16 -9.57
N LYS A 40 4.35 -3.34 -9.93
CA LYS A 40 3.60 -4.57 -9.76
C LYS A 40 3.43 -4.85 -8.26
N ASN A 41 4.48 -4.54 -7.52
CA ASN A 41 4.46 -4.74 -6.07
C ASN A 41 3.75 -3.58 -5.40
N TRP A 42 3.82 -2.43 -6.05
CA TRP A 42 3.18 -1.23 -5.52
C TRP A 42 1.66 -1.39 -5.69
N ALA A 43 1.25 -1.58 -6.93
CA ALA A 43 -0.16 -1.74 -7.23
C ALA A 43 -0.72 -2.91 -6.42
N LYS A 44 0.01 -4.03 -6.48
CA LYS A 44 -0.40 -5.22 -5.76
C LYS A 44 -0.50 -4.90 -4.26
N LEU A 45 0.50 -4.18 -3.78
CA LEU A 45 0.54 -3.81 -2.38
C LEU A 45 -0.72 -3.03 -2.03
N CYS A 46 -1.23 -2.31 -3.02
CA CYS A 46 -2.44 -1.52 -2.83
C CYS A 46 -3.64 -2.47 -2.79
N LYS A 47 -3.79 -3.22 -3.87
CA LYS A 47 -4.89 -4.16 -3.97
C LYS A 47 -4.85 -5.11 -2.77
N ASP A 48 -3.64 -5.55 -2.43
CA ASP A 48 -3.47 -6.45 -1.31
C ASP A 48 -3.84 -5.74 -0.02
N CYS A 49 -3.52 -4.45 0.03
CA CYS A 49 -3.83 -3.64 1.20
C CYS A 49 -5.18 -2.97 0.98
N LYS A 50 -5.89 -3.46 -0.02
CA LYS A 50 -7.20 -2.92 -0.35
C LYS A 50 -7.13 -1.39 -0.35
N VAL A 51 -6.10 -0.88 -1.00
CA VAL A 51 -5.90 0.56 -1.08
C VAL A 51 -6.62 1.09 -2.32
N ALA A 52 -6.55 0.31 -3.39
CA ALA A 52 -7.19 0.70 -4.63
C ALA A 52 -8.48 -0.11 -4.82
N ASP A 53 -9.53 0.38 -4.17
CA ASP A 53 -10.82 -0.29 -4.26
C ASP A 53 -11.30 -0.30 -5.71
N GLY A 54 -10.90 0.75 -6.43
CA GLY A 54 -11.28 0.88 -7.83
C GLY A 54 -12.22 2.07 -8.03
N LYS A 55 -12.99 2.36 -7.00
CA LYS A 55 -13.93 3.46 -7.05
C LYS A 55 -13.17 4.78 -6.88
N ALA A 56 -12.89 5.11 -5.63
CA ALA A 56 -12.17 6.34 -5.32
C ALA A 56 -10.77 6.26 -5.92
N VAL A 57 -10.23 5.06 -5.92
CA VAL A 57 -8.90 4.84 -6.46
C VAL A 57 -8.95 3.73 -7.52
N THR A 58 -8.59 4.11 -8.73
CA THR A 58 -8.60 3.18 -9.84
C THR A 58 -7.18 2.73 -10.19
N GLY A 59 -7.04 1.46 -10.50
CA GLY A 59 -5.74 0.91 -10.85
C GLY A 59 -5.02 1.80 -11.87
N THR A 60 -5.82 2.58 -12.59
CA THR A 60 -5.27 3.48 -13.59
C THR A 60 -4.62 4.69 -12.92
N ASP A 61 -5.16 5.05 -11.77
CA ASP A 61 -4.63 6.19 -11.03
C ASP A 61 -3.32 5.78 -10.34
N VAL A 62 -3.38 4.66 -9.64
CA VAL A 62 -2.22 4.15 -8.94
C VAL A 62 -1.08 3.93 -9.94
N ASP A 63 -1.45 3.50 -11.13
CA ASP A 63 -0.48 3.25 -12.19
C ASP A 63 0.14 4.57 -12.63
N ILE A 64 -0.72 5.57 -12.79
CA ILE A 64 -0.27 6.89 -13.20
C ILE A 64 0.59 7.51 -12.09
N VAL A 65 0.05 7.47 -10.88
CA VAL A 65 0.75 8.01 -9.73
C VAL A 65 2.16 7.40 -9.66
N PHE A 66 2.20 6.08 -9.72
CA PHE A 66 3.45 5.36 -9.67
C PHE A 66 4.40 5.82 -10.79
N SER A 67 3.80 6.26 -11.89
CA SER A 67 4.57 6.72 -13.03
C SER A 67 4.86 8.21 -12.87
N LYS A 68 4.16 8.84 -11.95
CA LYS A 68 4.34 10.26 -11.70
C LYS A 68 5.36 10.45 -10.58
N VAL A 69 5.27 9.58 -9.58
CA VAL A 69 6.18 9.64 -8.45
C VAL A 69 7.57 9.24 -8.90
N LYS A 70 7.62 8.28 -9.82
CA LYS A 70 8.88 7.80 -10.34
C LYS A 70 9.35 8.71 -11.47
N ALA A 71 10.40 8.28 -12.15
CA ALA A 71 10.95 9.05 -13.25
C ALA A 71 10.68 8.30 -14.57
N LYS A 72 11.17 8.89 -15.65
CA LYS A 72 11.00 8.31 -16.97
C LYS A 72 12.15 7.34 -17.24
N SER A 73 12.92 7.08 -16.20
CA SER A 73 14.06 6.18 -16.31
C SER A 73 13.94 5.04 -15.29
N ALA A 74 13.70 5.44 -14.05
CA ALA A 74 13.56 4.49 -12.97
C ALA A 74 12.37 3.57 -13.25
N ARG A 75 12.50 2.33 -12.80
CA ARG A 75 11.45 1.35 -13.00
C ARG A 75 10.84 0.92 -11.66
N VAL A 76 11.46 1.42 -10.59
CA VAL A 76 11.00 1.11 -9.26
C VAL A 76 10.83 2.41 -8.46
N ILE A 77 10.06 2.32 -7.39
CA ILE A 77 9.82 3.47 -6.54
C ILE A 77 10.41 3.22 -5.15
N ASN A 78 10.75 4.31 -4.48
CA ASN A 78 11.32 4.21 -3.15
C ASN A 78 10.30 4.71 -2.12
N TYR A 79 10.50 4.28 -0.88
CA TYR A 79 9.61 4.68 0.19
C TYR A 79 9.18 6.14 0.05
N GLU A 80 10.16 6.98 -0.29
CA GLU A 80 9.90 8.39 -0.45
C GLU A 80 8.82 8.61 -1.52
N GLU A 81 9.01 7.95 -2.65
CA GLU A 81 8.05 8.07 -3.76
C GLU A 81 6.77 7.28 -3.43
N PHE A 82 6.97 6.11 -2.86
CA PHE A 82 5.84 5.27 -2.50
C PHE A 82 4.84 6.03 -1.64
N LYS A 83 5.36 6.68 -0.60
CA LYS A 83 4.52 7.44 0.30
C LYS A 83 3.86 8.59 -0.48
N LYS A 84 4.53 9.02 -1.53
CA LYS A 84 4.03 10.10 -2.36
C LYS A 84 2.75 9.65 -3.05
N ALA A 85 2.75 8.39 -3.48
CA ALA A 85 1.59 7.83 -4.16
C ALA A 85 0.47 7.62 -3.15
N LEU A 86 0.85 7.13 -1.97
CA LEU A 86 -0.11 6.88 -0.91
C LEU A 86 -0.86 8.17 -0.60
N GLU A 87 -0.12 9.27 -0.63
CA GLU A 87 -0.69 10.58 -0.34
C GLU A 87 -1.72 10.94 -1.41
N GLU A 88 -1.32 10.74 -2.66
CA GLU A 88 -2.19 11.05 -3.78
C GLU A 88 -3.42 10.14 -3.76
N LEU A 89 -3.23 8.94 -3.23
CA LEU A 89 -4.31 7.98 -3.14
C LEU A 89 -4.96 8.06 -1.76
N ALA A 90 -4.36 8.88 -0.91
CA ALA A 90 -4.86 9.05 0.45
C ALA A 90 -6.26 9.70 0.38
N THR A 91 -6.31 10.85 -0.27
CA THR A 91 -7.57 11.56 -0.42
C THR A 91 -8.45 10.91 -1.47
N LYS A 92 -7.79 10.46 -2.55
CA LYS A 92 -8.49 9.81 -3.64
C LYS A 92 -9.11 8.51 -3.13
N ARG A 93 -8.69 8.11 -1.95
CA ARG A 93 -9.19 6.88 -1.34
C ARG A 93 -10.18 7.21 -0.22
N PHE A 94 -9.73 8.02 0.70
CA PHE A 94 -10.55 8.42 1.83
C PHE A 94 -11.27 9.74 1.55
N LYS A 95 -12.51 9.62 1.09
CA LYS A 95 -13.30 10.79 0.77
C LYS A 95 -12.39 11.99 0.52
N GLY A 96 -12.55 13.01 1.34
CA GLY A 96 -11.74 14.21 1.22
C GLY A 96 -11.13 14.59 2.56
N LYS A 97 -10.75 13.56 3.32
CA LYS A 97 -10.14 13.77 4.61
C LYS A 97 -8.92 14.67 4.46
N SER A 98 -8.13 14.74 5.53
CA SER A 98 -6.94 15.57 5.53
C SER A 98 -5.76 14.77 4.94
N LYS A 99 -4.77 15.51 4.47
CA LYS A 99 -3.59 14.89 3.88
C LYS A 99 -2.98 13.91 4.88
N GLU A 100 -2.92 14.35 6.14
CA GLU A 100 -2.36 13.52 7.19
C GLU A 100 -3.35 12.41 7.57
N GLU A 101 -4.58 12.82 7.87
CA GLU A 101 -5.61 11.88 8.25
C GLU A 101 -5.78 10.82 7.16
N ALA A 102 -5.93 11.28 5.93
CA ALA A 102 -6.10 10.38 4.81
C ALA A 102 -4.91 9.43 4.74
N PHE A 103 -3.72 10.01 4.77
CA PHE A 103 -2.50 9.24 4.71
C PHE A 103 -2.40 8.28 5.89
N ASP A 104 -2.82 8.78 7.05
CA ASP A 104 -2.77 7.97 8.26
C ASP A 104 -3.80 6.84 8.16
N ALA A 105 -4.77 7.05 7.28
CA ALA A 105 -5.82 6.06 7.07
C ALA A 105 -5.34 5.05 6.02
N ILE A 106 -4.66 5.55 5.01
CA ILE A 106 -4.15 4.71 3.95
C ILE A 106 -2.94 3.92 4.46
N CYS A 107 -2.19 4.57 5.34
CA CYS A 107 -1.01 3.95 5.92
C CYS A 107 -1.45 2.79 6.81
N GLN A 108 -2.57 3.00 7.48
CA GLN A 108 -3.12 1.98 8.36
C GLN A 108 -3.62 0.78 7.55
N LEU A 109 -3.90 1.04 6.27
CA LEU A 109 -4.38 0.00 5.39
C LEU A 109 -3.23 -0.94 5.05
N ILE A 110 -2.02 -0.42 5.16
CA ILE A 110 -0.83 -1.20 4.87
C ILE A 110 -0.19 -1.66 6.19
N ALA A 111 0.27 -0.67 6.95
CA ALA A 111 0.90 -0.96 8.22
C ALA A 111 0.16 -2.11 8.91
N GLY A 112 0.87 -3.22 9.07
CA GLY A 112 0.29 -4.39 9.71
C GLY A 112 0.06 -5.51 8.69
N LYS A 113 -0.38 -5.11 7.51
CA LYS A 113 -0.64 -6.08 6.45
C LYS A 113 0.69 -6.55 5.85
N GLU A 114 0.61 -7.61 5.07
CA GLU A 114 1.79 -8.16 4.45
C GLU A 114 1.43 -8.83 3.12
N PRO A 115 2.44 -8.95 2.22
CA PRO A 115 2.24 -9.56 0.93
C PRO A 115 2.13 -11.09 1.05
N ALA A 116 2.22 -11.56 2.29
CA ALA A 116 2.14 -12.98 2.56
C ALA A 116 0.76 -13.31 3.13
N ASN A 117 0.60 -14.57 3.53
CA ASN A 117 -0.66 -15.02 4.09
C ASN A 117 -0.46 -15.35 5.57
N ILE A 118 0.43 -16.30 5.81
CA ILE A 118 0.72 -16.72 7.18
C ILE A 118 -0.56 -17.24 7.83
N GLY A 119 -0.57 -18.55 8.07
CA GLY A 119 -1.72 -19.17 8.69
C GLY A 119 -2.97 -19.01 7.82
N VAL A 120 -3.71 -20.10 7.68
CA VAL A 120 -4.92 -20.09 6.89
C VAL A 120 -6.09 -20.60 7.73
N THR A 121 -7.17 -19.85 7.71
CA THR A 121 -8.36 -20.22 8.46
C THR A 121 -9.62 -19.95 7.65
N LYS A 122 -10.76 -20.29 8.24
CA LYS A 122 -12.04 -20.08 7.58
C LYS A 122 -12.71 -18.83 8.14
N ALA A 123 -12.54 -17.73 7.41
CA ALA A 123 -13.12 -16.46 7.82
C ALA A 123 -13.34 -15.59 6.60
N LYS A 124 -14.09 -16.13 5.65
CA LYS A 124 -14.38 -15.42 4.42
C LYS A 124 -13.09 -15.19 3.65
N THR A 125 -12.75 -16.17 2.82
CA THR A 125 -11.54 -16.09 2.02
C THR A 125 -11.76 -16.76 0.65
N GLY A 126 -10.85 -16.48 -0.26
CA GLY A 126 -10.92 -17.05 -1.60
C GLY A 126 -10.61 -15.99 -2.65
N GLY A 127 -9.67 -16.34 -3.53
CA GLY A 127 -9.26 -15.44 -4.58
C GLY A 127 -7.77 -15.11 -4.49
N ALA A 128 -6.96 -16.09 -4.88
CA ALA A 128 -5.52 -15.94 -4.84
C ALA A 128 -4.86 -17.08 -5.62
N VAL A 129 -3.79 -16.74 -6.32
CA VAL A 129 -3.07 -17.73 -7.11
C VAL A 129 -1.66 -17.20 -7.40
N ASP A 130 -0.67 -18.02 -7.03
CA ASP A 130 0.71 -17.65 -7.24
C ASP A 130 1.62 -18.69 -6.58
N ARG A 131 2.77 -18.90 -7.20
CA ARG A 131 3.72 -19.87 -6.69
C ARG A 131 5.10 -19.64 -7.32
N LEU A 132 5.20 -19.96 -8.59
CA LEU A 132 6.45 -19.78 -9.32
C LEU A 132 7.43 -20.89 -8.91
N THR A 133 8.26 -21.28 -9.87
CA THR A 133 9.24 -22.32 -9.61
C THR A 133 10.65 -21.81 -9.94
N ASP A 134 11.04 -20.76 -9.26
CA ASP A 134 12.35 -20.17 -9.48
C ASP A 134 12.65 -19.17 -8.35
N THR A 135 13.45 -19.62 -7.40
CA THR A 135 13.82 -18.78 -6.27
C THR A 135 15.17 -18.11 -6.52
N SER A 136 16.11 -18.91 -7.02
CA SER A 136 17.43 -18.42 -7.31
C SER A 136 18.29 -19.52 -7.94
N LYS A 137 19.59 -19.31 -7.92
CA LYS A 137 20.52 -20.28 -8.48
C LYS A 137 21.77 -20.35 -7.60
N TYR A 138 22.24 -21.57 -7.38
CA TYR A 138 23.42 -21.78 -6.58
C TYR A 138 24.55 -20.84 -6.99
N THR A 139 24.72 -19.78 -6.21
CA THR A 139 25.75 -18.80 -6.48
C THR A 139 25.86 -17.80 -5.33
N GLY A 140 27.09 -17.43 -5.03
CA GLY A 140 27.34 -16.48 -3.95
C GLY A 140 28.49 -16.97 -3.06
N SER A 141 28.97 -16.05 -2.24
CA SER A 141 30.06 -16.37 -1.32
C SER A 141 30.45 -15.13 -0.52
N HIS A 142 30.97 -15.38 0.68
CA HIS A 142 31.38 -14.29 1.55
C HIS A 142 32.90 -14.15 1.51
N LYS A 143 33.37 -12.97 1.91
CA LYS A 143 34.79 -12.70 1.92
C LYS A 143 35.15 -11.94 3.21
N GLU A 144 36.05 -12.53 3.98
CA GLU A 144 36.48 -11.94 5.22
C GLU A 144 37.79 -12.57 5.69
N ARG A 145 38.70 -11.73 6.14
CA ARG A 145 39.99 -12.20 6.63
C ARG A 145 40.81 -11.03 7.18
N SER A 146 41.86 -11.38 7.90
CA SER A 146 42.73 -10.38 8.48
C SER A 146 44.17 -10.57 7.99
N GLY A 147 44.70 -11.74 8.27
CA GLY A 147 46.06 -12.07 7.86
C GLY A 147 46.99 -12.18 9.07
N PRO A 148 48.24 -12.65 8.80
CA PRO A 148 49.22 -12.80 9.85
C PRO A 148 49.79 -11.45 10.28
N SER A 149 50.65 -11.49 11.30
CA SER A 149 51.26 -10.28 11.81
C SER A 149 52.57 -10.00 11.08
N SER A 150 53.47 -10.98 11.16
CA SER A 150 54.77 -10.86 10.52
C SER A 150 55.15 -12.18 9.86
N GLY A 151 56.10 -12.10 8.94
CA GLY A 151 56.56 -13.29 8.24
C GLY A 151 57.55 -14.08 9.11
N GLY A 1 -2.84 -28.49 7.77
CA GLY A 1 -2.56 -27.07 7.88
C GLY A 1 -3.11 -26.51 9.20
N SER A 2 -3.00 -25.20 9.33
CA SER A 2 -3.47 -24.52 10.52
C SER A 2 -3.35 -23.01 10.36
N SER A 3 -4.48 -22.34 10.47
CA SER A 3 -4.51 -20.89 10.34
C SER A 3 -5.76 -20.33 11.02
N GLY A 4 -5.68 -19.05 11.36
CA GLY A 4 -6.79 -18.37 12.02
C GLY A 4 -6.31 -17.58 13.23
N SER A 5 -6.20 -16.27 13.01
CA SER A 5 -5.75 -15.38 14.07
C SER A 5 -5.88 -13.92 13.62
N SER A 6 -5.61 -13.02 14.55
CA SER A 6 -5.69 -11.60 14.26
C SER A 6 -5.10 -10.79 15.42
N GLY A 7 -4.80 -9.54 15.13
CA GLY A 7 -4.23 -8.65 16.14
C GLY A 7 -3.47 -7.50 15.47
N MET A 8 -3.91 -6.29 15.79
CA MET A 8 -3.28 -5.09 15.23
C MET A 8 -2.43 -4.39 16.29
N ALA A 9 -2.70 -4.73 17.55
CA ALA A 9 -1.96 -4.14 18.65
C ALA A 9 -2.00 -2.61 18.52
N ALA A 10 -1.42 -1.95 19.52
CA ALA A 10 -1.38 -0.50 19.54
C ALA A 10 0.06 -0.03 19.32
N SER A 11 0.21 1.28 19.22
CA SER A 11 1.52 1.87 19.01
C SER A 11 1.38 3.37 18.70
N THR A 12 2.26 4.14 19.32
CA THR A 12 2.24 5.59 19.13
C THR A 12 2.13 5.92 17.63
N ASP A 13 3.28 5.84 16.96
CA ASP A 13 3.33 6.14 15.54
C ASP A 13 2.89 4.90 14.75
N ILE A 14 2.83 5.07 13.44
CA ILE A 14 2.42 3.98 12.57
C ILE A 14 3.05 2.67 13.06
N ALA A 15 4.33 2.52 12.75
CA ALA A 15 5.05 1.33 13.15
C ALA A 15 4.45 0.11 12.45
N GLY A 16 4.73 0.00 11.17
CA GLY A 16 4.21 -1.11 10.38
C GLY A 16 4.20 -0.77 8.89
N LEU A 17 4.08 0.52 8.61
CA LEU A 17 4.05 0.99 7.24
C LEU A 17 5.34 0.56 6.53
N GLU A 18 6.40 1.30 6.79
CA GLU A 18 7.69 1.02 6.18
C GLU A 18 8.01 -0.48 6.32
N GLU A 19 7.42 -1.08 7.34
CA GLU A 19 7.63 -2.51 7.59
C GLU A 19 6.87 -3.35 6.57
N SER A 20 5.69 -2.84 6.19
CA SER A 20 4.86 -3.54 5.23
C SER A 20 5.37 -3.27 3.81
N PHE A 21 5.68 -2.01 3.56
CA PHE A 21 6.17 -1.60 2.25
C PHE A 21 7.32 -2.50 1.80
N ARG A 22 8.34 -2.58 2.64
CA ARG A 22 9.50 -3.39 2.34
C ARG A 22 9.07 -4.80 1.93
N LYS A 23 8.18 -5.36 2.73
CA LYS A 23 7.68 -6.71 2.46
C LYS A 23 7.22 -6.79 1.01
N PHE A 24 6.37 -5.85 0.62
CA PHE A 24 5.86 -5.81 -0.73
C PHE A 24 6.93 -5.34 -1.72
N ALA A 25 7.92 -4.63 -1.17
CA ALA A 25 9.00 -4.12 -1.99
C ALA A 25 9.95 -5.27 -2.35
N ILE A 26 10.30 -6.05 -1.33
CA ILE A 26 11.19 -7.19 -1.53
C ILE A 26 10.37 -8.41 -1.90
N HIS A 27 9.09 -8.18 -2.15
CA HIS A 27 8.20 -9.26 -2.53
C HIS A 27 8.78 -10.04 -3.69
N GLY A 28 9.20 -11.27 -3.39
CA GLY A 28 9.78 -12.13 -4.41
C GLY A 28 11.19 -11.66 -4.78
N ASP A 29 12.04 -11.56 -3.76
CA ASP A 29 13.41 -11.12 -3.97
C ASP A 29 14.12 -11.04 -2.62
N PRO A 30 14.98 -12.07 -2.37
CA PRO A 30 15.73 -12.13 -1.12
C PRO A 30 16.88 -11.12 -1.13
N LYS A 31 17.27 -10.73 -2.33
CA LYS A 31 18.35 -9.78 -2.49
C LYS A 31 17.85 -8.37 -2.13
N ALA A 32 16.63 -8.08 -2.57
CA ALA A 32 16.03 -6.79 -2.30
C ALA A 32 16.24 -6.42 -0.82
N SER A 33 16.51 -5.14 -0.60
CA SER A 33 16.73 -4.66 0.75
C SER A 33 15.52 -3.85 1.22
N GLY A 34 14.62 -3.59 0.28
CA GLY A 34 13.42 -2.83 0.59
C GLY A 34 13.65 -1.34 0.33
N GLN A 35 14.49 -1.06 -0.65
CA GLN A 35 14.80 0.32 -1.01
C GLN A 35 14.13 0.68 -2.33
N GLU A 36 13.65 -0.34 -3.02
CA GLU A 36 12.98 -0.15 -4.29
C GLU A 36 11.69 -0.96 -4.34
N MET A 37 10.71 -0.43 -5.07
CA MET A 37 9.43 -1.09 -5.22
C MET A 37 8.91 -0.98 -6.64
N ASN A 38 8.74 -2.13 -7.28
CA ASN A 38 8.25 -2.18 -8.64
C ASN A 38 6.76 -1.86 -8.66
N GLY A 39 6.34 -1.15 -9.70
CA GLY A 39 4.95 -0.78 -9.84
C GLY A 39 4.03 -1.99 -9.65
N LYS A 40 4.49 -3.12 -10.14
CA LYS A 40 3.72 -4.36 -10.02
C LYS A 40 3.52 -4.69 -8.54
N ASN A 41 4.57 -4.45 -7.76
CA ASN A 41 4.52 -4.71 -6.34
C ASN A 41 3.78 -3.58 -5.64
N TRP A 42 3.95 -2.39 -6.16
CA TRP A 42 3.30 -1.21 -5.60
C TRP A 42 1.79 -1.37 -5.79
N ALA A 43 1.41 -1.63 -7.03
CA ALA A 43 0.01 -1.80 -7.36
C ALA A 43 -0.55 -2.99 -6.58
N LYS A 44 0.07 -4.15 -6.81
CA LYS A 44 -0.35 -5.37 -6.14
C LYS A 44 -0.47 -5.11 -4.64
N LEU A 45 0.28 -4.11 -4.18
CA LEU A 45 0.26 -3.75 -2.77
C LEU A 45 -0.98 -2.92 -2.47
N CYS A 46 -1.41 -2.17 -3.48
CA CYS A 46 -2.59 -1.34 -3.34
C CYS A 46 -3.83 -2.23 -3.36
N LYS A 47 -3.60 -3.49 -3.73
CA LYS A 47 -4.69 -4.45 -3.79
C LYS A 47 -4.65 -5.34 -2.55
N ASP A 48 -3.46 -5.87 -2.28
CA ASP A 48 -3.28 -6.74 -1.14
C ASP A 48 -3.67 -5.99 0.14
N CYS A 49 -3.40 -4.70 0.13
CA CYS A 49 -3.72 -3.86 1.27
C CYS A 49 -5.10 -3.22 1.02
N LYS A 50 -5.77 -3.72 0.00
CA LYS A 50 -7.09 -3.22 -0.34
C LYS A 50 -7.06 -1.68 -0.33
N VAL A 51 -5.98 -1.14 -0.89
CA VAL A 51 -5.83 0.30 -0.95
C VAL A 51 -6.61 0.85 -2.15
N ALA A 52 -6.53 0.12 -3.25
CA ALA A 52 -7.22 0.52 -4.46
C ALA A 52 -8.60 -0.15 -4.50
N ASP A 53 -9.53 0.47 -3.79
CA ASP A 53 -10.90 -0.04 -3.73
C ASP A 53 -11.41 -0.26 -5.16
N GLY A 54 -11.04 0.65 -6.03
CA GLY A 54 -11.45 0.57 -7.42
C GLY A 54 -12.38 1.73 -7.79
N LYS A 55 -13.13 2.18 -6.79
CA LYS A 55 -14.06 3.28 -6.99
C LYS A 55 -13.30 4.61 -6.93
N ALA A 56 -12.97 5.00 -5.70
CA ALA A 56 -12.24 6.24 -5.50
C ALA A 56 -10.86 6.13 -6.13
N VAL A 57 -10.24 4.98 -5.94
CA VAL A 57 -8.92 4.74 -6.49
C VAL A 57 -8.99 3.61 -7.52
N THR A 58 -8.54 3.91 -8.73
CA THR A 58 -8.56 2.93 -9.80
C THR A 58 -7.14 2.49 -10.14
N GLY A 59 -7.00 1.20 -10.43
CA GLY A 59 -5.70 0.64 -10.76
C GLY A 59 -5.00 1.49 -11.82
N THR A 60 -5.80 2.27 -12.54
CA THR A 60 -5.26 3.13 -13.58
C THR A 60 -4.66 4.40 -12.97
N ASP A 61 -5.19 4.77 -11.80
CA ASP A 61 -4.71 5.94 -11.11
C ASP A 61 -3.39 5.63 -10.41
N VAL A 62 -3.38 4.49 -9.72
CA VAL A 62 -2.20 4.05 -9.01
C VAL A 62 -1.03 3.91 -9.99
N ASP A 63 -1.37 3.47 -11.20
CA ASP A 63 -0.37 3.28 -12.23
C ASP A 63 0.21 4.64 -12.62
N ILE A 64 -0.69 5.59 -12.85
CA ILE A 64 -0.29 6.93 -13.23
C ILE A 64 0.51 7.56 -12.08
N VAL A 65 -0.05 7.45 -10.88
CA VAL A 65 0.60 8.00 -9.70
C VAL A 65 2.00 7.40 -9.57
N PHE A 66 2.08 6.09 -9.74
CA PHE A 66 3.34 5.40 -9.65
C PHE A 66 4.34 5.92 -10.68
N SER A 67 3.80 6.33 -11.82
CA SER A 67 4.62 6.86 -12.90
C SER A 67 4.78 8.37 -12.75
N LYS A 68 4.04 8.92 -11.79
CA LYS A 68 4.09 10.35 -11.54
C LYS A 68 5.11 10.63 -10.44
N VAL A 69 5.41 9.61 -9.67
CA VAL A 69 6.37 9.73 -8.58
C VAL A 69 7.76 9.38 -9.11
N LYS A 70 7.78 8.45 -10.07
CA LYS A 70 9.04 8.03 -10.65
C LYS A 70 9.30 8.82 -11.94
N ALA A 71 10.24 8.32 -12.73
CA ALA A 71 10.59 8.96 -13.98
C ALA A 71 10.48 7.95 -15.12
N LYS A 72 10.61 8.46 -16.34
CA LYS A 72 10.53 7.61 -17.52
C LYS A 72 11.73 6.67 -17.55
N SER A 73 12.69 6.95 -16.67
CA SER A 73 13.90 6.14 -16.58
C SER A 73 13.72 5.06 -15.52
N ALA A 74 13.67 5.50 -14.27
CA ALA A 74 13.50 4.58 -13.17
C ALA A 74 12.34 3.63 -13.46
N ARG A 75 12.40 2.46 -12.82
CA ARG A 75 11.36 1.47 -13.00
C ARG A 75 10.83 1.00 -11.65
N VAL A 76 11.34 1.63 -10.61
CA VAL A 76 10.92 1.30 -9.26
C VAL A 76 10.81 2.57 -8.42
N ILE A 77 10.14 2.45 -7.28
CA ILE A 77 9.95 3.59 -6.40
C ILE A 77 10.47 3.22 -5.00
N ASN A 78 10.91 4.25 -4.29
CA ASN A 78 11.44 4.06 -2.95
C ASN A 78 10.39 4.51 -1.92
N TYR A 79 10.55 4.04 -0.70
CA TYR A 79 9.63 4.38 0.36
C TYR A 79 9.24 5.86 0.30
N GLU A 80 10.16 6.65 -0.23
CA GLU A 80 9.93 8.09 -0.35
C GLU A 80 8.92 8.36 -1.46
N GLU A 81 9.16 7.75 -2.61
CA GLU A 81 8.28 7.91 -3.75
C GLU A 81 7.02 7.06 -3.58
N PHE A 82 7.09 6.13 -2.64
CA PHE A 82 5.97 5.25 -2.37
C PHE A 82 4.95 5.93 -1.45
N LYS A 83 5.47 6.76 -0.55
CA LYS A 83 4.63 7.48 0.39
C LYS A 83 3.85 8.55 -0.35
N LYS A 84 4.45 9.05 -1.42
CA LYS A 84 3.82 10.08 -2.22
C LYS A 84 2.52 9.55 -2.82
N ALA A 85 2.66 8.48 -3.59
CA ALA A 85 1.51 7.86 -4.22
C ALA A 85 0.40 7.68 -3.18
N LEU A 86 0.79 7.12 -2.05
CA LEU A 86 -0.15 6.87 -0.97
C LEU A 86 -0.88 8.18 -0.63
N GLU A 87 -0.11 9.26 -0.63
CA GLU A 87 -0.67 10.56 -0.32
C GLU A 87 -1.69 10.96 -1.37
N GLU A 88 -1.41 10.59 -2.61
CA GLU A 88 -2.31 10.89 -3.71
C GLU A 88 -3.52 9.97 -3.69
N LEU A 89 -3.32 8.81 -3.09
CA LEU A 89 -4.39 7.83 -2.99
C LEU A 89 -5.04 7.92 -1.61
N ALA A 90 -4.48 8.79 -0.78
CA ALA A 90 -4.98 8.99 0.57
C ALA A 90 -6.36 9.65 0.50
N THR A 91 -6.38 10.82 -0.14
CA THR A 91 -7.62 11.56 -0.28
C THR A 91 -8.49 10.95 -1.38
N LYS A 92 -7.82 10.46 -2.40
CA LYS A 92 -8.51 9.85 -3.53
C LYS A 92 -9.17 8.54 -3.06
N ARG A 93 -8.81 8.13 -1.86
CA ARG A 93 -9.36 6.91 -1.30
C ARG A 93 -10.36 7.24 -0.19
N PHE A 94 -9.86 7.96 0.81
CA PHE A 94 -10.70 8.35 1.93
C PHE A 94 -11.43 9.66 1.65
N LYS A 95 -12.66 9.54 1.19
CA LYS A 95 -13.48 10.69 0.87
C LYS A 95 -12.56 11.87 0.53
N GLY A 96 -12.70 12.95 1.29
CA GLY A 96 -11.89 14.13 1.07
C GLY A 96 -11.21 14.57 2.36
N LYS A 97 -10.82 13.58 3.16
CA LYS A 97 -10.16 13.85 4.42
C LYS A 97 -8.94 14.74 4.17
N SER A 98 -8.12 14.87 5.21
CA SER A 98 -6.92 15.69 5.11
C SER A 98 -5.80 14.89 4.48
N LYS A 99 -4.68 15.56 4.23
CA LYS A 99 -3.52 14.92 3.64
C LYS A 99 -2.91 13.94 4.64
N GLU A 100 -2.73 14.43 5.86
CA GLU A 100 -2.15 13.60 6.91
C GLU A 100 -3.19 12.60 7.41
N GLU A 101 -4.39 13.11 7.69
CA GLU A 101 -5.47 12.28 8.18
C GLU A 101 -5.71 11.11 7.21
N ALA A 102 -5.90 11.46 5.95
CA ALA A 102 -6.14 10.46 4.92
C ALA A 102 -4.96 9.49 4.87
N PHE A 103 -3.77 10.06 4.70
CA PHE A 103 -2.57 9.25 4.63
C PHE A 103 -2.43 8.36 5.86
N ASP A 104 -2.75 8.94 7.01
CA ASP A 104 -2.67 8.20 8.27
C ASP A 104 -3.71 7.08 8.26
N ALA A 105 -4.76 7.29 7.48
CA ALA A 105 -5.83 6.31 7.37
C ALA A 105 -5.43 5.23 6.37
N ILE A 106 -4.70 5.66 5.35
CA ILE A 106 -4.26 4.74 4.31
C ILE A 106 -3.01 3.99 4.81
N CYS A 107 -2.23 4.69 5.61
CA CYS A 107 -1.02 4.12 6.16
C CYS A 107 -1.41 2.96 7.08
N GLN A 108 -2.63 3.03 7.58
CA GLN A 108 -3.14 2.01 8.47
C GLN A 108 -3.55 0.77 7.68
N LEU A 109 -3.91 1.00 6.42
CA LEU A 109 -4.33 -0.08 5.55
C LEU A 109 -3.13 -0.98 5.25
N ILE A 110 -1.97 -0.35 5.17
CA ILE A 110 -0.74 -1.08 4.88
C ILE A 110 -0.03 -1.42 6.20
N ALA A 111 0.28 -0.37 6.95
CA ALA A 111 0.94 -0.55 8.22
C ALA A 111 0.28 -1.69 9.00
N GLY A 112 0.98 -2.81 9.02
CA GLY A 112 0.47 -3.98 9.73
C GLY A 112 0.17 -5.12 8.75
N LYS A 113 -0.43 -4.75 7.63
CA LYS A 113 -0.77 -5.72 6.60
C LYS A 113 0.50 -6.24 5.94
N GLU A 114 0.46 -7.50 5.54
CA GLU A 114 1.61 -8.12 4.90
C GLU A 114 1.18 -8.80 3.59
N PRO A 115 2.15 -8.91 2.65
CA PRO A 115 1.89 -9.53 1.36
C PRO A 115 1.80 -11.06 1.51
N ALA A 116 1.95 -11.52 2.74
CA ALA A 116 1.89 -12.94 3.02
C ALA A 116 1.95 -13.16 4.53
N ASN A 117 0.78 -13.39 5.11
CA ASN A 117 0.69 -13.62 6.54
C ASN A 117 -0.79 -13.67 6.96
N ILE A 118 -1.55 -14.42 6.19
CA ILE A 118 -2.98 -14.55 6.46
C ILE A 118 -3.17 -15.06 7.89
N GLY A 119 -3.23 -14.12 8.81
CA GLY A 119 -3.41 -14.46 10.22
C GLY A 119 -2.79 -13.39 11.13
N VAL A 120 -1.48 -13.48 11.28
CA VAL A 120 -0.75 -12.54 12.12
C VAL A 120 -0.75 -13.04 13.56
N THR A 121 0.16 -12.48 14.34
CA THR A 121 0.28 -12.85 15.75
C THR A 121 -1.09 -12.78 16.43
N LYS A 122 -1.14 -13.34 17.63
CA LYS A 122 -2.38 -13.34 18.40
C LYS A 122 -2.30 -12.28 19.49
N ALA A 123 -3.44 -12.01 20.09
CA ALA A 123 -3.52 -11.01 21.16
C ALA A 123 -3.25 -9.63 20.57
N LYS A 124 -3.93 -8.64 21.13
CA LYS A 124 -3.78 -7.27 20.67
C LYS A 124 -3.02 -6.47 21.72
N THR A 125 -3.66 -6.31 22.87
CA THR A 125 -3.06 -5.56 23.98
C THR A 125 -3.60 -6.07 25.32
N GLY A 126 -2.85 -5.77 26.36
CA GLY A 126 -3.23 -6.19 27.70
C GLY A 126 -4.61 -5.63 28.08
N GLY A 127 -4.58 -4.64 28.97
CA GLY A 127 -5.81 -4.01 29.41
C GLY A 127 -5.63 -2.49 29.52
N ALA A 128 -4.79 -2.09 30.46
CA ALA A 128 -4.54 -0.67 30.68
C ALA A 128 -5.83 0.01 31.13
N VAL A 129 -5.70 0.75 32.23
CA VAL A 129 -6.83 1.46 32.79
C VAL A 129 -6.44 2.91 33.07
N ASP A 130 -7.29 3.82 32.64
CA ASP A 130 -7.04 5.24 32.85
C ASP A 130 -8.35 5.93 33.24
N ARG A 131 -8.20 7.15 33.73
CA ARG A 131 -9.36 7.93 34.14
C ARG A 131 -9.91 7.41 35.47
N LEU A 132 -10.60 8.28 36.18
CA LEU A 132 -11.17 7.93 37.47
C LEU A 132 -11.79 9.17 38.11
N THR A 133 -13.09 9.09 38.35
CA THR A 133 -13.81 10.19 38.96
C THR A 133 -14.88 9.67 39.91
N ASP A 134 -15.38 10.58 40.75
CA ASP A 134 -16.40 10.22 41.71
C ASP A 134 -16.64 11.40 42.66
N THR A 135 -17.91 11.72 42.85
CA THR A 135 -18.29 12.81 43.73
C THR A 135 -19.59 12.50 44.46
N SER A 136 -20.62 12.22 43.67
CA SER A 136 -21.92 11.90 44.23
C SER A 136 -22.40 13.04 45.13
N LYS A 137 -23.71 13.06 45.36
CA LYS A 137 -24.30 14.09 46.20
C LYS A 137 -25.68 13.61 46.68
N TYR A 138 -25.90 13.75 47.97
CA TYR A 138 -27.16 13.35 48.57
C TYR A 138 -27.41 14.07 49.90
N THR A 139 -28.23 15.10 49.82
CA THR A 139 -28.55 15.89 51.00
C THR A 139 -30.00 16.41 50.91
N GLY A 140 -30.60 16.58 52.08
CA GLY A 140 -31.96 17.07 52.16
C GLY A 140 -32.94 15.92 52.44
N SER A 141 -33.49 15.94 53.65
CA SER A 141 -34.43 14.91 54.04
C SER A 141 -34.87 15.14 55.50
N HIS A 142 -35.99 15.83 55.65
CA HIS A 142 -36.52 16.12 56.97
C HIS A 142 -37.89 16.78 56.84
N LYS A 143 -38.92 15.98 57.13
CA LYS A 143 -40.29 16.48 57.05
C LYS A 143 -41.24 15.38 57.51
N GLU A 144 -42.51 15.75 57.63
CA GLU A 144 -43.53 14.81 58.05
C GLU A 144 -43.23 14.31 59.47
N ARG A 145 -44.12 14.69 60.39
CA ARG A 145 -43.97 14.29 61.78
C ARG A 145 -45.21 13.52 62.25
N SER A 146 -45.11 12.20 62.19
CA SER A 146 -46.19 11.34 62.61
C SER A 146 -45.73 9.89 62.68
N GLY A 147 -46.59 9.05 63.25
CA GLY A 147 -46.27 7.64 63.37
C GLY A 147 -46.24 7.23 64.85
N PRO A 148 -47.07 6.20 65.18
CA PRO A 148 -47.14 5.70 66.54
C PRO A 148 -45.92 4.85 66.87
N SER A 149 -45.71 4.66 68.17
CA SER A 149 -44.58 3.87 68.63
C SER A 149 -44.86 2.38 68.45
N SER A 150 -45.90 1.93 69.14
CA SER A 150 -46.29 0.53 69.07
C SER A 150 -47.76 0.41 68.64
N GLY A 151 -48.10 -0.76 68.13
CA GLY A 151 -49.46 -1.01 67.68
C GLY A 151 -49.57 -0.84 66.17
N GLY A 1 -15.52 -13.52 4.52
CA GLY A 1 -14.13 -13.68 4.92
C GLY A 1 -13.51 -12.35 5.34
N SER A 2 -13.12 -12.28 6.61
CA SER A 2 -12.53 -11.08 7.15
C SER A 2 -11.62 -11.44 8.33
N SER A 3 -10.59 -10.62 8.52
CA SER A 3 -9.65 -10.83 9.61
C SER A 3 -9.40 -9.52 10.34
N GLY A 4 -8.81 -9.64 11.53
CA GLY A 4 -8.51 -8.48 12.33
C GLY A 4 -7.81 -8.89 13.64
N SER A 5 -7.40 -7.88 14.40
CA SER A 5 -6.73 -8.12 15.66
C SER A 5 -5.41 -8.87 15.42
N SER A 6 -4.36 -8.10 15.20
CA SER A 6 -3.05 -8.68 14.95
C SER A 6 -2.04 -7.57 14.65
N GLY A 7 -0.96 -7.57 15.42
CA GLY A 7 0.09 -6.59 15.25
C GLY A 7 0.55 -6.03 16.59
N MET A 8 0.45 -4.72 16.73
CA MET A 8 0.85 -4.05 17.96
C MET A 8 0.08 -2.75 18.15
N ALA A 9 0.27 -2.15 19.32
CA ALA A 9 -0.40 -0.91 19.65
C ALA A 9 0.65 0.17 19.93
N ALA A 10 0.23 1.41 19.75
CA ALA A 10 1.12 2.55 19.98
C ALA A 10 0.34 3.85 19.84
N SER A 11 0.93 4.92 20.35
CA SER A 11 0.30 6.22 20.28
C SER A 11 1.36 7.31 20.06
N THR A 12 1.74 7.45 18.79
CA THR A 12 2.74 8.45 18.43
C THR A 12 2.91 8.51 16.92
N ASP A 13 3.01 7.32 16.32
CA ASP A 13 3.18 7.23 14.88
C ASP A 13 2.74 5.83 14.42
N ILE A 14 2.55 5.71 13.11
CA ILE A 14 2.14 4.44 12.53
C ILE A 14 2.99 3.31 13.12
N ALA A 15 4.22 3.24 12.65
CA ALA A 15 5.15 2.22 13.13
C ALA A 15 4.74 0.86 12.53
N GLY A 16 5.03 0.71 11.25
CA GLY A 16 4.72 -0.52 10.54
C GLY A 16 4.59 -0.28 9.04
N LEU A 17 4.33 0.97 8.69
CA LEU A 17 4.18 1.34 7.30
C LEU A 17 5.40 0.84 6.51
N GLU A 18 6.51 1.55 6.71
CA GLU A 18 7.75 1.19 6.03
C GLU A 18 8.00 -0.31 6.14
N GLU A 19 7.59 -0.87 7.27
CA GLU A 19 7.77 -2.29 7.50
C GLU A 19 7.00 -3.11 6.46
N SER A 20 5.72 -2.76 6.31
CA SER A 20 4.87 -3.44 5.36
C SER A 20 5.39 -3.23 3.94
N PHE A 21 5.67 -1.96 3.63
CA PHE A 21 6.17 -1.60 2.32
C PHE A 21 7.34 -2.49 1.91
N ARG A 22 8.35 -2.52 2.79
CA ARG A 22 9.53 -3.33 2.55
C ARG A 22 9.13 -4.74 2.14
N LYS A 23 8.20 -5.31 2.89
CA LYS A 23 7.73 -6.66 2.62
C LYS A 23 7.28 -6.75 1.16
N PHE A 24 6.38 -5.85 0.80
CA PHE A 24 5.87 -5.82 -0.57
C PHE A 24 6.95 -5.38 -1.56
N ALA A 25 7.94 -4.68 -1.02
CA ALA A 25 9.04 -4.19 -1.85
C ALA A 25 9.99 -5.34 -2.15
N ILE A 26 10.33 -6.07 -1.09
CA ILE A 26 11.23 -7.21 -1.23
C ILE A 26 10.42 -8.48 -1.49
N HIS A 27 9.25 -8.27 -2.07
CA HIS A 27 8.36 -9.39 -2.38
C HIS A 27 8.48 -9.74 -3.86
N GLY A 28 9.42 -10.62 -4.16
CA GLY A 28 9.65 -11.05 -5.52
C GLY A 28 11.14 -11.26 -5.80
N ASP A 29 11.93 -10.32 -5.31
CA ASP A 29 13.37 -10.39 -5.49
C ASP A 29 14.05 -10.60 -4.13
N PRO A 30 14.97 -11.60 -4.10
CA PRO A 30 15.69 -11.91 -2.87
C PRO A 30 16.76 -10.86 -2.58
N LYS A 31 17.35 -10.36 -3.66
CA LYS A 31 18.39 -9.34 -3.53
C LYS A 31 17.78 -8.06 -2.99
N ALA A 32 16.50 -7.87 -3.29
CA ALA A 32 15.80 -6.68 -2.83
C ALA A 32 16.19 -6.37 -1.39
N SER A 33 16.42 -5.10 -1.12
CA SER A 33 16.81 -4.67 0.21
C SER A 33 15.71 -3.79 0.82
N GLY A 34 14.58 -3.76 0.13
CA GLY A 34 13.45 -2.96 0.59
C GLY A 34 13.69 -1.48 0.34
N GLN A 35 14.41 -1.20 -0.73
CA GLN A 35 14.72 0.19 -1.09
C GLN A 35 14.04 0.56 -2.41
N GLU A 36 13.58 -0.47 -3.11
CA GLU A 36 12.90 -0.26 -4.38
C GLU A 36 11.61 -1.08 -4.45
N MET A 37 10.62 -0.51 -5.10
CA MET A 37 9.34 -1.19 -5.24
C MET A 37 8.81 -1.07 -6.68
N ASN A 38 8.65 -2.22 -7.30
CA ASN A 38 8.15 -2.27 -8.67
C ASN A 38 6.66 -1.93 -8.68
N GLY A 39 6.25 -1.22 -9.73
CA GLY A 39 4.86 -0.84 -9.86
C GLY A 39 3.93 -2.06 -9.83
N LYS A 40 4.54 -3.23 -10.02
CA LYS A 40 3.80 -4.46 -10.00
C LYS A 40 3.46 -4.85 -8.55
N ASN A 41 4.45 -4.66 -7.68
CA ASN A 41 4.27 -4.97 -6.28
C ASN A 41 3.57 -3.80 -5.59
N TRP A 42 3.86 -2.61 -6.07
CA TRP A 42 3.27 -1.40 -5.51
C TRP A 42 1.74 -1.52 -5.63
N ALA A 43 1.29 -1.68 -6.87
CA ALA A 43 -0.13 -1.81 -7.13
C ALA A 43 -0.70 -2.94 -6.28
N LYS A 44 -0.06 -4.10 -6.37
CA LYS A 44 -0.49 -5.26 -5.60
C LYS A 44 -0.56 -4.90 -4.12
N LEU A 45 0.37 -4.05 -3.71
CA LEU A 45 0.43 -3.61 -2.33
C LEU A 45 -0.77 -2.71 -2.03
N CYS A 46 -1.23 -2.04 -3.08
CA CYS A 46 -2.36 -1.14 -2.95
C CYS A 46 -3.64 -1.91 -3.25
N LYS A 47 -3.49 -3.23 -3.33
CA LYS A 47 -4.62 -4.10 -3.61
C LYS A 47 -4.83 -5.05 -2.42
N ASP A 48 -3.77 -5.77 -2.09
CA ASP A 48 -3.83 -6.71 -0.98
C ASP A 48 -4.16 -5.97 0.32
N CYS A 49 -3.54 -4.80 0.44
CA CYS A 49 -3.75 -3.98 1.63
C CYS A 49 -5.12 -3.31 1.52
N LYS A 50 -5.76 -3.55 0.38
CA LYS A 50 -7.08 -2.99 0.14
C LYS A 50 -6.99 -1.46 0.14
N VAL A 51 -6.03 -0.96 -0.62
CA VAL A 51 -5.82 0.48 -0.71
C VAL A 51 -6.56 1.01 -1.93
N ALA A 52 -6.55 0.21 -2.99
CA ALA A 52 -7.23 0.59 -4.23
C ALA A 52 -8.58 -0.10 -4.30
N ASP A 53 -9.58 0.54 -3.71
CA ASP A 53 -10.92 0.01 -3.70
C ASP A 53 -11.38 -0.24 -5.15
N GLY A 54 -11.00 0.68 -6.01
CA GLY A 54 -11.36 0.58 -7.42
C GLY A 54 -12.31 1.70 -7.82
N LYS A 55 -13.07 2.17 -6.85
CA LYS A 55 -14.04 3.23 -7.09
C LYS A 55 -13.31 4.57 -7.08
N ALA A 56 -12.95 5.02 -5.89
CA ALA A 56 -12.25 6.29 -5.74
C ALA A 56 -10.85 6.16 -6.33
N VAL A 57 -10.22 5.02 -6.05
CA VAL A 57 -8.88 4.77 -6.54
C VAL A 57 -8.93 3.64 -7.57
N THR A 58 -8.53 3.97 -8.79
CA THR A 58 -8.53 2.99 -9.87
C THR A 58 -7.09 2.62 -10.25
N GLY A 59 -6.91 1.34 -10.56
CA GLY A 59 -5.59 0.86 -10.94
C GLY A 59 -4.93 1.79 -11.95
N THR A 60 -5.76 2.54 -12.64
CA THR A 60 -5.27 3.48 -13.64
C THR A 60 -4.63 4.69 -12.97
N ASP A 61 -5.16 5.03 -11.81
CA ASP A 61 -4.66 6.17 -11.06
C ASP A 61 -3.33 5.79 -10.40
N VAL A 62 -3.35 4.67 -9.70
CA VAL A 62 -2.16 4.18 -9.03
C VAL A 62 -1.04 4.00 -10.04
N ASP A 63 -1.43 3.55 -11.23
CA ASP A 63 -0.46 3.33 -12.29
C ASP A 63 0.17 4.67 -12.69
N ILE A 64 -0.68 5.68 -12.83
CA ILE A 64 -0.22 7.01 -13.20
C ILE A 64 0.59 7.60 -12.04
N VAL A 65 0.04 7.47 -10.84
CA VAL A 65 0.71 7.98 -9.65
C VAL A 65 2.11 7.38 -9.56
N PHE A 66 2.17 6.07 -9.67
CA PHE A 66 3.45 5.37 -9.60
C PHE A 66 4.40 5.84 -10.71
N SER A 67 3.80 6.22 -11.83
CA SER A 67 4.58 6.71 -12.96
C SER A 67 4.84 8.21 -12.82
N LYS A 68 4.07 8.82 -11.94
CA LYS A 68 4.20 10.25 -11.70
C LYS A 68 5.26 10.49 -10.63
N VAL A 69 5.22 9.65 -9.60
CA VAL A 69 6.16 9.75 -8.50
C VAL A 69 7.57 9.42 -9.01
N LYS A 70 7.62 8.41 -9.87
CA LYS A 70 8.89 7.98 -10.42
C LYS A 70 9.27 8.90 -11.58
N ALA A 71 10.35 8.53 -12.26
CA ALA A 71 10.83 9.31 -13.39
C ALA A 71 10.62 8.53 -14.68
N LYS A 72 10.75 9.23 -15.79
CA LYS A 72 10.58 8.61 -17.10
C LYS A 72 11.67 7.57 -17.31
N SER A 73 12.68 7.63 -16.45
CA SER A 73 13.79 6.69 -16.53
C SER A 73 13.58 5.55 -15.54
N ALA A 74 13.68 5.89 -14.26
CA ALA A 74 13.51 4.90 -13.20
C ALA A 74 12.36 3.97 -13.56
N ARG A 75 12.48 2.74 -13.11
CA ARG A 75 11.45 1.74 -13.37
C ARG A 75 10.72 1.37 -12.08
N VAL A 76 11.42 1.56 -10.97
CA VAL A 76 10.85 1.25 -9.67
C VAL A 76 10.63 2.55 -8.89
N ILE A 77 10.16 2.40 -7.66
CA ILE A 77 9.90 3.54 -6.81
C ILE A 77 10.50 3.29 -5.42
N ASN A 78 10.93 4.37 -4.79
CA ASN A 78 11.52 4.29 -3.47
C ASN A 78 10.48 4.67 -2.42
N TYR A 79 10.74 4.25 -1.19
CA TYR A 79 9.84 4.55 -0.09
C TYR A 79 9.50 6.04 -0.04
N GLU A 80 10.41 6.84 -0.58
CA GLU A 80 10.22 8.28 -0.61
C GLU A 80 9.22 8.66 -1.70
N GLU A 81 9.17 7.83 -2.74
CA GLU A 81 8.27 8.08 -3.85
C GLU A 81 6.99 7.24 -3.69
N PHE A 82 7.13 6.15 -2.95
CA PHE A 82 6.01 5.26 -2.72
C PHE A 82 5.03 5.87 -1.72
N LYS A 83 5.59 6.53 -0.71
CA LYS A 83 4.78 7.16 0.32
C LYS A 83 3.94 8.27 -0.32
N LYS A 84 4.50 8.89 -1.34
CA LYS A 84 3.80 9.96 -2.04
C LYS A 84 2.51 9.41 -2.65
N ALA A 85 2.66 8.38 -3.47
CA ALA A 85 1.51 7.76 -4.11
C ALA A 85 0.37 7.64 -3.10
N LEU A 86 0.73 7.19 -1.91
CA LEU A 86 -0.25 7.03 -0.85
C LEU A 86 -1.03 8.33 -0.67
N GLU A 87 -0.29 9.40 -0.46
CA GLU A 87 -0.90 10.71 -0.27
C GLU A 87 -1.87 11.01 -1.42
N GLU A 88 -1.49 10.56 -2.60
CA GLU A 88 -2.30 10.77 -3.79
C GLU A 88 -3.52 9.84 -3.76
N LEU A 89 -3.33 8.69 -3.15
CA LEU A 89 -4.41 7.71 -3.04
C LEU A 89 -5.07 7.83 -1.67
N ALA A 90 -4.61 8.81 -0.91
CA ALA A 90 -5.14 9.03 0.43
C ALA A 90 -6.44 9.84 0.33
N THR A 91 -6.33 11.01 -0.28
CA THR A 91 -7.47 11.88 -0.45
C THR A 91 -8.36 11.38 -1.59
N LYS A 92 -7.75 10.57 -2.45
CA LYS A 92 -8.48 10.02 -3.59
C LYS A 92 -9.25 8.78 -3.15
N ARG A 93 -8.82 8.23 -2.02
CA ARG A 93 -9.45 7.03 -1.48
C ARG A 93 -10.37 7.41 -0.31
N PHE A 94 -9.75 7.90 0.75
CA PHE A 94 -10.50 8.29 1.93
C PHE A 94 -11.19 9.64 1.71
N LYS A 95 -12.43 9.57 1.27
CA LYS A 95 -13.22 10.76 1.02
C LYS A 95 -12.28 11.93 0.76
N GLY A 96 -12.41 12.96 1.59
CA GLY A 96 -11.59 14.15 1.47
C GLY A 96 -10.91 14.49 2.79
N LYS A 97 -10.63 13.45 3.57
CA LYS A 97 -10.00 13.64 4.87
C LYS A 97 -8.78 14.54 4.70
N SER A 98 -8.12 14.80 5.83
CA SER A 98 -6.95 15.66 5.82
C SER A 98 -5.77 14.92 5.18
N LYS A 99 -4.80 15.71 4.72
CA LYS A 99 -3.62 15.13 4.09
C LYS A 99 -2.99 14.09 5.02
N GLU A 100 -2.96 14.44 6.31
CA GLU A 100 -2.40 13.55 7.30
C GLU A 100 -3.37 12.40 7.61
N GLU A 101 -4.62 12.79 7.85
CA GLU A 101 -5.65 11.81 8.17
C GLU A 101 -5.72 10.75 7.06
N ALA A 102 -5.85 11.24 5.83
CA ALA A 102 -5.94 10.36 4.68
C ALA A 102 -4.74 9.41 4.67
N PHE A 103 -3.56 10.01 4.72
CA PHE A 103 -2.33 9.25 4.72
C PHE A 103 -2.25 8.33 5.94
N ASP A 104 -2.76 8.83 7.06
CA ASP A 104 -2.76 8.07 8.29
C ASP A 104 -3.72 6.88 8.16
N ALA A 105 -4.69 7.05 7.27
CA ALA A 105 -5.68 6.01 7.03
C ALA A 105 -5.10 4.97 6.07
N ILE A 106 -4.58 5.48 4.95
CA ILE A 106 -4.00 4.61 3.94
C ILE A 106 -2.86 3.81 4.56
N CYS A 107 -2.22 4.40 5.56
CA CYS A 107 -1.12 3.75 6.24
C CYS A 107 -1.67 2.53 6.99
N GLN A 108 -2.93 2.64 7.38
CA GLN A 108 -3.58 1.56 8.11
C GLN A 108 -3.77 0.35 7.20
N LEU A 109 -4.11 0.63 5.95
CA LEU A 109 -4.31 -0.43 4.97
C LEU A 109 -3.02 -1.23 4.82
N ILE A 110 -1.92 -0.49 4.70
CA ILE A 110 -0.61 -1.12 4.55
C ILE A 110 0.00 -1.36 5.94
N ALA A 111 0.53 -0.29 6.50
CA ALA A 111 1.14 -0.37 7.82
C ALA A 111 0.37 -1.36 8.68
N GLY A 112 1.08 -2.39 9.14
CA GLY A 112 0.48 -3.41 9.97
C GLY A 112 0.16 -4.67 9.15
N LYS A 113 -0.22 -4.44 7.90
CA LYS A 113 -0.54 -5.54 7.01
C LYS A 113 0.75 -6.14 6.43
N GLU A 114 0.59 -7.22 5.68
CA GLU A 114 1.72 -7.88 5.07
C GLU A 114 1.28 -8.62 3.81
N PRO A 115 2.25 -8.74 2.85
CA PRO A 115 1.97 -9.43 1.60
C PRO A 115 1.92 -10.94 1.79
N ALA A 116 2.10 -11.35 3.05
CA ALA A 116 2.08 -12.76 3.39
C ALA A 116 1.58 -12.94 4.83
N ASN A 117 0.61 -13.83 4.98
CA ASN A 117 0.06 -14.08 6.30
C ASN A 117 -1.12 -15.06 6.16
N ILE A 118 -0.81 -16.34 6.30
CA ILE A 118 -1.83 -17.37 6.19
C ILE A 118 -2.67 -17.11 4.95
N GLY A 119 -2.09 -17.43 3.80
CA GLY A 119 -2.79 -17.23 2.54
C GLY A 119 -1.98 -17.81 1.37
N VAL A 120 -0.86 -17.16 1.10
CA VAL A 120 0.02 -17.59 0.02
C VAL A 120 1.37 -18.01 0.59
N THR A 121 1.43 -19.26 1.04
CA THR A 121 2.65 -19.80 1.61
C THR A 121 3.56 -20.36 0.50
N LYS A 122 4.82 -20.54 0.86
CA LYS A 122 5.79 -21.06 -0.08
C LYS A 122 7.11 -21.31 0.64
N ALA A 123 7.87 -22.27 0.12
CA ALA A 123 9.15 -22.62 0.71
C ALA A 123 9.95 -21.34 0.99
N LYS A 124 10.97 -21.48 1.81
CA LYS A 124 11.80 -20.35 2.17
C LYS A 124 13.26 -20.68 1.86
N THR A 125 14.12 -19.70 2.09
CA THR A 125 15.54 -19.88 1.84
C THR A 125 16.33 -19.82 3.15
N GLY A 126 17.44 -20.54 3.17
CA GLY A 126 18.28 -20.58 4.35
C GLY A 126 19.67 -20.02 4.05
N GLY A 127 20.60 -20.31 4.95
CA GLY A 127 21.97 -19.83 4.79
C GLY A 127 22.94 -20.68 5.60
N ALA A 128 24.22 -20.33 5.50
CA ALA A 128 25.26 -21.05 6.21
C ALA A 128 26.37 -20.07 6.61
N VAL A 129 27.32 -20.60 7.36
CA VAL A 129 28.45 -19.79 7.81
C VAL A 129 27.94 -18.41 8.23
N ASP A 130 27.53 -18.32 9.49
CA ASP A 130 27.02 -17.08 10.03
C ASP A 130 28.11 -16.42 10.89
N ARG A 131 28.21 -15.10 10.73
CA ARG A 131 29.20 -14.34 11.47
C ARG A 131 28.88 -12.85 11.41
N LEU A 132 29.46 -12.11 12.35
CA LEU A 132 29.24 -10.68 12.40
C LEU A 132 30.16 -10.07 13.47
N THR A 133 31.39 -9.79 13.07
CA THR A 133 32.36 -9.21 13.98
C THR A 133 33.00 -7.97 13.34
N ASP A 134 32.40 -6.82 13.66
CA ASP A 134 32.90 -5.56 13.13
C ASP A 134 32.82 -4.49 14.23
N THR A 135 33.97 -4.23 14.83
CA THR A 135 34.05 -3.25 15.89
C THR A 135 35.46 -2.65 15.97
N SER A 136 35.62 -1.51 15.34
CA SER A 136 36.90 -0.83 15.32
C SER A 136 36.99 0.16 16.48
N LYS A 137 35.83 0.46 17.05
CA LYS A 137 35.75 1.39 18.17
C LYS A 137 34.77 0.85 19.21
N TYR A 138 35.00 1.25 20.45
CA TYR A 138 34.14 0.82 21.54
C TYR A 138 32.72 1.38 21.39
N THR A 139 31.77 0.69 21.99
CA THR A 139 30.38 1.12 21.93
C THR A 139 30.23 2.51 22.53
N GLY A 140 29.34 3.28 21.93
CA GLY A 140 29.08 4.64 22.40
C GLY A 140 27.59 4.88 22.58
N SER A 141 27.27 5.71 23.57
CA SER A 141 25.88 6.03 23.86
C SER A 141 25.79 7.42 24.51
N HIS A 142 25.20 8.34 23.76
CA HIS A 142 25.04 9.71 24.24
C HIS A 142 23.60 9.93 24.70
N LYS A 143 23.47 10.60 25.83
CA LYS A 143 22.15 10.88 26.38
C LYS A 143 21.70 12.28 25.92
N GLU A 144 21.02 12.30 24.79
CA GLU A 144 20.54 13.55 24.24
C GLU A 144 19.03 13.68 24.48
N ARG A 145 18.65 14.83 25.02
CA ARG A 145 17.25 15.11 25.30
C ARG A 145 16.70 16.16 24.35
N SER A 146 15.99 15.69 23.34
CA SER A 146 15.41 16.57 22.34
C SER A 146 14.15 15.94 21.75
N GLY A 147 13.14 16.77 21.55
CA GLY A 147 11.88 16.31 20.99
C GLY A 147 10.70 17.12 21.53
N PRO A 148 10.47 18.29 20.89
CA PRO A 148 9.39 19.17 21.30
C PRO A 148 8.04 18.62 20.85
N SER A 149 7.98 18.26 19.57
CA SER A 149 6.77 17.71 19.00
C SER A 149 5.62 18.73 19.14
N SER A 150 5.18 19.23 18.00
CA SER A 150 4.10 20.20 17.97
C SER A 150 3.43 20.23 16.60
N GLY A 151 2.29 20.88 16.54
CA GLY A 151 1.55 20.97 15.28
C GLY A 151 0.60 22.18 15.31
#